data_6SLN
#
_entry.id   6SLN
#
_cell.length_a   129.781
_cell.length_b   142.734
_cell.length_c   250.048
_cell.angle_alpha   90.000
_cell.angle_beta   90.000
_cell.angle_gamma   90.000
#
_symmetry.space_group_name_H-M   'P 21 21 21'
#
loop_
_entity.id
_entity.type
_entity.pdbx_description
1 polymer 'RagA protein'
2 polymer 'Lipoprotein RagB'
3 polymer GLN-THR-ALA-GLY-ALA-ASN-SER-GLN-ARG-GLY-SER-ALA-GLY
4 non-polymer 1,2-Distearoyl-sn-glycerophosphoethanolamine
5 non-polymer DODECYL-BETA-D-MALTOSIDE
6 non-polymer (HYDROXYETHYLOXY)TRI(ETHYLOXY)OCTANE
7 non-polymer 'PALMITIC ACID'
8 water water
#
loop_
_entity_poly.entity_id
_entity_poly.type
_entity_poly.pdbx_seq_one_letter_code
_entity_poly.pdbx_strand_id
1 'polypeptide(L)'
;QNRTVKGTVISSEDNEPLIGANVVVVGNTTIGAATDLDGNFTLSVPANAKMLRVSYSGMTTKEVAIANVMKIVLDPDSKV
LEQVVVLGYGTGQKLSTVSGSVAKVSSEKLAEKPVANIMDALQGQVAGMQVMTTSGDPTAVASVEIHGTGSLGASSAPLY
IVDGMQTSLDVVATMNPNDFESMSVLKDASATSIYGARAANGVVFIQTKKGKMSERGRITFNASYGISQILNTKPLDNMM
TGDELLDFQVKAGFWGNNQTVQKVKDMILAGAEDLYGNYDSLKDEYGKTLFPVDFNHDADWLKALFKTAPTSQGDISFSG
GSQGTSYYASIGYFDQEGMAREPANFKRYSGRLNFESRINEWLKVGANLSGAIANRRSADYFGKYYMGSGTFGVLTMPRY
YNPFDVNGDLADVYYMYGATRPSMTEPYFAKMRPFSSESHQANVNGFAQITPIKGLTLKAQAGVDITNTRTSSKRMPNNP
YDSTPLGERRERAYRDVSKSFTNTAEYKFSIDEKHDLTALMGHEYIEYEGDVIGASSKGFESDKLMLLSQGKTGNSLSLP
EHRVAEYAYLSFFSRFNYGFDKWMYIDFSVRNDQSSRFGSNNRSAWFYSVGGMFDIYNKFIQESNWLSDLRLKMSYGTTG
NSEIGNYNHQALVTVNNYTEDAMGLSISTAGNPDLSWEKQSQFNFGLAAGAFNNRLSAEVDFYVRTTNDMLIDVPMPYIS
GFFSQYQNVGSMKNTGVDLSLKGTIYQNKDWNVYASANFNYNRQEITKLFFGLNKYMLPNTGTIWEIGYPNSFYMAEYAG
IDKKTGKQLWYVPGQVDADGNKVTTSQYSADLETRIDKSVTPPITGGFSLGASWKGLSLDADFAYIVGKWMINNDRYFTE
NGGGLMQLNKDKMLLNAWTEDNKETDVPKLGQSPQFDTHLLENASFLRLKNLKLTYVLPNSLFAGQNVIGGARVYLMARN
LLTVTKYKGFDPEAGGNVGKNQYPNSKQYVAGIQLSF
;
A,B
2 'polypeptide(L)'
;CELDRDPEGKDFQQPYTSFVQTKQNRDGLYALLRNTENPRMHFYQELQSDMYCTTITDGNSLAPFVNWDLGILNDHGRAD
EDEVSGIAGYYFVYNRLNQQANAFVNNTEAALQNQVYKNSTEIANAKSFLAEGKVLQALAIWRLMDRFSFHESVTEVNSG
AKDLGVILLKEYNPGYIGPRATKAQCYDYILSRLSEAIEVLPENRESVLYVSRDYAYALRARIYLALGEYGKAAADAKMV
VDKYPLIGAADASEFENIYRSDANNPEIIFRGFASATLGSFTATTLNGAAPAGKDIKYNPSAVPFQWVVDLYENEDFRKS
VYIAKVVKKDKGYLVNKFLEDKAYRDVQDKPNLKVGARYFSVAEVYLILVESALQTGDTPTAEKYLKALSKARGAEVSVV
NMEALQAERTRELIGEGSRLRDMVRWSIPNNHDAFETQPGLEGFANTTPLKAQAPVGFYAYTWEFPQRDRQTNPQLIKNW
PIHHHHHH
;
C,D
3 'polypeptide(L)' QTAGANSQRGSAG P,Q
#
# COMPACT_ATOMS: atom_id res chain seq x y z
N LEU A 95 2.10 -12.55 -41.15
CA LEU A 95 1.96 -11.18 -40.69
C LEU A 95 1.09 -10.40 -41.65
N SER A 96 1.61 -10.19 -42.87
CA SER A 96 0.98 -9.32 -43.85
C SER A 96 -0.08 -10.08 -44.62
N THR A 97 -0.30 -9.67 -45.87
CA THR A 97 -1.06 -10.46 -46.84
C THR A 97 -0.95 -9.81 -48.21
N VAL A 98 -1.11 -10.65 -49.24
CA VAL A 98 -0.85 -10.24 -50.61
C VAL A 98 -1.83 -9.17 -51.07
N SER A 99 -3.06 -9.19 -50.57
CA SER A 99 -4.11 -8.25 -50.95
C SER A 99 -4.20 -7.05 -50.02
N GLY A 100 -3.43 -7.04 -48.93
CA GLY A 100 -3.67 -6.09 -47.87
C GLY A 100 -3.04 -4.74 -48.15
N SER A 101 -3.73 -3.69 -47.69
CA SER A 101 -3.19 -2.34 -47.61
C SER A 101 -2.16 -2.34 -46.47
N VAL A 102 -0.88 -2.49 -46.82
CA VAL A 102 0.18 -2.61 -45.83
C VAL A 102 1.29 -1.59 -46.15
N ALA A 103 1.70 -0.81 -45.15
CA ALA A 103 2.77 0.18 -45.28
C ALA A 103 3.85 -0.12 -44.26
N LYS A 104 5.11 -0.09 -44.71
CA LYS A 104 6.25 -0.49 -43.88
C LYS A 104 7.24 0.65 -43.73
N VAL A 105 7.68 0.90 -42.50
CA VAL A 105 8.61 1.99 -42.20
C VAL A 105 9.92 1.41 -41.72
N SER A 106 11.01 1.89 -42.29
CA SER A 106 12.37 1.42 -42.08
C SER A 106 12.89 1.85 -40.70
N SER A 107 14.00 1.22 -40.26
CA SER A 107 14.55 1.56 -38.95
C SER A 107 15.05 3.00 -38.90
N GLU A 108 15.53 3.53 -40.03
CA GLU A 108 15.94 4.94 -40.11
C GLU A 108 14.89 5.87 -39.52
N LYS A 109 13.64 5.74 -39.98
CA LYS A 109 12.59 6.61 -39.49
C LYS A 109 12.28 6.36 -38.02
N LEU A 110 12.81 5.29 -37.43
CA LEU A 110 12.54 4.94 -36.04
C LEU A 110 13.69 5.23 -35.09
N ALA A 111 14.91 5.42 -35.59
CA ALA A 111 16.13 5.34 -34.80
C ALA A 111 16.48 6.65 -34.11
N GLU A 112 16.99 6.54 -32.88
CA GLU A 112 17.56 7.63 -32.09
C GLU A 112 16.80 8.94 -32.23
N LYS A 113 15.73 9.11 -31.45
CA LYS A 113 14.95 10.33 -31.55
C LYS A 113 14.73 10.91 -30.16
N PRO A 114 14.76 12.21 -30.02
CA PRO A 114 14.91 12.79 -28.69
C PRO A 114 13.61 12.88 -27.90
N VAL A 115 12.63 12.04 -28.21
CA VAL A 115 11.46 11.88 -27.34
C VAL A 115 11.17 10.41 -27.11
N ALA A 116 10.54 10.11 -25.97
CA ALA A 116 10.14 8.74 -25.67
C ALA A 116 8.93 8.30 -26.48
N ASN A 117 8.17 9.25 -27.01
CA ASN A 117 6.90 8.99 -27.67
C ASN A 117 7.20 8.61 -29.12
N ILE A 118 7.35 7.30 -29.35
CA ILE A 118 7.82 6.76 -30.63
C ILE A 118 6.83 7.02 -31.76
N MET A 119 5.52 6.99 -31.48
CA MET A 119 4.53 7.16 -32.55
C MET A 119 4.66 8.53 -33.21
N ASP A 120 5.13 9.52 -32.44
CA ASP A 120 5.38 10.84 -32.98
C ASP A 120 6.28 10.80 -34.21
N ALA A 121 7.21 9.84 -34.25
CA ALA A 121 8.14 9.72 -35.37
C ALA A 121 7.48 9.19 -36.64
N LEU A 122 6.21 8.76 -36.58
CA LEU A 122 5.50 8.29 -37.76
C LEU A 122 4.48 9.30 -38.26
N GLN A 123 4.31 10.42 -37.57
CA GLN A 123 3.53 11.51 -38.11
C GLN A 123 4.07 11.91 -39.47
N GLY A 124 3.21 11.81 -40.49
CA GLY A 124 3.59 12.14 -41.85
C GLY A 124 4.27 11.04 -42.63
N GLN A 125 4.42 9.84 -42.07
CA GLN A 125 5.23 8.80 -42.70
C GLN A 125 4.41 7.70 -43.37
N VAL A 126 3.15 7.50 -42.98
CA VAL A 126 2.34 6.43 -43.54
C VAL A 126 0.99 6.98 -43.99
N ALA A 127 0.66 6.77 -45.26
CA ALA A 127 -0.61 7.23 -45.82
C ALA A 127 -1.78 6.65 -45.05
N GLY A 128 -2.68 7.51 -44.59
CA GLY A 128 -3.88 7.10 -43.90
C GLY A 128 -3.76 6.99 -42.40
N MET A 129 -2.56 7.16 -41.84
CA MET A 129 -2.37 7.04 -40.40
C MET A 129 -2.16 8.43 -39.83
N GLN A 130 -3.06 8.84 -38.92
CA GLN A 130 -3.07 10.20 -38.38
C GLN A 130 -2.48 10.21 -36.97
N VAL A 131 -1.24 10.70 -36.87
CA VAL A 131 -0.51 10.80 -35.61
C VAL A 131 -0.65 12.19 -35.05
N MET A 132 -0.99 12.30 -33.77
CA MET A 132 -0.96 13.60 -33.10
C MET A 132 -0.69 13.42 -31.61
N THR A 133 0.25 14.21 -31.09
CA THR A 133 0.54 14.30 -29.67
C THR A 133 0.11 15.68 -29.19
N THR A 134 -0.82 15.72 -28.25
CA THR A 134 -1.46 16.98 -27.86
C THR A 134 -0.77 17.66 -26.69
N SER A 135 0.35 17.11 -26.21
CA SER A 135 1.09 17.69 -25.12
C SER A 135 2.57 17.41 -25.35
N GLY A 136 3.39 18.41 -25.09
CA GLY A 136 4.83 18.26 -25.18
C GLY A 136 5.45 17.65 -23.95
N ASP A 137 4.60 17.35 -22.98
CA ASP A 137 5.03 16.64 -21.79
C ASP A 137 5.80 15.37 -22.17
N PRO A 138 7.00 15.15 -21.62
CA PRO A 138 7.81 14.00 -22.07
C PRO A 138 7.12 12.66 -21.89
N THR A 139 6.13 12.57 -21.00
CA THR A 139 5.38 11.34 -20.81
C THR A 139 4.09 11.33 -21.62
N ALA A 140 3.96 12.20 -22.59
CA ALA A 140 2.75 12.21 -23.41
C ALA A 140 2.84 11.14 -24.49
N VAL A 141 1.72 10.46 -24.71
CA VAL A 141 1.59 9.41 -25.72
C VAL A 141 0.78 9.94 -26.90
N ALA A 142 1.25 9.69 -28.12
CA ALA A 142 0.55 10.16 -29.31
C ALA A 142 -0.75 9.39 -29.51
N SER A 143 -1.72 10.07 -30.12
CA SER A 143 -2.93 9.40 -30.59
C SER A 143 -2.74 8.97 -32.04
N VAL A 144 -3.26 7.80 -32.38
CA VAL A 144 -3.19 7.29 -33.74
C VAL A 144 -4.58 6.87 -34.19
N GLU A 145 -4.95 7.25 -35.41
CA GLU A 145 -6.19 6.81 -36.07
C GLU A 145 -5.87 6.44 -37.51
N ILE A 146 -6.18 5.19 -37.89
CA ILE A 146 -5.94 4.68 -39.23
C ILE A 146 -7.25 4.74 -40.02
N HIS A 147 -7.27 5.57 -41.08
CA HIS A 147 -8.48 5.81 -41.89
C HIS A 147 -9.64 6.32 -41.04
N GLY A 148 -9.38 7.40 -40.28
CA GLY A 148 -10.45 8.10 -39.57
C GLY A 148 -10.72 7.54 -38.19
N THR A 149 -11.68 8.18 -37.51
CA THR A 149 -12.19 7.70 -36.24
C THR A 149 -13.29 6.70 -36.53
N GLY A 150 -13.12 5.47 -36.07
CA GLY A 150 -14.14 4.49 -36.39
C GLY A 150 -15.31 4.45 -35.44
N SER A 151 -15.35 5.28 -34.39
CA SER A 151 -16.39 5.09 -33.40
C SER A 151 -16.54 6.35 -32.56
N LEU A 152 -17.77 6.63 -32.15
CA LEU A 152 -18.05 7.74 -31.25
C LEU A 152 -17.86 7.38 -29.77
N GLY A 153 -17.35 6.18 -29.47
CA GLY A 153 -17.17 5.75 -28.09
C GLY A 153 -15.95 4.86 -27.88
N ALA A 154 -16.00 3.65 -28.41
CA ALA A 154 -14.86 2.76 -28.38
C ALA A 154 -13.62 3.46 -28.92
N SER A 155 -12.48 3.20 -28.30
CA SER A 155 -11.23 3.77 -28.76
C SER A 155 -10.99 3.47 -30.23
N SER A 156 -10.29 4.40 -30.89
CA SER A 156 -9.84 4.24 -32.28
C SER A 156 -8.36 3.92 -32.36
N ALA A 157 -7.73 3.67 -31.22
CA ALA A 157 -6.32 3.30 -31.22
C ALA A 157 -6.12 2.01 -32.00
N PRO A 158 -5.15 1.95 -32.91
CA PRO A 158 -4.79 0.66 -33.50
C PRO A 158 -4.31 -0.28 -32.40
N LEU A 159 -4.42 -1.57 -32.69
CA LEU A 159 -3.75 -2.57 -31.86
C LEU A 159 -2.25 -2.48 -32.09
N TYR A 160 -1.48 -2.53 -31.01
CA TYR A 160 -0.02 -2.40 -31.10
C TYR A 160 0.63 -3.74 -30.75
N ILE A 161 1.53 -4.17 -31.61
CA ILE A 161 2.05 -5.54 -31.59
C ILE A 161 3.57 -5.51 -31.80
N VAL A 162 4.31 -5.98 -30.79
CA VAL A 162 5.77 -6.07 -30.84
C VAL A 162 6.16 -7.54 -30.95
N ASP A 163 6.73 -7.92 -32.10
CA ASP A 163 7.21 -9.27 -32.34
C ASP A 163 6.18 -10.33 -31.99
N GLY A 164 4.91 -9.96 -32.04
CA GLY A 164 3.82 -10.90 -31.86
C GLY A 164 3.02 -10.73 -30.60
N MET A 165 3.38 -9.80 -29.71
CA MET A 165 2.62 -9.62 -28.50
C MET A 165 1.94 -8.25 -28.44
N GLN A 166 0.63 -8.29 -28.23
CA GLN A 166 -0.11 -7.09 -27.88
C GLN A 166 0.60 -6.37 -26.73
N THR A 167 1.11 -5.18 -27.03
CA THR A 167 1.84 -4.37 -26.07
C THR A 167 1.15 -3.03 -25.88
N SER A 168 1.04 -2.59 -24.63
CA SER A 168 0.58 -1.23 -24.37
C SER A 168 1.57 -0.21 -24.94
N LEU A 169 1.07 0.98 -25.25
CA LEU A 169 2.00 2.00 -25.76
C LEU A 169 2.95 2.45 -24.66
N ASP A 170 2.50 2.47 -23.40
CA ASP A 170 3.42 2.79 -22.31
C ASP A 170 4.56 1.78 -22.25
N VAL A 171 4.24 0.49 -22.39
CA VAL A 171 5.29 -0.52 -22.37
C VAL A 171 6.17 -0.38 -23.60
N VAL A 172 5.60 0.14 -24.69
CA VAL A 172 6.40 0.40 -25.89
C VAL A 172 7.40 1.52 -25.64
N ALA A 173 6.99 2.56 -24.88
CA ALA A 173 7.93 3.61 -24.47
C ALA A 173 9.07 3.09 -23.58
N THR A 174 8.86 2.00 -22.84
CA THR A 174 9.94 1.45 -22.02
C THR A 174 10.93 0.63 -22.85
N MET A 175 10.77 0.59 -24.17
CA MET A 175 11.63 -0.17 -25.05
C MET A 175 12.57 0.76 -25.81
N ASN A 176 13.76 0.26 -26.12
CA ASN A 176 14.74 1.02 -26.89
C ASN A 176 14.39 0.91 -28.37
N PRO A 177 13.95 2.01 -29.00
CA PRO A 177 13.49 1.93 -30.40
C PRO A 177 14.59 1.66 -31.39
N ASN A 178 15.85 1.77 -30.98
CA ASN A 178 16.94 1.36 -31.86
C ASN A 178 16.97 -0.13 -32.09
N ASP A 179 16.30 -0.89 -31.21
CA ASP A 179 16.14 -2.34 -31.40
C ASP A 179 15.08 -2.68 -32.43
N PHE A 180 14.35 -1.68 -32.95
CA PHE A 180 13.28 -1.91 -33.92
C PHE A 180 13.84 -1.99 -35.33
N GLU A 181 13.51 -3.07 -36.03
CA GLU A 181 13.96 -3.24 -37.41
C GLU A 181 13.02 -2.51 -38.36
N SER A 182 11.73 -2.74 -38.21
CA SER A 182 10.76 -2.14 -39.10
C SER A 182 9.48 -1.95 -38.32
N MET A 183 8.55 -1.24 -38.95
CA MET A 183 7.20 -1.08 -38.43
C MET A 183 6.25 -1.15 -39.61
N SER A 184 5.34 -2.10 -39.56
CA SER A 184 4.34 -2.28 -40.60
C SER A 184 2.99 -1.78 -40.10
N VAL A 185 2.33 -0.97 -40.91
CA VAL A 185 1.00 -0.48 -40.58
C VAL A 185 0.01 -1.19 -41.49
N LEU A 186 -0.92 -1.93 -40.89
CA LEU A 186 -1.92 -2.69 -41.62
C LEU A 186 -3.25 -1.94 -41.59
N LYS A 187 -3.77 -1.60 -42.77
CA LYS A 187 -4.88 -0.68 -42.89
C LYS A 187 -6.23 -1.32 -43.21
N ASP A 188 -6.25 -2.50 -43.82
CA ASP A 188 -7.48 -3.09 -44.33
C ASP A 188 -7.75 -4.47 -43.75
N ALA A 189 -9.00 -4.91 -43.91
CA ALA A 189 -9.49 -6.12 -43.26
C ALA A 189 -8.77 -7.37 -43.74
N SER A 190 -8.26 -7.36 -44.96
CA SER A 190 -7.50 -8.52 -45.42
C SER A 190 -6.14 -8.59 -44.76
N ALA A 191 -5.56 -7.42 -44.43
CA ALA A 191 -4.23 -7.36 -43.84
C ALA A 191 -4.24 -7.55 -42.34
N THR A 192 -5.39 -7.39 -41.69
CA THR A 192 -5.50 -7.48 -40.24
C THR A 192 -6.35 -8.67 -39.81
N SER A 193 -6.35 -9.75 -40.58
CA SER A 193 -7.29 -10.83 -40.33
C SER A 193 -6.88 -11.75 -39.17
N ILE A 194 -5.60 -11.81 -38.80
CA ILE A 194 -5.16 -12.70 -37.73
C ILE A 194 -5.06 -11.98 -36.38
N TYR A 195 -5.53 -10.74 -36.27
CA TYR A 195 -5.57 -10.00 -35.01
C TYR A 195 -7.03 -9.75 -34.63
N GLY A 196 -7.28 -9.47 -33.36
CA GLY A 196 -8.68 -9.34 -33.00
C GLY A 196 -9.14 -8.70 -31.70
N ALA A 197 -8.36 -7.82 -31.09
CA ALA A 197 -9.04 -7.09 -30.03
C ALA A 197 -9.76 -5.89 -30.63
N ARG A 198 -9.13 -5.31 -31.65
CA ARG A 198 -9.60 -4.12 -32.31
C ARG A 198 -8.85 -3.93 -33.63
N ALA A 199 -8.75 -5.00 -34.43
CA ALA A 199 -8.27 -4.86 -35.80
C ALA A 199 -9.01 -3.79 -36.57
N ALA A 200 -10.25 -3.51 -36.17
CA ALA A 200 -11.04 -2.46 -36.80
C ALA A 200 -10.30 -1.12 -36.84
N ASN A 201 -9.32 -0.92 -35.96
CA ASN A 201 -8.58 0.33 -35.91
C ASN A 201 -7.24 0.27 -36.61
N GLY A 202 -6.93 -0.87 -37.24
CA GLY A 202 -5.63 -1.07 -37.84
C GLY A 202 -4.70 -1.77 -36.88
N VAL A 203 -3.57 -2.19 -37.41
CA VAL A 203 -2.60 -2.91 -36.59
C VAL A 203 -1.23 -2.32 -36.86
N VAL A 204 -0.53 -1.94 -35.79
CA VAL A 204 0.83 -1.42 -35.87
C VAL A 204 1.74 -2.54 -35.39
N PHE A 205 2.47 -3.15 -36.31
CA PHE A 205 3.37 -4.24 -35.98
C PHE A 205 4.80 -3.71 -35.93
N ILE A 206 5.42 -3.79 -34.76
CA ILE A 206 6.81 -3.42 -34.57
C ILE A 206 7.64 -4.70 -34.51
N GLN A 207 8.63 -4.83 -35.38
CA GLN A 207 9.50 -5.99 -35.36
C GLN A 207 10.91 -5.58 -34.97
N THR A 208 11.40 -6.14 -33.88
CA THR A 208 12.72 -5.84 -33.36
C THR A 208 13.80 -6.60 -34.15
N LYS A 209 15.05 -6.26 -33.87
CA LYS A 209 16.16 -6.73 -34.71
C LYS A 209 16.64 -8.11 -34.29
N LYS A 210 17.05 -8.89 -35.28
CA LYS A 210 17.73 -10.17 -35.09
C LYS A 210 19.15 -10.05 -35.65
N GLY A 211 20.03 -10.93 -35.18
CA GLY A 211 21.41 -10.88 -35.64
C GLY A 211 21.60 -11.48 -37.01
N LYS A 212 22.20 -10.70 -37.91
CA LYS A 212 22.68 -11.25 -39.17
C LYS A 212 23.74 -12.31 -38.89
N MET A 213 23.56 -13.49 -39.48
CA MET A 213 24.48 -14.59 -39.22
C MET A 213 25.80 -14.37 -39.96
N SER A 214 26.83 -15.08 -39.48
CA SER A 214 28.11 -15.37 -40.16
C SER A 214 29.28 -14.56 -39.62
N GLU A 215 30.26 -15.29 -39.07
CA GLU A 215 31.63 -14.85 -38.71
C GLU A 215 31.54 -13.67 -37.74
N ARG A 216 32.22 -12.55 -37.97
CA ARG A 216 32.39 -11.52 -36.96
C ARG A 216 31.06 -10.90 -36.56
N GLY A 217 30.85 -10.77 -35.25
CA GLY A 217 29.71 -10.06 -34.73
C GLY A 217 29.83 -8.56 -35.00
N ARG A 218 28.77 -7.84 -34.63
CA ARG A 218 28.73 -6.41 -34.86
C ARG A 218 28.36 -5.72 -33.56
N ILE A 219 29.14 -4.69 -33.20
CA ILE A 219 28.86 -3.84 -32.04
C ILE A 219 28.57 -2.43 -32.53
N THR A 220 27.56 -1.80 -31.94
CA THR A 220 27.24 -0.43 -32.25
C THR A 220 27.03 0.37 -30.97
N PHE A 221 27.62 1.56 -30.91
CA PHE A 221 27.48 2.44 -29.77
C PHE A 221 26.90 3.75 -30.26
N ASN A 222 25.81 4.18 -29.65
CA ASN A 222 25.18 5.46 -29.96
C ASN A 222 25.12 6.31 -28.71
N ALA A 223 25.36 7.60 -28.88
CA ALA A 223 25.33 8.54 -27.78
C ALA A 223 24.86 9.86 -28.38
N SER A 224 23.96 10.53 -27.68
CA SER A 224 23.45 11.80 -28.17
C SER A 224 23.07 12.69 -27.00
N TYR A 225 23.28 13.99 -27.16
CA TYR A 225 22.87 14.97 -26.18
C TYR A 225 22.20 16.10 -26.91
N GLY A 226 21.17 16.67 -26.29
CA GLY A 226 20.48 17.78 -26.89
C GLY A 226 19.61 18.48 -25.88
N ILE A 227 18.95 19.55 -26.34
CA ILE A 227 18.11 20.39 -25.50
C ILE A 227 16.73 20.50 -26.11
N SER A 228 15.75 20.82 -25.25
CA SER A 228 14.36 21.03 -25.64
C SER A 228 13.94 22.45 -25.30
N GLN A 229 13.36 23.15 -26.27
CA GLN A 229 12.80 24.48 -26.05
C GLN A 229 11.34 24.54 -26.48
N ILE A 230 10.61 25.53 -25.92
CA ILE A 230 9.23 25.78 -26.33
C ILE A 230 9.23 26.31 -27.77
N LEU A 231 8.40 25.72 -28.63
CA LEU A 231 8.69 25.86 -30.06
C LEU A 231 8.09 27.12 -30.70
N ASN A 232 7.24 27.86 -30.00
CA ASN A 232 6.67 29.04 -30.60
C ASN A 232 6.44 30.07 -29.51
N THR A 233 6.82 31.33 -29.78
CA THR A 233 6.71 32.40 -28.79
C THR A 233 5.75 33.49 -29.21
N LYS A 234 5.19 33.43 -30.42
CA LYS A 234 4.30 34.46 -30.93
C LYS A 234 3.17 34.87 -29.98
N PRO A 235 2.50 33.97 -29.25
CA PRO A 235 1.42 34.43 -28.37
C PRO A 235 1.86 35.49 -27.39
N LEU A 236 3.16 35.56 -27.10
CA LEU A 236 3.63 36.56 -26.15
C LEU A 236 3.70 37.95 -26.76
N ASP A 237 3.93 38.04 -28.08
CA ASP A 237 4.23 39.32 -28.73
C ASP A 237 3.18 40.38 -28.41
N ASN A 238 1.91 39.99 -28.46
CA ASN A 238 0.77 40.90 -28.49
C ASN A 238 0.16 41.16 -27.12
N MET A 239 0.73 40.61 -26.04
CA MET A 239 0.11 40.80 -24.74
C MET A 239 0.48 42.17 -24.15
N MET A 240 -0.43 42.69 -23.33
CA MET A 240 -0.22 43.96 -22.67
C MET A 240 1.03 43.93 -21.82
N THR A 241 1.70 45.06 -21.75
CA THR A 241 2.81 45.26 -20.83
C THR A 241 2.26 45.49 -19.42
N GLY A 242 3.16 45.70 -18.48
CA GLY A 242 2.76 46.00 -17.12
C GLY A 242 1.99 47.31 -17.11
N ASP A 243 2.62 48.37 -17.65
CA ASP A 243 1.98 49.68 -17.62
C ASP A 243 0.62 49.64 -18.29
N GLU A 244 0.57 49.06 -19.49
CA GLU A 244 -0.65 49.03 -20.26
C GLU A 244 -1.77 48.33 -19.50
N LEU A 245 -1.49 47.15 -18.94
CA LEU A 245 -2.50 46.45 -18.16
C LEU A 245 -2.99 47.31 -16.99
N LEU A 246 -2.06 47.90 -16.23
CA LEU A 246 -2.46 48.71 -15.08
C LEU A 246 -3.32 49.90 -15.51
N ASP A 247 -2.94 50.57 -16.58
CA ASP A 247 -3.78 51.66 -17.06
C ASP A 247 -5.14 51.15 -17.49
N PHE A 248 -5.16 50.02 -18.18
CA PHE A 248 -6.40 49.42 -18.65
C PHE A 248 -7.34 49.14 -17.49
N GLN A 249 -6.87 48.45 -16.46
CA GLN A 249 -7.72 48.11 -15.32
C GLN A 249 -8.23 49.34 -14.61
N VAL A 250 -7.38 50.37 -14.47
CA VAL A 250 -7.83 51.56 -13.74
C VAL A 250 -8.90 52.28 -14.54
N LYS A 251 -8.74 52.34 -15.87
CA LYS A 251 -9.74 53.01 -16.70
C LYS A 251 -11.02 52.18 -16.80
N ALA A 252 -10.90 50.86 -16.73
CA ALA A 252 -12.07 49.98 -16.76
C ALA A 252 -12.85 49.97 -15.46
N GLY A 253 -12.33 50.53 -14.37
CA GLY A 253 -13.04 50.55 -13.10
C GLY A 253 -12.77 49.35 -12.21
N PHE A 254 -11.89 48.45 -12.65
CA PHE A 254 -11.58 47.24 -11.91
C PHE A 254 -11.21 47.53 -10.47
N TRP A 255 -10.42 48.58 -10.24
CA TRP A 255 -9.91 48.88 -8.92
C TRP A 255 -10.77 49.88 -8.16
N GLY A 256 -11.95 50.19 -8.66
CA GLY A 256 -12.86 51.11 -7.99
C GLY A 256 -13.17 52.30 -8.86
N ASN A 257 -14.02 53.17 -8.34
CA ASN A 257 -14.30 54.42 -9.02
C ASN A 257 -13.40 55.50 -8.45
N ASN A 258 -13.15 56.54 -9.26
CA ASN A 258 -12.28 57.64 -8.86
C ASN A 258 -10.93 57.10 -8.43
N GLN A 259 -10.40 56.20 -9.24
CA GLN A 259 -9.11 55.60 -8.99
C GLN A 259 -8.06 56.27 -9.88
N THR A 260 -6.83 56.31 -9.40
CA THR A 260 -5.69 56.72 -10.20
C THR A 260 -4.67 55.58 -10.24
N VAL A 261 -3.67 55.73 -11.09
CA VAL A 261 -2.63 54.71 -11.23
C VAL A 261 -1.73 54.68 -10.00
N GLN A 262 -1.42 55.85 -9.42
CA GLN A 262 -0.61 55.85 -8.21
C GLN A 262 -1.32 55.16 -7.05
N LYS A 263 -2.62 55.43 -6.88
CA LYS A 263 -3.33 54.84 -5.75
C LYS A 263 -3.38 53.32 -5.85
N VAL A 264 -3.53 52.79 -7.07
CA VAL A 264 -3.52 51.34 -7.22
C VAL A 264 -2.13 50.78 -6.88
N LYS A 265 -1.08 51.48 -7.31
CA LYS A 265 0.28 51.05 -6.99
C LYS A 265 0.52 51.07 -5.49
N ASP A 266 0.08 52.15 -4.82
CA ASP A 266 0.21 52.19 -3.36
C ASP A 266 -0.48 50.98 -2.73
N MET A 267 -1.70 50.69 -3.17
CA MET A 267 -2.47 49.61 -2.56
C MET A 267 -1.84 48.25 -2.81
N ILE A 268 -1.40 47.98 -4.05
CA ILE A 268 -0.77 46.70 -4.35
C ILE A 268 0.59 46.63 -3.67
N LEU A 269 1.38 47.72 -3.69
CA LEU A 269 2.68 47.68 -3.03
C LEU A 269 2.51 47.47 -1.53
N ALA A 270 1.52 48.11 -0.92
CA ALA A 270 1.35 47.99 0.53
C ALA A 270 0.92 46.58 0.93
N GLY A 271 0.11 45.94 0.10
CA GLY A 271 -0.36 44.60 0.42
C GLY A 271 0.67 43.54 0.17
N ALA A 272 1.66 43.82 -0.68
CA ALA A 272 2.75 42.89 -0.88
C ALA A 272 3.75 42.97 0.27
N GLU A 273 4.16 44.17 0.66
CA GLU A 273 5.12 44.25 1.76
C GLU A 273 4.47 43.80 3.07
N ASP A 274 3.18 44.09 3.26
CA ASP A 274 2.54 43.64 4.48
C ASP A 274 2.48 42.12 4.56
N LEU A 275 2.20 41.46 3.44
CA LEU A 275 2.17 40.00 3.45
C LEU A 275 3.55 39.43 3.70
N TYR A 276 4.55 39.82 2.91
CA TYR A 276 5.89 39.30 3.11
C TYR A 276 6.37 39.57 4.53
N GLY A 277 5.91 40.68 5.13
CA GLY A 277 6.27 41.02 6.50
C GLY A 277 5.81 40.02 7.53
N ASN A 278 4.99 39.06 7.13
CA ASN A 278 4.49 38.04 8.03
C ASN A 278 5.27 36.74 7.93
N TYR A 279 6.46 36.77 7.32
CA TYR A 279 7.27 35.57 7.19
C TYR A 279 8.71 35.94 7.50
N ASP A 280 9.27 35.26 8.50
CA ASP A 280 10.68 35.44 8.78
C ASP A 280 11.51 35.22 7.54
N SER A 281 11.12 34.28 6.70
CA SER A 281 11.86 34.01 5.49
C SER A 281 11.75 35.12 4.45
N LEU A 282 10.93 36.15 4.69
CA LEU A 282 10.62 37.18 3.72
C LEU A 282 10.76 38.59 4.27
N LYS A 283 10.38 38.83 5.52
CA LYS A 283 10.23 40.20 6.00
C LYS A 283 11.52 41.02 5.92
N ASP A 284 12.69 40.37 5.90
CA ASP A 284 13.95 41.08 5.70
C ASP A 284 14.44 41.01 4.28
N GLU A 285 13.79 40.24 3.41
CA GLU A 285 14.14 40.24 1.99
C GLU A 285 13.26 41.17 1.16
N TYR A 286 12.02 41.40 1.57
CA TYR A 286 11.20 42.36 0.84
C TYR A 286 11.80 43.76 0.96
N GLY A 287 12.09 44.36 -0.18
CA GLY A 287 12.67 45.67 -0.25
C GLY A 287 14.17 45.67 -0.38
N LYS A 288 14.81 44.53 -0.09
CA LYS A 288 16.23 44.35 -0.32
C LYS A 288 16.46 43.42 -1.51
N THR A 289 16.14 42.13 -1.37
CA THR A 289 16.37 41.17 -2.46
C THR A 289 15.12 40.77 -3.22
N LEU A 290 13.94 40.90 -2.62
CA LEU A 290 12.68 40.47 -3.22
C LEU A 290 11.81 41.67 -3.54
N PHE A 291 11.55 41.91 -4.83
CA PHE A 291 10.58 42.93 -5.24
C PHE A 291 9.49 42.22 -6.03
N PRO A 292 8.54 41.57 -5.35
CA PRO A 292 7.49 40.81 -6.07
C PRO A 292 6.52 41.70 -6.83
N VAL A 293 6.38 42.96 -6.42
CA VAL A 293 5.56 43.93 -7.14
C VAL A 293 6.51 44.97 -7.71
N ASP A 294 6.52 45.10 -9.04
CA ASP A 294 7.43 46.00 -9.75
C ASP A 294 6.68 46.57 -10.96
N PHE A 295 6.31 47.84 -10.87
CA PHE A 295 5.67 48.52 -11.97
C PHE A 295 6.65 49.13 -12.96
N ASN A 296 7.95 49.10 -12.67
CA ASN A 296 8.93 49.82 -13.48
C ASN A 296 9.65 48.93 -14.46
N HIS A 297 9.66 47.65 -14.21
CA HIS A 297 10.13 46.63 -15.13
C HIS A 297 8.97 45.66 -15.19
N ASP A 298 8.95 44.77 -16.16
CA ASP A 298 7.98 43.72 -15.99
C ASP A 298 8.59 42.35 -16.29
N ALA A 299 8.13 41.39 -15.51
CA ALA A 299 8.78 40.10 -15.42
C ALA A 299 8.50 39.25 -16.67
N ASP A 300 9.47 38.41 -16.98
CA ASP A 300 9.39 37.48 -18.09
C ASP A 300 8.72 36.21 -17.57
N TRP A 301 7.38 36.21 -17.59
CA TRP A 301 6.64 35.08 -17.04
C TRP A 301 6.81 33.82 -17.87
N LEU A 302 7.20 33.96 -19.15
CA LEU A 302 7.63 32.82 -19.94
C LEU A 302 8.79 32.11 -19.27
N LYS A 303 9.90 32.83 -19.06
CA LYS A 303 11.03 32.24 -18.37
C LYS A 303 10.70 31.86 -16.93
N ALA A 304 9.72 32.52 -16.31
CA ALA A 304 9.31 32.12 -14.97
C ALA A 304 8.77 30.70 -14.94
N LEU A 305 8.19 30.22 -16.05
CA LEU A 305 7.52 28.93 -16.05
C LEU A 305 8.02 27.92 -17.09
N PHE A 306 8.98 28.29 -17.93
CA PHE A 306 9.53 27.34 -18.90
C PHE A 306 11.02 27.55 -19.01
N LYS A 307 11.73 26.46 -19.27
CA LYS A 307 13.18 26.42 -19.25
C LYS A 307 13.63 25.62 -20.46
N THR A 308 14.89 25.74 -20.80
CA THR A 308 15.49 24.79 -21.71
C THR A 308 15.81 23.53 -20.91
N ALA A 309 15.49 22.37 -21.48
CA ALA A 309 15.70 21.13 -20.76
C ALA A 309 16.58 20.19 -21.57
N PRO A 310 17.44 19.43 -20.93
CA PRO A 310 18.32 18.52 -21.67
C PRO A 310 17.70 17.15 -21.91
N THR A 311 18.10 16.53 -23.02
CA THR A 311 17.70 15.18 -23.38
C THR A 311 18.95 14.41 -23.80
N SER A 312 19.21 13.28 -23.15
CA SER A 312 20.44 12.53 -23.36
C SER A 312 20.13 11.04 -23.46
N GLN A 313 20.86 10.33 -24.33
CA GLN A 313 20.65 8.89 -24.47
C GLN A 313 21.90 8.19 -24.98
N GLY A 314 22.16 7.00 -24.42
CA GLY A 314 23.24 6.14 -24.85
C GLY A 314 22.72 4.76 -25.23
N ASP A 315 23.65 3.89 -25.60
CA ASP A 315 23.29 2.76 -26.42
C ASP A 315 24.46 1.84 -26.74
N ILE A 316 24.31 0.52 -26.57
CA ILE A 316 25.31 -0.39 -27.12
C ILE A 316 24.60 -1.67 -27.52
N SER A 317 24.95 -2.18 -28.71
CA SER A 317 24.32 -3.34 -29.33
C SER A 317 25.35 -4.42 -29.59
N PHE A 318 24.91 -5.66 -29.46
CA PHE A 318 25.68 -6.82 -29.87
C PHE A 318 24.78 -7.68 -30.73
N SER A 319 25.31 -8.16 -31.86
CA SER A 319 24.49 -8.88 -32.81
C SER A 319 25.38 -9.70 -33.73
N GLY A 320 24.83 -10.82 -34.19
CA GLY A 320 25.53 -11.74 -35.05
C GLY A 320 24.98 -13.13 -34.88
N GLY A 321 25.72 -14.11 -35.38
CA GLY A 321 25.35 -15.49 -35.17
C GLY A 321 26.02 -16.42 -36.15
N SER A 322 25.96 -17.71 -35.83
CA SER A 322 26.55 -18.73 -36.66
C SER A 322 25.65 -19.96 -36.68
N GLN A 323 25.59 -20.60 -37.84
CA GLN A 323 25.01 -21.93 -38.04
C GLN A 323 23.61 -22.04 -37.44
N GLY A 324 22.74 -21.13 -37.89
CA GLY A 324 21.34 -21.18 -37.50
C GLY A 324 21.01 -20.72 -36.10
N THR A 325 21.95 -20.05 -35.40
CA THR A 325 21.68 -19.43 -34.10
C THR A 325 21.98 -17.93 -34.18
N SER A 326 20.95 -17.12 -34.04
CA SER A 326 21.07 -15.66 -34.02
C SER A 326 20.92 -15.12 -32.60
N TYR A 327 21.42 -13.91 -32.39
CA TYR A 327 21.20 -13.19 -31.14
C TYR A 327 21.21 -11.70 -31.43
N TYR A 328 20.57 -10.93 -30.55
CA TYR A 328 20.69 -9.47 -30.60
C TYR A 328 20.54 -8.96 -29.17
N ALA A 329 21.62 -8.39 -28.62
CA ALA A 329 21.59 -7.82 -27.29
C ALA A 329 21.64 -6.30 -27.37
N SER A 330 21.18 -5.67 -26.30
CA SER A 330 21.14 -4.22 -26.21
C SER A 330 21.03 -3.79 -24.76
N ILE A 331 21.78 -2.76 -24.39
CA ILE A 331 21.53 -1.99 -23.17
C ILE A 331 21.60 -0.52 -23.54
N GLY A 332 20.73 0.29 -22.92
CA GLY A 332 20.64 1.69 -23.26
C GLY A 332 20.11 2.55 -22.14
N TYR A 333 20.28 3.85 -22.34
CA TYR A 333 19.84 4.85 -21.38
C TYR A 333 19.13 5.96 -22.15
N PHE A 334 18.14 6.57 -21.50
CA PHE A 334 17.42 7.66 -22.15
C PHE A 334 16.85 8.55 -21.06
N ASP A 335 17.07 9.85 -21.19
CA ASP A 335 16.47 10.81 -20.27
C ASP A 335 16.00 12.00 -21.09
N GLN A 336 14.72 12.33 -20.99
CA GLN A 336 14.15 13.50 -21.63
C GLN A 336 13.52 14.37 -20.56
N GLU A 337 14.12 15.53 -20.32
CA GLU A 337 13.62 16.44 -19.29
C GLU A 337 12.51 17.31 -19.85
N GLY A 338 11.50 17.56 -19.01
CA GLY A 338 10.39 18.39 -19.44
C GLY A 338 10.78 19.85 -19.50
N MET A 339 10.30 20.54 -20.53
CA MET A 339 10.70 21.93 -20.67
C MET A 339 9.84 22.88 -19.83
N ALA A 340 8.61 22.52 -19.50
CA ALA A 340 7.90 23.29 -18.50
C ALA A 340 8.62 23.14 -17.17
N ARG A 341 8.59 24.20 -16.36
CA ARG A 341 9.34 24.17 -15.11
C ARG A 341 8.71 23.22 -14.12
N GLU A 342 7.37 23.13 -14.13
CA GLU A 342 6.64 21.99 -13.57
C GLU A 342 7.33 20.71 -14.01
N PRO A 343 7.90 19.95 -13.09
CA PRO A 343 8.82 18.89 -13.48
C PRO A 343 8.10 17.80 -14.22
N ALA A 344 8.72 17.34 -15.29
CA ALA A 344 8.20 16.22 -16.06
C ALA A 344 9.38 15.60 -16.81
N ASN A 345 9.33 14.29 -16.97
CA ASN A 345 10.44 13.63 -17.62
C ASN A 345 10.08 12.17 -17.85
N PHE A 346 10.86 11.55 -18.73
CA PHE A 346 10.81 10.13 -18.99
C PHE A 346 12.25 9.68 -19.00
N LYS A 347 12.64 8.88 -18.01
CA LYS A 347 13.93 8.22 -18.01
C LYS A 347 13.71 6.71 -18.16
N ARG A 348 14.57 6.07 -18.95
CA ARG A 348 14.52 4.62 -19.04
C ARG A 348 15.94 4.06 -19.11
N TYR A 349 16.12 2.89 -18.50
CA TYR A 349 17.30 2.04 -18.65
C TYR A 349 16.84 0.73 -19.27
N SER A 350 17.26 0.47 -20.50
CA SER A 350 16.74 -0.65 -21.29
C SER A 350 17.70 -1.81 -21.30
N GLY A 351 17.14 -3.01 -21.33
CA GLY A 351 17.88 -4.18 -21.73
C GLY A 351 17.05 -5.01 -22.69
N ARG A 352 17.68 -5.57 -23.70
CA ARG A 352 17.00 -6.49 -24.59
C ARG A 352 17.94 -7.61 -24.99
N LEU A 353 17.45 -8.84 -24.92
CA LEU A 353 18.15 -9.99 -25.48
C LEU A 353 17.17 -10.68 -26.44
N ASN A 354 17.50 -10.65 -27.73
CA ASN A 354 16.75 -11.36 -28.75
C ASN A 354 17.54 -12.59 -29.16
N PHE A 355 16.86 -13.72 -29.27
CA PHE A 355 17.51 -15.01 -29.47
C PHE A 355 16.67 -15.86 -30.39
N GLU A 356 17.34 -16.70 -31.20
CA GLU A 356 16.67 -17.55 -32.17
C GLU A 356 17.65 -18.65 -32.55
N SER A 357 17.14 -19.88 -32.67
CA SER A 357 18.05 -20.99 -32.98
C SER A 357 17.29 -22.12 -33.64
N ARG A 358 17.94 -22.75 -34.62
CA ARG A 358 17.48 -24.02 -35.16
C ARG A 358 18.21 -25.13 -34.41
N ILE A 359 17.47 -25.87 -33.59
CA ILE A 359 18.06 -26.90 -32.75
C ILE A 359 18.32 -28.16 -33.56
N ASN A 360 17.29 -28.63 -34.26
CA ASN A 360 17.44 -29.77 -35.16
C ASN A 360 16.63 -29.47 -36.41
N GLU A 361 16.56 -30.46 -37.31
CA GLU A 361 15.89 -30.25 -38.58
C GLU A 361 14.43 -29.84 -38.41
N TRP A 362 13.77 -30.28 -37.34
CA TRP A 362 12.33 -30.09 -37.19
C TRP A 362 11.93 -29.04 -36.15
N LEU A 363 12.87 -28.44 -35.45
CA LEU A 363 12.52 -27.52 -34.37
C LEU A 363 13.39 -26.27 -34.43
N LYS A 364 12.75 -25.11 -34.28
CA LYS A 364 13.43 -23.84 -34.16
C LYS A 364 12.78 -23.07 -33.02
N VAL A 365 13.57 -22.57 -32.07
CA VAL A 365 13.01 -21.84 -30.93
C VAL A 365 13.63 -20.43 -30.87
N GLY A 366 13.07 -19.60 -29.99
CA GLY A 366 13.55 -18.24 -29.81
C GLY A 366 12.86 -17.52 -28.67
N ALA A 367 13.49 -16.42 -28.24
CA ALA A 367 12.92 -15.55 -27.23
C ALA A 367 13.24 -14.10 -27.56
N ASN A 368 12.32 -13.20 -27.23
CA ASN A 368 12.52 -11.79 -27.56
C ASN A 368 12.43 -10.96 -26.30
N LEU A 369 13.33 -11.22 -25.36
CA LEU A 369 13.23 -10.66 -24.01
C LEU A 369 13.58 -9.17 -23.95
N SER A 370 12.84 -8.44 -23.12
CA SER A 370 13.07 -7.01 -22.94
C SER A 370 12.71 -6.61 -21.51
N GLY A 371 13.33 -5.54 -21.04
CA GLY A 371 13.02 -5.05 -19.71
C GLY A 371 13.54 -3.64 -19.55
N ALA A 372 13.10 -3.00 -18.46
CA ALA A 372 13.41 -1.60 -18.28
C ALA A 372 13.19 -1.19 -16.84
N ILE A 373 14.02 -0.27 -16.37
CA ILE A 373 13.71 0.56 -15.22
C ILE A 373 13.36 1.94 -15.75
N ALA A 374 12.18 2.43 -15.40
CA ALA A 374 11.64 3.62 -16.02
C ALA A 374 11.15 4.60 -14.96
N ASN A 375 11.37 5.89 -15.20
CA ASN A 375 10.93 6.97 -14.32
C ASN A 375 10.05 7.91 -15.13
N ARG A 376 8.76 7.96 -14.77
CA ARG A 376 7.77 8.81 -15.42
C ARG A 376 7.35 9.88 -14.42
N ARG A 377 7.40 11.13 -14.86
CA ARG A 377 6.70 12.20 -14.17
C ARG A 377 5.99 13.07 -15.21
N SER A 378 4.85 13.60 -14.79
CA SER A 378 3.99 14.40 -15.64
C SER A 378 3.65 15.70 -14.94
N ALA A 379 3.57 16.76 -15.72
CA ALA A 379 3.15 18.05 -15.24
C ALA A 379 1.63 18.05 -15.29
N ASP A 380 0.99 18.13 -14.13
CA ASP A 380 -0.41 17.78 -14.00
C ASP A 380 -1.27 18.99 -13.69
N TYR A 381 -0.92 20.15 -14.22
CA TYR A 381 -1.81 21.29 -14.18
C TYR A 381 -2.15 21.78 -15.57
N PHE A 382 -1.37 21.38 -16.57
CA PHE A 382 -1.62 21.80 -17.94
C PHE A 382 -2.98 21.32 -18.43
N GLY A 383 -3.55 22.09 -19.35
CA GLY A 383 -4.90 21.83 -19.79
C GLY A 383 -5.97 22.31 -18.84
N LYS A 384 -5.63 22.63 -17.61
CA LYS A 384 -6.55 23.30 -16.69
C LYS A 384 -6.11 24.75 -16.50
N TYR A 385 -7.02 25.55 -15.95
CA TYR A 385 -6.88 27.00 -15.91
C TYR A 385 -6.66 27.40 -14.45
N TYR A 386 -5.40 27.48 -14.07
CA TYR A 386 -4.98 27.92 -12.75
C TYR A 386 -4.15 29.18 -12.92
N MET A 387 -4.44 30.21 -12.14
CA MET A 387 -3.62 31.41 -12.22
C MET A 387 -2.16 31.10 -11.94
N GLY A 388 -1.29 31.65 -12.78
CA GLY A 388 0.13 31.47 -12.64
C GLY A 388 0.67 30.19 -13.23
N SER A 389 -0.18 29.31 -13.73
CA SER A 389 0.27 28.01 -14.22
C SER A 389 0.29 27.96 -15.75
N GLY A 390 1.29 27.29 -16.30
CA GLY A 390 1.30 26.89 -17.68
C GLY A 390 1.43 28.03 -18.66
N THR A 391 1.30 27.66 -19.94
CA THR A 391 1.30 28.69 -20.97
C THR A 391 0.19 29.68 -20.75
N PHE A 392 -0.90 29.24 -20.13
CA PHE A 392 -1.95 30.17 -19.71
C PHE A 392 -1.39 31.25 -18.80
N GLY A 393 -0.63 30.86 -17.77
CA GLY A 393 -0.08 31.84 -16.86
C GLY A 393 1.00 32.69 -17.50
N VAL A 394 1.78 32.10 -18.39
CA VAL A 394 2.79 32.87 -19.14
C VAL A 394 2.15 34.09 -19.79
N LEU A 395 0.96 33.93 -20.36
CA LEU A 395 0.27 35.06 -20.97
C LEU A 395 -0.47 35.89 -19.92
N THR A 396 -1.15 35.25 -18.98
CA THR A 396 -2.16 35.99 -18.22
C THR A 396 -1.65 36.59 -16.92
N MET A 397 -0.41 36.35 -16.54
CA MET A 397 0.08 36.96 -15.30
C MET A 397 0.33 38.45 -15.55
N PRO A 398 -0.25 39.34 -14.74
CA PRO A 398 0.15 40.75 -14.81
C PRO A 398 1.66 40.86 -14.81
N ARG A 399 2.18 41.62 -15.75
CA ARG A 399 3.63 41.71 -15.89
C ARG A 399 4.29 42.51 -14.78
N TYR A 400 3.53 43.23 -13.96
CA TYR A 400 4.08 43.92 -12.80
C TYR A 400 4.17 43.02 -11.58
N TYR A 401 3.76 41.76 -11.70
CA TYR A 401 3.99 40.76 -10.68
C TYR A 401 5.26 40.01 -11.05
N ASN A 402 6.17 39.91 -10.09
CA ASN A 402 7.55 39.48 -10.36
C ASN A 402 7.89 38.29 -9.48
N PRO A 403 8.10 37.11 -10.06
CA PRO A 403 8.51 35.95 -9.27
C PRO A 403 10.01 35.79 -9.14
N PHE A 404 10.80 36.76 -9.59
CA PHE A 404 12.24 36.66 -9.51
C PHE A 404 12.77 37.56 -8.40
N ASP A 405 13.95 37.19 -7.87
CA ASP A 405 14.68 38.06 -6.95
C ASP A 405 15.43 39.11 -7.77
N VAL A 406 16.25 39.91 -7.10
CA VAL A 406 16.91 41.03 -7.78
C VAL A 406 18.07 40.59 -8.66
N ASN A 407 18.54 39.36 -8.49
CA ASN A 407 19.61 38.81 -9.30
C ASN A 407 19.06 38.06 -10.50
N GLY A 408 17.76 38.09 -10.71
CA GLY A 408 17.16 37.44 -11.86
C GLY A 408 16.90 35.95 -11.71
N ASP A 409 17.20 35.37 -10.55
CA ASP A 409 16.86 33.98 -10.24
C ASP A 409 15.46 33.91 -9.65
N LEU A 410 14.76 32.82 -9.98
CA LEU A 410 13.40 32.65 -9.52
C LEU A 410 13.36 32.63 -7.99
N ALA A 411 12.50 33.45 -7.41
CA ALA A 411 12.31 33.44 -5.96
C ALA A 411 11.61 32.14 -5.55
N ASP A 412 11.41 31.96 -4.25
CA ASP A 412 10.61 30.80 -3.83
C ASP A 412 9.14 31.03 -4.09
N VAL A 413 8.75 32.28 -4.31
CA VAL A 413 7.42 32.71 -3.92
C VAL A 413 7.15 34.00 -4.66
N TYR A 414 5.88 34.26 -4.96
CA TYR A 414 5.50 35.50 -5.61
C TYR A 414 4.15 35.93 -5.05
N TYR A 415 3.70 37.11 -5.47
CA TYR A 415 2.59 37.80 -4.85
C TYR A 415 1.53 38.23 -5.87
N MET A 416 0.27 38.21 -5.41
CA MET A 416 -0.85 38.69 -6.19
C MET A 416 -1.80 39.39 -5.24
N TYR A 417 -2.24 40.61 -5.59
CA TYR A 417 -3.00 41.44 -4.65
C TYR A 417 -4.20 40.67 -4.09
N GLY A 418 -4.44 40.84 -2.79
CA GLY A 418 -5.50 40.14 -2.10
C GLY A 418 -5.11 38.79 -1.49
N ALA A 419 -4.04 38.15 -1.99
CA ALA A 419 -3.58 36.88 -1.43
C ALA A 419 -3.36 36.97 0.07
N THR A 420 -3.65 35.87 0.75
CA THR A 420 -3.42 35.78 2.18
C THR A 420 -2.16 35.00 2.53
N ARG A 421 -1.65 34.22 1.60
CA ARG A 421 -0.35 33.56 1.66
C ARG A 421 0.38 33.81 0.35
N PRO A 422 1.69 33.91 0.38
CA PRO A 422 2.41 34.06 -0.88
C PRO A 422 2.31 32.79 -1.69
N SER A 423 2.48 32.91 -2.98
CA SER A 423 2.28 31.81 -3.90
C SER A 423 3.65 31.23 -4.24
N MET A 424 3.75 29.90 -4.18
CA MET A 424 5.00 29.25 -4.47
C MET A 424 5.30 29.26 -5.96
N THR A 425 6.58 29.43 -6.30
CA THR A 425 7.01 29.22 -7.67
C THR A 425 7.17 27.74 -7.96
N GLU A 426 7.30 27.43 -9.26
CA GLU A 426 7.42 26.03 -9.66
C GLU A 426 8.60 25.36 -8.98
N PRO A 427 9.83 25.86 -9.09
CA PRO A 427 10.94 25.13 -8.48
C PRO A 427 10.76 24.95 -7.00
N TYR A 428 10.21 25.95 -6.31
CA TYR A 428 10.02 25.79 -4.88
C TYR A 428 8.89 24.81 -4.60
N PHE A 429 7.81 24.89 -5.38
CA PHE A 429 6.71 23.97 -5.19
C PHE A 429 7.18 22.54 -5.33
N ALA A 430 8.00 22.26 -6.35
CA ALA A 430 8.45 20.89 -6.58
C ALA A 430 9.28 20.36 -5.43
N LYS A 431 9.92 21.26 -4.67
CA LYS A 431 10.77 20.86 -3.56
C LYS A 431 9.93 20.46 -2.36
N MET A 432 8.83 21.18 -2.12
CA MET A 432 7.85 20.80 -1.12
C MET A 432 6.94 19.66 -1.58
N ARG A 433 7.03 19.28 -2.85
CA ARG A 433 6.20 18.23 -3.44
C ARG A 433 7.06 17.27 -4.27
N PRO A 434 8.01 16.60 -3.64
CA PRO A 434 8.78 15.58 -4.34
C PRO A 434 7.88 14.44 -4.81
N PHE A 435 8.31 13.79 -5.89
CA PHE A 435 7.58 12.68 -6.47
C PHE A 435 8.56 11.86 -7.29
N SER A 436 8.60 10.56 -7.05
CA SER A 436 9.32 9.65 -7.94
C SER A 436 8.39 8.51 -8.29
N SER A 437 8.76 7.81 -9.36
CA SER A 437 8.08 6.60 -9.78
C SER A 437 9.16 5.74 -10.41
N GLU A 438 9.33 4.53 -9.90
CA GLU A 438 10.17 3.54 -10.54
C GLU A 438 9.29 2.41 -11.03
N SER A 439 9.40 2.11 -12.31
CA SER A 439 8.69 1.00 -12.92
C SER A 439 9.68 -0.07 -13.31
N HIS A 440 9.39 -1.31 -12.93
CA HIS A 440 10.19 -2.45 -13.34
C HIS A 440 9.37 -3.20 -14.39
N GLN A 441 9.75 -3.02 -15.65
CA GLN A 441 9.13 -3.65 -16.80
C GLN A 441 9.91 -4.89 -17.20
N ALA A 442 9.20 -6.01 -17.34
CA ALA A 442 9.76 -7.21 -17.94
C ALA A 442 8.77 -7.76 -18.93
N ASN A 443 9.29 -8.21 -20.07
CA ASN A 443 8.49 -8.73 -21.17
C ASN A 443 9.17 -10.02 -21.61
N VAL A 444 8.52 -11.14 -21.39
CA VAL A 444 9.18 -12.45 -21.46
C VAL A 444 8.44 -13.29 -22.49
N ASN A 445 8.97 -13.34 -23.72
CA ASN A 445 8.33 -14.01 -24.84
C ASN A 445 9.16 -15.21 -25.24
N GLY A 446 8.50 -16.34 -25.42
CA GLY A 446 9.14 -17.51 -25.98
C GLY A 446 8.26 -18.13 -27.04
N PHE A 447 8.90 -18.74 -28.04
CA PHE A 447 8.17 -19.43 -29.10
C PHE A 447 8.90 -20.71 -29.50
N ALA A 448 8.11 -21.70 -29.88
CA ALA A 448 8.60 -22.95 -30.46
C ALA A 448 8.03 -23.10 -31.85
N GLN A 449 8.85 -23.54 -32.80
CA GLN A 449 8.39 -23.79 -34.16
C GLN A 449 8.69 -25.22 -34.54
N ILE A 450 7.64 -26.03 -34.68
CA ILE A 450 7.75 -27.43 -35.04
C ILE A 450 7.33 -27.57 -36.50
N THR A 451 8.27 -27.99 -37.35
CA THR A 451 7.95 -28.41 -38.72
C THR A 451 8.04 -29.92 -38.80
N PRO A 452 6.91 -30.65 -38.72
CA PRO A 452 6.97 -32.12 -38.64
C PRO A 452 6.87 -32.83 -39.98
N ILE A 453 6.19 -32.22 -40.96
CA ILE A 453 6.14 -32.71 -42.33
C ILE A 453 6.31 -31.51 -43.26
N LYS A 454 6.63 -31.77 -44.52
CA LYS A 454 6.88 -30.67 -45.45
C LYS A 454 5.66 -29.79 -45.58
N GLY A 455 5.86 -28.49 -45.53
CA GLY A 455 4.79 -27.50 -45.57
C GLY A 455 4.18 -27.16 -44.22
N LEU A 456 4.03 -28.16 -43.35
CA LEU A 456 3.38 -27.98 -42.06
C LEU A 456 4.30 -27.26 -41.07
N THR A 457 3.83 -26.14 -40.52
CA THR A 457 4.52 -25.42 -39.46
C THR A 457 3.55 -25.15 -38.33
N LEU A 458 3.91 -25.56 -37.11
CA LEU A 458 3.11 -25.35 -35.91
C LEU A 458 3.89 -24.42 -35.00
N LYS A 459 3.39 -23.20 -34.82
CA LYS A 459 4.08 -22.23 -33.97
C LYS A 459 3.31 -22.04 -32.67
N ALA A 460 3.97 -22.36 -31.56
CA ALA A 460 3.49 -22.01 -30.23
C ALA A 460 4.30 -20.80 -29.76
N GLN A 461 3.60 -19.79 -29.24
CA GLN A 461 4.25 -18.57 -28.78
C GLN A 461 3.54 -18.09 -27.52
N ALA A 462 4.32 -17.64 -26.55
CA ALA A 462 3.73 -17.32 -25.26
C ALA A 462 4.59 -16.24 -24.63
N GLY A 463 3.93 -15.33 -23.93
CA GLY A 463 4.64 -14.22 -23.31
C GLY A 463 3.82 -13.64 -22.18
N VAL A 464 4.52 -13.02 -21.23
CA VAL A 464 3.88 -12.24 -20.19
C VAL A 464 4.66 -10.94 -20.07
N ASP A 465 3.95 -9.83 -20.03
CA ASP A 465 4.52 -8.52 -19.80
C ASP A 465 4.13 -8.11 -18.40
N ILE A 466 5.12 -7.79 -17.57
CA ILE A 466 4.88 -7.48 -16.17
C ILE A 466 5.34 -6.06 -15.90
N THR A 467 4.48 -5.29 -15.26
CA THR A 467 4.81 -3.96 -14.80
C THR A 467 4.59 -3.92 -13.30
N ASN A 468 5.62 -3.51 -12.56
CA ASN A 468 5.50 -3.18 -11.15
C ASN A 468 6.05 -1.78 -10.94
N THR A 469 5.23 -0.90 -10.39
CA THR A 469 5.57 0.50 -10.26
C THR A 469 5.33 0.93 -8.83
N ARG A 470 6.32 1.62 -8.28
CA ARG A 470 6.18 2.27 -7.00
C ARG A 470 6.27 3.77 -7.23
N THR A 471 5.28 4.49 -6.72
CA THR A 471 5.35 5.93 -6.73
C THR A 471 5.34 6.40 -5.29
N SER A 472 5.98 7.54 -5.09
CA SER A 472 6.20 8.09 -3.77
C SER A 472 5.96 9.58 -3.87
N SER A 473 5.20 10.12 -2.92
CA SER A 473 4.82 11.51 -2.99
C SER A 473 4.78 12.07 -1.58
N LYS A 474 5.29 13.29 -1.41
CA LYS A 474 5.38 13.89 -0.08
C LYS A 474 4.85 15.31 -0.10
N ARG A 475 4.26 15.70 1.03
CA ARG A 475 4.00 17.10 1.36
C ARG A 475 4.94 17.45 2.52
N MET A 476 5.98 18.23 2.24
CA MET A 476 7.07 18.44 3.21
C MET A 476 6.59 19.22 4.43
N PRO A 477 6.89 18.76 5.64
CA PRO A 477 6.52 19.54 6.83
C PRO A 477 7.30 20.84 6.89
N ASN A 478 6.80 21.77 7.71
CA ASN A 478 7.49 23.00 8.07
C ASN A 478 7.71 23.93 6.89
N ASN A 479 7.02 23.69 5.79
CA ASN A 479 6.98 24.65 4.72
C ASN A 479 6.26 25.89 5.23
N PRO A 480 6.94 27.03 5.37
CA PRO A 480 6.25 28.26 5.84
C PRO A 480 5.16 28.74 4.92
N TYR A 481 5.18 28.33 3.65
CA TYR A 481 4.23 28.78 2.64
C TYR A 481 3.14 27.75 2.37
N ASP A 482 2.93 26.84 3.31
CA ASP A 482 1.88 25.82 3.25
C ASP A 482 0.78 26.24 4.21
N SER A 483 -0.41 25.67 4.02
CA SER A 483 -1.52 25.98 4.91
C SER A 483 -1.33 25.36 6.30
N THR A 484 -0.41 24.40 6.42
CA THR A 484 -0.18 23.68 7.66
C THR A 484 1.28 23.24 7.66
N PRO A 485 1.91 23.17 8.84
CA PRO A 485 3.28 22.68 8.90
C PRO A 485 3.38 21.17 8.96
N LEU A 486 2.25 20.49 9.15
CA LEU A 486 2.26 19.03 9.20
C LEU A 486 2.49 18.49 7.80
N GLY A 487 3.35 17.51 7.68
CA GLY A 487 3.65 16.95 6.38
C GLY A 487 2.79 15.73 6.08
N GLU A 488 2.82 15.32 4.81
CA GLU A 488 2.03 14.21 4.33
C GLU A 488 2.86 13.36 3.38
N ARG A 489 2.45 12.13 3.20
CA ARG A 489 3.18 11.23 2.34
C ARG A 489 2.20 10.21 1.80
N ARG A 490 2.37 9.83 0.54
CA ARG A 490 1.51 8.83 -0.10
C ARG A 490 2.40 7.87 -0.87
N GLU A 491 2.14 6.57 -0.71
CA GLU A 491 2.90 5.54 -1.40
C GLU A 491 1.94 4.63 -2.15
N ARG A 492 2.34 4.25 -3.36
CA ARG A 492 1.46 3.50 -4.22
C ARG A 492 2.22 2.36 -4.87
N ALA A 493 1.51 1.27 -5.14
CA ALA A 493 2.08 0.11 -5.80
C ALA A 493 1.11 -0.33 -6.87
N TYR A 494 1.59 -0.35 -8.13
CA TYR A 494 0.80 -0.71 -9.30
C TYR A 494 1.36 -2.02 -9.85
N ARG A 495 0.47 -2.87 -10.37
CA ARG A 495 0.87 -4.12 -11.00
C ARG A 495 0.06 -4.40 -12.26
N ASP A 496 0.75 -4.70 -13.35
CA ASP A 496 0.10 -5.12 -14.59
C ASP A 496 0.71 -6.43 -15.05
N VAL A 497 -0.13 -7.45 -15.22
CA VAL A 497 0.29 -8.71 -15.81
C VAL A 497 -0.59 -8.91 -17.02
N SER A 498 0.02 -8.89 -18.20
CA SER A 498 -0.70 -9.15 -19.44
C SER A 498 -0.09 -10.40 -20.07
N LYS A 499 -0.84 -11.50 -20.01
CA LYS A 499 -0.41 -12.78 -20.57
C LYS A 499 -0.97 -12.96 -21.97
N SER A 500 -0.27 -13.74 -22.77
CA SER A 500 -0.70 -13.90 -24.15
C SER A 500 -0.14 -15.20 -24.72
N PHE A 501 -1.03 -16.01 -25.32
CA PHE A 501 -0.63 -17.23 -26.00
C PHE A 501 -1.25 -17.25 -27.39
N THR A 502 -0.43 -17.58 -28.39
CA THR A 502 -0.87 -17.70 -29.77
C THR A 502 -0.34 -19.00 -30.36
N ASN A 503 -1.26 -19.79 -30.91
CA ASN A 503 -0.93 -21.14 -31.37
C ASN A 503 -1.50 -21.33 -32.77
N THR A 504 -0.63 -21.59 -33.74
CA THR A 504 -1.04 -21.60 -35.14
C THR A 504 -0.45 -22.79 -35.86
N ALA A 505 -1.25 -23.36 -36.75
CA ALA A 505 -0.82 -24.43 -37.65
C ALA A 505 -0.97 -23.91 -39.07
N GLU A 506 0.11 -23.95 -39.83
CA GLU A 506 0.11 -23.46 -41.20
C GLU A 506 0.55 -24.59 -42.12
N TYR A 507 -0.25 -24.84 -43.15
CA TYR A 507 0.07 -25.85 -44.14
C TYR A 507 0.12 -25.18 -45.51
N LYS A 508 1.31 -25.19 -46.12
CA LYS A 508 1.52 -24.76 -47.48
C LYS A 508 1.74 -26.00 -48.33
N PHE A 509 1.05 -26.08 -49.46
CA PHE A 509 1.32 -27.17 -50.38
C PHE A 509 1.06 -26.69 -51.80
N SER A 510 1.96 -27.07 -52.71
CA SER A 510 1.79 -26.79 -54.12
C SER A 510 1.07 -27.98 -54.74
N ILE A 511 -0.06 -27.72 -55.39
CA ILE A 511 -0.87 -28.78 -55.97
C ILE A 511 -0.77 -28.84 -57.49
N ASP A 512 -0.02 -27.95 -58.14
CA ASP A 512 -0.01 -28.01 -59.60
C ASP A 512 1.22 -27.54 -60.37
N GLU A 513 2.14 -26.80 -59.72
CA GLU A 513 3.11 -25.90 -60.36
C GLU A 513 2.41 -24.57 -60.59
N LYS A 514 1.15 -24.63 -61.00
CA LYS A 514 0.36 -23.45 -61.27
C LYS A 514 -0.69 -23.18 -60.20
N HIS A 515 -0.63 -23.87 -59.06
CA HIS A 515 -1.63 -23.69 -58.01
C HIS A 515 -0.95 -23.90 -56.66
N ASP A 516 -0.81 -22.81 -55.89
CA ASP A 516 -0.29 -22.88 -54.53
C ASP A 516 -1.40 -22.52 -53.57
N LEU A 517 -1.64 -23.37 -52.59
CA LEU A 517 -2.59 -23.07 -51.54
C LEU A 517 -1.88 -23.04 -50.20
N THR A 518 -2.28 -22.10 -49.34
CA THR A 518 -1.76 -21.99 -48.00
C THR A 518 -2.95 -21.92 -47.05
N ALA A 519 -2.94 -22.77 -46.03
CA ALA A 519 -3.98 -22.77 -45.02
C ALA A 519 -3.33 -22.57 -43.67
N LEU A 520 -4.02 -21.85 -42.79
CA LEU A 520 -3.51 -21.53 -41.47
C LEU A 520 -4.69 -21.50 -40.50
N MET A 521 -4.70 -22.44 -39.55
CA MET A 521 -5.58 -22.37 -38.39
C MET A 521 -4.80 -21.82 -37.20
N GLY A 522 -5.49 -21.06 -36.34
CA GLY A 522 -4.83 -20.39 -35.24
C GLY A 522 -5.73 -20.29 -34.02
N HIS A 523 -5.10 -20.36 -32.85
CA HIS A 523 -5.75 -20.13 -31.56
C HIS A 523 -4.97 -19.08 -30.79
N GLU A 524 -5.68 -18.29 -29.98
CA GLU A 524 -5.08 -17.16 -29.29
C GLU A 524 -5.86 -16.83 -28.02
N TYR A 525 -5.14 -16.71 -26.89
CA TYR A 525 -5.71 -16.28 -25.62
C TYR A 525 -4.85 -15.17 -25.01
N ILE A 526 -5.46 -14.03 -24.74
CA ILE A 526 -4.81 -12.92 -24.08
C ILE A 526 -5.66 -12.58 -22.86
N GLU A 527 -4.99 -12.33 -21.74
CA GLU A 527 -5.67 -11.95 -20.51
C GLU A 527 -4.82 -10.92 -19.80
N TYR A 528 -5.48 -10.11 -18.97
CA TYR A 528 -4.85 -9.01 -18.26
C TYR A 528 -5.43 -8.96 -16.85
N GLU A 529 -4.56 -8.92 -15.86
CA GLU A 529 -4.93 -8.54 -14.51
C GLU A 529 -4.11 -7.30 -14.17
N GLY A 530 -4.73 -6.35 -13.48
CA GLY A 530 -4.02 -5.17 -13.04
C GLY A 530 -4.64 -4.63 -11.78
N ASP A 531 -3.79 -4.07 -10.91
CA ASP A 531 -4.33 -3.41 -9.73
C ASP A 531 -3.45 -2.24 -9.33
N VAL A 532 -3.94 -1.49 -8.35
CA VAL A 532 -3.13 -0.48 -7.68
C VAL A 532 -3.60 -0.45 -6.24
N ILE A 533 -2.67 -0.22 -5.32
CA ILE A 533 -2.96 0.05 -3.92
C ILE A 533 -2.14 1.25 -3.50
N GLY A 534 -2.66 1.95 -2.51
CA GLY A 534 -2.00 3.16 -2.10
C GLY A 534 -2.34 3.44 -0.67
N ALA A 535 -1.36 3.86 0.11
CA ALA A 535 -1.59 4.34 1.46
C ALA A 535 -0.99 5.73 1.61
N SER A 536 -1.50 6.44 2.60
CA SER A 536 -1.07 7.80 2.83
C SER A 536 -1.20 8.13 4.30
N SER A 537 -0.34 9.03 4.75
CA SER A 537 -0.23 9.36 6.15
C SER A 537 -0.04 10.85 6.20
N LYS A 538 -0.44 11.45 7.31
CA LYS A 538 -0.15 12.86 7.41
C LYS A 538 0.12 13.24 8.87
N GLY A 539 0.51 14.51 9.04
CA GLY A 539 0.78 15.04 10.34
C GLY A 539 2.19 14.83 10.82
N PHE A 540 3.11 14.50 9.91
CA PHE A 540 4.53 14.46 10.23
C PHE A 540 5.00 15.83 10.67
N GLU A 541 5.89 15.89 11.67
CA GLU A 541 6.45 17.15 12.11
C GLU A 541 7.94 17.24 11.81
N SER A 542 8.48 16.30 11.07
CA SER A 542 9.90 16.37 10.78
C SER A 542 10.23 15.59 9.51
N ASP A 543 11.10 16.21 8.72
CA ASP A 543 11.71 15.69 7.51
C ASP A 543 12.23 14.26 7.63
N LYS A 544 12.82 13.93 8.79
CA LYS A 544 13.57 12.70 9.00
C LYS A 544 12.71 11.57 9.52
N LEU A 545 11.47 11.86 9.90
CA LEU A 545 10.56 10.88 10.49
C LEU A 545 9.26 10.87 9.65
N MET A 546 9.35 10.27 8.46
CA MET A 546 8.26 10.33 7.49
C MET A 546 7.88 8.95 6.94
N LEU A 547 8.10 7.89 7.71
CA LEU A 547 7.53 6.59 7.34
C LEU A 547 6.00 6.65 7.50
N LEU A 548 5.29 5.95 6.62
CA LEU A 548 3.83 5.95 6.70
C LEU A 548 3.37 5.54 8.09
N SER A 549 4.08 4.60 8.72
CA SER A 549 3.72 4.12 10.05
C SER A 549 3.80 5.20 11.10
N GLN A 550 4.33 6.37 10.77
CA GLN A 550 4.64 7.38 11.77
C GLN A 550 3.71 8.56 11.70
N GLY A 551 2.60 8.42 10.98
CA GLY A 551 1.62 9.49 10.93
C GLY A 551 0.84 9.65 12.23
N LYS A 552 0.18 10.80 12.33
CA LYS A 552 -0.79 10.99 13.39
C LYS A 552 -1.95 10.06 13.15
N THR A 553 -2.61 9.65 14.23
CA THR A 553 -3.74 8.75 14.07
C THR A 553 -5.03 9.53 14.17
N GLY A 554 -6.10 8.89 14.65
CA GLY A 554 -7.39 9.55 14.82
C GLY A 554 -7.84 10.24 13.55
N ASN A 555 -8.27 11.48 13.71
CA ASN A 555 -8.80 12.28 12.60
C ASN A 555 -7.81 12.50 11.47
N SER A 556 -6.54 12.14 11.63
CA SER A 556 -5.56 12.27 10.57
C SER A 556 -5.46 11.01 9.71
N LEU A 557 -6.27 9.99 9.96
CA LEU A 557 -6.14 8.77 9.19
C LEU A 557 -7.00 8.84 7.93
N SER A 558 -6.93 7.79 7.12
CA SER A 558 -7.64 7.82 5.85
C SER A 558 -7.70 6.41 5.28
N LEU A 559 -8.69 6.14 4.45
CA LEU A 559 -8.78 4.83 3.85
C LEU A 559 -7.67 4.67 2.83
N PRO A 560 -7.20 3.46 2.60
CA PRO A 560 -6.22 3.26 1.52
C PRO A 560 -6.89 3.41 0.16
N GLU A 561 -6.06 3.37 -0.88
CA GLU A 561 -6.52 3.34 -2.26
C GLU A 561 -6.45 1.90 -2.78
N HIS A 562 -7.41 1.53 -3.62
CA HIS A 562 -7.48 0.18 -4.12
C HIS A 562 -8.35 0.08 -5.37
N ARG A 563 -7.73 -0.24 -6.50
CA ARG A 563 -8.46 -0.51 -7.73
C ARG A 563 -7.94 -1.80 -8.32
N VAL A 564 -8.82 -2.50 -9.03
CA VAL A 564 -8.51 -3.78 -9.66
C VAL A 564 -9.19 -3.77 -11.02
N ALA A 565 -8.51 -4.30 -12.02
CA ALA A 565 -9.05 -4.39 -13.36
C ALA A 565 -8.63 -5.71 -13.99
N GLU A 566 -9.55 -6.36 -14.71
CA GLU A 566 -9.14 -7.48 -15.54
C GLU A 566 -10.02 -7.60 -16.76
N TYR A 567 -9.43 -8.22 -17.79
CA TYR A 567 -10.15 -8.56 -18.99
C TYR A 567 -9.46 -9.76 -19.60
N ALA A 568 -10.15 -10.39 -20.55
CA ALA A 568 -9.54 -11.47 -21.31
C ALA A 568 -10.21 -11.55 -22.68
N TYR A 569 -9.52 -12.20 -23.59
CA TYR A 569 -10.03 -12.46 -24.94
C TYR A 569 -9.69 -13.89 -25.28
N LEU A 570 -10.59 -14.53 -26.03
CA LEU A 570 -10.36 -15.86 -26.60
C LEU A 570 -10.66 -15.80 -28.08
N SER A 571 -9.77 -16.37 -28.89
CA SER A 571 -9.83 -16.20 -30.33
C SER A 571 -9.56 -17.50 -31.05
N PHE A 572 -10.30 -17.74 -32.12
CA PHE A 572 -10.01 -18.82 -33.06
C PHE A 572 -10.07 -18.23 -34.44
N PHE A 573 -9.02 -18.44 -35.24
CA PHE A 573 -8.94 -17.73 -36.51
C PHE A 573 -8.34 -18.61 -37.59
N SER A 574 -8.58 -18.20 -38.82
CA SER A 574 -8.10 -18.90 -39.99
C SER A 574 -7.74 -17.90 -41.09
N ARG A 575 -6.81 -18.33 -41.93
CA ARG A 575 -6.42 -17.51 -43.06
C ARG A 575 -5.96 -18.44 -44.17
N PHE A 576 -6.46 -18.21 -45.38
CA PHE A 576 -6.20 -19.07 -46.53
C PHE A 576 -5.68 -18.22 -47.68
N ASN A 577 -4.69 -18.77 -48.40
CA ASN A 577 -3.99 -18.05 -49.46
C ASN A 577 -3.88 -18.94 -50.68
N TYR A 578 -4.53 -18.55 -51.76
CA TYR A 578 -4.52 -19.28 -53.03
C TYR A 578 -3.74 -18.50 -54.07
N GLY A 579 -3.08 -19.22 -54.99
CA GLY A 579 -2.25 -18.56 -55.97
C GLY A 579 -2.14 -19.26 -57.31
N PHE A 580 -3.06 -18.95 -58.23
CA PHE A 580 -3.06 -19.58 -59.55
C PHE A 580 -2.04 -18.90 -60.47
N ASP A 581 -1.29 -19.73 -61.20
CA ASP A 581 -0.13 -19.27 -61.95
C ASP A 581 0.70 -18.46 -60.96
N LYS A 582 1.17 -17.28 -61.32
CA LYS A 582 1.76 -16.37 -60.34
C LYS A 582 1.31 -14.94 -60.61
N TRP A 583 0.01 -14.76 -60.91
CA TRP A 583 -0.57 -13.44 -61.06
C TRP A 583 -1.89 -13.23 -60.32
N MET A 584 -2.72 -14.26 -60.13
CA MET A 584 -3.99 -14.13 -59.44
C MET A 584 -3.91 -14.77 -58.06
N TYR A 585 -4.05 -13.95 -57.01
CA TYR A 585 -4.02 -14.43 -55.63
C TYR A 585 -5.32 -14.07 -54.94
N ILE A 586 -5.83 -15.01 -54.12
CA ILE A 586 -7.01 -14.77 -53.31
C ILE A 586 -6.71 -15.14 -51.86
N ASP A 587 -7.05 -14.23 -50.95
CA ASP A 587 -6.99 -14.45 -49.51
C ASP A 587 -8.42 -14.54 -48.98
N PHE A 588 -8.58 -15.32 -47.93
CA PHE A 588 -9.88 -15.53 -47.33
C PHE A 588 -9.63 -15.81 -45.85
N SER A 589 -10.37 -15.13 -44.98
CA SER A 589 -10.17 -15.24 -43.54
C SER A 589 -11.53 -15.36 -42.86
N VAL A 590 -11.62 -16.26 -41.88
CA VAL A 590 -12.74 -16.26 -40.93
C VAL A 590 -12.16 -16.46 -39.54
N ARG A 591 -12.82 -15.86 -38.55
CA ARG A 591 -12.31 -15.88 -37.18
C ARG A 591 -13.48 -15.66 -36.24
N ASN A 592 -13.28 -16.08 -34.99
CA ASN A 592 -14.29 -15.85 -33.96
C ASN A 592 -13.60 -15.31 -32.72
N ASP A 593 -14.24 -14.32 -32.09
CA ASP A 593 -13.68 -13.59 -30.96
C ASP A 593 -14.71 -13.53 -29.84
N GLN A 594 -14.26 -13.81 -28.62
CA GLN A 594 -15.08 -13.61 -27.43
C GLN A 594 -14.30 -12.73 -26.45
N SER A 595 -15.03 -11.93 -25.67
CA SER A 595 -14.37 -10.97 -24.79
C SER A 595 -15.06 -10.90 -23.44
N SER A 596 -14.25 -10.87 -22.37
CA SER A 596 -14.74 -10.67 -21.02
C SER A 596 -15.60 -9.42 -20.88
N ARG A 597 -15.42 -8.45 -21.80
CA ARG A 597 -16.05 -7.13 -21.72
C ARG A 597 -17.53 -7.15 -22.09
N PHE A 598 -18.05 -8.30 -22.54
CA PHE A 598 -19.47 -8.50 -22.76
C PHE A 598 -19.94 -9.72 -21.98
N GLY A 599 -21.23 -9.73 -21.60
CA GLY A 599 -21.78 -10.86 -20.88
C GLY A 599 -21.81 -12.16 -21.69
N SER A 600 -22.08 -13.27 -20.98
CA SER A 600 -22.01 -14.62 -21.56
C SER A 600 -22.77 -14.73 -22.87
N ASN A 601 -24.03 -14.29 -22.88
CA ASN A 601 -24.87 -14.51 -24.05
C ASN A 601 -24.60 -13.51 -25.17
N ASN A 602 -23.57 -12.66 -25.05
CA ASN A 602 -23.24 -11.73 -26.13
C ASN A 602 -21.74 -11.60 -26.40
N ARG A 603 -20.89 -12.42 -25.76
CA ARG A 603 -19.44 -12.30 -25.88
C ARG A 603 -18.93 -12.50 -27.29
N SER A 604 -19.63 -13.28 -28.11
CA SER A 604 -19.05 -13.91 -29.29
C SER A 604 -19.43 -13.19 -30.58
N ALA A 605 -18.51 -13.27 -31.54
CA ALA A 605 -18.60 -12.49 -32.76
C ALA A 605 -17.73 -13.14 -33.83
N TRP A 606 -18.31 -13.38 -35.00
CA TRP A 606 -17.59 -13.97 -36.11
C TRP A 606 -17.23 -12.88 -37.10
N PHE A 607 -16.03 -12.98 -37.66
CA PHE A 607 -15.56 -12.01 -38.62
C PHE A 607 -14.88 -12.73 -39.77
N TYR A 608 -14.87 -12.06 -40.91
CA TYR A 608 -14.31 -12.66 -42.11
C TYR A 608 -13.72 -11.57 -42.97
N SER A 609 -12.91 -11.99 -43.92
CA SER A 609 -12.35 -11.11 -44.93
C SER A 609 -12.17 -11.91 -46.20
N VAL A 610 -12.27 -11.22 -47.32
CA VAL A 610 -11.98 -11.82 -48.60
C VAL A 610 -11.14 -10.82 -49.37
N GLY A 611 -10.00 -11.28 -49.89
CA GLY A 611 -9.06 -10.39 -50.53
C GLY A 611 -8.62 -10.94 -51.88
N GLY A 612 -8.18 -10.03 -52.74
CA GLY A 612 -7.67 -10.38 -54.04
C GLY A 612 -6.54 -9.48 -54.47
N MET A 613 -5.48 -10.06 -55.02
CA MET A 613 -4.39 -9.30 -55.65
C MET A 613 -4.19 -9.86 -57.05
N PHE A 614 -4.35 -9.01 -58.05
CA PHE A 614 -4.23 -9.39 -59.46
C PHE A 614 -3.03 -8.68 -60.06
N ASP A 615 -2.07 -9.45 -60.55
CA ASP A 615 -0.80 -8.88 -61.00
C ASP A 615 -0.89 -8.53 -62.47
N ILE A 616 -1.18 -7.26 -62.75
CA ILE A 616 -1.45 -6.86 -64.12
C ILE A 616 -0.18 -6.78 -64.95
N TYR A 617 0.97 -6.46 -64.33
CA TYR A 617 2.19 -6.31 -65.12
C TYR A 617 2.70 -7.66 -65.64
N ASN A 618 2.75 -8.67 -64.76
CA ASN A 618 3.27 -9.96 -65.18
C ASN A 618 2.32 -10.68 -66.13
N LYS A 619 1.02 -10.50 -65.94
CA LYS A 619 0.04 -11.22 -66.72
C LYS A 619 -0.03 -10.67 -68.14
N PHE A 620 -0.31 -9.39 -68.28
CA PHE A 620 -0.66 -8.78 -69.57
C PHE A 620 0.42 -7.87 -70.13
N ILE A 621 0.81 -6.82 -69.39
CA ILE A 621 1.87 -5.93 -69.85
C ILE A 621 3.14 -6.71 -70.17
N GLN A 622 3.46 -7.71 -69.34
CA GLN A 622 4.60 -8.61 -69.52
C GLN A 622 5.93 -7.86 -69.53
N GLU A 623 6.14 -6.95 -70.48
CA GLU A 623 7.43 -6.29 -70.65
C GLU A 623 7.24 -4.85 -71.12
N SER A 624 8.05 -3.95 -70.56
CA SER A 624 8.01 -2.54 -70.93
C SER A 624 9.27 -1.85 -70.43
N ASN A 625 9.74 -0.86 -71.21
CA ASN A 625 10.94 -0.10 -70.84
C ASN A 625 10.70 0.71 -69.56
N TRP A 626 9.68 1.57 -69.58
CA TRP A 626 9.47 2.47 -68.45
C TRP A 626 8.84 1.74 -67.26
N LEU A 627 7.66 1.15 -67.44
CA LEU A 627 6.91 0.60 -66.32
C LEU A 627 7.46 -0.76 -65.91
N SER A 628 7.60 -0.97 -64.61
CA SER A 628 8.33 -2.11 -64.06
C SER A 628 7.54 -2.92 -63.06
N ASP A 629 6.40 -2.44 -62.56
CA ASP A 629 5.48 -3.29 -61.82
C ASP A 629 4.13 -2.59 -61.72
N LEU A 630 3.06 -3.38 -61.83
CA LEU A 630 1.71 -2.90 -61.59
C LEU A 630 0.95 -4.01 -60.90
N ARG A 631 0.26 -3.66 -59.81
CA ARG A 631 -0.59 -4.60 -59.10
C ARG A 631 -1.91 -3.94 -58.74
N LEU A 632 -2.96 -4.74 -58.78
CA LEU A 632 -4.32 -4.35 -58.44
C LEU A 632 -4.78 -5.23 -57.29
N LYS A 633 -5.39 -4.62 -56.27
CA LYS A 633 -5.74 -5.36 -55.07
C LYS A 633 -7.03 -4.82 -54.50
N MET A 634 -7.93 -5.71 -54.09
CA MET A 634 -9.09 -5.28 -53.33
C MET A 634 -9.41 -6.28 -52.23
N SER A 635 -9.99 -5.76 -51.15
CA SER A 635 -10.33 -6.51 -49.96
C SER A 635 -11.75 -6.16 -49.54
N TYR A 636 -12.44 -7.13 -48.96
CA TYR A 636 -13.62 -6.83 -48.18
C TYR A 636 -13.63 -7.73 -46.97
N GLY A 637 -14.02 -7.17 -45.83
CA GLY A 637 -13.98 -7.96 -44.63
C GLY A 637 -14.59 -7.23 -43.46
N THR A 638 -14.84 -8.00 -42.41
CA THR A 638 -15.40 -7.49 -41.16
C THR A 638 -14.38 -7.65 -40.05
N THR A 639 -14.45 -6.72 -39.09
CA THR A 639 -13.52 -6.66 -37.98
C THR A 639 -14.28 -6.18 -36.76
N GLY A 640 -13.86 -6.64 -35.60
CA GLY A 640 -14.48 -6.21 -34.37
C GLY A 640 -13.70 -5.09 -33.70
N ASN A 641 -14.41 -4.37 -32.83
CA ASN A 641 -13.83 -3.38 -31.96
C ASN A 641 -14.48 -3.54 -30.61
N SER A 642 -13.65 -3.60 -29.55
CA SER A 642 -14.17 -3.80 -28.20
C SER A 642 -13.37 -3.01 -27.18
N GLU A 643 -12.58 -2.04 -27.63
CA GLU A 643 -11.79 -1.22 -26.73
C GLU A 643 -12.74 -0.32 -25.95
N ILE A 644 -13.34 -0.88 -24.92
CA ILE A 644 -14.10 -0.12 -23.95
C ILE A 644 -13.68 -0.55 -22.55
N GLY A 645 -14.35 0.00 -21.54
CA GLY A 645 -14.12 -0.42 -20.17
C GLY A 645 -14.32 -1.91 -20.00
N ASN A 646 -13.96 -2.39 -18.80
CA ASN A 646 -13.92 -3.82 -18.52
C ASN A 646 -15.25 -4.37 -18.01
N TYR A 647 -16.13 -3.53 -17.49
CA TYR A 647 -17.30 -3.96 -16.75
C TYR A 647 -18.50 -3.06 -17.07
N ASN A 648 -18.81 -2.92 -18.34
CA ASN A 648 -19.79 -1.92 -18.76
C ASN A 648 -21.18 -2.47 -19.01
N HIS A 649 -21.40 -3.78 -18.84
CA HIS A 649 -22.72 -4.36 -19.03
C HIS A 649 -23.43 -4.71 -17.74
N GLN A 650 -22.70 -4.94 -16.66
CA GLN A 650 -23.31 -5.33 -15.40
C GLN A 650 -24.09 -4.17 -14.79
N ALA A 651 -25.21 -4.49 -14.14
CA ALA A 651 -25.97 -3.50 -13.36
C ALA A 651 -25.55 -3.62 -11.90
N LEU A 652 -24.94 -2.56 -11.36
CA LEU A 652 -24.11 -2.71 -10.18
C LEU A 652 -24.54 -1.85 -9.02
N VAL A 653 -24.18 -2.32 -7.82
CA VAL A 653 -24.25 -1.53 -6.60
C VAL A 653 -22.84 -1.49 -6.03
N THR A 654 -22.62 -0.50 -5.17
CA THR A 654 -21.29 -0.31 -4.61
C THR A 654 -21.43 0.28 -3.22
N VAL A 655 -20.31 0.28 -2.50
CA VAL A 655 -20.31 0.76 -1.13
C VAL A 655 -20.45 2.28 -1.15
N ASN A 656 -21.28 2.78 -0.25
CA ASN A 656 -21.54 4.19 -0.09
C ASN A 656 -21.96 4.40 1.35
N ASN A 657 -20.97 4.47 2.23
CA ASN A 657 -21.27 4.40 3.64
C ASN A 657 -21.77 5.74 4.17
N TYR A 658 -22.93 5.69 4.84
CA TYR A 658 -23.49 6.85 5.53
C TYR A 658 -22.79 7.10 6.86
N THR A 659 -22.92 6.18 7.82
CA THR A 659 -22.25 6.30 9.11
C THR A 659 -20.97 5.48 9.10
N GLU A 660 -20.32 5.41 10.25
CA GLU A 660 -19.13 4.59 10.41
C GLU A 660 -19.43 3.24 11.07
N ASP A 661 -20.68 2.98 11.40
CA ASP A 661 -21.05 1.79 12.15
C ASP A 661 -21.83 0.76 11.34
N ALA A 662 -21.99 0.99 10.03
CA ALA A 662 -22.84 0.14 9.21
C ALA A 662 -22.52 0.41 7.75
N MET A 663 -22.79 -0.56 6.89
CA MET A 663 -22.50 -0.39 5.47
C MET A 663 -23.70 0.22 4.75
N GLY A 664 -23.39 0.98 3.69
CA GLY A 664 -24.42 1.59 2.85
C GLY A 664 -24.18 1.25 1.40
N LEU A 665 -25.27 0.98 0.69
CA LEU A 665 -25.22 0.61 -0.72
C LEU A 665 -25.89 1.67 -1.59
N SER A 666 -25.30 1.93 -2.75
CA SER A 666 -25.91 2.81 -3.75
C SER A 666 -25.77 2.18 -5.12
N ILE A 667 -26.76 2.43 -5.97
CA ILE A 667 -26.72 1.92 -7.32
C ILE A 667 -25.56 2.59 -8.02
N SER A 668 -24.64 1.80 -8.57
CA SER A 668 -23.53 2.48 -9.25
C SER A 668 -23.69 2.53 -10.76
N THR A 669 -24.14 1.47 -11.43
CA THR A 669 -24.25 1.60 -12.87
C THR A 669 -25.67 1.27 -13.32
N ALA A 670 -26.02 1.85 -14.46
CA ALA A 670 -27.30 1.56 -15.08
C ALA A 670 -27.31 0.15 -15.67
N GLY A 671 -26.28 -0.20 -16.43
CA GLY A 671 -26.16 -1.51 -17.04
C GLY A 671 -26.75 -1.58 -18.45
N ASN A 672 -26.38 -2.65 -19.16
CA ASN A 672 -26.85 -2.96 -20.50
C ASN A 672 -26.58 -4.42 -20.85
N PRO A 673 -27.53 -5.32 -20.57
CA PRO A 673 -27.26 -6.76 -20.74
C PRO A 673 -26.88 -7.16 -22.16
N ASP A 674 -27.28 -6.40 -23.18
CA ASP A 674 -27.01 -6.80 -24.55
C ASP A 674 -25.77 -6.13 -25.14
N LEU A 675 -24.94 -5.47 -24.32
CA LEU A 675 -23.66 -4.99 -24.79
C LEU A 675 -22.91 -6.07 -25.54
N SER A 676 -22.46 -5.74 -26.75
CA SER A 676 -21.68 -6.69 -27.54
C SER A 676 -20.65 -5.91 -28.36
N TRP A 677 -19.92 -6.65 -29.21
CA TRP A 677 -18.93 -6.05 -30.09
C TRP A 677 -19.54 -4.93 -30.93
N GLU A 678 -18.73 -3.89 -31.16
CA GLU A 678 -18.94 -2.98 -32.27
C GLU A 678 -18.38 -3.63 -33.53
N LYS A 679 -19.17 -3.68 -34.59
CA LYS A 679 -18.79 -4.44 -35.77
C LYS A 679 -18.52 -3.50 -36.93
N GLN A 680 -17.35 -3.66 -37.53
CA GLN A 680 -16.90 -2.82 -38.61
C GLN A 680 -16.70 -3.67 -39.85
N SER A 681 -16.93 -3.06 -41.00
CA SER A 681 -16.56 -3.64 -42.27
C SER A 681 -15.69 -2.65 -43.01
N GLN A 682 -14.88 -3.14 -43.94
CA GLN A 682 -14.01 -2.25 -44.72
C GLN A 682 -13.82 -2.84 -46.11
N PHE A 683 -14.33 -2.13 -47.11
CA PHE A 683 -14.01 -2.41 -48.50
C PHE A 683 -12.82 -1.56 -48.90
N ASN A 684 -11.84 -2.17 -49.55
CA ASN A 684 -10.62 -1.47 -49.90
C ASN A 684 -10.21 -1.88 -51.30
N PHE A 685 -9.93 -0.89 -52.15
CA PHE A 685 -9.55 -1.12 -53.54
C PHE A 685 -8.26 -0.35 -53.81
N GLY A 686 -7.20 -1.07 -54.21
CA GLY A 686 -5.88 -0.47 -54.27
C GLY A 686 -5.17 -0.71 -55.59
N LEU A 687 -4.13 0.10 -55.80
CA LEU A 687 -3.33 0.00 -57.01
C LEU A 687 -1.89 0.36 -56.67
N ALA A 688 -1.00 -0.64 -56.69
CA ALA A 688 0.43 -0.40 -56.60
C ALA A 688 1.01 -0.28 -58.01
N ALA A 689 2.18 0.35 -58.10
CA ALA A 689 2.89 0.46 -59.37
C ALA A 689 4.31 0.99 -59.12
N GLY A 690 5.16 0.81 -60.13
CA GLY A 690 6.51 1.34 -60.13
C GLY A 690 7.02 1.46 -61.55
N ALA A 691 7.88 2.44 -61.79
CA ALA A 691 8.35 2.74 -63.15
C ALA A 691 9.86 2.97 -63.15
N PHE A 692 10.42 2.96 -64.35
CA PHE A 692 11.84 3.20 -64.61
C PHE A 692 12.71 2.29 -63.74
N ASN A 693 12.92 1.05 -64.18
CA ASN A 693 13.32 -0.01 -63.28
C ASN A 693 12.44 0.13 -62.07
N ASN A 694 12.95 -0.05 -60.86
CA ASN A 694 12.02 0.27 -59.79
C ASN A 694 12.47 1.54 -59.09
N ARG A 695 12.69 2.60 -59.86
CA ARG A 695 13.18 3.85 -59.31
C ARG A 695 12.06 4.85 -59.01
N LEU A 696 10.79 4.43 -59.05
CA LEU A 696 9.70 5.34 -58.70
C LEU A 696 8.43 4.54 -58.40
N SER A 697 8.17 4.30 -57.12
CA SER A 697 6.99 3.58 -56.67
C SER A 697 5.83 4.54 -56.41
N ALA A 698 4.62 4.02 -56.58
CA ALA A 698 3.43 4.73 -56.13
C ALA A 698 2.40 3.69 -55.69
N GLU A 699 1.47 4.15 -54.86
CA GLU A 699 0.37 3.31 -54.43
C GLU A 699 -0.82 4.18 -54.06
N VAL A 700 -1.95 3.93 -54.71
CA VAL A 700 -3.24 4.52 -54.35
C VAL A 700 -4.12 3.44 -53.76
N ASP A 701 -4.89 3.80 -52.73
CA ASP A 701 -5.82 2.88 -52.09
C ASP A 701 -7.09 3.63 -51.78
N PHE A 702 -8.19 3.26 -52.44
CA PHE A 702 -9.50 3.80 -52.12
C PHE A 702 -10.20 2.82 -51.19
N TYR A 703 -10.72 3.33 -50.08
CA TYR A 703 -11.42 2.49 -49.13
C TYR A 703 -12.75 3.11 -48.73
N VAL A 704 -13.62 2.26 -48.20
CA VAL A 704 -14.85 2.71 -47.53
C VAL A 704 -15.06 1.80 -46.34
N ARG A 705 -15.18 2.41 -45.17
CA ARG A 705 -15.16 1.72 -43.89
C ARG A 705 -16.43 2.07 -43.15
N THR A 706 -17.14 1.06 -42.66
CA THR A 706 -18.45 1.24 -42.06
C THR A 706 -18.45 0.64 -40.67
N THR A 707 -18.99 1.38 -39.71
CA THR A 707 -19.14 0.90 -38.34
C THR A 707 -20.61 0.74 -37.99
N ASN A 708 -20.97 -0.44 -37.49
CA ASN A 708 -22.32 -0.78 -37.08
C ASN A 708 -22.29 -1.44 -35.71
N ASP A 709 -23.47 -1.54 -35.08
CA ASP A 709 -23.56 -1.90 -33.66
C ASP A 709 -22.65 -0.98 -32.83
N MET A 710 -22.64 0.30 -33.21
CA MET A 710 -21.63 1.24 -32.76
C MET A 710 -21.60 1.36 -31.24
N LEU A 711 -20.41 1.17 -30.66
CA LEU A 711 -20.25 1.29 -29.21
C LEU A 711 -20.22 2.76 -28.86
N ILE A 712 -21.37 3.30 -28.48
CA ILE A 712 -21.44 4.69 -28.05
C ILE A 712 -21.55 4.69 -26.54
N ASP A 713 -20.68 5.47 -25.89
CA ASP A 713 -20.82 5.75 -24.47
C ASP A 713 -21.95 6.77 -24.38
N VAL A 714 -23.18 6.24 -24.37
CA VAL A 714 -24.35 7.08 -24.63
C VAL A 714 -24.50 8.09 -23.49
N PRO A 715 -24.62 9.39 -23.81
CA PRO A 715 -24.84 10.39 -22.75
C PRO A 715 -26.21 10.23 -22.13
N MET A 716 -26.25 10.14 -20.85
CA MET A 716 -27.64 9.96 -20.42
C MET A 716 -28.25 11.28 -19.97
N PRO A 717 -29.55 11.47 -20.18
CA PRO A 717 -30.24 12.59 -19.52
C PRO A 717 -30.08 12.50 -18.02
N TYR A 718 -29.84 13.65 -17.39
CA TYR A 718 -29.54 13.68 -15.97
C TYR A 718 -30.73 13.29 -15.10
N ILE A 719 -31.95 13.26 -15.65
CA ILE A 719 -33.05 12.68 -14.90
C ILE A 719 -32.79 11.22 -14.58
N SER A 720 -31.91 10.56 -15.36
CA SER A 720 -31.55 9.17 -15.15
C SER A 720 -30.67 8.97 -13.92
N GLY A 721 -29.95 10.01 -13.47
CA GLY A 721 -29.07 9.87 -12.33
C GLY A 721 -27.79 9.14 -12.64
N PHE A 722 -27.44 9.06 -13.92
CA PHE A 722 -26.20 8.46 -14.40
C PHE A 722 -25.58 9.40 -15.42
N PHE A 723 -24.26 9.30 -15.58
CA PHE A 723 -23.54 10.15 -16.53
C PHE A 723 -23.63 9.58 -17.93
N SER A 724 -23.42 8.28 -18.05
CA SER A 724 -23.31 7.65 -19.36
C SER A 724 -23.62 6.18 -19.16
N GLN A 725 -23.76 5.47 -20.28
CA GLN A 725 -23.93 4.02 -20.26
C GLN A 725 -23.68 3.53 -21.67
N TYR A 726 -22.72 2.63 -21.82
CA TYR A 726 -22.42 2.10 -23.13
C TYR A 726 -23.62 1.35 -23.72
N GLN A 727 -23.78 1.46 -25.04
CA GLN A 727 -24.85 0.81 -25.79
C GLN A 727 -24.38 0.59 -27.22
N ASN A 728 -24.87 -0.47 -27.84
CA ASN A 728 -24.65 -0.71 -29.27
C ASN A 728 -25.71 0.09 -30.01
N VAL A 729 -25.30 1.22 -30.58
CA VAL A 729 -26.26 2.24 -30.94
C VAL A 729 -25.67 3.16 -32.02
N GLY A 730 -26.47 3.46 -33.05
CA GLY A 730 -26.02 4.36 -34.08
C GLY A 730 -25.03 3.71 -35.04
N SER A 731 -24.50 4.54 -35.93
CA SER A 731 -23.52 4.06 -36.89
C SER A 731 -22.84 5.23 -37.59
N MET A 732 -21.63 4.99 -38.04
CA MET A 732 -20.79 5.94 -38.76
C MET A 732 -20.35 5.32 -40.07
N LYS A 733 -19.40 5.98 -40.71
CA LYS A 733 -18.90 5.64 -42.04
C LYS A 733 -17.68 6.52 -42.30
N ASN A 734 -16.67 5.93 -42.94
CA ASN A 734 -15.42 6.62 -43.22
C ASN A 734 -15.01 6.30 -44.63
N THR A 735 -14.89 7.32 -45.47
CA THR A 735 -14.58 7.13 -46.88
C THR A 735 -13.42 8.05 -47.24
N GLY A 736 -12.42 7.49 -47.90
CA GLY A 736 -11.19 8.23 -48.08
C GLY A 736 -10.26 7.57 -49.08
N VAL A 737 -9.10 8.21 -49.27
CA VAL A 737 -8.12 7.86 -50.28
C VAL A 737 -6.74 7.78 -49.65
N ASP A 738 -5.91 6.84 -50.11
CA ASP A 738 -4.55 6.63 -49.62
C ASP A 738 -3.60 6.78 -50.80
N LEU A 739 -2.78 7.83 -50.80
CA LEU A 739 -1.81 8.04 -51.87
C LEU A 739 -0.40 8.04 -51.29
N SER A 740 0.50 7.31 -51.95
CA SER A 740 1.86 7.14 -51.48
C SER A 740 2.80 7.14 -52.68
N LEU A 741 3.85 7.96 -52.61
CA LEU A 741 4.83 8.11 -53.69
C LEU A 741 6.24 8.06 -53.11
N LYS A 742 7.12 7.35 -53.81
CA LYS A 742 8.53 7.25 -53.44
C LYS A 742 9.34 7.29 -54.72
N GLY A 743 10.56 7.82 -54.65
CA GLY A 743 11.38 7.89 -55.83
C GLY A 743 12.85 8.11 -55.49
N THR A 744 13.66 8.11 -56.54
CA THR A 744 15.07 8.50 -56.44
C THR A 744 15.32 9.57 -57.49
N ILE A 745 15.51 10.80 -57.03
CA ILE A 745 15.40 11.96 -57.90
C ILE A 745 16.67 12.21 -58.70
N TYR A 746 17.86 11.84 -58.21
CA TYR A 746 19.04 11.92 -59.07
C TYR A 746 20.02 10.78 -58.80
N GLN A 747 20.13 9.86 -59.79
CA GLN A 747 21.10 8.76 -59.83
C GLN A 747 22.50 9.29 -59.94
N ASN A 748 23.41 8.82 -59.08
CA ASN A 748 24.81 9.18 -59.27
C ASN A 748 25.73 8.31 -58.43
N LYS A 749 26.99 8.16 -58.89
CA LYS A 749 28.05 7.53 -58.09
C LYS A 749 28.89 8.58 -57.36
N ASP A 750 28.17 9.51 -56.74
CA ASP A 750 28.67 10.62 -55.93
C ASP A 750 27.49 11.21 -55.17
N TRP A 751 26.40 11.49 -55.89
CA TRP A 751 25.19 12.11 -55.38
C TRP A 751 24.06 11.10 -55.24
N ASN A 752 23.05 11.44 -54.43
CA ASN A 752 21.84 10.62 -54.33
C ASN A 752 20.74 11.46 -53.65
N VAL A 753 19.82 11.96 -54.46
CA VAL A 753 18.66 12.72 -53.98
C VAL A 753 17.45 11.79 -54.06
N TYR A 754 16.69 11.70 -52.97
CA TYR A 754 15.53 10.82 -52.87
C TYR A 754 14.40 11.56 -52.20
N ALA A 755 13.17 11.16 -52.54
CA ALA A 755 11.97 11.83 -52.07
C ALA A 755 10.87 10.80 -51.78
N SER A 756 10.10 11.09 -50.75
CA SER A 756 8.98 10.26 -50.36
C SER A 756 7.82 11.19 -50.08
N ALA A 757 6.68 10.91 -50.67
CA ALA A 757 5.47 11.70 -50.49
C ALA A 757 4.40 10.83 -49.87
N ASN A 758 3.34 11.47 -49.39
CA ASN A 758 2.42 10.77 -48.51
C ASN A 758 1.14 11.58 -48.33
N PHE A 759 -0.02 10.96 -48.50
CA PHE A 759 -1.26 11.74 -48.43
C PHE A 759 -2.46 10.83 -48.17
N ASN A 760 -3.42 11.33 -47.40
CA ASN A 760 -4.74 10.72 -47.26
C ASN A 760 -5.78 11.80 -47.07
N TYR A 761 -6.90 11.67 -47.79
CA TYR A 761 -8.12 12.39 -47.48
C TYR A 761 -9.12 11.44 -46.83
N ASN A 762 -9.93 11.95 -45.90
CA ASN A 762 -10.94 11.10 -45.29
C ASN A 762 -12.20 11.88 -44.94
N ARG A 763 -13.35 11.42 -45.45
CA ARG A 763 -14.64 12.03 -45.16
C ARG A 763 -15.40 11.14 -44.19
N GLN A 764 -15.70 11.69 -43.02
CA GLN A 764 -16.49 11.04 -41.98
C GLN A 764 -17.97 11.32 -42.19
N GLU A 765 -18.82 10.38 -41.74
CA GLU A 765 -20.26 10.59 -41.83
C GLU A 765 -20.92 9.72 -40.76
N ILE A 766 -21.28 10.34 -39.64
CA ILE A 766 -22.28 9.74 -38.77
C ILE A 766 -23.48 9.36 -39.62
N THR A 767 -24.07 8.21 -39.35
CA THR A 767 -25.26 7.82 -40.09
C THR A 767 -26.45 7.47 -39.19
N LYS A 768 -26.23 7.29 -37.89
CA LYS A 768 -27.30 6.96 -36.95
C LYS A 768 -26.79 7.26 -35.57
N LEU A 769 -27.68 7.71 -34.69
CA LEU A 769 -27.27 8.11 -33.35
C LEU A 769 -28.04 7.29 -32.33
N PHE A 770 -28.70 7.92 -31.38
CA PHE A 770 -29.37 7.23 -30.30
C PHE A 770 -30.73 7.90 -30.06
N PHE A 771 -31.69 7.13 -29.53
CA PHE A 771 -32.99 7.64 -29.13
C PHE A 771 -33.79 8.19 -30.30
N GLY A 772 -33.49 7.76 -31.52
CA GLY A 772 -34.13 8.39 -32.66
C GLY A 772 -33.63 9.78 -33.00
N LEU A 773 -32.54 10.23 -32.37
CA LEU A 773 -32.05 11.59 -32.60
C LEU A 773 -31.46 11.73 -33.99
N ASN A 774 -31.89 12.78 -34.69
CA ASN A 774 -31.18 13.16 -35.90
C ASN A 774 -29.82 13.81 -35.56
N LYS A 775 -29.71 14.40 -34.37
CA LYS A 775 -28.49 15.13 -34.04
C LYS A 775 -28.36 15.28 -32.53
N TYR A 776 -27.10 15.37 -32.07
CA TYR A 776 -26.80 15.56 -30.65
C TYR A 776 -25.60 16.48 -30.51
N MET A 777 -25.80 17.64 -29.90
CA MET A 777 -24.71 18.55 -29.58
C MET A 777 -24.10 18.13 -28.27
N LEU A 778 -22.82 17.77 -28.29
CA LEU A 778 -22.14 17.40 -27.06
C LEU A 778 -22.04 18.65 -26.19
N PRO A 779 -22.72 18.71 -25.04
CA PRO A 779 -22.81 19.98 -24.30
C PRO A 779 -21.45 20.50 -23.87
N ASN A 780 -21.30 21.81 -23.98
CA ASN A 780 -20.09 22.52 -23.57
C ASN A 780 -18.84 22.03 -24.32
N THR A 781 -19.00 21.58 -25.57
CA THR A 781 -17.85 21.18 -26.37
C THR A 781 -17.64 22.00 -27.62
N GLY A 782 -18.68 22.70 -28.10
CA GLY A 782 -18.66 23.34 -29.40
C GLY A 782 -18.65 22.34 -30.54
N THR A 783 -19.14 21.12 -30.31
CA THR A 783 -19.21 20.06 -31.30
C THR A 783 -20.61 19.45 -31.34
N ILE A 784 -20.92 18.77 -32.45
CA ILE A 784 -22.22 18.14 -32.61
C ILE A 784 -22.07 16.87 -33.42
N TRP A 785 -22.85 15.86 -33.02
CA TRP A 785 -23.15 14.71 -33.84
C TRP A 785 -24.44 15.00 -34.63
N GLU A 786 -24.38 14.92 -35.95
CA GLU A 786 -25.56 15.13 -36.79
C GLU A 786 -25.55 14.17 -37.97
N ILE A 787 -26.67 13.46 -38.17
CA ILE A 787 -26.68 12.25 -38.99
C ILE A 787 -26.20 12.51 -40.42
N GLY A 788 -26.37 13.70 -40.94
CA GLY A 788 -25.86 13.74 -42.30
C GLY A 788 -24.38 14.06 -42.48
N TYR A 789 -23.58 14.12 -41.42
CA TYR A 789 -22.35 14.89 -41.46
C TYR A 789 -21.26 14.25 -40.61
N PRO A 790 -20.01 14.64 -40.83
CA PRO A 790 -18.96 14.32 -39.85
C PRO A 790 -19.19 15.05 -38.54
N ASN A 791 -18.57 14.51 -37.49
CA ASN A 791 -18.42 15.24 -36.23
C ASN A 791 -17.96 16.65 -36.54
N SER A 792 -18.80 17.62 -36.22
CA SER A 792 -18.61 18.99 -36.68
C SER A 792 -18.73 19.97 -35.52
N PHE A 793 -18.24 21.19 -35.76
CA PHE A 793 -18.31 22.21 -34.72
C PHE A 793 -19.70 22.84 -34.67
N TYR A 794 -20.03 23.42 -33.53
CA TYR A 794 -21.39 23.88 -33.28
C TYR A 794 -21.30 25.12 -32.40
N MET A 795 -21.66 26.27 -32.97
CA MET A 795 -21.56 27.54 -32.26
C MET A 795 -22.33 28.60 -33.02
N ALA A 796 -22.55 29.73 -32.36
CA ALA A 796 -23.06 30.89 -33.06
C ALA A 796 -21.98 31.41 -34.01
N GLU A 797 -22.42 32.08 -35.07
CA GLU A 797 -21.51 32.70 -36.04
C GLU A 797 -21.31 34.16 -35.64
N TYR A 798 -20.13 34.46 -35.09
CA TYR A 798 -19.79 35.81 -34.67
C TYR A 798 -19.80 36.74 -35.87
N ALA A 799 -20.49 37.88 -35.74
CA ALA A 799 -20.51 38.86 -36.84
C ALA A 799 -19.45 39.92 -36.59
N GLY A 800 -19.76 40.90 -35.75
CA GLY A 800 -18.73 41.78 -35.24
C GLY A 800 -19.26 42.62 -34.11
N ILE A 801 -19.09 43.92 -34.21
CA ILE A 801 -19.72 44.83 -33.26
C ILE A 801 -20.55 45.86 -34.04
N ASP A 802 -21.67 46.24 -33.46
CA ASP A 802 -22.41 47.41 -33.90
C ASP A 802 -21.65 48.65 -33.43
N LYS A 803 -21.17 49.45 -34.39
CA LYS A 803 -20.27 50.56 -34.08
C LYS A 803 -21.00 51.80 -33.56
N LYS A 804 -22.34 51.75 -33.51
CA LYS A 804 -23.15 52.79 -32.86
C LYS A 804 -23.41 52.49 -31.39
N THR A 805 -23.11 51.25 -30.91
CA THR A 805 -23.19 50.87 -29.51
C THR A 805 -21.91 50.27 -28.95
N GLY A 806 -21.08 49.63 -29.76
CA GLY A 806 -20.01 48.82 -29.24
C GLY A 806 -20.41 47.42 -28.82
N LYS A 807 -21.62 46.98 -29.13
CA LYS A 807 -22.07 45.67 -28.69
C LYS A 807 -21.66 44.60 -29.69
N GLN A 808 -21.46 43.39 -29.17
CA GLN A 808 -21.16 42.26 -30.02
C GLN A 808 -22.39 41.83 -30.81
N LEU A 809 -22.13 41.20 -31.95
CA LEU A 809 -23.18 40.83 -32.89
C LEU A 809 -22.97 39.41 -33.37
N TRP A 810 -24.08 38.70 -33.55
CA TRP A 810 -24.06 37.36 -34.13
C TRP A 810 -25.11 37.28 -35.24
N TYR A 811 -24.83 36.42 -36.21
CA TYR A 811 -25.82 36.17 -37.24
C TYR A 811 -26.90 35.25 -36.70
N VAL A 812 -28.12 35.48 -37.18
CA VAL A 812 -29.26 34.62 -36.87
C VAL A 812 -29.35 33.55 -37.98
N PRO A 813 -29.10 32.28 -37.69
CA PRO A 813 -29.06 31.28 -38.76
C PRO A 813 -30.36 31.24 -39.54
N GLY A 814 -30.22 31.22 -40.85
CA GLY A 814 -31.35 31.25 -41.77
C GLY A 814 -31.81 32.64 -42.17
N GLN A 815 -31.98 33.52 -41.18
CA GLN A 815 -32.69 34.77 -41.39
C GLN A 815 -31.89 35.75 -42.26
N VAL A 816 -32.63 36.48 -43.10
CA VAL A 816 -32.07 37.49 -44.01
C VAL A 816 -33.07 38.64 -44.09
N ASP A 817 -32.56 39.87 -44.20
CA ASP A 817 -33.41 41.05 -44.20
C ASP A 817 -33.92 41.35 -45.61
N ALA A 818 -34.68 42.45 -45.75
CA ALA A 818 -35.23 42.82 -47.04
C ALA A 818 -34.15 43.16 -48.05
N ASP A 819 -32.94 43.48 -47.60
CA ASP A 819 -31.86 43.91 -48.48
C ASP A 819 -31.00 42.78 -49.00
N GLY A 820 -31.04 41.59 -48.37
CA GLY A 820 -30.30 40.45 -48.83
C GLY A 820 -29.14 40.03 -47.93
N ASN A 821 -28.74 40.85 -46.98
CA ASN A 821 -27.67 40.48 -46.06
C ASN A 821 -28.23 39.66 -44.90
N LYS A 822 -27.34 38.91 -44.25
CA LYS A 822 -27.73 38.13 -43.09
C LYS A 822 -28.13 39.04 -41.93
N VAL A 823 -29.06 38.54 -41.10
CA VAL A 823 -29.60 39.29 -39.98
C VAL A 823 -28.68 39.12 -38.79
N THR A 824 -28.46 40.21 -38.07
CA THR A 824 -27.62 40.21 -36.87
C THR A 824 -28.49 40.49 -35.65
N THR A 825 -27.95 40.14 -34.48
CA THR A 825 -28.62 40.47 -33.24
C THR A 825 -27.57 40.80 -32.20
N SER A 826 -27.92 41.69 -31.26
CA SER A 826 -27.09 41.91 -30.10
C SER A 826 -27.44 41.00 -28.92
N GLN A 827 -28.68 40.50 -28.84
CA GLN A 827 -29.06 39.57 -27.78
C GLN A 827 -28.58 38.17 -28.16
N TYR A 828 -27.59 37.66 -27.41
CA TYR A 828 -27.05 36.33 -27.62
C TYR A 828 -27.90 35.28 -26.91
N SER A 829 -28.08 34.13 -27.56
CA SER A 829 -28.71 33.00 -26.88
C SER A 829 -28.23 31.69 -27.49
N ALA A 830 -28.53 30.60 -26.79
CA ALA A 830 -28.24 29.25 -27.27
C ALA A 830 -28.67 29.05 -28.72
N ASP A 831 -29.77 29.69 -29.11
CA ASP A 831 -30.43 29.38 -30.37
C ASP A 831 -29.66 29.88 -31.58
N LEU A 832 -28.69 30.79 -31.40
CA LEU A 832 -27.92 31.23 -32.55
C LEU A 832 -26.90 30.23 -33.01
N GLU A 833 -26.75 29.12 -32.29
CA GLU A 833 -25.71 28.15 -32.60
C GLU A 833 -26.15 27.26 -33.75
N THR A 834 -25.21 26.99 -34.65
CA THR A 834 -25.48 26.33 -35.92
C THR A 834 -24.40 25.28 -36.15
N ARG A 835 -24.70 24.27 -36.96
CA ARG A 835 -23.64 23.38 -37.36
C ARG A 835 -22.70 24.11 -38.30
N ILE A 836 -21.40 23.92 -38.10
CA ILE A 836 -20.36 24.59 -38.86
C ILE A 836 -19.73 23.58 -39.81
N ASP A 837 -19.50 24.00 -41.05
CA ASP A 837 -18.88 23.11 -42.03
C ASP A 837 -17.36 23.01 -41.80
N LYS A 838 -16.97 22.68 -40.58
CA LYS A 838 -15.57 22.45 -40.24
C LYS A 838 -15.55 21.21 -39.36
N SER A 839 -14.72 20.22 -39.73
CA SER A 839 -14.79 18.91 -39.07
C SER A 839 -13.86 18.84 -37.87
N VAL A 840 -14.33 18.18 -36.80
CA VAL A 840 -13.57 18.13 -35.56
C VAL A 840 -12.38 17.18 -35.65
N THR A 841 -12.50 16.11 -36.41
CA THR A 841 -11.33 15.27 -36.73
C THR A 841 -10.74 15.74 -38.05
N PRO A 842 -9.46 16.07 -38.12
CA PRO A 842 -8.91 16.69 -39.34
C PRO A 842 -8.96 15.74 -40.52
N PRO A 843 -9.51 16.19 -41.66
CA PRO A 843 -9.73 15.25 -42.79
C PRO A 843 -8.50 14.95 -43.60
N ILE A 844 -7.46 15.80 -43.55
CA ILE A 844 -6.32 15.68 -44.46
C ILE A 844 -5.05 15.42 -43.66
N THR A 845 -4.36 14.33 -44.01
CA THR A 845 -3.18 13.84 -43.31
C THR A 845 -2.12 13.50 -44.35
N GLY A 846 -0.97 14.15 -44.27
CA GLY A 846 0.12 13.83 -45.17
C GLY A 846 1.49 14.07 -44.56
N GLY A 847 2.50 13.78 -45.38
CA GLY A 847 3.88 14.08 -45.05
C GLY A 847 4.71 13.94 -46.31
N PHE A 848 5.92 14.47 -46.23
CA PHE A 848 6.88 14.23 -47.29
C PHE A 848 8.28 14.27 -46.72
N SER A 849 9.17 13.47 -47.32
CA SER A 849 10.54 13.31 -46.88
C SER A 849 11.47 13.56 -48.07
N LEU A 850 12.44 14.47 -47.89
CA LEU A 850 13.52 14.69 -48.84
C LEU A 850 14.77 14.01 -48.32
N GLY A 851 15.83 14.10 -49.12
CA GLY A 851 17.09 13.54 -48.66
C GLY A 851 18.16 13.53 -49.73
N ALA A 852 19.28 14.15 -49.43
CA ALA A 852 20.46 14.08 -50.27
C ALA A 852 21.60 13.46 -49.48
N SER A 853 22.39 12.63 -50.16
CA SER A 853 23.62 12.11 -49.61
C SER A 853 24.74 12.41 -50.59
N TRP A 854 25.79 13.05 -50.08
CA TRP A 854 26.99 13.28 -50.87
C TRP A 854 27.88 12.04 -50.85
N LYS A 855 29.17 12.23 -50.59
CA LYS A 855 30.04 11.10 -50.29
C LYS A 855 30.22 11.07 -48.78
N GLY A 856 29.23 10.50 -48.08
CA GLY A 856 29.24 10.44 -46.64
C GLY A 856 28.49 11.56 -45.98
N LEU A 857 28.18 12.63 -46.69
CA LEU A 857 27.43 13.74 -46.13
C LEU A 857 25.96 13.59 -46.53
N SER A 858 25.08 13.49 -45.54
CA SER A 858 23.65 13.33 -45.78
C SER A 858 22.87 14.44 -45.07
N LEU A 859 21.79 14.86 -45.71
CA LEU A 859 20.81 15.73 -45.09
C LEU A 859 19.44 15.15 -45.36
N ASP A 860 18.70 14.86 -44.30
CA ASP A 860 17.37 14.28 -44.40
C ASP A 860 16.35 15.15 -43.68
N ALA A 861 15.28 15.48 -44.38
CA ALA A 861 14.19 16.28 -43.85
C ALA A 861 12.92 15.44 -43.89
N ASP A 862 12.23 15.36 -42.77
CA ASP A 862 10.95 14.68 -42.68
C ASP A 862 9.89 15.72 -42.35
N PHE A 863 8.98 15.95 -43.29
CA PHE A 863 7.84 16.82 -43.09
C PHE A 863 6.56 16.02 -42.91
N ALA A 864 5.58 16.69 -42.30
CA ALA A 864 4.27 16.13 -42.02
C ALA A 864 3.29 17.27 -41.92
N TYR A 865 2.03 17.01 -42.28
CA TYR A 865 1.04 18.07 -42.17
C TYR A 865 -0.33 17.51 -41.78
N ILE A 866 -1.14 18.40 -41.22
CA ILE A 866 -2.50 18.14 -40.78
C ILE A 866 -3.33 19.32 -41.27
N VAL A 867 -4.13 19.10 -42.31
CA VAL A 867 -4.92 20.14 -42.97
C VAL A 867 -6.38 19.90 -42.68
N GLY A 868 -7.12 20.98 -42.44
CA GLY A 868 -8.51 20.85 -42.05
C GLY A 868 -8.74 20.78 -40.56
N LYS A 869 -7.70 20.96 -39.74
CA LYS A 869 -7.85 21.03 -38.30
C LYS A 869 -8.34 22.41 -37.88
N TRP A 870 -9.40 22.43 -37.08
CA TRP A 870 -9.86 23.60 -36.37
C TRP A 870 -9.81 23.29 -34.88
N MET A 871 -9.88 24.34 -34.08
CA MET A 871 -9.70 24.22 -32.64
C MET A 871 -10.21 25.48 -32.00
N ILE A 872 -10.95 25.32 -30.91
CA ILE A 872 -11.39 26.49 -30.15
C ILE A 872 -10.22 26.87 -29.24
N ASN A 873 -9.77 28.12 -29.37
CA ASN A 873 -8.68 28.64 -28.56
C ASN A 873 -9.26 29.16 -27.26
N ASN A 874 -9.43 28.26 -26.31
CA ASN A 874 -9.97 28.65 -25.02
C ASN A 874 -9.17 29.76 -24.36
N ASP A 875 -7.84 29.74 -24.54
CA ASP A 875 -6.99 30.79 -23.95
C ASP A 875 -7.49 32.17 -24.35
N ARG A 876 -7.82 32.34 -25.63
CA ARG A 876 -8.28 33.64 -26.09
C ARG A 876 -9.60 34.05 -25.44
N TYR A 877 -10.34 33.12 -24.83
CA TYR A 877 -11.51 33.54 -24.08
C TYR A 877 -11.12 34.35 -22.86
N PHE A 878 -9.90 34.16 -22.37
CA PHE A 878 -9.37 34.95 -21.26
C PHE A 878 -8.60 36.16 -21.77
N THR A 879 -7.69 35.97 -22.72
CA THR A 879 -6.83 37.08 -23.13
C THR A 879 -7.58 38.17 -23.89
N GLU A 880 -8.75 37.88 -24.46
CA GLU A 880 -9.49 38.92 -25.16
C GLU A 880 -10.77 39.31 -24.43
N ASN A 881 -10.91 38.89 -23.18
CA ASN A 881 -12.11 39.18 -22.39
C ASN A 881 -12.04 40.60 -21.83
N GLY A 882 -12.89 41.49 -22.34
CA GLY A 882 -13.03 42.81 -21.78
C GLY A 882 -14.12 43.01 -20.74
N GLY A 883 -14.83 41.94 -20.34
CA GLY A 883 -15.93 42.10 -19.40
C GLY A 883 -15.83 41.24 -18.16
N GLY A 884 -14.70 40.56 -18.00
CA GLY A 884 -14.48 39.76 -16.82
C GLY A 884 -13.05 39.26 -16.85
N LEU A 885 -12.66 38.61 -15.74
CA LEU A 885 -11.28 38.18 -15.52
C LEU A 885 -10.32 39.37 -15.61
N MET A 886 -10.76 40.50 -15.10
CA MET A 886 -10.07 41.75 -15.39
C MET A 886 -8.79 41.90 -14.56
N GLN A 887 -8.45 40.91 -13.74
CA GLN A 887 -7.15 40.86 -13.07
C GLN A 887 -6.09 40.17 -13.90
N LEU A 888 -6.46 39.61 -15.04
CA LEU A 888 -5.50 38.90 -15.88
C LEU A 888 -4.96 39.82 -16.96
N ASN A 889 -3.70 39.60 -17.31
CA ASN A 889 -3.12 40.31 -18.44
C ASN A 889 -3.89 39.95 -19.69
N LYS A 890 -4.09 40.93 -20.56
CA LYS A 890 -4.95 40.83 -21.73
C LYS A 890 -4.19 41.21 -22.99
N ASP A 891 -4.77 40.84 -24.13
CA ASP A 891 -4.24 41.24 -25.43
C ASP A 891 -4.31 42.76 -25.61
N LYS A 892 -3.23 43.34 -26.18
CA LYS A 892 -3.17 44.78 -26.43
C LYS A 892 -4.41 45.30 -27.17
N MET A 893 -5.14 44.43 -27.87
CA MET A 893 -6.31 44.89 -28.62
C MET A 893 -7.34 45.56 -27.72
N LEU A 894 -7.44 45.14 -26.45
CA LEU A 894 -8.49 45.72 -25.62
C LEU A 894 -8.24 47.17 -25.28
N LEU A 895 -7.05 47.71 -25.63
CA LEU A 895 -6.82 49.13 -25.45
C LEU A 895 -7.59 49.95 -26.45
N ASN A 896 -7.96 49.36 -27.60
CA ASN A 896 -8.76 50.02 -28.61
C ASN A 896 -10.25 49.64 -28.54
N ALA A 897 -10.74 49.27 -27.35
CA ALA A 897 -12.15 48.95 -27.17
C ALA A 897 -13.03 50.15 -27.54
N TRP A 898 -14.26 49.83 -27.96
CA TRP A 898 -15.21 50.84 -28.42
C TRP A 898 -15.63 51.75 -27.28
N THR A 899 -15.53 53.05 -27.51
CA THR A 899 -16.06 54.06 -26.61
C THR A 899 -16.83 55.05 -27.46
N GLU A 900 -17.53 55.96 -26.80
CA GLU A 900 -18.16 57.04 -27.56
C GLU A 900 -17.11 57.87 -28.29
N ASP A 901 -15.93 58.02 -27.69
CA ASP A 901 -14.87 58.80 -28.31
C ASP A 901 -13.99 57.96 -29.21
N ASN A 902 -14.27 56.68 -29.35
CA ASN A 902 -13.44 55.81 -30.20
C ASN A 902 -14.37 54.79 -30.81
N LYS A 903 -14.66 54.94 -32.09
CA LYS A 903 -15.74 54.19 -32.71
C LYS A 903 -15.34 53.44 -33.95
N GLU A 904 -14.30 53.87 -34.67
CA GLU A 904 -13.78 53.08 -35.77
C GLU A 904 -12.86 52.05 -35.15
N THR A 905 -13.48 51.00 -34.63
CA THR A 905 -12.78 49.87 -34.04
C THR A 905 -13.73 48.68 -34.06
N ASP A 906 -13.17 47.51 -34.30
CA ASP A 906 -13.92 46.27 -34.25
C ASP A 906 -13.78 45.58 -32.89
N VAL A 907 -13.12 46.22 -31.93
CA VAL A 907 -12.98 45.69 -30.59
C VAL A 907 -14.18 46.14 -29.75
N PRO A 908 -14.96 45.21 -29.18
CA PRO A 908 -16.19 45.57 -28.48
C PRO A 908 -15.99 46.48 -27.28
N LYS A 909 -16.97 47.35 -27.04
CA LYS A 909 -16.98 48.13 -25.80
C LYS A 909 -16.78 47.23 -24.58
N LEU A 910 -16.05 47.71 -23.58
CA LEU A 910 -15.73 46.91 -22.41
C LEU A 910 -16.97 46.66 -21.56
N GLY A 911 -16.94 45.56 -20.82
CA GLY A 911 -17.97 45.24 -19.87
C GLY A 911 -18.87 44.10 -20.25
N GLN A 912 -18.50 43.31 -21.25
CA GLN A 912 -19.38 42.29 -21.76
C GLN A 912 -18.59 41.01 -22.03
N SER A 913 -19.21 39.89 -21.70
CA SER A 913 -18.47 38.64 -21.82
C SER A 913 -18.41 38.20 -23.28
N PRO A 914 -17.34 37.54 -23.67
CA PRO A 914 -17.30 36.90 -24.99
C PRO A 914 -18.16 35.65 -24.97
N GLN A 915 -18.35 35.09 -26.15
CA GLN A 915 -19.03 33.81 -26.26
C GLN A 915 -18.12 32.84 -27.02
N PHE A 916 -18.49 31.57 -26.99
CA PHE A 916 -17.68 30.55 -27.65
C PHE A 916 -18.17 30.35 -29.08
N ASP A 917 -18.10 31.44 -29.86
CA ASP A 917 -18.61 31.42 -31.22
C ASP A 917 -17.48 31.22 -32.22
N THR A 918 -17.66 31.69 -33.46
CA THR A 918 -16.68 31.37 -34.51
C THR A 918 -15.37 32.16 -34.35
N HIS A 919 -15.39 33.36 -33.77
CA HIS A 919 -14.17 33.87 -33.18
C HIS A 919 -13.82 32.93 -32.04
N LEU A 920 -12.54 32.66 -31.85
CA LEU A 920 -12.04 31.56 -31.02
C LEU A 920 -11.97 30.25 -31.81
N LEU A 921 -12.77 30.07 -32.85
CA LEU A 921 -12.61 28.85 -33.66
C LEU A 921 -11.54 29.12 -34.69
N GLU A 922 -10.33 28.62 -34.47
CA GLU A 922 -9.20 28.95 -35.32
C GLU A 922 -8.81 27.78 -36.22
N ASN A 923 -8.31 28.12 -37.40
CA ASN A 923 -7.65 27.17 -38.29
C ASN A 923 -6.37 26.62 -37.69
N ALA A 924 -6.45 25.47 -37.01
CA ALA A 924 -5.29 24.87 -36.37
C ALA A 924 -4.56 23.89 -37.29
N SER A 925 -4.70 24.04 -38.61
CA SER A 925 -3.90 23.23 -39.52
C SER A 925 -2.44 23.65 -39.46
N PHE A 926 -1.56 22.73 -39.88
CA PHE A 926 -0.14 23.03 -39.73
C PHE A 926 0.72 22.10 -40.56
N LEU A 927 1.86 22.62 -40.97
CA LEU A 927 2.95 21.84 -41.55
C LEU A 927 4.11 21.90 -40.57
N ARG A 928 4.68 20.75 -40.24
CA ARG A 928 5.78 20.69 -39.29
C ARG A 928 6.97 20.00 -39.94
N LEU A 929 8.09 20.69 -39.96
CA LEU A 929 9.37 20.03 -40.25
C LEU A 929 9.67 19.17 -39.04
N LYS A 930 9.34 17.88 -39.13
CA LYS A 930 9.46 17.01 -37.96
C LYS A 930 10.90 16.64 -37.68
N ASN A 931 11.69 16.39 -38.71
CA ASN A 931 13.03 15.91 -38.53
C ASN A 931 13.93 16.53 -39.59
N LEU A 932 15.04 17.09 -39.16
CA LEU A 932 16.11 17.53 -40.05
C LEU A 932 17.40 16.99 -39.48
N LYS A 933 18.21 16.34 -40.31
CA LYS A 933 19.41 15.70 -39.80
C LYS A 933 20.52 15.80 -40.83
N LEU A 934 21.62 16.42 -40.43
CA LEU A 934 22.86 16.36 -41.17
C LEU A 934 23.71 15.26 -40.55
N THR A 935 24.09 14.28 -41.36
CA THR A 935 24.90 13.17 -40.90
C THR A 935 26.20 13.10 -41.69
N TYR A 936 27.25 12.63 -41.03
CA TYR A 936 28.55 12.42 -41.68
C TYR A 936 29.07 11.04 -41.32
N VAL A 937 29.08 10.14 -42.31
CA VAL A 937 29.72 8.84 -42.19
C VAL A 937 31.21 9.05 -42.40
N LEU A 938 32.00 8.89 -41.33
CA LEU A 938 33.42 9.22 -41.42
C LEU A 938 34.09 8.33 -42.47
N PRO A 939 34.99 8.91 -43.28
CA PRO A 939 35.62 8.17 -44.38
C PRO A 939 36.20 6.82 -44.01
N ASN A 940 35.75 5.76 -44.70
CA ASN A 940 36.18 4.39 -44.42
C ASN A 940 37.69 4.27 -44.33
N SER A 941 38.43 5.12 -45.04
CA SER A 941 39.89 5.02 -45.10
C SER A 941 40.50 5.03 -43.71
N LEU A 942 40.06 5.97 -42.87
CA LEU A 942 40.70 6.20 -41.58
C LEU A 942 40.92 4.93 -40.77
N PHE A 943 40.06 3.94 -40.91
CA PHE A 943 40.13 2.75 -40.07
C PHE A 943 40.92 1.61 -40.69
N ALA A 944 41.37 1.75 -41.95
CA ALA A 944 42.10 0.67 -42.60
C ALA A 944 43.50 0.48 -42.03
N GLY A 945 43.98 1.40 -41.21
CA GLY A 945 45.26 1.28 -40.54
C GLY A 945 45.20 0.65 -39.18
N GLN A 946 44.06 0.07 -38.81
CA GLN A 946 43.84 -0.55 -37.50
C GLN A 946 42.84 -1.70 -37.66
N ASN A 947 42.24 -2.12 -36.56
CA ASN A 947 41.37 -3.29 -36.61
C ASN A 947 40.30 -3.33 -35.53
N VAL A 948 40.23 -2.36 -34.62
CA VAL A 948 39.13 -2.35 -33.66
C VAL A 948 37.91 -1.73 -34.32
N ILE A 949 37.93 -0.41 -34.53
CA ILE A 949 36.76 0.33 -35.01
C ILE A 949 36.68 0.22 -36.53
N GLY A 950 35.51 -0.14 -37.03
CA GLY A 950 35.28 -0.25 -38.46
C GLY A 950 34.73 0.99 -39.11
N GLY A 951 34.03 1.84 -38.33
CA GLY A 951 33.43 3.02 -38.89
C GLY A 951 32.98 3.96 -37.79
N ALA A 952 32.47 5.11 -38.20
CA ALA A 952 31.90 6.06 -37.25
C ALA A 952 31.03 7.08 -37.99
N ARG A 953 30.04 7.61 -37.28
CA ARG A 953 29.18 8.66 -37.81
C ARG A 953 28.95 9.72 -36.75
N VAL A 954 28.88 10.97 -37.19
CA VAL A 954 28.39 12.06 -36.37
C VAL A 954 27.20 12.68 -37.09
N TYR A 955 26.26 13.22 -36.32
CA TYR A 955 25.09 13.85 -36.90
C TYR A 955 24.65 15.04 -36.07
N LEU A 956 24.01 15.98 -36.75
CA LEU A 956 23.37 17.13 -36.14
C LEU A 956 21.88 17.06 -36.46
N MET A 957 21.04 17.18 -35.44
CA MET A 957 19.64 16.87 -35.61
C MET A 957 18.74 17.91 -34.95
N ALA A 958 17.61 18.20 -35.60
CA ALA A 958 16.56 19.04 -35.04
C ALA A 958 15.21 18.33 -35.17
N ARG A 959 14.37 18.46 -34.14
CA ARG A 959 12.99 17.96 -34.19
C ARG A 959 12.04 19.12 -34.02
N ASN A 960 11.01 19.19 -34.88
CA ASN A 960 10.05 20.29 -34.90
C ASN A 960 10.72 21.65 -35.08
N LEU A 961 11.76 21.68 -35.93
CA LEU A 961 12.50 22.90 -36.19
C LEU A 961 11.61 24.05 -36.63
N LEU A 962 10.59 23.76 -37.46
CA LEU A 962 9.68 24.79 -37.94
C LEU A 962 8.25 24.28 -37.96
N THR A 963 7.32 25.16 -37.58
CA THR A 963 5.90 24.97 -37.81
C THR A 963 5.41 26.07 -38.74
N VAL A 964 4.43 25.73 -39.57
CA VAL A 964 3.75 26.68 -40.45
C VAL A 964 2.27 26.57 -40.15
N THR A 965 1.69 27.63 -39.59
CA THR A 965 0.31 27.59 -39.10
C THR A 965 -0.13 29.03 -38.83
N LYS A 966 -1.44 29.24 -38.82
CA LYS A 966 -2.01 30.53 -38.42
C LYS A 966 -2.71 30.43 -37.07
N TYR A 967 -2.48 29.34 -36.33
CA TYR A 967 -3.07 29.20 -35.01
C TYR A 967 -2.43 30.19 -34.03
N LYS A 968 -3.26 31.03 -33.42
CA LYS A 968 -2.79 32.08 -32.53
C LYS A 968 -2.50 31.61 -31.12
N GLY A 969 -2.56 30.30 -30.86
CA GLY A 969 -2.02 29.72 -29.64
C GLY A 969 -0.63 29.13 -29.86
N PHE A 970 -0.13 28.48 -28.81
CA PHE A 970 1.26 28.05 -28.84
C PHE A 970 1.48 26.91 -29.83
N ASP A 971 0.61 25.91 -29.79
CA ASP A 971 0.82 24.72 -30.61
C ASP A 971 -0.49 24.30 -31.26
N PRO A 972 -0.59 24.38 -32.60
CA PRO A 972 -1.80 23.88 -33.26
C PRO A 972 -2.03 22.39 -33.02
N GLU A 973 -0.99 21.61 -32.76
CA GLU A 973 -1.16 20.19 -32.47
C GLU A 973 -1.73 19.95 -31.08
N ALA A 974 -1.61 20.90 -30.17
CA ALA A 974 -1.82 20.61 -28.75
C ALA A 974 -3.30 20.74 -28.40
N GLY A 975 -4.07 19.80 -28.88
CA GLY A 975 -5.47 19.73 -28.51
C GLY A 975 -6.30 19.14 -29.63
N GLY A 976 -7.58 18.97 -29.32
CA GLY A 976 -8.46 18.41 -30.32
C GLY A 976 -9.48 19.43 -30.75
N ASN A 977 -10.50 19.58 -29.92
CA ASN A 977 -11.56 20.54 -30.20
C ASN A 977 -11.34 21.86 -29.48
N VAL A 978 -10.67 21.84 -28.33
CA VAL A 978 -10.24 23.06 -27.66
C VAL A 978 -8.76 22.92 -27.34
N GLY A 979 -8.00 23.95 -27.73
CA GLY A 979 -6.68 24.18 -27.17
C GLY A 979 -6.82 25.03 -25.94
N LYS A 980 -6.25 24.58 -24.82
CA LYS A 980 -6.38 25.34 -23.58
C LYS A 980 -5.21 24.99 -22.67
N ASN A 981 -4.58 26.02 -22.09
CA ASN A 981 -3.36 25.90 -21.31
C ASN A 981 -2.47 24.77 -21.82
N GLN A 982 -2.01 24.89 -23.07
CA GLN A 982 -1.26 23.82 -23.67
C GLN A 982 0.09 23.64 -23.01
N TYR A 983 0.48 22.38 -22.82
CA TYR A 983 1.89 22.02 -22.68
C TYR A 983 2.39 21.85 -24.11
N PRO A 984 3.01 22.86 -24.71
CA PRO A 984 3.29 22.80 -26.15
C PRO A 984 4.28 21.71 -26.48
N ASN A 985 4.20 21.18 -27.69
CA ASN A 985 5.26 20.30 -28.16
C ASN A 985 6.58 21.08 -28.19
N SER A 986 7.67 20.35 -28.21
CA SER A 986 8.98 20.96 -28.02
C SER A 986 9.75 20.93 -29.32
N LYS A 987 10.80 21.75 -29.35
CA LYS A 987 11.75 21.86 -30.45
C LYS A 987 13.09 21.39 -29.91
N GLN A 988 13.69 20.39 -30.55
CA GLN A 988 14.93 19.82 -30.06
C GLN A 988 16.09 20.08 -31.02
N TYR A 989 17.24 20.40 -30.45
CA TYR A 989 18.52 20.34 -31.13
C TYR A 989 19.34 19.26 -30.45
N VAL A 990 19.82 18.30 -31.24
CA VAL A 990 20.65 17.24 -30.71
C VAL A 990 21.89 17.11 -31.58
N ALA A 991 23.01 16.90 -30.94
CA ALA A 991 24.20 16.41 -31.62
C ALA A 991 24.41 14.97 -31.18
N GLY A 992 24.94 14.15 -32.08
CA GLY A 992 25.07 12.73 -31.77
C GLY A 992 26.21 12.08 -32.52
N ILE A 993 26.61 10.93 -32.00
CA ILE A 993 27.77 10.19 -32.49
C ILE A 993 27.37 8.73 -32.65
N GLN A 994 28.08 8.02 -33.52
CA GLN A 994 27.91 6.58 -33.59
C GLN A 994 29.23 5.89 -33.89
N LEU A 995 29.48 4.80 -33.17
CA LEU A 995 30.70 4.00 -33.27
C LEU A 995 30.31 2.59 -33.70
N SER A 996 30.97 2.08 -34.75
CA SER A 996 30.72 0.72 -35.21
C SER A 996 32.02 -0.06 -35.13
N PHE A 997 31.97 -1.25 -34.53
CA PHE A 997 33.09 -2.17 -34.65
C PHE A 997 32.69 -3.61 -34.40
N LEU B 95 37.99 -20.62 -10.90
CA LEU B 95 37.00 -20.23 -9.91
C LEU B 95 37.69 -19.64 -8.65
N SER B 96 38.66 -20.39 -8.14
CA SER B 96 39.57 -19.87 -7.15
C SER B 96 40.95 -20.52 -7.32
N THR B 97 41.59 -20.88 -6.22
CA THR B 97 43.01 -21.19 -6.21
C THR B 97 43.28 -22.67 -5.96
N VAL B 98 44.51 -23.07 -6.30
CA VAL B 98 44.96 -24.47 -6.17
C VAL B 98 45.47 -24.80 -4.77
N SER B 99 45.81 -23.80 -3.97
CA SER B 99 46.14 -24.03 -2.57
C SER B 99 44.91 -24.10 -1.68
N GLY B 100 43.71 -23.99 -2.27
CA GLY B 100 42.50 -23.81 -1.49
C GLY B 100 41.81 -25.09 -1.11
N SER B 101 40.99 -24.98 -0.05
CA SER B 101 40.05 -26.01 0.37
C SER B 101 38.77 -25.85 -0.45
N VAL B 102 38.51 -26.81 -1.35
CA VAL B 102 37.36 -26.73 -2.25
C VAL B 102 36.72 -28.09 -2.40
N ALA B 103 35.39 -28.15 -2.32
CA ALA B 103 34.64 -29.34 -2.72
C ALA B 103 33.62 -28.94 -3.79
N LYS B 104 33.51 -29.77 -4.82
CA LYS B 104 32.55 -29.56 -5.90
C LYS B 104 31.50 -30.67 -5.92
N VAL B 105 30.23 -30.27 -5.94
CA VAL B 105 29.12 -31.20 -6.12
C VAL B 105 28.53 -30.98 -7.50
N SER B 106 28.34 -32.06 -8.26
CA SER B 106 27.92 -31.88 -9.64
C SER B 106 26.40 -32.01 -9.80
N SER B 107 25.95 -31.82 -11.04
CA SER B 107 24.53 -31.67 -11.35
C SER B 107 23.68 -32.79 -10.77
N GLU B 108 24.23 -34.01 -10.69
CA GLU B 108 23.46 -35.17 -10.23
C GLU B 108 22.80 -34.92 -8.90
N LYS B 109 23.55 -34.40 -7.92
CA LYS B 109 23.03 -34.29 -6.56
C LYS B 109 22.15 -33.07 -6.37
N LEU B 110 22.05 -32.19 -7.39
CA LEU B 110 21.20 -31.01 -7.34
C LEU B 110 19.91 -31.17 -8.13
N ALA B 111 19.93 -31.97 -9.19
CA ALA B 111 18.84 -31.99 -10.14
C ALA B 111 17.61 -32.69 -9.57
N GLU B 112 16.48 -31.99 -9.61
CA GLU B 112 15.15 -32.60 -9.51
C GLU B 112 14.89 -33.21 -8.13
N LYS B 113 15.36 -32.56 -7.08
CA LYS B 113 14.89 -32.97 -5.78
C LYS B 113 13.49 -32.39 -5.53
N PRO B 114 12.68 -33.02 -4.69
CA PRO B 114 11.28 -32.59 -4.59
C PRO B 114 11.01 -31.60 -3.48
N VAL B 115 12.00 -30.80 -3.10
CA VAL B 115 11.78 -29.67 -2.21
C VAL B 115 12.43 -28.44 -2.81
N ALA B 116 11.79 -27.28 -2.65
CA ALA B 116 12.37 -26.03 -3.13
C ALA B 116 13.71 -25.71 -2.47
N ASN B 117 13.98 -26.28 -1.30
CA ASN B 117 15.12 -25.88 -0.46
C ASN B 117 16.40 -26.56 -0.96
N ILE B 118 17.02 -25.96 -1.98
CA ILE B 118 18.11 -26.61 -2.69
C ILE B 118 19.20 -27.06 -1.73
N MET B 119 19.49 -26.27 -0.70
CA MET B 119 20.62 -26.55 0.18
C MET B 119 20.47 -27.89 0.89
N ASP B 120 19.23 -28.33 1.10
CA ASP B 120 18.97 -29.61 1.74
C ASP B 120 19.55 -30.78 0.97
N ALA B 121 19.61 -30.69 -0.36
CA ALA B 121 20.23 -31.75 -1.14
C ALA B 121 21.70 -31.92 -0.81
N LEU B 122 22.30 -30.95 -0.13
CA LEU B 122 23.71 -31.01 0.23
C LEU B 122 23.95 -31.41 1.67
N GLN B 123 22.92 -31.59 2.49
CA GLN B 123 23.14 -32.19 3.79
C GLN B 123 23.86 -33.52 3.61
N GLY B 124 25.03 -33.67 4.25
CA GLY B 124 25.82 -34.88 4.16
C GLY B 124 26.56 -35.08 2.86
N GLN B 125 26.79 -34.01 2.11
CA GLN B 125 27.49 -34.13 0.83
C GLN B 125 28.86 -33.49 0.81
N VAL B 126 29.13 -32.53 1.69
CA VAL B 126 30.35 -31.73 1.66
C VAL B 126 30.99 -31.79 3.03
N ALA B 127 32.24 -32.25 3.10
CA ALA B 127 32.95 -32.30 4.38
C ALA B 127 33.03 -30.93 5.03
N GLY B 128 32.68 -30.86 6.31
CA GLY B 128 32.74 -29.62 7.04
C GLY B 128 31.56 -28.69 6.84
N MET B 129 30.66 -28.99 5.92
CA MET B 129 29.48 -28.16 5.69
C MET B 129 28.29 -28.86 6.35
N GLN B 130 27.75 -28.22 7.39
CA GLN B 130 26.64 -28.75 8.17
C GLN B 130 25.34 -28.09 7.68
N VAL B 131 24.54 -28.84 6.94
CA VAL B 131 23.25 -28.38 6.45
C VAL B 131 22.17 -28.91 7.37
N MET B 132 21.22 -28.06 7.72
CA MET B 132 20.13 -28.50 8.58
C MET B 132 18.91 -27.61 8.36
N THR B 133 17.76 -28.26 8.15
CA THR B 133 16.48 -27.58 8.00
C THR B 133 15.59 -27.90 9.20
N THR B 134 15.22 -26.86 9.96
CA THR B 134 14.54 -27.04 11.24
C THR B 134 13.03 -27.08 11.12
N SER B 135 12.48 -27.20 9.91
CA SER B 135 11.03 -27.25 9.72
C SER B 135 10.74 -27.80 8.34
N GLY B 136 9.67 -28.58 8.25
CA GLY B 136 9.33 -29.22 7.02
C GLY B 136 8.38 -28.41 6.18
N ASP B 137 7.98 -27.25 6.69
CA ASP B 137 7.29 -26.24 5.91
C ASP B 137 8.02 -26.06 4.58
N PRO B 138 7.32 -26.20 3.44
CA PRO B 138 8.04 -26.12 2.16
C PRO B 138 8.70 -24.77 1.96
N THR B 139 8.30 -23.77 2.73
CA THR B 139 8.80 -22.42 2.55
C THR B 139 10.01 -22.14 3.42
N ALA B 140 10.33 -23.05 4.34
CA ALA B 140 11.54 -22.96 5.15
C ALA B 140 12.79 -23.14 4.29
N VAL B 141 13.91 -22.64 4.82
CA VAL B 141 15.18 -22.64 4.13
C VAL B 141 16.26 -23.19 5.05
N ALA B 142 17.19 -23.95 4.50
CA ALA B 142 18.24 -24.57 5.30
C ALA B 142 19.19 -23.52 5.88
N SER B 143 19.60 -23.75 7.12
CA SER B 143 20.75 -23.05 7.69
C SER B 143 22.00 -23.85 7.36
N VAL B 144 23.09 -23.14 7.10
CA VAL B 144 24.35 -23.77 6.70
C VAL B 144 25.48 -23.18 7.52
N GLU B 145 26.32 -24.05 8.08
CA GLU B 145 27.52 -23.66 8.80
C GLU B 145 28.71 -24.40 8.19
N ILE B 146 29.74 -23.66 7.81
CA ILE B 146 30.99 -24.23 7.32
C ILE B 146 32.04 -24.12 8.41
N HIS B 147 32.61 -25.27 8.79
CA HIS B 147 33.65 -25.37 9.81
C HIS B 147 33.23 -24.71 11.13
N GLY B 148 32.13 -25.21 11.70
CA GLY B 148 31.56 -24.67 12.92
C GLY B 148 30.84 -23.36 12.70
N THR B 149 30.44 -22.73 13.82
CA THR B 149 29.92 -21.36 13.83
C THR B 149 31.03 -20.36 14.11
N GLY B 150 31.10 -19.31 13.30
CA GLY B 150 32.12 -18.30 13.52
C GLY B 150 31.75 -17.19 14.49
N SER B 151 30.46 -16.98 14.76
CA SER B 151 30.04 -15.83 15.55
C SER B 151 28.92 -16.22 16.50
N LEU B 152 28.91 -15.56 17.66
CA LEU B 152 27.81 -15.64 18.61
C LEU B 152 26.76 -14.57 18.39
N GLY B 153 26.96 -13.70 17.40
CA GLY B 153 26.05 -12.59 17.16
C GLY B 153 25.84 -12.38 15.68
N ALA B 154 26.93 -12.10 14.97
CA ALA B 154 26.87 -12.07 13.53
C ALA B 154 26.46 -13.43 12.98
N SER B 155 26.29 -13.49 11.67
CA SER B 155 25.66 -14.62 11.02
C SER B 155 26.72 -15.60 10.51
N SER B 156 26.38 -16.88 10.58
CA SER B 156 27.23 -17.96 10.12
C SER B 156 27.02 -18.27 8.66
N ALA B 157 26.07 -17.63 8.02
CA ALA B 157 25.65 -18.09 6.71
C ALA B 157 26.77 -17.88 5.70
N PRO B 158 27.05 -18.85 4.85
CA PRO B 158 28.00 -18.63 3.76
C PRO B 158 27.49 -17.53 2.83
N LEU B 159 28.40 -17.06 1.99
CA LEU B 159 28.03 -16.20 0.88
C LEU B 159 27.54 -17.08 -0.27
N TYR B 160 26.30 -16.87 -0.70
CA TYR B 160 25.79 -17.61 -1.84
C TYR B 160 26.00 -16.78 -3.09
N ILE B 161 26.57 -17.41 -4.12
CA ILE B 161 26.99 -16.70 -5.32
C ILE B 161 26.64 -17.57 -6.53
N VAL B 162 25.91 -17.00 -7.48
CA VAL B 162 25.47 -17.70 -8.69
C VAL B 162 26.07 -16.99 -9.90
N ASP B 163 26.97 -17.68 -10.61
CA ASP B 163 27.65 -17.14 -11.78
C ASP B 163 28.24 -15.76 -11.46
N GLY B 164 28.82 -15.64 -10.27
CA GLY B 164 29.41 -14.38 -9.89
C GLY B 164 28.46 -13.29 -9.42
N MET B 165 27.24 -13.62 -9.00
CA MET B 165 26.32 -12.64 -8.43
C MET B 165 25.88 -13.10 -7.05
N GLN B 166 26.12 -12.25 -6.04
CA GLN B 166 25.64 -12.53 -4.69
C GLN B 166 24.13 -12.63 -4.72
N THR B 167 23.60 -13.83 -4.46
CA THR B 167 22.18 -14.11 -4.51
C THR B 167 21.73 -14.64 -3.16
N SER B 168 20.65 -14.08 -2.62
CA SER B 168 20.05 -14.64 -1.42
C SER B 168 19.44 -16.01 -1.70
N LEU B 169 19.34 -16.83 -0.65
CA LEU B 169 18.75 -18.16 -0.79
C LEU B 169 17.28 -18.07 -1.18
N ASP B 170 16.58 -17.05 -0.66
CA ASP B 170 15.21 -16.81 -1.10
C ASP B 170 15.15 -16.64 -2.61
N VAL B 171 16.11 -15.94 -3.19
CA VAL B 171 16.13 -15.78 -4.64
C VAL B 171 16.72 -17.02 -5.33
N VAL B 172 17.66 -17.73 -4.69
CA VAL B 172 18.07 -19.03 -5.23
C VAL B 172 16.87 -19.96 -5.33
N ALA B 173 15.98 -19.90 -4.32
CA ALA B 173 14.80 -20.74 -4.32
C ALA B 173 13.87 -20.47 -5.51
N THR B 174 13.89 -19.25 -6.08
CA THR B 174 13.09 -18.99 -7.28
C THR B 174 13.79 -19.40 -8.58
N MET B 175 14.93 -20.09 -8.50
CA MET B 175 15.63 -20.59 -9.68
C MET B 175 15.43 -22.09 -9.80
N ASN B 176 15.29 -22.56 -11.03
CA ASN B 176 15.20 -24.01 -11.28
C ASN B 176 16.56 -24.71 -11.09
N PRO B 177 16.74 -25.56 -10.07
CA PRO B 177 18.04 -26.20 -9.87
C PRO B 177 18.42 -27.19 -10.96
N ASN B 178 17.54 -27.54 -11.89
CA ASN B 178 18.03 -28.37 -12.99
C ASN B 178 18.90 -27.59 -13.95
N ASP B 179 18.98 -26.27 -13.82
CA ASP B 179 19.90 -25.44 -14.60
C ASP B 179 21.28 -25.32 -13.97
N PHE B 180 21.51 -26.02 -12.87
CA PHE B 180 22.76 -25.92 -12.12
C PHE B 180 23.74 -26.96 -12.62
N GLU B 181 24.82 -26.50 -13.28
CA GLU B 181 25.88 -27.41 -13.70
C GLU B 181 26.62 -28.00 -12.50
N SER B 182 26.88 -27.18 -11.50
CA SER B 182 27.61 -27.63 -10.32
C SER B 182 27.48 -26.57 -9.23
N MET B 183 27.97 -26.94 -8.05
CA MET B 183 28.02 -26.07 -6.88
C MET B 183 29.34 -26.35 -6.18
N SER B 184 30.11 -25.29 -5.94
CA SER B 184 31.43 -25.38 -5.33
C SER B 184 31.39 -24.74 -3.95
N VAL B 185 31.86 -25.48 -2.94
CA VAL B 185 31.94 -25.01 -1.56
C VAL B 185 33.39 -24.63 -1.29
N LEU B 186 33.62 -23.36 -0.99
CA LEU B 186 34.96 -22.83 -0.78
C LEU B 186 35.21 -22.69 0.72
N LYS B 187 36.16 -23.48 1.24
CA LYS B 187 36.21 -23.77 2.67
C LYS B 187 37.28 -23.03 3.47
N ASP B 188 38.34 -22.49 2.84
CA ASP B 188 39.40 -21.82 3.61
C ASP B 188 39.71 -20.43 3.03
N ALA B 189 40.60 -19.71 3.71
CA ALA B 189 40.81 -18.30 3.40
C ALA B 189 41.45 -18.08 2.03
N SER B 190 42.30 -19.01 1.58
CA SER B 190 42.93 -18.87 0.27
C SER B 190 41.93 -18.98 -0.88
N ALA B 191 40.85 -19.76 -0.70
CA ALA B 191 39.87 -19.96 -1.76
C ALA B 191 38.81 -18.89 -1.77
N THR B 192 38.55 -18.27 -0.61
CA THR B 192 37.58 -17.17 -0.50
C THR B 192 38.30 -15.83 -0.48
N SER B 193 39.11 -15.60 -1.50
CA SER B 193 39.86 -14.34 -1.55
C SER B 193 39.23 -13.32 -2.48
N ILE B 194 38.56 -13.74 -3.55
CA ILE B 194 38.00 -12.75 -4.46
C ILE B 194 36.52 -12.48 -4.13
N TYR B 195 36.07 -12.94 -2.96
CA TYR B 195 34.74 -12.66 -2.42
C TYR B 195 34.89 -11.92 -1.09
N GLY B 196 33.82 -11.24 -0.67
CA GLY B 196 33.88 -10.50 0.58
C GLY B 196 32.59 -10.50 1.37
N ALA B 197 32.33 -9.40 2.09
CA ALA B 197 31.12 -9.19 2.90
C ALA B 197 31.07 -10.11 4.11
N ARG B 198 31.08 -11.42 3.87
CA ARG B 198 31.13 -12.39 4.93
C ARG B 198 31.83 -13.63 4.36
N ALA B 199 33.05 -13.43 3.86
CA ALA B 199 33.81 -14.56 3.35
C ALA B 199 34.24 -15.50 4.47
N ALA B 200 34.33 -15.02 5.71
CA ALA B 200 34.72 -15.86 6.84
C ALA B 200 33.77 -17.03 7.08
N ASN B 201 32.61 -17.06 6.43
CA ASN B 201 31.69 -18.18 6.56
C ASN B 201 31.79 -19.16 5.40
N GLY B 202 32.80 -18.99 4.55
CA GLY B 202 32.88 -19.75 3.32
C GLY B 202 31.96 -19.19 2.25
N VAL B 203 32.13 -19.73 1.04
CA VAL B 203 31.48 -19.22 -0.15
C VAL B 203 30.92 -20.41 -0.94
N VAL B 204 29.60 -20.46 -1.10
CA VAL B 204 28.94 -21.47 -1.91
C VAL B 204 28.72 -20.89 -3.30
N PHE B 205 29.49 -21.37 -4.28
CA PHE B 205 29.42 -20.88 -5.66
C PHE B 205 28.58 -21.84 -6.50
N ILE B 206 27.63 -21.29 -7.27
CA ILE B 206 26.74 -22.07 -8.14
C ILE B 206 26.98 -21.61 -9.57
N GLN B 207 27.36 -22.52 -10.46
CA GLN B 207 27.48 -22.20 -11.87
C GLN B 207 26.32 -22.85 -12.60
N THR B 208 25.56 -22.06 -13.33
CA THR B 208 24.46 -22.63 -14.07
C THR B 208 24.97 -23.24 -15.38
N LYS B 209 24.12 -24.05 -16.01
CA LYS B 209 24.51 -24.72 -17.24
C LYS B 209 24.83 -23.70 -18.33
N LYS B 210 25.71 -24.09 -19.25
CA LYS B 210 26.07 -23.35 -20.44
C LYS B 210 25.81 -24.22 -21.65
N GLY B 211 25.69 -23.57 -22.80
CA GLY B 211 25.47 -24.31 -24.02
C GLY B 211 26.66 -25.20 -24.36
N LYS B 212 26.36 -26.31 -25.05
CA LYS B 212 27.38 -27.22 -25.59
C LYS B 212 27.38 -27.01 -27.11
N MET B 213 28.49 -26.51 -27.63
CA MET B 213 28.56 -26.15 -29.04
C MET B 213 28.51 -27.38 -29.93
N SER B 214 27.29 -27.78 -30.31
CA SER B 214 27.05 -28.95 -31.14
C SER B 214 26.14 -28.58 -32.30
N GLU B 215 26.29 -29.31 -33.40
CA GLU B 215 25.51 -29.06 -34.61
C GLU B 215 24.03 -29.34 -34.40
N ARG B 216 23.69 -30.33 -33.57
CA ARG B 216 22.32 -30.62 -33.17
C ARG B 216 22.17 -30.22 -31.71
N GLY B 217 21.23 -29.32 -31.44
CA GLY B 217 20.99 -28.88 -30.08
C GLY B 217 20.37 -29.98 -29.24
N ARG B 218 20.41 -29.78 -27.93
CA ARG B 218 20.02 -30.79 -26.98
C ARG B 218 18.78 -30.27 -26.26
N ILE B 219 17.62 -30.86 -26.53
CA ILE B 219 16.41 -30.49 -25.84
C ILE B 219 16.01 -31.65 -24.95
N THR B 220 15.87 -31.40 -23.64
CA THR B 220 15.52 -32.44 -22.69
C THR B 220 14.38 -31.95 -21.81
N PHE B 221 13.44 -32.85 -21.54
CA PHE B 221 12.21 -32.60 -20.80
C PHE B 221 12.24 -33.45 -19.54
N ASN B 222 11.83 -32.89 -18.41
CA ASN B 222 11.65 -33.66 -17.18
C ASN B 222 10.26 -33.40 -16.60
N ALA B 223 9.77 -34.38 -15.87
CA ALA B 223 8.49 -34.24 -15.18
C ALA B 223 8.46 -35.27 -14.06
N SER B 224 7.93 -34.88 -12.90
CA SER B 224 7.86 -35.74 -11.72
C SER B 224 6.58 -35.45 -10.96
N TYR B 225 6.03 -36.50 -10.36
CA TYR B 225 4.91 -36.32 -9.46
C TYR B 225 5.15 -37.18 -8.23
N GLY B 226 4.71 -36.69 -7.07
CA GLY B 226 5.01 -37.38 -5.84
C GLY B 226 4.22 -36.85 -4.69
N ILE B 227 4.50 -37.41 -3.50
CA ILE B 227 3.79 -37.02 -2.29
C ILE B 227 4.76 -36.82 -1.14
N SER B 228 4.31 -36.02 -0.17
CA SER B 228 4.98 -35.80 1.10
C SER B 228 4.04 -36.22 2.23
N GLN B 229 4.59 -36.91 3.24
CA GLN B 229 3.83 -37.23 4.44
C GLN B 229 4.78 -37.24 5.61
N ILE B 230 4.22 -37.03 6.81
CA ILE B 230 5.02 -36.88 8.02
C ILE B 230 5.85 -38.13 8.21
N LEU B 231 7.14 -37.94 8.51
CA LEU B 231 8.11 -39.03 8.39
C LEU B 231 8.13 -39.95 9.61
N ASN B 232 7.59 -39.50 10.74
CA ASN B 232 7.63 -40.30 11.95
C ASN B 232 6.38 -40.04 12.77
N THR B 233 5.69 -41.10 13.16
CA THR B 233 4.48 -40.98 13.97
C THR B 233 4.66 -41.55 15.36
N LYS B 234 5.90 -41.91 15.73
CA LYS B 234 6.11 -42.61 16.99
C LYS B 234 5.61 -41.84 18.21
N PRO B 235 5.74 -40.51 18.28
CA PRO B 235 5.17 -39.78 19.41
C PRO B 235 3.71 -40.08 19.70
N LEU B 236 2.94 -40.54 18.70
CA LEU B 236 1.54 -40.82 18.93
C LEU B 236 1.33 -42.07 19.77
N ASP B 237 2.31 -42.98 19.77
CA ASP B 237 2.06 -44.35 20.22
C ASP B 237 1.81 -44.43 21.73
N ASN B 238 2.56 -43.69 22.54
CA ASN B 238 2.37 -43.87 23.97
C ASN B 238 1.60 -42.74 24.61
N MET B 239 0.76 -42.06 23.85
CA MET B 239 -0.11 -41.05 24.42
C MET B 239 -1.43 -41.67 24.89
N MET B 240 -2.07 -40.97 25.83
CA MET B 240 -3.23 -41.52 26.49
C MET B 240 -4.39 -41.65 25.52
N THR B 241 -5.25 -42.63 25.78
CA THR B 241 -6.52 -42.72 25.07
C THR B 241 -7.52 -41.75 25.68
N GLY B 242 -8.64 -41.57 24.98
CA GLY B 242 -9.74 -40.80 25.54
C GLY B 242 -10.08 -41.25 26.95
N ASP B 243 -10.36 -42.55 27.10
CA ASP B 243 -10.77 -43.06 28.42
C ASP B 243 -9.65 -42.89 29.47
N GLU B 244 -8.40 -43.20 29.11
CA GLU B 244 -7.30 -43.06 30.07
C GLU B 244 -7.16 -41.62 30.53
N LEU B 245 -7.31 -40.67 29.60
CA LEU B 245 -7.14 -39.26 29.96
C LEU B 245 -8.24 -38.78 30.89
N LEU B 246 -9.51 -39.13 30.59
CA LEU B 246 -10.61 -38.63 31.40
C LEU B 246 -10.53 -39.16 32.82
N ASP B 247 -10.16 -40.43 32.99
CA ASP B 247 -10.07 -41.01 34.34
C ASP B 247 -8.86 -40.48 35.09
N PHE B 248 -7.75 -40.28 34.37
CA PHE B 248 -6.57 -39.62 34.94
C PHE B 248 -6.93 -38.24 35.50
N GLN B 249 -7.56 -37.40 34.66
CA GLN B 249 -7.96 -36.07 35.10
C GLN B 249 -8.85 -36.13 36.32
N VAL B 250 -9.88 -36.99 36.29
CA VAL B 250 -10.86 -37.00 37.37
C VAL B 250 -10.18 -37.40 38.68
N LYS B 251 -9.31 -38.40 38.64
CA LYS B 251 -8.63 -38.81 39.87
C LYS B 251 -7.71 -37.71 40.36
N ALA B 252 -6.94 -37.10 39.45
CA ALA B 252 -6.03 -36.02 39.79
C ALA B 252 -6.71 -34.80 40.40
N GLY B 253 -8.05 -34.71 40.36
CA GLY B 253 -8.80 -33.61 40.94
C GLY B 253 -9.06 -32.46 39.99
N PHE B 254 -8.71 -32.61 38.72
CA PHE B 254 -8.80 -31.51 37.76
C PHE B 254 -10.21 -31.01 37.56
N TRP B 255 -11.21 -31.88 37.75
CA TRP B 255 -12.60 -31.58 37.41
C TRP B 255 -13.42 -31.25 38.63
N GLY B 256 -12.80 -31.12 39.78
CA GLY B 256 -13.53 -30.98 41.03
C GLY B 256 -13.16 -32.18 41.86
N ASN B 257 -13.29 -32.10 43.18
CA ASN B 257 -12.90 -33.20 44.04
C ASN B 257 -14.01 -34.20 44.26
N ASN B 258 -15.23 -33.82 43.93
CA ASN B 258 -16.44 -34.53 44.31
C ASN B 258 -17.06 -35.27 43.14
N GLN B 259 -16.26 -35.75 42.20
CA GLN B 259 -16.80 -36.11 40.90
C GLN B 259 -16.36 -37.51 40.45
N THR B 260 -17.04 -37.94 39.39
CA THR B 260 -16.89 -39.24 38.76
C THR B 260 -16.54 -39.04 37.30
N VAL B 261 -16.20 -40.15 36.64
CA VAL B 261 -15.99 -40.14 35.20
C VAL B 261 -17.29 -39.81 34.47
N GLN B 262 -18.42 -40.39 34.90
CA GLN B 262 -19.64 -40.22 34.14
C GLN B 262 -20.21 -38.82 34.33
N LYS B 263 -20.08 -38.26 35.53
CA LYS B 263 -20.57 -36.91 35.76
C LYS B 263 -19.83 -35.90 34.90
N VAL B 264 -18.53 -36.11 34.72
CA VAL B 264 -17.76 -35.19 33.91
C VAL B 264 -18.17 -35.30 32.45
N LYS B 265 -18.36 -36.53 31.94
CA LYS B 265 -18.73 -36.60 30.53
C LYS B 265 -20.12 -36.06 30.28
N ASP B 266 -21.04 -36.21 31.22
CA ASP B 266 -22.31 -35.50 31.12
C ASP B 266 -22.08 -33.99 30.97
N MET B 267 -21.26 -33.41 31.85
CA MET B 267 -21.04 -31.97 31.84
C MET B 267 -20.44 -31.50 30.51
N ILE B 268 -19.38 -32.19 30.05
CA ILE B 268 -18.75 -31.81 28.79
C ILE B 268 -19.73 -31.97 27.63
N LEU B 269 -20.51 -33.05 27.63
CA LEU B 269 -21.56 -33.24 26.63
C LEU B 269 -22.60 -32.13 26.71
N ALA B 270 -23.12 -31.88 27.92
CA ALA B 270 -24.08 -30.80 28.07
C ALA B 270 -23.50 -29.49 27.52
N GLY B 271 -22.22 -29.25 27.76
CA GLY B 271 -21.62 -27.98 27.39
C GLY B 271 -21.41 -27.85 25.90
N ALA B 272 -21.12 -28.95 25.22
CA ALA B 272 -21.04 -28.92 23.76
C ALA B 272 -22.42 -28.69 23.15
N GLU B 273 -23.41 -29.50 23.56
CA GLU B 273 -24.78 -29.33 23.09
C GLU B 273 -25.27 -27.91 23.29
N ASP B 274 -25.00 -27.33 24.46
CA ASP B 274 -25.46 -25.97 24.74
C ASP B 274 -24.77 -24.96 23.84
N LEU B 275 -23.44 -25.04 23.72
CA LEU B 275 -22.71 -24.14 22.82
C LEU B 275 -23.23 -24.27 21.39
N TYR B 276 -23.20 -25.49 20.81
CA TYR B 276 -23.59 -25.65 19.41
C TYR B 276 -25.04 -25.21 19.16
N GLY B 277 -25.90 -25.32 20.16
CA GLY B 277 -27.27 -24.86 20.03
C GLY B 277 -27.44 -23.36 19.99
N ASN B 278 -26.36 -22.59 20.04
CA ASN B 278 -26.42 -21.14 19.89
C ASN B 278 -26.08 -20.69 18.48
N TYR B 279 -25.89 -21.62 17.55
CA TYR B 279 -25.51 -21.30 16.19
C TYR B 279 -26.50 -21.98 15.24
N ASP B 280 -27.22 -21.17 14.47
CA ASP B 280 -28.16 -21.69 13.48
C ASP B 280 -27.48 -22.66 12.54
N SER B 281 -26.17 -22.57 12.41
CA SER B 281 -25.37 -23.49 11.62
C SER B 281 -24.98 -24.76 12.36
N LEU B 282 -25.29 -24.87 13.65
CA LEU B 282 -24.95 -26.09 14.37
C LEU B 282 -26.15 -26.71 15.05
N LYS B 283 -27.13 -25.89 15.45
CA LYS B 283 -28.14 -26.35 16.41
C LYS B 283 -28.99 -27.48 15.86
N ASP B 284 -28.97 -27.70 14.54
CA ASP B 284 -29.61 -28.84 13.90
C ASP B 284 -28.63 -29.86 13.38
N GLU B 285 -27.33 -29.58 13.45
CA GLU B 285 -26.33 -30.58 13.10
C GLU B 285 -25.85 -31.37 14.29
N TYR B 286 -25.85 -30.75 15.48
CA TYR B 286 -25.42 -31.46 16.68
C TYR B 286 -26.26 -32.71 16.87
N GLY B 287 -25.59 -33.83 17.06
CA GLY B 287 -26.26 -35.10 17.24
C GLY B 287 -26.80 -35.75 15.99
N LYS B 288 -26.72 -35.09 14.83
CA LYS B 288 -27.01 -35.66 13.53
C LYS B 288 -25.76 -35.79 12.67
N THR B 289 -25.00 -34.70 12.52
CA THR B 289 -23.82 -34.63 11.67
C THR B 289 -22.55 -34.31 12.44
N LEU B 290 -22.65 -33.58 13.54
CA LEU B 290 -21.50 -33.17 14.33
C LEU B 290 -21.59 -33.83 15.69
N PHE B 291 -20.55 -34.58 16.05
CA PHE B 291 -20.45 -35.24 17.34
C PHE B 291 -19.14 -34.78 17.96
N PRO B 292 -19.06 -33.50 18.33
CA PRO B 292 -17.76 -32.92 18.70
C PRO B 292 -17.14 -33.55 19.94
N VAL B 293 -17.96 -34.01 20.89
CA VAL B 293 -17.54 -34.74 22.08
C VAL B 293 -17.97 -36.19 21.95
N ASP B 294 -17.04 -37.12 22.13
CA ASP B 294 -17.35 -38.53 21.97
C ASP B 294 -16.34 -39.34 22.80
N PHE B 295 -16.81 -39.97 23.88
CA PHE B 295 -15.93 -40.75 24.77
C PHE B 295 -15.82 -42.22 24.39
N ASN B 296 -16.51 -42.66 23.35
CA ASN B 296 -16.50 -44.06 22.97
C ASN B 296 -15.68 -44.32 21.72
N HIS B 297 -14.97 -43.32 21.23
CA HIS B 297 -14.10 -43.41 20.07
C HIS B 297 -13.05 -42.32 20.25
N ASP B 298 -11.81 -42.57 19.85
CA ASP B 298 -10.76 -41.57 19.91
C ASP B 298 -10.64 -40.86 18.56
N ALA B 299 -10.77 -39.54 18.56
CA ALA B 299 -10.49 -38.77 17.35
C ALA B 299 -9.02 -38.87 16.97
N ASP B 300 -8.76 -39.02 15.68
CA ASP B 300 -7.38 -39.11 15.18
C ASP B 300 -6.90 -37.69 14.90
N TRP B 301 -6.18 -37.12 15.86
CA TRP B 301 -5.76 -35.74 15.72
C TRP B 301 -4.58 -35.58 14.79
N LEU B 302 -3.85 -36.67 14.51
CA LEU B 302 -2.89 -36.61 13.41
C LEU B 302 -3.60 -36.33 12.11
N LYS B 303 -4.67 -37.06 11.82
CA LYS B 303 -5.42 -36.81 10.59
C LYS B 303 -6.02 -35.41 10.60
N ALA B 304 -6.48 -34.95 11.77
CA ALA B 304 -7.14 -33.65 11.83
C ALA B 304 -6.21 -32.49 11.50
N LEU B 305 -4.90 -32.72 11.56
CA LEU B 305 -3.95 -31.62 11.45
C LEU B 305 -2.90 -31.85 10.38
N PHE B 306 -2.77 -33.07 9.85
CA PHE B 306 -1.77 -33.36 8.84
C PHE B 306 -2.40 -34.20 7.74
N LYS B 307 -1.90 -34.01 6.52
CA LYS B 307 -2.44 -34.67 5.33
C LYS B 307 -1.28 -35.00 4.41
N THR B 308 -1.48 -35.98 3.55
CA THR B 308 -0.56 -36.22 2.45
C THR B 308 -0.76 -35.13 1.40
N ALA B 309 0.36 -34.62 0.88
CA ALA B 309 0.31 -33.44 0.02
C ALA B 309 1.20 -33.67 -1.19
N PRO B 310 0.75 -33.25 -2.37
CA PRO B 310 1.47 -33.56 -3.60
C PRO B 310 2.53 -32.53 -3.93
N THR B 311 3.59 -33.01 -4.57
CA THR B 311 4.62 -32.16 -5.14
C THR B 311 4.74 -32.55 -6.61
N SER B 312 4.64 -31.57 -7.49
CA SER B 312 4.79 -31.81 -8.90
C SER B 312 5.77 -30.79 -9.46
N GLN B 313 6.54 -31.21 -10.46
CA GLN B 313 7.45 -30.30 -11.12
C GLN B 313 7.79 -30.84 -12.49
N GLY B 314 8.10 -29.92 -13.40
CA GLY B 314 8.34 -30.26 -14.79
C GLY B 314 9.19 -29.22 -15.48
N ASP B 315 9.74 -29.62 -16.61
CA ASP B 315 10.99 -29.02 -17.05
C ASP B 315 11.12 -29.17 -18.56
N ILE B 316 11.63 -28.14 -19.24
CA ILE B 316 12.15 -28.39 -20.58
C ILE B 316 13.35 -27.47 -20.82
N SER B 317 14.46 -28.05 -21.29
CA SER B 317 15.70 -27.32 -21.47
C SER B 317 16.06 -27.26 -22.95
N PHE B 318 16.70 -26.17 -23.34
CA PHE B 318 17.33 -26.06 -24.65
C PHE B 318 18.78 -25.63 -24.48
N SER B 319 19.64 -26.25 -25.25
CA SER B 319 21.05 -26.09 -25.03
C SER B 319 21.78 -26.42 -26.33
N GLY B 320 22.72 -25.59 -26.70
CA GLY B 320 23.52 -25.90 -27.86
C GLY B 320 24.48 -24.78 -28.10
N GLY B 321 24.64 -24.41 -29.35
CA GLY B 321 25.58 -23.38 -29.66
C GLY B 321 26.33 -23.74 -30.91
N SER B 322 27.12 -22.80 -31.39
CA SER B 322 27.80 -22.92 -32.67
C SER B 322 28.81 -21.78 -32.73
N GLN B 323 30.08 -22.10 -33.00
CA GLN B 323 31.05 -21.11 -33.48
C GLN B 323 31.04 -19.87 -32.57
N GLY B 324 31.58 -20.05 -31.37
CA GLY B 324 31.72 -18.98 -30.37
C GLY B 324 30.47 -18.59 -29.58
N THR B 325 29.30 -18.66 -30.22
CA THR B 325 28.05 -18.39 -29.51
C THR B 325 27.60 -19.65 -28.77
N SER B 326 27.13 -19.45 -27.54
CA SER B 326 26.58 -20.54 -26.74
C SER B 326 25.27 -20.10 -26.09
N TYR B 327 24.40 -21.06 -25.81
CA TYR B 327 23.11 -20.73 -25.20
C TYR B 327 22.57 -21.92 -24.42
N TYR B 328 21.91 -21.62 -23.29
CA TYR B 328 21.16 -22.60 -22.52
C TYR B 328 19.88 -21.92 -22.05
N ALA B 329 18.72 -22.44 -22.46
CA ALA B 329 17.42 -21.90 -22.08
C ALA B 329 16.52 -22.97 -21.48
N SER B 330 15.63 -22.54 -20.59
CA SER B 330 14.90 -23.47 -19.74
C SER B 330 13.64 -22.78 -19.21
N ILE B 331 12.51 -23.48 -19.29
CA ILE B 331 11.29 -23.06 -18.60
C ILE B 331 10.84 -24.23 -17.76
N GLY B 332 10.33 -23.94 -16.56
CA GLY B 332 10.01 -24.98 -15.61
C GLY B 332 8.89 -24.58 -14.69
N TYR B 333 8.33 -25.61 -14.02
CA TYR B 333 7.24 -25.45 -13.08
C TYR B 333 7.58 -26.21 -11.82
N PHE B 334 7.12 -25.71 -10.68
CA PHE B 334 7.35 -26.39 -9.42
C PHE B 334 6.25 -26.02 -8.46
N ASP B 335 5.61 -27.04 -7.88
CA ASP B 335 4.63 -26.85 -6.84
C ASP B 335 4.89 -27.89 -5.77
N GLN B 336 5.12 -27.43 -4.56
CA GLN B 336 5.22 -28.30 -3.41
C GLN B 336 4.22 -27.80 -2.37
N GLU B 337 3.29 -28.67 -1.99
CA GLU B 337 2.32 -28.40 -0.94
C GLU B 337 2.81 -28.89 0.41
N GLY B 338 2.50 -28.12 1.46
CA GLY B 338 2.87 -28.52 2.81
C GLY B 338 1.95 -29.58 3.38
N MET B 339 2.53 -30.51 4.12
CA MET B 339 1.72 -31.61 4.64
C MET B 339 0.95 -31.26 5.90
N ALA B 340 1.26 -30.15 6.54
CA ALA B 340 0.38 -29.70 7.60
C ALA B 340 -0.91 -29.16 6.98
N ARG B 341 -2.02 -29.30 7.71
CA ARG B 341 -3.28 -28.77 7.21
C ARG B 341 -3.32 -27.26 7.27
N GLU B 342 -2.59 -26.65 8.21
CA GLU B 342 -2.24 -25.23 8.08
C GLU B 342 -1.56 -25.05 6.74
N PRO B 343 -2.13 -24.30 5.80
CA PRO B 343 -1.61 -24.30 4.44
C PRO B 343 -0.23 -23.69 4.38
N ALA B 344 0.61 -24.32 3.57
CA ALA B 344 1.94 -23.82 3.31
C ALA B 344 2.36 -24.42 1.99
N ASN B 345 2.97 -23.62 1.13
CA ASN B 345 3.37 -24.15 -0.17
C ASN B 345 4.48 -23.29 -0.73
N PHE B 346 5.12 -23.83 -1.77
CA PHE B 346 6.06 -23.09 -2.59
C PHE B 346 5.76 -23.44 -4.04
N LYS B 347 5.39 -22.43 -4.81
CA LYS B 347 5.06 -22.57 -6.21
C LYS B 347 5.95 -21.64 -7.02
N ARG B 348 6.49 -22.13 -8.12
CA ARG B 348 7.43 -21.35 -8.90
C ARG B 348 7.22 -21.66 -10.38
N TYR B 349 7.01 -20.60 -11.20
CA TYR B 349 7.11 -20.69 -12.65
C TYR B 349 8.32 -19.88 -13.05
N SER B 350 9.27 -20.53 -13.74
CA SER B 350 10.64 -20.05 -13.81
C SER B 350 11.15 -20.07 -15.24
N GLY B 351 12.11 -19.20 -15.52
CA GLY B 351 12.77 -19.18 -16.82
C GLY B 351 14.21 -18.74 -16.70
N ARG B 352 15.05 -19.27 -17.58
CA ARG B 352 16.44 -18.87 -17.64
C ARG B 352 16.86 -18.86 -19.09
N LEU B 353 17.56 -17.80 -19.50
CA LEU B 353 18.30 -17.77 -20.76
C LEU B 353 19.75 -17.41 -20.45
N ASN B 354 20.64 -18.36 -20.65
CA ASN B 354 22.07 -18.12 -20.57
C ASN B 354 22.63 -18.08 -21.99
N PHE B 355 23.35 -17.01 -22.33
CA PHE B 355 24.04 -16.98 -23.60
C PHE B 355 25.42 -16.37 -23.40
N GLU B 356 26.27 -16.56 -24.40
CA GLU B 356 27.57 -15.93 -24.49
C GLU B 356 28.08 -16.09 -25.91
N SER B 357 28.91 -15.15 -26.33
CA SER B 357 29.37 -15.16 -27.72
C SER B 357 30.75 -14.53 -27.83
N ARG B 358 31.65 -15.18 -28.54
CA ARG B 358 32.92 -14.56 -28.92
C ARG B 358 32.62 -13.64 -30.09
N ILE B 359 32.44 -12.35 -29.82
CA ILE B 359 32.00 -11.46 -30.89
C ILE B 359 33.14 -11.14 -31.85
N ASN B 360 34.38 -11.12 -31.37
CA ASN B 360 35.54 -10.96 -32.24
C ASN B 360 36.79 -11.39 -31.48
N GLU B 361 37.94 -11.06 -32.05
CA GLU B 361 39.21 -11.54 -31.53
C GLU B 361 39.42 -11.12 -30.08
N TRP B 362 38.95 -9.94 -29.72
CA TRP B 362 39.22 -9.38 -28.40
C TRP B 362 38.03 -9.40 -27.45
N LEU B 363 36.80 -9.56 -27.95
CA LEU B 363 35.61 -9.38 -27.11
C LEU B 363 34.77 -10.64 -27.04
N LYS B 364 34.52 -11.11 -25.81
CA LYS B 364 33.49 -12.09 -25.51
C LYS B 364 32.50 -11.43 -24.55
N VAL B 365 31.20 -11.59 -24.82
CA VAL B 365 30.16 -11.04 -23.99
C VAL B 365 29.21 -12.16 -23.61
N GLY B 366 28.33 -11.88 -22.66
CA GLY B 366 27.35 -12.89 -22.27
C GLY B 366 26.39 -12.36 -21.22
N ALA B 367 25.39 -13.19 -20.94
CA ALA B 367 24.40 -12.83 -19.95
C ALA B 367 23.79 -14.12 -19.42
N ASN B 368 23.38 -14.09 -18.14
CA ASN B 368 22.83 -15.26 -17.44
C ASN B 368 21.46 -14.86 -16.87
N LEU B 369 20.52 -14.63 -17.76
CA LEU B 369 19.20 -14.12 -17.37
C LEU B 369 18.30 -15.20 -16.78
N SER B 370 17.62 -14.85 -15.70
CA SER B 370 16.70 -15.77 -15.05
C SER B 370 15.55 -14.99 -14.40
N GLY B 371 14.41 -15.66 -14.27
CA GLY B 371 13.26 -15.02 -13.66
C GLY B 371 12.26 -16.01 -13.13
N ALA B 372 11.31 -15.49 -12.36
CA ALA B 372 10.30 -16.39 -11.80
C ALA B 372 9.07 -15.61 -11.35
N ILE B 373 7.93 -16.28 -11.46
CA ILE B 373 6.75 -15.94 -10.70
C ILE B 373 6.67 -16.98 -9.60
N ALA B 374 6.49 -16.55 -8.36
CA ALA B 374 6.61 -17.48 -7.25
C ALA B 374 5.56 -17.20 -6.20
N ASN B 375 4.90 -18.25 -5.72
CA ASN B 375 3.90 -18.16 -4.68
C ASN B 375 4.40 -18.93 -3.48
N ARG B 376 4.56 -18.24 -2.35
CA ARG B 376 5.20 -18.81 -1.18
C ARG B 376 4.28 -18.56 0.00
N ARG B 377 3.95 -19.64 0.73
CA ARG B 377 3.02 -19.54 1.85
C ARG B 377 3.52 -20.33 3.06
N SER B 378 3.57 -19.65 4.20
CA SER B 378 4.11 -20.18 5.46
C SER B 378 3.01 -20.60 6.42
N ALA B 379 3.23 -21.71 7.12
CA ALA B 379 2.36 -22.10 8.23
C ALA B 379 2.90 -21.39 9.46
N ASP B 380 2.17 -20.40 9.96
CA ASP B 380 2.78 -19.46 10.87
C ASP B 380 2.41 -19.69 12.33
N TYR B 381 1.94 -20.89 12.69
CA TYR B 381 1.69 -21.18 14.09
C TYR B 381 2.67 -22.18 14.68
N PHE B 382 3.44 -22.85 13.84
CA PHE B 382 4.35 -23.87 14.34
C PHE B 382 5.44 -23.25 15.20
N GLY B 383 5.98 -24.04 16.12
CA GLY B 383 6.95 -23.54 17.07
C GLY B 383 6.38 -22.67 18.17
N LYS B 384 5.09 -22.41 18.19
CA LYS B 384 4.47 -21.80 19.35
C LYS B 384 3.42 -22.76 19.88
N TYR B 385 3.08 -22.61 21.16
CA TYR B 385 2.22 -23.55 21.86
C TYR B 385 0.81 -23.00 21.88
N TYR B 386 0.02 -23.46 20.92
CA TYR B 386 -1.38 -23.09 20.73
C TYR B 386 -2.23 -24.34 20.86
N MET B 387 -3.22 -24.27 21.74
CA MET B 387 -4.20 -25.34 21.86
C MET B 387 -4.66 -25.82 20.49
N GLY B 388 -4.62 -27.13 20.30
CA GLY B 388 -5.10 -27.78 19.09
C GLY B 388 -4.30 -27.51 17.81
N SER B 389 -3.18 -26.81 17.91
CA SER B 389 -2.41 -26.39 16.76
C SER B 389 -1.17 -27.26 16.57
N GLY B 390 -0.86 -27.60 15.32
CA GLY B 390 0.37 -28.32 14.94
C GLY B 390 0.56 -29.67 15.63
N THR B 391 1.79 -30.20 15.53
CA THR B 391 2.11 -31.47 16.20
C THR B 391 1.90 -31.40 17.70
N PHE B 392 2.02 -30.23 18.30
CA PHE B 392 1.68 -30.09 19.71
C PHE B 392 0.24 -30.52 19.98
N GLY B 393 -0.69 -29.98 19.19
CA GLY B 393 -2.07 -30.39 19.30
C GLY B 393 -2.32 -31.83 18.86
N VAL B 394 -1.47 -32.36 17.98
CA VAL B 394 -1.64 -33.74 17.55
C VAL B 394 -1.50 -34.69 18.74
N LEU B 395 -0.60 -34.38 19.67
CA LEU B 395 -0.45 -35.17 20.89
C LEU B 395 -1.35 -34.70 22.02
N THR B 396 -1.56 -33.40 22.18
CA THR B 396 -2.13 -32.93 23.44
C THR B 396 -3.62 -32.67 23.39
N MET B 397 -4.25 -32.70 22.20
CA MET B 397 -5.72 -32.66 22.10
C MET B 397 -6.31 -33.91 22.73
N PRO B 398 -7.18 -33.77 23.72
CA PRO B 398 -7.91 -34.94 24.24
C PRO B 398 -8.60 -35.68 23.11
N ARG B 399 -8.49 -37.01 23.13
CA ARG B 399 -9.05 -37.78 22.02
C ARG B 399 -10.58 -37.87 22.07
N TYR B 400 -11.20 -37.42 23.17
CA TYR B 400 -12.65 -37.39 23.23
C TYR B 400 -13.25 -36.13 22.60
N TYR B 401 -12.43 -35.18 22.20
CA TYR B 401 -12.88 -34.09 21.36
C TYR B 401 -12.64 -34.50 19.91
N ASN B 402 -13.65 -34.30 19.07
CA ASN B 402 -13.68 -34.78 17.70
C ASN B 402 -13.89 -33.62 16.73
N PRO B 403 -12.92 -33.31 15.88
CA PRO B 403 -13.11 -32.29 14.83
C PRO B 403 -13.66 -32.80 13.51
N PHE B 404 -14.08 -34.05 13.38
CA PHE B 404 -14.67 -34.46 12.11
C PHE B 404 -16.19 -34.51 12.20
N ASP B 405 -16.82 -34.51 11.03
CA ASP B 405 -18.25 -34.79 10.91
C ASP B 405 -18.45 -36.30 10.71
N VAL B 406 -19.71 -36.73 10.56
CA VAL B 406 -20.03 -38.16 10.43
C VAL B 406 -19.40 -38.75 9.19
N ASN B 407 -18.91 -37.92 8.27
CA ASN B 407 -18.32 -38.36 7.01
C ASN B 407 -16.80 -38.47 7.04
N GLY B 408 -16.14 -38.10 8.14
CA GLY B 408 -14.71 -38.22 8.21
C GLY B 408 -13.93 -37.10 7.57
N ASP B 409 -14.62 -36.14 6.94
CA ASP B 409 -13.99 -34.89 6.61
C ASP B 409 -14.03 -33.99 7.82
N LEU B 410 -13.03 -33.11 7.93
CA LEU B 410 -13.02 -32.20 9.07
C LEU B 410 -14.29 -31.38 9.08
N ALA B 411 -14.87 -31.24 10.27
CA ALA B 411 -15.92 -30.26 10.47
C ALA B 411 -15.34 -28.86 10.30
N ASP B 412 -16.20 -27.85 10.29
CA ASP B 412 -15.70 -26.48 10.31
C ASP B 412 -15.14 -26.14 11.67
N VAL B 413 -15.69 -26.76 12.71
CA VAL B 413 -15.52 -26.25 14.05
C VAL B 413 -15.34 -27.44 14.97
N TYR B 414 -14.74 -27.20 16.13
CA TYR B 414 -14.63 -28.23 17.19
C TYR B 414 -14.83 -27.53 18.53
N TYR B 415 -14.85 -28.32 19.59
CA TYR B 415 -15.32 -27.87 20.88
C TYR B 415 -14.36 -28.33 21.94
N MET B 416 -14.13 -27.48 22.95
CA MET B 416 -13.50 -27.89 24.21
C MET B 416 -14.32 -27.29 25.34
N TYR B 417 -14.35 -28.00 26.47
CA TYR B 417 -15.22 -27.56 27.55
C TYR B 417 -14.82 -26.18 28.04
N GLY B 418 -15.82 -25.36 28.33
CA GLY B 418 -15.60 -24.03 28.83
C GLY B 418 -15.60 -22.98 27.74
N ALA B 419 -15.27 -23.35 26.51
CA ALA B 419 -15.26 -22.40 25.40
C ALA B 419 -16.62 -21.76 25.24
N THR B 420 -16.60 -20.50 24.84
CA THR B 420 -17.83 -19.76 24.62
C THR B 420 -17.96 -19.40 23.16
N ARG B 421 -17.15 -20.01 22.31
CA ARG B 421 -17.21 -19.84 20.91
C ARG B 421 -16.51 -21.14 20.50
N PRO B 422 -17.08 -21.90 19.58
CA PRO B 422 -16.38 -23.08 19.09
C PRO B 422 -15.17 -22.66 18.27
N SER B 423 -14.26 -23.60 18.13
CA SER B 423 -12.93 -23.33 17.58
C SER B 423 -12.87 -23.86 16.16
N MET B 424 -12.19 -23.14 15.29
CA MET B 424 -12.20 -23.48 13.89
C MET B 424 -11.09 -24.46 13.59
N THR B 425 -11.39 -25.43 12.73
CA THR B 425 -10.41 -26.37 12.23
C THR B 425 -9.45 -25.69 11.27
N GLU B 426 -8.38 -26.38 10.89
CA GLU B 426 -7.47 -25.84 9.89
C GLU B 426 -8.17 -25.50 8.58
N PRO B 427 -8.82 -26.45 7.88
CA PRO B 427 -9.29 -26.15 6.53
C PRO B 427 -10.26 -24.99 6.51
N TYR B 428 -11.05 -24.85 7.57
CA TYR B 428 -12.05 -23.80 7.60
C TYR B 428 -11.42 -22.46 7.96
N PHE B 429 -10.53 -22.47 8.93
CA PHE B 429 -9.74 -21.29 9.23
C PHE B 429 -9.07 -20.77 7.98
N ALA B 430 -8.54 -21.68 7.16
CA ALA B 430 -7.87 -21.26 5.94
C ALA B 430 -8.85 -20.58 4.98
N LYS B 431 -10.09 -21.09 4.90
CA LYS B 431 -11.10 -20.44 4.07
C LYS B 431 -11.45 -19.05 4.60
N MET B 432 -11.47 -18.89 5.92
CA MET B 432 -11.82 -17.59 6.47
C MET B 432 -10.63 -16.65 6.49
N ARG B 433 -9.41 -17.19 6.44
CA ARG B 433 -8.19 -16.39 6.43
C ARG B 433 -7.42 -16.73 5.15
N PRO B 434 -7.93 -16.31 4.00
CA PRO B 434 -7.17 -16.52 2.76
C PRO B 434 -5.93 -15.65 2.72
N PHE B 435 -4.91 -16.15 2.03
CA PHE B 435 -3.63 -15.50 1.91
C PHE B 435 -3.08 -15.84 0.53
N SER B 436 -2.61 -14.84 -0.21
CA SER B 436 -1.86 -15.12 -1.43
C SER B 436 -0.63 -14.24 -1.46
N SER B 437 0.39 -14.72 -2.16
CA SER B 437 1.60 -13.93 -2.34
C SER B 437 2.12 -14.29 -3.72
N GLU B 438 2.26 -13.29 -4.58
CA GLU B 438 2.86 -13.50 -5.90
C GLU B 438 4.09 -12.62 -5.98
N SER B 439 5.25 -13.26 -6.10
CA SER B 439 6.54 -12.61 -6.19
C SER B 439 7.01 -12.66 -7.64
N HIS B 440 7.32 -11.50 -8.20
CA HIS B 440 7.96 -11.40 -9.50
C HIS B 440 9.46 -11.21 -9.29
N GLN B 441 10.24 -12.08 -9.90
CA GLN B 441 11.67 -12.14 -9.66
C GLN B 441 12.39 -12.10 -10.99
N ALA B 442 13.19 -11.05 -11.19
CA ALA B 442 14.00 -10.89 -12.38
C ALA B 442 15.44 -10.70 -11.95
N ASN B 443 16.35 -11.40 -12.63
CA ASN B 443 17.77 -11.37 -12.35
C ASN B 443 18.45 -11.08 -13.69
N VAL B 444 18.81 -9.82 -13.93
CA VAL B 444 19.42 -9.43 -15.18
C VAL B 444 20.89 -9.13 -14.95
N ASN B 445 21.74 -9.67 -15.81
CA ASN B 445 23.18 -9.50 -15.68
C ASN B 445 23.81 -9.60 -17.05
N GLY B 446 25.06 -9.19 -17.12
CA GLY B 446 25.87 -9.33 -18.31
C GLY B 446 27.32 -9.16 -17.93
N PHE B 447 28.19 -9.54 -18.85
CA PHE B 447 29.62 -9.38 -18.70
C PHE B 447 30.21 -9.09 -20.07
N ALA B 448 31.25 -8.27 -20.08
CA ALA B 448 32.12 -8.12 -21.22
C ALA B 448 33.48 -8.67 -20.82
N GLN B 449 34.11 -9.41 -21.72
CA GLN B 449 35.45 -9.96 -21.47
C GLN B 449 36.37 -9.49 -22.59
N ILE B 450 37.23 -8.52 -22.28
CA ILE B 450 38.13 -7.91 -23.24
C ILE B 450 39.54 -8.41 -22.99
N THR B 451 40.15 -9.01 -24.01
CA THR B 451 41.51 -9.51 -23.95
C THR B 451 42.35 -8.72 -24.94
N PRO B 452 42.94 -7.58 -24.54
CA PRO B 452 43.62 -6.69 -25.51
C PRO B 452 45.02 -7.12 -25.91
N ILE B 453 45.75 -7.80 -25.04
CA ILE B 453 47.06 -8.39 -25.32
C ILE B 453 47.16 -9.74 -24.62
N LYS B 454 48.25 -10.45 -24.87
CA LYS B 454 48.37 -11.83 -24.39
C LYS B 454 48.55 -11.84 -22.87
N GLY B 455 47.67 -12.56 -22.18
CA GLY B 455 47.66 -12.62 -20.73
C GLY B 455 46.74 -11.63 -20.05
N LEU B 456 46.31 -10.57 -20.74
CA LEU B 456 45.50 -9.51 -20.14
C LEU B 456 44.02 -9.79 -20.38
N THR B 457 43.31 -10.24 -19.34
CA THR B 457 41.86 -10.43 -19.38
C THR B 457 41.21 -9.38 -18.49
N LEU B 458 40.51 -8.43 -19.11
CA LEU B 458 39.70 -7.43 -18.40
C LEU B 458 38.24 -7.86 -18.47
N LYS B 459 37.62 -8.08 -17.30
CA LYS B 459 36.22 -8.51 -17.23
C LYS B 459 35.42 -7.57 -16.34
N ALA B 460 34.43 -6.90 -16.94
CA ALA B 460 33.47 -6.11 -16.21
C ALA B 460 32.14 -6.86 -16.22
N GLN B 461 31.51 -6.95 -15.04
CA GLN B 461 30.26 -7.68 -14.89
C GLN B 461 29.32 -6.85 -14.03
N ALA B 462 28.05 -6.84 -14.40
CA ALA B 462 27.08 -6.01 -13.71
C ALA B 462 25.72 -6.68 -13.80
N GLY B 463 24.93 -6.51 -12.74
CA GLY B 463 23.70 -7.22 -12.58
C GLY B 463 22.81 -6.67 -11.49
N VAL B 464 21.51 -6.89 -11.63
CA VAL B 464 20.52 -6.46 -10.66
C VAL B 464 19.57 -7.62 -10.44
N ASP B 465 19.21 -7.86 -9.18
CA ASP B 465 18.21 -8.85 -8.84
C ASP B 465 17.03 -8.12 -8.25
N ILE B 466 15.88 -8.19 -8.92
CA ILE B 466 14.72 -7.40 -8.55
C ILE B 466 13.62 -8.34 -8.06
N THR B 467 13.09 -8.05 -6.88
CA THR B 467 11.94 -8.75 -6.33
C THR B 467 10.82 -7.74 -6.12
N ASN B 468 9.66 -8.01 -6.71
CA ASN B 468 8.43 -7.30 -6.39
C ASN B 468 7.41 -8.32 -5.94
N THR B 469 6.95 -8.19 -4.70
CA THR B 469 6.05 -9.17 -4.10
C THR B 469 4.80 -8.49 -3.58
N ARG B 470 3.65 -8.98 -4.04
CA ARG B 470 2.35 -8.54 -3.57
C ARG B 470 1.73 -9.67 -2.75
N THR B 471 1.18 -9.33 -1.59
CA THR B 471 0.50 -10.31 -0.74
C THR B 471 -0.84 -9.78 -0.30
N SER B 472 -1.83 -10.64 -0.37
CA SER B 472 -3.19 -10.28 0.01
C SER B 472 -3.66 -11.22 1.11
N SER B 473 -4.32 -10.64 2.09
CA SER B 473 -4.72 -11.32 3.31
C SER B 473 -6.11 -10.84 3.70
N LYS B 474 -6.99 -11.76 4.06
CA LYS B 474 -8.35 -11.38 4.36
C LYS B 474 -8.80 -11.95 5.68
N ARG B 475 -9.72 -11.24 6.33
CA ARG B 475 -10.59 -11.81 7.34
C ARG B 475 -12.01 -11.80 6.76
N MET B 476 -12.52 -12.99 6.41
CA MET B 476 -13.80 -13.08 5.72
C MET B 476 -14.95 -12.58 6.59
N PRO B 477 -15.82 -11.72 6.06
CA PRO B 477 -16.98 -11.25 6.83
C PRO B 477 -18.04 -12.32 7.03
N ASN B 478 -18.94 -12.05 7.98
CA ASN B 478 -20.16 -12.83 8.17
C ASN B 478 -19.85 -14.26 8.58
N ASN B 479 -18.70 -14.48 9.17
CA ASN B 479 -18.34 -15.79 9.69
C ASN B 479 -18.93 -15.95 11.09
N PRO B 480 -19.81 -16.94 11.33
CA PRO B 480 -20.50 -17.01 12.63
C PRO B 480 -19.60 -17.49 13.74
N TYR B 481 -18.47 -18.13 13.42
CA TYR B 481 -17.53 -18.57 14.43
C TYR B 481 -16.39 -17.58 14.64
N ASP B 482 -16.49 -16.40 14.03
CA ASP B 482 -15.56 -15.33 14.33
C ASP B 482 -16.18 -14.42 15.38
N SER B 483 -15.35 -13.57 15.99
CA SER B 483 -15.85 -12.64 17.00
C SER B 483 -16.50 -11.37 16.43
N THR B 484 -16.31 -11.03 15.15
CA THR B 484 -17.03 -9.98 14.45
C THR B 484 -17.61 -10.54 13.16
N PRO B 485 -18.80 -10.07 12.75
CA PRO B 485 -19.21 -10.34 11.37
C PRO B 485 -18.45 -9.49 10.37
N LEU B 486 -17.82 -8.41 10.83
CA LEU B 486 -17.13 -7.49 9.95
C LEU B 486 -15.82 -8.11 9.48
N GLY B 487 -15.55 -8.01 8.19
CA GLY B 487 -14.31 -8.49 7.61
C GLY B 487 -13.18 -7.45 7.62
N GLU B 488 -12.04 -7.90 7.10
CA GLU B 488 -10.79 -7.16 7.13
C GLU B 488 -9.99 -7.57 5.92
N ARG B 489 -9.09 -6.70 5.48
CA ARG B 489 -8.23 -7.05 4.37
C ARG B 489 -6.94 -6.24 4.46
N ARG B 490 -5.82 -6.89 4.17
CA ARG B 490 -4.51 -6.25 4.21
C ARG B 490 -3.76 -6.55 2.92
N GLU B 491 -3.22 -5.49 2.33
CA GLU B 491 -2.46 -5.55 1.09
C GLU B 491 -1.05 -5.03 1.35
N ARG B 492 -0.08 -5.68 0.72
CA ARG B 492 1.33 -5.40 0.94
C ARG B 492 2.09 -5.45 -0.36
N ALA B 493 3.00 -4.49 -0.54
CA ALA B 493 3.89 -4.51 -1.68
C ALA B 493 5.32 -4.48 -1.17
N TYR B 494 6.09 -5.49 -1.58
CA TYR B 494 7.50 -5.63 -1.22
C TYR B 494 8.35 -5.32 -2.44
N ARG B 495 9.42 -4.53 -2.24
CA ARG B 495 10.40 -4.27 -3.28
C ARG B 495 11.81 -4.50 -2.75
N ASP B 496 12.56 -5.33 -3.47
CA ASP B 496 13.96 -5.61 -3.18
C ASP B 496 14.73 -5.39 -4.46
N VAL B 497 15.66 -4.44 -4.42
CA VAL B 497 16.58 -4.20 -5.52
C VAL B 497 17.99 -4.39 -4.97
N SER B 498 18.75 -5.29 -5.59
CA SER B 498 20.12 -5.55 -5.18
C SER B 498 21.01 -5.57 -6.41
N LYS B 499 22.06 -4.73 -6.41
CA LYS B 499 22.91 -4.46 -7.56
C LYS B 499 24.34 -4.94 -7.30
N SER B 500 25.01 -5.38 -8.35
CA SER B 500 26.42 -5.73 -8.27
C SER B 500 27.17 -5.26 -9.51
N PHE B 501 28.39 -4.78 -9.29
CA PHE B 501 29.35 -4.51 -10.34
C PHE B 501 30.68 -5.05 -9.86
N THR B 502 31.30 -5.94 -10.64
CA THR B 502 32.60 -6.47 -10.29
C THR B 502 33.49 -6.41 -11.52
N ASN B 503 34.60 -5.70 -11.41
CA ASN B 503 35.50 -5.40 -12.52
C ASN B 503 36.90 -5.89 -12.18
N THR B 504 37.47 -6.69 -13.05
CA THR B 504 38.76 -7.28 -12.78
C THR B 504 39.68 -7.11 -13.97
N ALA B 505 40.97 -6.96 -13.68
CA ALA B 505 42.02 -7.13 -14.68
C ALA B 505 42.89 -8.29 -14.23
N GLU B 506 43.22 -9.17 -15.17
CA GLU B 506 44.03 -10.35 -14.90
C GLU B 506 45.12 -10.44 -15.94
N TYR B 507 46.37 -10.47 -15.49
CA TYR B 507 47.53 -10.57 -16.38
C TYR B 507 48.20 -11.92 -16.15
N LYS B 508 48.16 -12.79 -17.17
CA LYS B 508 48.82 -14.08 -17.13
C LYS B 508 50.08 -14.00 -17.99
N PHE B 509 51.24 -14.09 -17.36
CA PHE B 509 52.50 -14.13 -18.10
C PHE B 509 53.47 -15.08 -17.40
N SER B 510 54.42 -15.60 -18.19
CA SER B 510 55.44 -16.50 -17.67
C SER B 510 56.81 -15.87 -17.90
N ILE B 511 57.57 -15.68 -16.82
CA ILE B 511 58.86 -15.03 -16.91
C ILE B 511 59.91 -15.92 -17.58
N ASP B 512 59.71 -17.24 -17.58
CA ASP B 512 60.37 -18.16 -18.49
C ASP B 512 59.39 -19.31 -18.68
N GLU B 513 59.87 -20.53 -18.91
CA GLU B 513 58.94 -21.65 -19.08
C GLU B 513 58.85 -22.56 -17.86
N LYS B 514 59.79 -22.44 -16.93
CA LYS B 514 59.69 -23.10 -15.64
C LYS B 514 59.19 -22.17 -14.54
N HIS B 515 58.72 -20.97 -14.89
CA HIS B 515 58.23 -20.01 -13.91
C HIS B 515 57.01 -19.28 -14.48
N ASP B 516 55.90 -19.32 -13.74
CA ASP B 516 54.61 -18.79 -14.18
C ASP B 516 54.03 -17.83 -13.15
N LEU B 517 53.42 -16.76 -13.64
CA LEU B 517 52.83 -15.73 -12.80
C LEU B 517 51.47 -15.34 -13.36
N THR B 518 50.48 -15.14 -12.49
CA THR B 518 49.22 -14.54 -12.90
C THR B 518 48.82 -13.54 -11.84
N ALA B 519 48.60 -12.31 -12.26
CA ALA B 519 48.21 -11.24 -11.36
C ALA B 519 46.76 -10.89 -11.63
N LEU B 520 46.03 -10.55 -10.58
CA LEU B 520 44.61 -10.21 -10.69
C LEU B 520 44.29 -9.10 -9.70
N MET B 521 43.53 -8.10 -10.17
CA MET B 521 43.08 -7.01 -9.33
C MET B 521 41.65 -6.68 -9.71
N GLY B 522 40.88 -6.22 -8.72
CA GLY B 522 39.46 -6.11 -8.91
C GLY B 522 38.81 -5.01 -8.09
N HIS B 523 37.65 -4.57 -8.58
CA HIS B 523 36.80 -3.64 -7.86
C HIS B 523 35.40 -4.24 -7.81
N GLU B 524 34.79 -4.24 -6.63
CA GLU B 524 33.45 -4.77 -6.46
C GLU B 524 32.58 -3.77 -5.71
N TYR B 525 31.41 -3.46 -6.29
CA TYR B 525 30.39 -2.66 -5.63
C TYR B 525 29.09 -3.46 -5.55
N ILE B 526 28.51 -3.52 -4.36
CA ILE B 526 27.23 -4.17 -4.13
C ILE B 526 26.36 -3.18 -3.39
N GLU B 527 25.07 -3.26 -3.62
CA GLU B 527 24.18 -2.27 -3.07
C GLU B 527 22.80 -2.90 -3.00
N TYR B 528 22.11 -2.72 -1.87
CA TYR B 528 20.77 -3.26 -1.72
C TYR B 528 19.87 -2.17 -1.18
N GLU B 529 18.70 -2.02 -1.78
CA GLU B 529 17.65 -1.13 -1.28
C GLU B 529 16.38 -1.96 -1.20
N GLY B 530 15.76 -1.99 -0.03
CA GLY B 530 14.57 -2.79 0.17
C GLY B 530 13.46 -1.99 0.81
N ASP B 531 12.25 -2.49 0.63
CA ASP B 531 11.03 -1.68 0.70
C ASP B 531 9.86 -2.58 1.08
N VAL B 532 9.02 -2.14 2.02
CA VAL B 532 7.69 -2.73 2.09
C VAL B 532 6.69 -1.68 2.57
N ILE B 533 5.51 -1.70 1.94
CA ILE B 533 4.38 -0.89 2.35
C ILE B 533 3.18 -1.80 2.50
N GLY B 534 2.32 -1.45 3.43
CA GLY B 534 1.17 -2.27 3.72
C GLY B 534 0.04 -1.36 4.14
N ALA B 535 -1.18 -1.76 3.78
CA ALA B 535 -2.36 -1.05 4.23
C ALA B 535 -3.43 -2.07 4.52
N SER B 536 -4.36 -1.70 5.40
CA SER B 536 -5.42 -2.62 5.78
C SER B 536 -6.70 -1.86 6.09
N SER B 537 -7.83 -2.50 5.84
CA SER B 537 -9.13 -1.90 6.14
C SER B 537 -10.00 -2.94 6.79
N LYS B 538 -11.06 -2.49 7.46
CA LYS B 538 -11.94 -3.45 8.09
C LYS B 538 -13.35 -2.88 8.20
N GLY B 539 -14.24 -3.67 8.79
CA GLY B 539 -15.65 -3.37 8.79
C GLY B 539 -16.39 -3.79 7.56
N PHE B 540 -15.78 -4.62 6.70
CA PHE B 540 -16.48 -5.09 5.52
C PHE B 540 -17.68 -5.97 5.90
N GLU B 541 -18.80 -5.78 5.20
CA GLU B 541 -20.03 -6.50 5.50
C GLU B 541 -20.45 -7.43 4.36
N SER B 542 -19.62 -7.57 3.34
CA SER B 542 -19.97 -8.38 2.19
C SER B 542 -18.70 -8.83 1.49
N ASP B 543 -18.58 -10.13 1.26
CA ASP B 543 -17.37 -10.61 0.62
C ASP B 543 -17.23 -10.08 -0.80
N LYS B 544 -18.32 -9.63 -1.42
CA LYS B 544 -18.23 -9.06 -2.76
C LYS B 544 -17.78 -7.61 -2.76
N LEU B 545 -17.74 -6.95 -1.60
CA LEU B 545 -17.41 -5.53 -1.49
C LEU B 545 -16.23 -5.35 -0.51
N MET B 546 -15.02 -5.65 -0.99
CA MET B 546 -13.86 -5.72 -0.11
C MET B 546 -12.63 -5.01 -0.67
N LEU B 547 -12.83 -3.96 -1.47
CA LEU B 547 -11.71 -3.11 -1.83
C LEU B 547 -11.31 -2.30 -0.61
N LEU B 548 -9.99 -2.12 -0.44
CA LEU B 548 -9.48 -1.38 0.72
C LEU B 548 -10.19 -0.06 0.89
N SER B 549 -10.48 0.62 -0.22
CA SER B 549 -11.24 1.87 -0.20
C SER B 549 -12.65 1.74 0.36
N GLN B 550 -13.16 0.53 0.57
CA GLN B 550 -14.54 0.36 1.01
C GLN B 550 -14.68 0.04 2.48
N GLY B 551 -13.60 0.11 3.25
CA GLY B 551 -13.67 -0.15 4.67
C GLY B 551 -14.32 0.99 5.41
N LYS B 552 -14.65 0.72 6.67
CA LYS B 552 -15.23 1.77 7.51
C LYS B 552 -14.17 2.81 7.87
N THR B 553 -14.62 4.06 8.04
CA THR B 553 -13.71 5.15 8.37
C THR B 553 -13.62 5.32 9.89
N GLY B 554 -13.23 6.50 10.38
CA GLY B 554 -13.28 6.72 11.81
C GLY B 554 -12.41 5.74 12.56
N ASN B 555 -12.93 5.26 13.70
CA ASN B 555 -12.24 4.38 14.65
C ASN B 555 -11.82 3.03 14.06
N SER B 556 -12.29 2.69 12.87
CA SER B 556 -11.87 1.48 12.17
C SER B 556 -10.64 1.72 11.33
N LEU B 557 -10.20 2.97 11.27
CA LEU B 557 -9.08 3.28 10.43
C LEU B 557 -7.79 2.83 11.10
N SER B 558 -6.73 2.79 10.32
CA SER B 558 -5.48 2.25 10.82
C SER B 558 -4.32 2.91 10.10
N LEU B 559 -3.17 2.82 10.69
CA LEU B 559 -1.94 3.36 10.13
C LEU B 559 -1.39 2.35 9.11
N PRO B 560 -0.78 2.81 8.03
CA PRO B 560 -0.15 1.87 7.10
C PRO B 560 1.14 1.28 7.68
N GLU B 561 1.57 0.20 7.07
CA GLU B 561 2.88 -0.35 7.33
C GLU B 561 3.90 0.26 6.36
N HIS B 562 5.13 0.45 6.86
CA HIS B 562 6.19 0.99 6.03
C HIS B 562 7.55 0.64 6.65
N ARG B 563 8.37 -0.11 5.94
CA ARG B 563 9.75 -0.35 6.35
C ARG B 563 10.69 -0.18 5.15
N VAL B 564 11.87 0.38 5.43
CA VAL B 564 12.90 0.69 4.43
C VAL B 564 14.25 0.20 4.96
N ALA B 565 15.14 -0.17 4.05
CA ALA B 565 16.40 -0.78 4.45
C ALA B 565 17.41 -0.69 3.32
N GLU B 566 18.64 -0.34 3.65
CA GLU B 566 19.69 -0.12 2.66
C GLU B 566 21.06 -0.56 3.21
N TYR B 567 21.89 -1.11 2.33
CA TYR B 567 23.26 -1.42 2.70
C TYR B 567 24.08 -1.44 1.41
N ALA B 568 25.40 -1.45 1.57
CA ALA B 568 26.30 -1.28 0.44
C ALA B 568 27.70 -1.74 0.82
N TYR B 569 28.40 -2.31 -0.16
CA TYR B 569 29.70 -2.90 0.08
C TYR B 569 30.64 -2.43 -1.03
N LEU B 570 31.66 -1.65 -0.67
CA LEU B 570 32.69 -1.27 -1.63
C LEU B 570 33.94 -2.09 -1.36
N SER B 571 34.53 -2.64 -2.42
CA SER B 571 35.66 -3.56 -2.29
C SER B 571 36.66 -3.36 -3.41
N PHE B 572 37.93 -3.45 -3.05
CA PHE B 572 39.01 -3.57 -4.01
C PHE B 572 39.85 -4.75 -3.56
N PHE B 573 40.23 -5.62 -4.50
CA PHE B 573 40.87 -6.87 -4.11
C PHE B 573 41.92 -7.26 -5.15
N SER B 574 42.75 -8.23 -4.77
CA SER B 574 43.88 -8.64 -5.59
C SER B 574 44.26 -10.07 -5.26
N ARG B 575 44.82 -10.75 -6.25
CA ARG B 575 45.15 -12.17 -6.08
C ARG B 575 46.21 -12.53 -7.10
N PHE B 576 47.32 -13.09 -6.62
CA PHE B 576 48.46 -13.42 -7.47
C PHE B 576 48.80 -14.90 -7.31
N ASN B 577 49.26 -15.51 -8.39
CA ASN B 577 49.60 -16.94 -8.40
C ASN B 577 50.94 -17.12 -9.09
N TYR B 578 51.80 -17.94 -8.47
CA TYR B 578 53.18 -18.21 -8.89
C TYR B 578 53.34 -19.70 -9.14
N GLY B 579 54.05 -20.05 -10.23
CA GLY B 579 54.18 -21.45 -10.60
C GLY B 579 55.59 -21.96 -10.86
N PHE B 580 56.24 -22.47 -9.81
CA PHE B 580 57.60 -23.02 -9.90
C PHE B 580 57.55 -24.42 -10.48
N ASP B 581 58.32 -24.64 -11.55
CA ASP B 581 58.38 -25.92 -12.25
C ASP B 581 56.99 -26.43 -12.56
N LYS B 582 56.59 -27.56 -11.99
CA LYS B 582 55.22 -28.01 -12.18
C LYS B 582 54.67 -28.61 -10.89
N TRP B 583 55.17 -28.16 -9.73
CA TRP B 583 54.91 -28.89 -8.50
C TRP B 583 54.79 -27.99 -7.27
N MET B 584 55.40 -26.81 -7.28
CA MET B 584 55.28 -25.88 -6.17
C MET B 584 54.51 -24.64 -6.60
N TYR B 585 53.36 -24.41 -5.98
CA TYR B 585 52.45 -23.33 -6.31
C TYR B 585 52.21 -22.48 -5.08
N ILE B 586 52.48 -21.19 -5.19
CA ILE B 586 52.18 -20.25 -4.11
C ILE B 586 51.27 -19.19 -4.68
N ASP B 587 50.16 -18.90 -3.97
CA ASP B 587 49.30 -17.79 -4.31
C ASP B 587 48.93 -17.00 -3.07
N PHE B 588 48.71 -15.70 -3.27
CA PHE B 588 48.62 -14.71 -2.21
C PHE B 588 47.59 -13.65 -2.59
N SER B 589 46.92 -13.08 -1.59
CA SER B 589 45.85 -12.13 -1.88
C SER B 589 45.75 -11.09 -0.77
N VAL B 590 45.29 -9.90 -1.13
CA VAL B 590 45.02 -8.81 -0.19
C VAL B 590 43.83 -8.02 -0.74
N ARG B 591 42.95 -7.59 0.16
CA ARG B 591 41.73 -6.94 -0.25
C ARG B 591 41.32 -5.94 0.82
N ASN B 592 40.50 -4.97 0.40
CA ASN B 592 39.96 -4.00 1.33
C ASN B 592 38.45 -3.96 1.18
N ASP B 593 37.74 -3.99 2.30
CA ASP B 593 36.29 -4.03 2.31
C ASP B 593 35.76 -2.93 3.20
N GLN B 594 34.79 -2.18 2.68
CA GLN B 594 34.05 -1.19 3.43
C GLN B 594 32.54 -1.46 3.33
N SER B 595 31.83 -1.18 4.43
CA SER B 595 30.41 -1.51 4.52
C SER B 595 29.56 -0.34 5.01
N SER B 596 28.41 -0.17 4.37
CA SER B 596 27.26 0.52 4.95
C SER B 596 27.15 0.41 6.46
N ARG B 597 27.29 -0.82 7.01
CA ARG B 597 26.76 -1.16 8.33
C ARG B 597 27.59 -0.62 9.48
N PHE B 598 28.78 -0.09 9.20
CA PHE B 598 29.60 0.56 10.23
C PHE B 598 29.77 2.02 9.87
N GLY B 599 30.08 2.80 10.90
CA GLY B 599 30.27 4.23 10.74
C GLY B 599 31.48 4.57 9.89
N SER B 600 31.53 5.84 9.51
CA SER B 600 32.49 6.30 8.53
C SER B 600 33.93 5.98 8.94
N ASN B 601 34.28 6.11 10.23
CA ASN B 601 35.68 5.94 10.59
C ASN B 601 36.05 4.52 10.96
N ASN B 602 35.12 3.56 10.85
CA ASN B 602 35.36 2.19 11.27
C ASN B 602 34.99 1.17 10.23
N ARG B 603 34.53 1.59 9.04
CA ARG B 603 33.87 0.68 8.12
C ARG B 603 34.82 -0.03 7.18
N SER B 604 36.11 0.33 7.18
CA SER B 604 37.08 -0.20 6.23
C SER B 604 38.01 -1.18 6.92
N ALA B 605 38.28 -2.30 6.26
CA ALA B 605 39.13 -3.34 6.82
C ALA B 605 39.98 -3.99 5.73
N TRP B 606 41.21 -4.33 6.09
CA TRP B 606 42.11 -5.03 5.19
C TRP B 606 42.19 -6.50 5.54
N PHE B 607 42.19 -7.34 4.50
CA PHE B 607 42.33 -8.78 4.67
C PHE B 607 43.35 -9.32 3.68
N TYR B 608 43.90 -10.48 4.01
CA TYR B 608 44.93 -11.10 3.20
C TYR B 608 44.86 -12.61 3.38
N SER B 609 45.57 -13.32 2.49
CA SER B 609 45.67 -14.76 2.58
C SER B 609 46.94 -15.22 1.87
N VAL B 610 47.58 -16.25 2.42
CA VAL B 610 48.75 -16.86 1.82
C VAL B 610 48.43 -18.34 1.60
N GLY B 611 48.85 -18.86 0.45
CA GLY B 611 48.52 -20.23 0.10
C GLY B 611 49.63 -21.01 -0.56
N GLY B 612 49.74 -22.28 -0.21
CA GLY B 612 50.75 -23.15 -0.80
C GLY B 612 50.16 -24.46 -1.25
N MET B 613 50.58 -24.92 -2.41
CA MET B 613 50.30 -26.27 -2.90
C MET B 613 51.60 -26.91 -3.33
N PHE B 614 51.79 -28.19 -2.96
CA PHE B 614 53.02 -28.92 -3.27
C PHE B 614 52.66 -30.28 -3.82
N ASP B 615 53.00 -30.51 -5.09
CA ASP B 615 52.67 -31.74 -5.81
C ASP B 615 53.74 -32.77 -5.50
N ILE B 616 53.63 -33.36 -4.30
CA ILE B 616 54.63 -34.32 -3.84
C ILE B 616 54.84 -35.43 -4.87
N TYR B 617 53.76 -35.91 -5.47
CA TYR B 617 53.86 -37.07 -6.36
C TYR B 617 54.63 -36.76 -7.63
N ASN B 618 54.46 -35.57 -8.19
CA ASN B 618 55.01 -35.26 -9.49
C ASN B 618 56.37 -34.58 -9.43
N LYS B 619 56.90 -34.38 -8.23
CA LYS B 619 58.30 -34.01 -8.03
C LYS B 619 59.11 -35.12 -7.40
N PHE B 620 58.54 -35.86 -6.45
CA PHE B 620 59.29 -36.83 -5.65
C PHE B 620 58.83 -38.27 -5.79
N ILE B 621 57.90 -38.58 -6.69
CA ILE B 621 57.43 -39.95 -6.81
C ILE B 621 57.45 -40.37 -8.29
N GLN B 622 57.78 -39.44 -9.18
CA GLN B 622 57.72 -39.69 -10.62
C GLN B 622 56.34 -40.17 -11.07
N GLU B 623 56.27 -41.44 -11.50
CA GLU B 623 55.03 -42.22 -11.60
C GLU B 623 55.28 -43.62 -11.10
N SER B 624 54.26 -44.20 -10.48
CA SER B 624 54.45 -45.33 -9.58
C SER B 624 53.42 -46.43 -9.86
N ASN B 625 53.18 -47.26 -8.86
CA ASN B 625 52.24 -48.37 -8.97
C ASN B 625 50.86 -47.97 -8.48
N TRP B 626 50.68 -48.00 -7.16
CA TRP B 626 49.35 -47.77 -6.60
C TRP B 626 49.04 -46.27 -6.52
N LEU B 627 49.98 -45.45 -6.06
CA LEU B 627 49.70 -44.04 -5.87
C LEU B 627 49.52 -43.36 -7.22
N SER B 628 48.51 -42.50 -7.31
CA SER B 628 48.27 -41.73 -8.52
C SER B 628 48.46 -40.25 -8.31
N ASP B 629 48.40 -39.78 -7.06
CA ASP B 629 48.36 -38.37 -6.77
C ASP B 629 48.70 -38.15 -5.30
N LEU B 630 49.38 -37.03 -5.03
CA LEU B 630 49.60 -36.59 -3.66
C LEU B 630 49.96 -35.11 -3.69
N ARG B 631 49.11 -34.28 -3.07
CA ARG B 631 49.32 -32.84 -3.00
C ARG B 631 49.18 -32.34 -1.57
N LEU B 632 50.13 -31.50 -1.17
CA LEU B 632 50.12 -30.85 0.13
C LEU B 632 49.59 -29.44 -0.06
N LYS B 633 48.70 -29.02 0.83
CA LYS B 633 48.07 -27.71 0.73
C LYS B 633 48.06 -27.03 2.09
N MET B 634 48.23 -25.72 2.10
CA MET B 634 48.36 -24.96 3.34
C MET B 634 47.90 -23.52 3.11
N SER B 635 47.22 -22.93 4.09
CA SER B 635 46.66 -21.59 3.94
C SER B 635 46.69 -20.87 5.28
N TYR B 636 47.05 -19.59 5.23
CA TYR B 636 46.77 -18.70 6.34
C TYR B 636 46.18 -17.44 5.76
N GLY B 637 45.14 -16.91 6.40
CA GLY B 637 44.57 -15.70 5.85
C GLY B 637 43.46 -15.19 6.73
N THR B 638 43.08 -13.95 6.46
CA THR B 638 42.05 -13.28 7.24
C THR B 638 40.87 -12.94 6.34
N THR B 639 39.70 -12.87 6.96
CA THR B 639 38.47 -12.58 6.26
C THR B 639 37.59 -11.78 7.20
N GLY B 640 36.59 -11.11 6.64
CA GLY B 640 35.63 -10.36 7.42
C GLY B 640 34.25 -11.00 7.44
N ASN B 641 33.57 -10.83 8.57
CA ASN B 641 32.14 -11.06 8.67
C ASN B 641 31.51 -9.74 9.10
N SER B 642 30.56 -9.25 8.30
CA SER B 642 29.80 -8.04 8.64
C SER B 642 28.31 -8.31 8.60
N GLU B 643 27.90 -9.58 8.64
CA GLU B 643 26.49 -9.94 8.47
C GLU B 643 25.74 -9.74 9.78
N ILE B 644 25.46 -8.47 10.07
CA ILE B 644 24.63 -8.05 11.19
C ILE B 644 23.55 -7.17 10.59
N GLY B 645 22.80 -6.47 11.43
CA GLY B 645 21.80 -5.53 10.95
C GLY B 645 22.42 -4.35 10.20
N ASN B 646 21.56 -3.55 9.60
CA ASN B 646 21.98 -2.49 8.68
C ASN B 646 22.30 -1.17 9.36
N TYR B 647 21.77 -0.93 10.56
CA TYR B 647 21.93 0.36 11.22
C TYR B 647 22.22 0.14 12.71
N ASN B 648 23.33 -0.52 13.03
CA ASN B 648 23.49 -0.97 14.41
C ASN B 648 24.44 -0.13 15.22
N HIS B 649 25.02 0.93 14.66
CA HIS B 649 25.91 1.76 15.44
C HIS B 649 25.29 3.07 15.88
N GLN B 650 24.18 3.47 15.26
CA GLN B 650 23.66 4.82 15.45
C GLN B 650 22.89 4.95 16.76
N ALA B 651 23.15 6.03 17.48
CA ALA B 651 22.38 6.39 18.67
C ALA B 651 21.15 7.12 18.20
N LEU B 652 20.02 6.42 18.19
CA LEU B 652 18.85 6.83 17.42
C LEU B 652 17.68 7.23 18.29
N VAL B 653 16.81 8.02 17.69
CA VAL B 653 15.57 8.49 18.28
C VAL B 653 14.49 8.11 17.30
N THR B 654 13.28 7.89 17.80
CA THR B 654 12.20 7.48 16.91
C THR B 654 10.88 8.08 17.37
N VAL B 655 9.90 8.05 16.45
CA VAL B 655 8.56 8.51 16.72
C VAL B 655 7.89 7.61 17.75
N ASN B 656 7.26 8.23 18.74
CA ASN B 656 6.49 7.52 19.75
C ASN B 656 5.46 8.49 20.32
N ASN B 657 4.34 8.59 19.64
CA ASN B 657 3.39 9.65 19.91
C ASN B 657 2.54 9.34 21.15
N TYR B 658 2.32 10.37 21.96
CA TYR B 658 1.41 10.32 23.08
C TYR B 658 -0.02 10.65 22.65
N THR B 659 -0.20 11.81 22.01
CA THR B 659 -1.50 12.31 21.58
C THR B 659 -1.63 12.18 20.07
N GLU B 660 -2.79 12.55 19.55
CA GLU B 660 -3.02 12.58 18.13
C GLU B 660 -2.67 13.93 17.51
N ASP B 661 -2.34 14.93 18.34
CA ASP B 661 -2.19 16.31 17.92
C ASP B 661 -0.76 16.81 17.95
N ALA B 662 0.20 15.99 18.40
CA ALA B 662 1.59 16.41 18.54
C ALA B 662 2.47 15.17 18.50
N MET B 663 3.70 15.34 18.05
CA MET B 663 4.60 14.21 17.85
C MET B 663 5.34 13.89 19.14
N GLY B 664 5.54 12.60 19.39
CA GLY B 664 6.36 12.13 20.50
C GLY B 664 7.65 11.52 20.00
N LEU B 665 8.75 11.80 20.71
CA LEU B 665 10.06 11.21 20.43
C LEU B 665 10.49 10.35 21.60
N SER B 666 11.12 9.22 21.28
CA SER B 666 11.61 8.27 22.27
C SER B 666 12.97 7.75 21.81
N ILE B 667 13.81 7.39 22.77
CA ILE B 667 15.12 6.85 22.45
C ILE B 667 14.95 5.44 21.91
N SER B 668 15.54 5.19 20.74
CA SER B 668 15.33 3.94 20.03
C SER B 668 16.51 2.97 20.17
N THR B 669 17.75 3.43 20.08
CA THR B 669 18.87 2.51 20.20
C THR B 669 19.89 3.07 21.16
N ALA B 670 20.79 2.18 21.60
CA ALA B 670 21.87 2.58 22.50
C ALA B 670 23.03 3.20 21.73
N GLY B 671 23.39 2.63 20.58
CA GLY B 671 24.48 3.10 19.76
C GLY B 671 25.83 2.50 20.15
N ASN B 672 26.73 2.48 19.19
CA ASN B 672 28.10 2.07 19.43
C ASN B 672 28.96 2.57 18.28
N PRO B 673 29.53 3.75 18.40
CA PRO B 673 30.23 4.33 17.24
C PRO B 673 31.45 3.54 16.79
N ASP B 674 32.06 2.71 17.65
CA ASP B 674 33.23 1.99 17.19
C ASP B 674 32.89 0.75 16.40
N LEU B 675 31.62 0.35 16.35
CA LEU B 675 31.21 -0.89 15.73
C LEU B 675 31.87 -1.07 14.37
N SER B 676 32.52 -2.21 14.18
CA SER B 676 33.20 -2.46 12.93
C SER B 676 33.24 -3.97 12.66
N TRP B 677 34.16 -4.38 11.79
CA TRP B 677 34.18 -5.73 11.24
C TRP B 677 34.50 -6.78 12.30
N GLU B 678 33.90 -7.95 12.13
CA GLU B 678 34.39 -9.15 12.78
C GLU B 678 35.52 -9.69 11.95
N LYS B 679 36.65 -9.97 12.59
CA LYS B 679 37.86 -10.39 11.89
C LYS B 679 38.12 -11.86 12.19
N GLN B 680 38.17 -12.68 11.14
CA GLN B 680 38.47 -14.09 11.25
C GLN B 680 39.74 -14.43 10.50
N SER B 681 40.62 -15.17 11.18
CA SER B 681 41.77 -15.81 10.59
C SER B 681 41.56 -17.32 10.61
N GLN B 682 42.13 -18.00 9.62
CA GLN B 682 42.00 -19.45 9.55
C GLN B 682 43.27 -20.03 8.97
N PHE B 683 43.82 -20.99 9.68
CA PHE B 683 44.89 -21.83 9.16
C PHE B 683 44.26 -23.11 8.65
N ASN B 684 44.76 -23.60 7.51
CA ASN B 684 44.27 -24.82 6.93
C ASN B 684 45.45 -25.66 6.44
N PHE B 685 45.46 -26.94 6.81
CA PHE B 685 46.47 -27.87 6.34
C PHE B 685 45.76 -29.04 5.66
N GLY B 686 45.96 -29.18 4.35
CA GLY B 686 45.28 -30.18 3.57
C GLY B 686 46.23 -31.18 2.93
N LEU B 687 45.63 -32.29 2.48
CA LEU B 687 46.37 -33.38 1.87
C LEU B 687 45.37 -34.14 1.01
N ALA B 688 45.65 -34.24 -0.29
CA ALA B 688 44.80 -34.94 -1.24
C ALA B 688 45.58 -36.05 -1.91
N ALA B 689 44.92 -37.15 -2.22
CA ALA B 689 45.63 -38.28 -2.80
C ALA B 689 44.70 -39.03 -3.75
N GLY B 690 45.32 -39.65 -4.75
CA GLY B 690 44.60 -40.52 -5.67
C GLY B 690 45.35 -41.82 -5.81
N ALA B 691 44.60 -42.92 -5.96
CA ALA B 691 45.21 -44.23 -5.85
C ALA B 691 44.73 -45.16 -6.95
N PHE B 692 45.58 -46.15 -7.22
CA PHE B 692 45.39 -47.21 -8.22
C PHE B 692 45.53 -46.57 -9.61
N ASN B 693 44.48 -46.07 -10.22
CA ASN B 693 44.70 -44.83 -10.96
C ASN B 693 43.50 -43.92 -10.76
N ASN B 694 43.57 -43.12 -9.70
CA ASN B 694 42.46 -42.28 -9.22
C ASN B 694 41.12 -43.00 -9.28
N ARG B 695 41.18 -44.31 -9.12
CA ARG B 695 40.04 -45.15 -8.82
C ARG B 695 39.66 -45.09 -7.33
N LEU B 696 40.58 -44.63 -6.47
CA LEU B 696 40.28 -44.30 -5.08
C LEU B 696 40.82 -42.90 -4.77
N SER B 697 39.92 -41.94 -4.60
CA SER B 697 40.24 -40.56 -4.28
C SER B 697 40.09 -40.33 -2.78
N ALA B 698 40.89 -39.41 -2.24
CA ALA B 698 40.73 -39.06 -0.85
C ALA B 698 41.33 -37.67 -0.63
N GLU B 699 40.87 -37.03 0.44
CA GLU B 699 41.41 -35.75 0.88
C GLU B 699 41.02 -35.54 2.33
N VAL B 700 41.98 -35.10 3.14
CA VAL B 700 41.72 -34.79 4.54
C VAL B 700 42.38 -33.46 4.85
N ASP B 701 41.70 -32.62 5.63
CA ASP B 701 42.14 -31.28 5.95
C ASP B 701 42.04 -31.02 7.44
N PHE B 702 43.04 -30.34 8.00
CA PHE B 702 43.01 -29.84 9.37
C PHE B 702 42.96 -28.32 9.36
N TYR B 703 42.24 -27.73 10.31
CA TYR B 703 42.03 -26.29 10.29
C TYR B 703 41.84 -25.70 11.69
N VAL B 704 42.37 -24.49 11.87
CA VAL B 704 42.11 -23.67 13.04
C VAL B 704 41.54 -22.35 12.56
N ARG B 705 40.29 -22.09 12.92
CA ARG B 705 39.55 -20.91 12.53
C ARG B 705 39.29 -20.10 13.80
N THR B 706 39.75 -18.85 13.79
CA THR B 706 39.69 -17.97 14.94
C THR B 706 38.87 -16.74 14.61
N THR B 707 38.21 -16.18 15.62
CA THR B 707 37.36 -15.01 15.44
C THR B 707 37.71 -13.98 16.49
N ASN B 708 38.17 -12.81 16.07
CA ASN B 708 38.44 -11.71 16.98
C ASN B 708 37.54 -10.53 16.66
N ASP B 709 37.50 -9.58 17.59
CA ASP B 709 36.57 -8.47 17.52
C ASP B 709 35.20 -8.99 17.13
N MET B 710 34.81 -10.04 17.83
CA MET B 710 33.61 -10.76 17.50
C MET B 710 32.40 -9.87 17.70
N LEU B 711 31.54 -9.83 16.69
CA LEU B 711 30.25 -9.14 16.78
C LEU B 711 29.33 -10.00 17.63
N ILE B 712 29.20 -9.63 18.89
CA ILE B 712 28.18 -10.17 19.78
C ILE B 712 27.11 -9.10 19.93
N ASP B 713 25.86 -9.49 19.69
CA ASP B 713 24.75 -8.62 20.02
C ASP B 713 24.58 -8.67 21.53
N VAL B 714 25.53 -8.06 22.24
CA VAL B 714 25.69 -8.17 23.69
C VAL B 714 24.35 -7.97 24.41
N PRO B 715 23.88 -8.96 25.18
CA PRO B 715 22.68 -8.74 25.96
C PRO B 715 22.94 -7.75 27.09
N MET B 716 22.00 -6.87 27.31
CA MET B 716 22.28 -5.88 28.32
C MET B 716 21.35 -6.05 29.50
N PRO B 717 21.76 -5.67 30.71
CA PRO B 717 20.82 -5.61 31.82
C PRO B 717 19.60 -4.77 31.45
N TYR B 718 18.43 -5.26 31.85
CA TYR B 718 17.20 -4.53 31.59
C TYR B 718 17.17 -3.18 32.32
N ILE B 719 18.07 -2.95 33.29
CA ILE B 719 18.15 -1.63 33.91
C ILE B 719 18.52 -0.58 32.87
N SER B 720 19.21 -0.99 31.81
CA SER B 720 19.58 -0.11 30.71
C SER B 720 18.39 0.38 29.92
N GLY B 721 17.25 -0.30 30.01
CA GLY B 721 16.14 0.05 29.16
C GLY B 721 16.30 -0.36 27.72
N PHE B 722 17.34 -1.13 27.40
CA PHE B 722 17.54 -1.69 26.08
C PHE B 722 17.59 -3.21 26.16
N PHE B 723 17.60 -3.85 25.00
CA PHE B 723 17.68 -5.30 24.91
C PHE B 723 19.08 -5.77 24.64
N SER B 724 19.78 -5.09 23.72
CA SER B 724 21.10 -5.53 23.32
C SER B 724 21.72 -4.46 22.44
N GLN B 725 23.04 -4.40 22.42
CA GLN B 725 23.77 -3.53 21.50
C GLN B 725 24.97 -4.30 20.98
N TYR B 726 25.17 -4.28 19.67
CA TYR B 726 26.30 -4.95 19.07
C TYR B 726 27.62 -4.33 19.50
N GLN B 727 28.59 -5.18 19.80
CA GLN B 727 29.91 -4.70 20.14
C GLN B 727 30.92 -5.68 19.57
N ASN B 728 32.11 -5.18 19.25
CA ASN B 728 33.21 -6.09 18.92
C ASN B 728 33.90 -6.42 20.23
N VAL B 729 33.49 -7.52 20.86
CA VAL B 729 33.94 -7.81 22.21
C VAL B 729 34.50 -9.21 22.37
N GLY B 730 33.93 -10.19 21.68
CA GLY B 730 34.22 -11.57 21.94
C GLY B 730 35.38 -12.12 21.11
N SER B 731 35.65 -13.40 21.33
CA SER B 731 36.54 -14.18 20.49
C SER B 731 36.23 -15.65 20.68
N MET B 732 36.49 -16.43 19.63
CA MET B 732 36.00 -17.79 19.55
C MET B 732 36.90 -18.56 18.59
N LYS B 733 36.94 -19.89 18.75
CA LYS B 733 37.88 -20.73 18.02
C LYS B 733 37.14 -21.95 17.49
N ASN B 734 37.51 -22.39 16.29
CA ASN B 734 36.93 -23.57 15.67
C ASN B 734 38.07 -24.41 15.12
N THR B 735 38.37 -25.51 15.81
CA THR B 735 39.41 -26.43 15.40
C THR B 735 38.76 -27.72 15.00
N GLY B 736 39.17 -28.28 13.88
CA GLY B 736 38.49 -29.45 13.39
C GLY B 736 39.25 -30.09 12.25
N VAL B 737 38.69 -31.20 11.79
CA VAL B 737 39.22 -31.93 10.65
C VAL B 737 38.04 -32.31 9.79
N ASP B 738 38.20 -32.24 8.49
CA ASP B 738 37.24 -32.89 7.65
C ASP B 738 38.00 -33.77 6.67
N LEU B 739 37.44 -34.94 6.41
CA LEU B 739 38.05 -35.87 5.48
C LEU B 739 36.98 -36.46 4.59
N SER B 740 37.43 -37.00 3.46
CA SER B 740 36.54 -37.32 2.35
C SER B 740 37.23 -38.35 1.48
N LEU B 741 36.53 -39.42 1.11
CA LEU B 741 37.08 -40.39 0.19
C LEU B 741 36.02 -40.84 -0.81
N LYS B 742 36.48 -41.42 -1.93
CA LYS B 742 35.64 -41.77 -3.07
C LYS B 742 36.32 -42.87 -3.86
N GLY B 743 35.67 -44.02 -4.02
CA GLY B 743 36.23 -45.11 -4.78
C GLY B 743 35.23 -45.72 -5.73
N THR B 744 35.76 -46.43 -6.73
CA THR B 744 34.96 -47.31 -7.58
C THR B 744 35.17 -48.73 -7.08
N ILE B 745 34.12 -49.32 -6.53
CA ILE B 745 34.25 -50.61 -5.84
C ILE B 745 34.44 -51.73 -6.86
N TYR B 746 33.40 -51.99 -7.67
CA TYR B 746 33.46 -53.01 -8.71
C TYR B 746 33.04 -52.39 -10.03
N GLN B 747 33.70 -52.81 -11.12
CA GLN B 747 33.48 -52.15 -12.40
C GLN B 747 33.73 -53.16 -13.52
N ASN B 748 32.65 -53.76 -14.00
CA ASN B 748 32.72 -54.73 -15.08
C ASN B 748 32.60 -54.03 -16.44
N LYS B 749 32.53 -54.84 -17.50
CA LYS B 749 32.07 -54.28 -18.76
C LYS B 749 30.58 -53.98 -18.71
N ASP B 750 29.83 -54.71 -17.90
CA ASP B 750 28.39 -54.51 -17.74
C ASP B 750 28.02 -54.57 -16.25
N TRP B 751 28.72 -53.77 -15.44
CA TRP B 751 28.40 -53.56 -14.03
C TRP B 751 29.31 -52.49 -13.44
N ASN B 752 28.77 -51.59 -12.60
CA ASN B 752 29.59 -50.51 -12.05
C ASN B 752 29.04 -50.07 -10.70
N VAL B 753 29.86 -50.23 -9.66
CA VAL B 753 29.50 -49.89 -8.29
C VAL B 753 30.49 -48.85 -7.79
N TYR B 754 29.99 -47.90 -7.00
CA TYR B 754 30.80 -46.79 -6.51
C TYR B 754 30.27 -46.37 -5.15
N ALA B 755 31.04 -45.52 -4.47
CA ALA B 755 30.60 -45.01 -3.18
C ALA B 755 31.41 -43.78 -2.83
N SER B 756 31.01 -43.11 -1.76
CA SER B 756 31.69 -41.90 -1.34
C SER B 756 31.27 -41.59 0.08
N ALA B 757 32.13 -40.87 0.78
CA ALA B 757 31.81 -40.54 2.16
C ALA B 757 32.66 -39.36 2.59
N ASN B 758 32.09 -38.55 3.48
CA ASN B 758 32.80 -37.41 4.04
C ASN B 758 32.50 -37.32 5.52
N PHE B 759 33.39 -36.65 6.25
CA PHE B 759 33.26 -36.53 7.68
C PHE B 759 33.83 -35.20 8.10
N ASN B 760 33.25 -34.63 9.16
CA ASN B 760 33.89 -33.50 9.83
C ASN B 760 33.70 -33.63 11.33
N TYR B 761 34.76 -33.34 12.07
CA TYR B 761 34.66 -33.12 13.50
C TYR B 761 35.08 -31.69 13.77
N ASN B 762 34.32 -30.97 14.58
CA ASN B 762 34.63 -29.57 14.86
C ASN B 762 34.47 -29.24 16.33
N ARG B 763 35.57 -28.88 16.98
CA ARG B 763 35.52 -28.42 18.36
C ARG B 763 35.43 -26.90 18.38
N GLN B 764 34.34 -26.40 18.95
CA GLN B 764 34.15 -24.98 19.21
C GLN B 764 34.74 -24.62 20.58
N GLU B 765 35.20 -23.37 20.71
CA GLU B 765 35.69 -22.91 22.01
C GLU B 765 35.55 -21.39 22.12
N ILE B 766 34.70 -20.93 23.03
CA ILE B 766 34.64 -19.52 23.37
C ILE B 766 35.90 -19.15 24.14
N THR B 767 36.66 -18.20 23.60
CA THR B 767 37.90 -17.77 24.24
C THR B 767 37.80 -16.39 24.88
N LYS B 768 36.77 -15.61 24.58
CA LYS B 768 36.57 -14.34 25.24
C LYS B 768 35.13 -13.89 25.03
N LEU B 769 34.54 -13.35 26.09
CA LEU B 769 33.15 -12.92 25.99
C LEU B 769 33.05 -11.41 26.07
N PHE B 770 32.53 -10.87 27.17
CA PHE B 770 32.46 -9.42 27.27
C PHE B 770 32.61 -8.99 28.72
N PHE B 771 33.30 -7.87 28.88
CA PHE B 771 33.56 -7.23 30.18
C PHE B 771 34.37 -8.13 31.10
N GLY B 772 35.20 -8.99 30.51
CA GLY B 772 35.95 -9.93 31.32
C GLY B 772 35.15 -11.05 31.96
N LEU B 773 33.85 -11.17 31.61
CA LEU B 773 33.02 -12.23 32.15
C LEU B 773 33.53 -13.59 31.68
N ASN B 774 33.54 -14.56 32.59
CA ASN B 774 33.96 -15.90 32.20
C ASN B 774 32.85 -16.71 31.57
N LYS B 775 31.60 -16.38 31.87
CA LYS B 775 30.47 -17.14 31.40
C LYS B 775 29.25 -16.24 31.36
N TYR B 776 28.30 -16.60 30.50
CA TYR B 776 27.01 -15.90 30.45
C TYR B 776 25.96 -16.93 30.07
N MET B 777 25.04 -17.21 30.98
CA MET B 777 23.95 -18.15 30.67
C MET B 777 22.83 -17.38 29.96
N LEU B 778 22.43 -17.84 28.79
CA LEU B 778 21.37 -17.14 28.03
C LEU B 778 20.01 -17.41 28.68
N PRO B 779 19.42 -16.45 29.39
CA PRO B 779 18.23 -16.76 30.20
C PRO B 779 17.17 -17.51 29.43
N ASN B 780 16.56 -18.50 30.09
CA ASN B 780 15.42 -19.23 29.57
C ASN B 780 15.71 -19.92 28.23
N THR B 781 16.97 -20.31 27.99
CA THR B 781 17.33 -21.13 26.85
C THR B 781 17.95 -22.46 27.25
N GLY B 782 18.45 -22.59 28.47
CA GLY B 782 19.19 -23.79 28.81
C GLY B 782 20.53 -23.89 28.13
N THR B 783 21.06 -22.78 27.61
CA THR B 783 22.40 -22.73 27.05
C THR B 783 23.23 -21.70 27.81
N ILE B 784 24.55 -21.79 27.65
CA ILE B 784 25.47 -20.90 28.35
C ILE B 784 26.67 -20.65 27.45
N TRP B 785 27.20 -19.44 27.50
CA TRP B 785 28.51 -19.12 26.95
C TRP B 785 29.50 -19.12 28.10
N GLU B 786 30.61 -19.81 27.93
CA GLU B 786 31.59 -19.91 29.01
C GLU B 786 32.97 -20.12 28.41
N ILE B 787 33.97 -19.37 28.89
CA ILE B 787 35.29 -19.42 28.30
C ILE B 787 35.87 -20.80 28.46
N GLY B 788 36.45 -21.32 27.38
CA GLY B 788 37.08 -22.62 27.39
C GLY B 788 36.25 -23.74 26.82
N TYR B 789 34.97 -23.52 26.58
CA TYR B 789 34.05 -24.57 26.18
C TYR B 789 33.30 -24.15 24.93
N PRO B 790 32.63 -25.10 24.27
CA PRO B 790 31.66 -24.71 23.25
C PRO B 790 30.43 -24.17 23.91
N ASN B 791 29.65 -23.42 23.13
CA ASN B 791 28.27 -23.13 23.47
C ASN B 791 27.64 -24.43 23.93
N SER B 792 27.26 -24.51 25.19
CA SER B 792 26.89 -25.77 25.80
C SER B 792 25.54 -25.63 26.49
N PHE B 793 24.87 -26.76 26.71
CA PHE B 793 23.62 -26.70 27.47
C PHE B 793 23.95 -26.49 28.95
N TYR B 794 22.95 -26.02 29.68
CA TYR B 794 23.15 -25.52 31.05
C TYR B 794 21.82 -25.66 31.78
N MET B 795 21.79 -26.53 32.77
CA MET B 795 20.56 -26.91 33.47
C MET B 795 20.92 -27.74 34.69
N ALA B 796 19.95 -27.88 35.60
CA ALA B 796 20.03 -28.85 36.68
C ALA B 796 20.06 -30.27 36.13
N GLU B 797 20.67 -31.18 36.90
CA GLU B 797 20.69 -32.60 36.57
C GLU B 797 19.62 -33.31 37.39
N TYR B 798 18.57 -33.76 36.69
CA TYR B 798 17.52 -34.56 37.28
C TYR B 798 18.11 -35.87 37.78
N ALA B 799 17.68 -36.31 38.95
CA ALA B 799 18.22 -37.50 39.58
C ALA B 799 17.22 -38.64 39.70
N GLY B 800 15.96 -38.39 39.37
CA GLY B 800 14.89 -39.35 39.57
C GLY B 800 13.88 -38.84 40.58
N ILE B 801 13.20 -39.77 41.25
CA ILE B 801 12.34 -39.42 42.36
C ILE B 801 12.80 -40.17 43.61
N ASP B 802 12.57 -39.55 44.75
CA ASP B 802 12.69 -40.26 46.01
C ASP B 802 11.55 -41.27 46.09
N LYS B 803 11.88 -42.56 46.05
CA LYS B 803 10.82 -43.56 45.95
C LYS B 803 9.86 -43.55 47.13
N LYS B 804 10.13 -42.79 48.20
CA LYS B 804 9.26 -42.74 49.37
C LYS B 804 8.40 -41.50 49.45
N THR B 805 8.73 -40.44 48.72
CA THR B 805 7.88 -39.27 48.67
C THR B 805 7.14 -39.11 47.36
N GLY B 806 7.69 -39.66 46.28
CA GLY B 806 7.27 -39.29 44.95
C GLY B 806 7.80 -37.97 44.43
N LYS B 807 8.60 -37.25 45.22
CA LYS B 807 9.11 -35.95 44.81
C LYS B 807 10.29 -36.09 43.84
N GLN B 808 10.39 -35.13 42.93
CA GLN B 808 11.51 -35.08 42.02
C GLN B 808 12.81 -34.76 42.76
N LEU B 809 13.91 -35.24 42.20
CA LEU B 809 15.23 -35.08 42.81
C LEU B 809 16.21 -34.47 41.82
N TRP B 810 17.06 -33.59 42.34
CA TRP B 810 18.15 -33.04 41.56
C TRP B 810 19.45 -33.18 42.34
N TYR B 811 20.52 -33.49 41.62
CA TYR B 811 21.85 -33.45 42.21
C TYR B 811 22.25 -32.02 42.55
N VAL B 812 22.83 -31.84 43.73
CA VAL B 812 23.47 -30.58 44.05
C VAL B 812 24.83 -30.59 43.37
N PRO B 813 25.05 -29.75 42.37
CA PRO B 813 26.33 -29.80 41.65
C PRO B 813 27.46 -29.32 42.55
N GLY B 814 28.61 -29.99 42.42
CA GLY B 814 29.78 -29.67 43.21
C GLY B 814 29.54 -29.87 44.68
N GLN B 815 29.06 -31.06 45.05
CA GLN B 815 28.67 -31.41 46.41
C GLN B 815 28.51 -32.90 46.48
N VAL B 816 28.94 -33.48 47.60
CA VAL B 816 29.14 -34.93 47.73
C VAL B 816 29.00 -35.28 49.21
N ASP B 817 28.93 -36.57 49.49
CA ASP B 817 28.37 -37.07 50.79
C ASP B 817 29.42 -37.93 51.48
N ALA B 818 29.04 -39.15 51.90
CA ALA B 818 29.99 -40.18 52.31
C ALA B 818 30.55 -40.82 51.05
N ASP B 819 30.60 -42.15 51.02
CA ASP B 819 30.98 -42.84 49.80
C ASP B 819 29.78 -43.05 48.88
N GLY B 820 28.60 -43.30 49.44
CA GLY B 820 27.36 -42.97 48.78
C GLY B 820 27.37 -41.45 48.67
N ASN B 821 27.50 -40.93 47.45
CA ASN B 821 28.14 -39.64 47.26
C ASN B 821 27.12 -38.61 46.78
N LYS B 822 26.99 -38.38 45.46
CA LYS B 822 26.21 -37.29 44.85
C LYS B 822 24.98 -36.83 45.65
N VAL B 823 25.00 -35.58 46.12
CA VAL B 823 23.88 -35.06 46.92
C VAL B 823 22.65 -34.89 46.03
N THR B 824 21.47 -34.93 46.65
CA THR B 824 20.22 -34.68 45.97
C THR B 824 19.34 -33.78 46.82
N THR B 825 18.38 -33.14 46.16
CA THR B 825 17.47 -32.24 46.84
C THR B 825 16.12 -32.32 46.14
N SER B 826 15.06 -32.30 46.94
CA SER B 826 13.71 -32.12 46.43
C SER B 826 13.31 -30.66 46.29
N GLN B 827 14.19 -29.75 46.67
CA GLN B 827 13.91 -28.32 46.62
C GLN B 827 14.63 -27.78 45.39
N TYR B 828 13.85 -27.54 44.32
CA TYR B 828 14.44 -27.03 43.09
C TYR B 828 14.79 -25.55 43.22
N SER B 829 15.94 -25.19 42.67
CA SER B 829 16.35 -23.81 42.62
C SER B 829 17.30 -23.70 41.45
N ALA B 830 17.34 -22.49 40.86
CA ALA B 830 18.25 -22.23 39.74
C ALA B 830 19.71 -22.50 40.12
N ASP B 831 20.04 -22.38 41.42
CA ASP B 831 21.43 -22.61 41.86
C ASP B 831 21.90 -23.98 41.43
N LEU B 832 20.96 -24.92 41.24
CA LEU B 832 21.28 -26.30 40.87
C LEU B 832 21.69 -26.43 39.42
N GLU B 833 21.51 -25.38 38.61
CA GLU B 833 21.86 -25.47 37.21
C GLU B 833 23.38 -25.37 37.05
N THR B 834 23.88 -26.05 36.03
CA THR B 834 25.32 -26.22 35.85
C THR B 834 25.57 -26.53 34.39
N ARG B 835 26.81 -26.34 33.95
CA ARG B 835 27.10 -26.57 32.55
C ARG B 835 27.04 -28.07 32.26
N ILE B 836 26.33 -28.43 31.23
CA ILE B 836 26.30 -29.80 30.75
C ILE B 836 27.38 -29.95 29.69
N ASP B 837 27.98 -31.14 29.63
CA ASP B 837 29.02 -31.40 28.64
C ASP B 837 28.46 -31.83 27.29
N LYS B 838 27.35 -31.23 26.84
CA LYS B 838 26.83 -31.50 25.51
C LYS B 838 26.80 -30.18 24.75
N SER B 839 27.23 -30.20 23.49
CA SER B 839 27.29 -28.95 22.74
C SER B 839 25.95 -28.58 22.14
N VAL B 840 25.76 -27.27 21.95
CA VAL B 840 24.55 -26.76 21.34
C VAL B 840 24.66 -26.86 19.83
N THR B 841 25.83 -26.69 19.29
CA THR B 841 26.11 -27.02 17.90
C THR B 841 26.65 -28.43 17.82
N PRO B 842 26.16 -29.27 16.93
CA PRO B 842 26.68 -30.63 16.85
C PRO B 842 28.09 -30.63 16.31
N PRO B 843 29.02 -31.40 16.94
CA PRO B 843 30.41 -31.44 16.50
C PRO B 843 30.67 -32.26 15.25
N ILE B 844 29.86 -33.29 15.01
CA ILE B 844 30.13 -34.28 13.96
C ILE B 844 29.13 -34.08 12.82
N THR B 845 29.64 -34.09 11.59
CA THR B 845 28.85 -33.76 10.41
C THR B 845 29.46 -34.53 9.24
N GLY B 846 28.75 -35.55 8.78
CA GLY B 846 29.23 -36.34 7.68
C GLY B 846 28.12 -36.91 6.84
N GLY B 847 28.51 -37.73 5.86
CA GLY B 847 27.56 -38.41 5.01
C GLY B 847 28.26 -39.49 4.22
N PHE B 848 27.48 -40.26 3.49
CA PHE B 848 28.07 -41.28 2.65
C PHE B 848 27.05 -41.69 1.59
N SER B 849 27.55 -42.04 0.41
CA SER B 849 26.71 -42.34 -0.73
C SER B 849 27.12 -43.67 -1.33
N LEU B 850 26.12 -44.52 -1.58
CA LEU B 850 26.32 -45.79 -2.26
C LEU B 850 25.63 -45.75 -3.61
N GLY B 851 26.25 -46.38 -4.58
CA GLY B 851 25.71 -46.40 -5.93
C GLY B 851 26.12 -47.60 -6.74
N ALA B 852 25.19 -48.12 -7.53
CA ALA B 852 25.48 -49.23 -8.42
C ALA B 852 24.64 -49.09 -9.68
N SER B 853 25.24 -49.43 -10.80
CA SER B 853 24.59 -49.42 -12.10
C SER B 853 24.86 -50.75 -12.78
N TRP B 854 23.79 -51.45 -13.16
CA TRP B 854 23.91 -52.73 -13.84
C TRP B 854 23.05 -52.64 -15.09
N LYS B 855 23.67 -52.27 -16.22
CA LYS B 855 23.04 -52.26 -17.54
C LYS B 855 21.75 -51.43 -17.51
N GLY B 856 21.94 -50.12 -17.50
CA GLY B 856 20.80 -49.22 -17.64
C GLY B 856 19.94 -49.03 -16.40
N LEU B 857 19.89 -50.06 -15.55
CA LEU B 857 19.27 -49.92 -14.24
C LEU B 857 20.30 -49.36 -13.26
N SER B 858 19.85 -48.50 -12.35
CA SER B 858 20.75 -47.81 -11.40
C SER B 858 20.04 -47.59 -10.07
N LEU B 859 20.77 -47.78 -8.98
CA LEU B 859 20.30 -47.44 -7.63
C LEU B 859 21.29 -46.50 -6.97
N ASP B 860 20.79 -45.49 -6.27
CA ASP B 860 21.64 -44.49 -5.64
C ASP B 860 21.08 -44.12 -4.28
N ALA B 861 21.88 -44.32 -3.23
CA ALA B 861 21.51 -43.95 -1.87
C ALA B 861 22.42 -42.85 -1.37
N ASP B 862 21.85 -41.94 -0.58
CA ASP B 862 22.57 -40.76 -0.10
C ASP B 862 22.21 -40.59 1.36
N PHE B 863 23.20 -40.78 2.23
CA PHE B 863 22.99 -40.66 3.67
C PHE B 863 23.71 -39.45 4.22
N ALA B 864 23.16 -38.94 5.30
CA ALA B 864 23.74 -37.82 6.01
C ALA B 864 23.60 -38.13 7.49
N TYR B 865 24.50 -37.58 8.28
CA TYR B 865 24.37 -37.73 9.71
C TYR B 865 24.82 -36.48 10.43
N ILE B 866 24.22 -36.27 11.58
CA ILE B 866 24.56 -35.21 12.51
C ILE B 866 24.71 -35.92 13.84
N VAL B 867 25.95 -36.01 14.34
CA VAL B 867 26.26 -36.74 15.56
C VAL B 867 26.73 -35.73 16.59
N GLY B 868 26.20 -35.84 17.80
CA GLY B 868 26.50 -34.89 18.85
C GLY B 868 25.43 -33.86 19.08
N LYS B 869 24.36 -33.89 18.30
CA LYS B 869 23.23 -32.98 18.45
C LYS B 869 22.43 -33.31 19.71
N TRP B 870 22.17 -32.29 20.51
CA TRP B 870 21.28 -32.40 21.66
C TRP B 870 20.23 -31.31 21.55
N MET B 871 19.13 -31.51 22.27
CA MET B 871 17.92 -30.72 22.07
C MET B 871 17.00 -30.89 23.26
N ILE B 872 16.51 -29.78 23.80
CA ILE B 872 15.47 -29.82 24.81
C ILE B 872 14.14 -30.13 24.10
N ASN B 873 13.47 -31.20 24.52
CA ASN B 873 12.17 -31.53 23.94
C ASN B 873 11.09 -30.81 24.73
N ASN B 874 10.70 -29.63 24.22
CA ASN B 874 9.80 -28.76 24.97
C ASN B 874 8.38 -29.31 24.98
N ASP B 875 8.00 -30.08 23.94
CA ASP B 875 6.71 -30.77 23.96
C ASP B 875 6.55 -31.61 25.22
N ARG B 876 7.63 -32.22 25.69
CA ARG B 876 7.46 -33.11 26.82
C ARG B 876 7.32 -32.38 28.14
N TYR B 877 7.60 -31.07 28.19
CA TYR B 877 7.22 -30.32 29.38
C TYR B 877 5.72 -30.37 29.59
N PHE B 878 4.96 -30.51 28.49
CA PHE B 878 3.51 -30.60 28.52
C PHE B 878 3.04 -32.05 28.60
N THR B 879 3.52 -32.90 27.68
CA THR B 879 2.98 -34.26 27.64
C THR B 879 3.28 -35.03 28.92
N GLU B 880 4.41 -34.79 29.58
CA GLU B 880 4.75 -35.51 30.81
C GLU B 880 4.51 -34.68 32.08
N ASN B 881 3.57 -33.73 32.03
CA ASN B 881 3.33 -32.82 33.16
C ASN B 881 2.20 -33.37 34.02
N GLY B 882 2.52 -33.76 35.25
CA GLY B 882 1.56 -34.22 36.22
C GLY B 882 1.06 -33.16 37.16
N GLY B 883 1.56 -31.93 37.05
CA GLY B 883 1.21 -30.90 38.00
C GLY B 883 0.71 -29.63 37.38
N GLY B 884 0.32 -29.69 36.12
CA GLY B 884 -0.13 -28.53 35.39
C GLY B 884 -0.50 -28.92 33.98
N LEU B 885 -1.08 -27.96 33.26
CA LEU B 885 -1.73 -28.19 31.97
C LEU B 885 -2.54 -29.49 31.97
N MET B 886 -3.30 -29.70 33.06
CA MET B 886 -4.03 -30.92 33.27
C MET B 886 -5.19 -31.12 32.30
N GLN B 887 -5.58 -30.09 31.54
CA GLN B 887 -6.57 -30.26 30.47
C GLN B 887 -6.00 -30.92 29.23
N LEU B 888 -4.69 -31.13 29.15
CA LEU B 888 -4.02 -31.63 27.95
C LEU B 888 -3.85 -33.14 27.97
N ASN B 889 -3.82 -33.73 26.78
CA ASN B 889 -3.53 -35.15 26.73
C ASN B 889 -2.06 -35.38 27.10
N LYS B 890 -1.82 -36.33 27.99
CA LYS B 890 -0.50 -36.63 28.52
C LYS B 890 -0.02 -38.01 28.05
N ASP B 891 1.22 -38.35 28.42
CA ASP B 891 1.79 -39.65 28.13
C ASP B 891 1.23 -40.70 29.08
N LYS B 892 1.09 -41.94 28.57
CA LYS B 892 0.60 -43.06 29.38
C LYS B 892 1.42 -43.26 30.65
N MET B 893 2.70 -42.84 30.63
CA MET B 893 3.56 -43.03 31.79
C MET B 893 2.96 -42.38 33.02
N LEU B 894 2.23 -41.28 32.86
CA LEU B 894 1.65 -40.65 34.04
C LEU B 894 0.58 -41.52 34.71
N LEU B 895 0.05 -42.54 34.03
CA LEU B 895 -0.88 -43.43 34.72
C LEU B 895 -0.18 -44.17 35.85
N ASN B 896 1.14 -44.36 35.71
CA ASN B 896 1.96 -45.06 36.69
C ASN B 896 2.64 -44.10 37.67
N ALA B 897 2.06 -42.93 37.93
CA ALA B 897 2.69 -41.93 38.77
C ALA B 897 2.72 -42.40 40.21
N TRP B 898 3.60 -41.78 40.99
CA TRP B 898 3.87 -42.27 42.34
C TRP B 898 2.69 -42.06 43.28
N THR B 899 2.50 -43.03 44.17
CA THR B 899 1.40 -43.04 45.12
C THR B 899 1.88 -43.79 46.34
N GLU B 900 1.28 -43.48 47.50
CA GLU B 900 1.50 -44.30 48.69
C GLU B 900 1.12 -45.77 48.48
N ASP B 901 0.37 -46.08 47.42
CA ASP B 901 -0.02 -47.45 47.08
C ASP B 901 0.63 -47.91 45.79
N ASN B 902 1.65 -47.19 45.31
CA ASN B 902 2.27 -47.46 44.03
C ASN B 902 3.62 -46.78 44.05
N LYS B 903 4.50 -47.23 44.94
CA LYS B 903 5.78 -46.58 45.11
C LYS B 903 6.87 -47.19 44.24
N GLU B 904 6.66 -48.37 43.67
CA GLU B 904 7.69 -48.97 42.84
C GLU B 904 7.57 -48.41 41.41
N THR B 905 7.81 -47.10 41.32
CA THR B 905 7.76 -46.40 40.05
C THR B 905 8.79 -45.27 40.04
N ASP B 906 9.11 -44.84 38.83
CA ASP B 906 9.95 -43.66 38.59
C ASP B 906 9.14 -42.45 38.16
N VAL B 907 7.86 -42.62 37.86
CA VAL B 907 7.06 -41.44 37.51
C VAL B 907 6.80 -40.63 38.78
N PRO B 908 7.05 -39.33 38.77
CA PRO B 908 6.86 -38.53 39.99
C PRO B 908 5.39 -38.44 40.37
N LYS B 909 5.15 -38.36 41.68
CA LYS B 909 3.82 -38.04 42.19
C LYS B 909 3.21 -36.83 41.47
N LEU B 910 1.99 -37.01 40.95
CA LEU B 910 1.27 -35.90 40.33
C LEU B 910 1.17 -34.73 41.28
N GLY B 911 1.17 -33.53 40.72
CA GLY B 911 0.95 -32.31 41.48
C GLY B 911 2.12 -31.38 41.51
N GLN B 912 3.22 -31.73 40.84
CA GLN B 912 4.43 -30.94 40.85
C GLN B 912 4.83 -30.65 39.40
N SER B 913 5.22 -29.40 39.14
CA SER B 913 5.66 -29.03 37.80
C SER B 913 6.97 -29.71 37.46
N PRO B 914 7.22 -29.99 36.19
CA PRO B 914 8.59 -30.35 35.78
C PRO B 914 9.47 -29.12 35.75
N GLN B 915 10.79 -29.35 35.72
CA GLN B 915 11.75 -28.28 35.50
C GLN B 915 12.53 -28.60 34.23
N PHE B 916 13.13 -27.57 33.63
CA PHE B 916 13.80 -27.72 32.34
C PHE B 916 15.21 -28.28 32.53
N ASP B 917 15.25 -29.50 33.06
CA ASP B 917 16.49 -30.13 33.44
C ASP B 917 16.88 -31.18 32.44
N THR B 918 17.87 -31.99 32.81
CA THR B 918 18.44 -32.98 31.89
C THR B 918 17.43 -34.00 31.39
N HIS B 919 16.33 -34.23 32.12
CA HIS B 919 15.37 -35.25 31.67
C HIS B 919 14.68 -34.82 30.39
N LEU B 920 14.62 -33.52 30.10
CA LEU B 920 14.14 -33.10 28.80
C LEU B 920 15.25 -32.99 27.76
N LEU B 921 16.51 -33.20 28.15
CA LEU B 921 17.63 -32.98 27.22
C LEU B 921 17.84 -34.26 26.43
N GLU B 922 17.37 -34.28 25.19
CA GLU B 922 17.44 -35.48 24.38
C GLU B 922 18.61 -35.43 23.39
N ASN B 923 19.20 -36.60 23.18
CA ASN B 923 20.13 -36.83 22.08
C ASN B 923 19.43 -36.73 20.74
N ALA B 924 19.66 -35.67 19.98
CA ALA B 924 18.98 -35.52 18.70
C ALA B 924 19.83 -35.97 17.53
N SER B 925 20.93 -36.68 17.78
CA SER B 925 21.75 -37.18 16.68
C SER B 925 20.92 -38.06 15.77
N PHE B 926 21.27 -38.08 14.48
CA PHE B 926 20.45 -38.82 13.55
C PHE B 926 21.21 -39.15 12.28
N LEU B 927 20.85 -40.28 11.69
CA LEU B 927 21.26 -40.69 10.36
C LEU B 927 20.01 -40.73 9.50
N ARG B 928 19.98 -39.96 8.43
CA ARG B 928 18.84 -39.93 7.51
C ARG B 928 19.27 -40.44 6.15
N LEU B 929 18.46 -41.30 5.58
CA LEU B 929 18.63 -41.70 4.18
C LEU B 929 17.97 -40.60 3.38
N LYS B 930 18.78 -39.64 2.93
CA LYS B 930 18.25 -38.42 2.33
C LYS B 930 17.63 -38.70 0.97
N ASN B 931 18.26 -39.55 0.17
CA ASN B 931 17.84 -39.79 -1.20
C ASN B 931 18.02 -41.27 -1.53
N LEU B 932 17.04 -41.85 -2.21
CA LEU B 932 17.14 -43.21 -2.76
C LEU B 932 16.46 -43.15 -4.12
N LYS B 933 17.23 -43.36 -5.19
CA LYS B 933 16.73 -43.19 -6.57
C LYS B 933 17.06 -44.43 -7.39
N LEU B 934 16.04 -45.22 -7.69
CA LEU B 934 16.13 -46.29 -8.67
C LEU B 934 15.78 -45.71 -10.04
N THR B 935 16.67 -45.88 -11.01
CA THR B 935 16.60 -45.19 -12.29
C THR B 935 16.84 -46.18 -13.42
N TYR B 936 15.95 -46.20 -14.40
CA TYR B 936 16.09 -47.07 -15.56
C TYR B 936 16.27 -46.22 -16.81
N VAL B 937 17.47 -46.28 -17.38
CA VAL B 937 17.81 -45.57 -18.61
C VAL B 937 17.39 -46.45 -19.78
N LEU B 938 16.31 -46.08 -20.47
CA LEU B 938 15.89 -46.85 -21.63
C LEU B 938 17.07 -47.06 -22.57
N PRO B 939 17.17 -48.20 -23.21
CA PRO B 939 18.36 -48.51 -24.02
C PRO B 939 18.37 -47.77 -25.35
N ASN B 940 19.59 -47.52 -25.86
CA ASN B 940 19.75 -46.86 -27.15
C ASN B 940 19.02 -47.61 -28.27
N SER B 941 18.77 -48.90 -28.07
CA SER B 941 18.26 -49.78 -29.11
C SER B 941 16.82 -49.49 -29.51
N LEU B 942 16.11 -48.61 -28.81
CA LEU B 942 14.71 -48.41 -29.12
C LEU B 942 14.46 -47.20 -30.01
N PHE B 943 15.36 -46.23 -30.00
CA PHE B 943 15.21 -45.04 -30.83
C PHE B 943 16.01 -45.16 -32.13
N ALA B 944 16.10 -46.37 -32.66
CA ALA B 944 16.86 -46.62 -33.88
C ALA B 944 16.12 -46.08 -35.09
N GLN B 946 13.95 -43.82 -36.56
CA GLN B 946 13.45 -42.91 -35.54
C GLN B 946 14.45 -41.78 -35.28
N ASN B 947 14.13 -40.59 -35.79
CA ASN B 947 15.04 -39.46 -35.82
C ASN B 947 14.51 -38.28 -34.99
N VAL B 948 13.94 -38.56 -33.81
CA VAL B 948 13.45 -37.48 -32.95
C VAL B 948 13.85 -37.70 -31.50
N ILE B 949 13.32 -38.73 -30.85
CA ILE B 949 13.68 -39.01 -29.45
C ILE B 949 15.05 -39.67 -29.42
N GLY B 950 15.91 -39.21 -28.52
CA GLY B 950 17.24 -39.79 -28.38
C GLY B 950 17.32 -40.83 -27.28
N GLY B 951 16.60 -40.58 -26.19
CA GLY B 951 16.59 -41.52 -25.08
C GLY B 951 15.55 -41.10 -24.08
N ALA B 952 15.38 -41.94 -23.07
CA ALA B 952 14.42 -41.65 -22.01
C ALA B 952 14.85 -42.37 -20.74
N ARG B 953 14.52 -41.76 -19.61
CA ARG B 953 14.78 -42.32 -18.30
C ARG B 953 13.49 -42.29 -17.52
N VAL B 954 13.33 -43.26 -16.63
CA VAL B 954 12.23 -43.26 -15.67
C VAL B 954 12.84 -43.55 -14.31
N TYR B 955 12.22 -43.03 -13.27
CA TYR B 955 12.78 -43.30 -11.95
C TYR B 955 11.70 -43.24 -10.88
N LEU B 956 11.88 -44.09 -9.87
CA LEU B 956 11.24 -43.94 -8.57
C LEU B 956 12.27 -43.38 -7.60
N MET B 957 11.80 -42.59 -6.64
CA MET B 957 12.70 -41.90 -5.73
C MET B 957 12.00 -41.62 -4.41
N ALA B 958 12.74 -41.74 -3.32
CA ALA B 958 12.23 -41.37 -2.00
C ALA B 958 13.23 -40.43 -1.33
N ARG B 959 12.70 -39.43 -0.64
CA ARG B 959 13.48 -38.46 0.11
C ARG B 959 13.16 -38.62 1.59
N ASN B 960 14.21 -38.77 2.40
CA ASN B 960 14.03 -38.97 3.84
C ASN B 960 13.23 -40.25 4.12
N LEU B 961 13.45 -41.28 3.30
CA LEU B 961 12.82 -42.59 3.53
C LEU B 961 13.09 -43.09 4.95
N LEU B 962 14.36 -43.08 5.38
CA LEU B 962 14.75 -43.64 6.66
C LEU B 962 15.36 -42.60 7.58
N THR B 963 15.02 -42.69 8.85
CA THR B 963 15.63 -41.90 9.90
C THR B 963 16.10 -42.86 10.99
N VAL B 964 17.28 -42.61 11.53
CA VAL B 964 17.80 -43.36 12.67
C VAL B 964 18.17 -42.35 13.74
N THR B 965 17.59 -42.50 14.93
CA THR B 965 17.66 -41.50 15.98
C THR B 965 17.02 -42.10 17.22
N LYS B 966 17.41 -41.54 18.37
CA LYS B 966 16.83 -41.90 19.65
C LYS B 966 15.88 -40.84 20.15
N TYR B 967 15.72 -39.75 19.39
CA TYR B 967 14.90 -38.61 19.79
C TYR B 967 13.42 -39.00 19.91
N LYS B 968 12.78 -38.60 21.02
CA LYS B 968 11.41 -38.95 21.29
C LYS B 968 10.38 -37.97 20.72
N GLY B 969 10.83 -36.86 20.12
CA GLY B 969 9.95 -35.98 19.39
C GLY B 969 9.82 -36.42 17.94
N PHE B 970 9.05 -35.65 17.17
CA PHE B 970 8.76 -36.07 15.81
C PHE B 970 10.02 -36.08 14.95
N ASP B 971 10.84 -35.05 15.05
CA ASP B 971 11.96 -34.88 14.13
C ASP B 971 13.19 -34.32 14.82
N PRO B 972 14.27 -35.12 14.95
CA PRO B 972 15.44 -34.65 15.70
C PRO B 972 16.12 -33.46 15.06
N GLU B 973 15.92 -33.25 13.77
CA GLU B 973 16.46 -32.10 13.05
C GLU B 973 15.59 -30.87 13.19
N ALA B 974 14.32 -31.01 13.54
CA ALA B 974 13.44 -29.84 13.53
C ALA B 974 13.69 -28.99 14.77
N GLY B 975 14.93 -28.57 14.92
CA GLY B 975 15.28 -27.67 15.99
C GLY B 975 16.77 -27.54 16.16
N GLY B 976 17.17 -26.44 16.76
CA GLY B 976 18.41 -26.37 17.48
C GLY B 976 17.98 -25.98 18.89
N ASN B 977 18.72 -26.47 19.86
CA ASN B 977 18.56 -25.96 21.21
C ASN B 977 17.31 -26.52 21.88
N VAL B 978 16.14 -26.11 21.40
CA VAL B 978 14.87 -26.62 21.91
C VAL B 978 14.03 -27.10 20.74
N GLY B 979 13.40 -28.26 20.92
CA GLY B 979 12.39 -28.79 20.02
C GLY B 979 11.03 -28.30 20.49
N LYS B 980 10.30 -27.61 19.61
CA LYS B 980 9.17 -26.81 20.06
C LYS B 980 8.10 -26.87 18.98
N ASN B 981 6.95 -27.50 19.27
CA ASN B 981 5.83 -27.70 18.35
C ASN B 981 6.29 -27.77 16.89
N GLN B 982 7.04 -28.79 16.54
CA GLN B 982 7.80 -28.68 15.31
C GLN B 982 6.90 -28.96 14.10
N TYR B 983 7.23 -28.31 13.01
CA TYR B 983 6.70 -28.71 11.72
C TYR B 983 7.73 -29.71 11.23
N PRO B 984 7.49 -31.00 11.45
CA PRO B 984 8.54 -31.99 11.22
C PRO B 984 8.91 -32.05 9.75
N ASN B 985 10.15 -32.45 9.48
CA ASN B 985 10.54 -32.65 8.10
C ASN B 985 9.65 -33.70 7.47
N SER B 986 9.69 -33.74 6.14
CA SER B 986 8.82 -34.59 5.36
C SER B 986 9.60 -35.75 4.74
N LYS B 987 8.89 -36.87 4.61
CA LYS B 987 9.27 -37.98 3.75
C LYS B 987 8.61 -37.76 2.39
N GLN B 988 9.25 -38.24 1.33
CA GLN B 988 8.61 -38.07 0.03
C GLN B 988 8.81 -39.28 -0.87
N TYR B 989 7.77 -39.54 -1.67
CA TYR B 989 7.76 -40.59 -2.69
C TYR B 989 7.48 -39.93 -4.03
N VAL B 990 8.31 -40.23 -5.04
CA VAL B 990 8.25 -39.55 -6.33
C VAL B 990 8.52 -40.54 -7.46
N ALA B 991 7.73 -40.44 -8.53
CA ALA B 991 7.99 -41.13 -9.78
C ALA B 991 8.20 -40.06 -10.85
N GLY B 992 9.14 -40.31 -11.74
CA GLY B 992 9.54 -39.29 -12.70
C GLY B 992 10.09 -39.89 -13.97
N ILE B 993 9.95 -39.13 -15.05
CA ILE B 993 10.39 -39.54 -16.38
C ILE B 993 11.19 -38.39 -17.00
N GLN B 994 12.20 -38.74 -17.81
CA GLN B 994 12.99 -37.79 -18.57
C GLN B 994 12.97 -38.18 -20.05
N LEU B 995 12.92 -37.16 -20.91
CA LEU B 995 12.98 -37.32 -22.35
C LEU B 995 14.16 -36.53 -22.90
N SER B 996 14.76 -37.03 -23.98
CA SER B 996 15.90 -36.37 -24.60
C SER B 996 15.71 -36.32 -26.09
N PHE B 997 15.84 -35.12 -26.67
CA PHE B 997 15.85 -34.93 -28.12
C PHE B 997 16.99 -33.99 -28.54
N CYS C 1 32.23 7.46 -3.91
CA CYS C 1 31.17 6.54 -3.51
C CYS C 1 30.85 6.68 -2.02
N GLU C 2 29.65 7.15 -1.68
CA GLU C 2 29.30 7.35 -0.27
C GLU C 2 28.62 6.09 0.28
N LEU C 3 29.24 5.51 1.30
CA LEU C 3 28.71 4.30 1.91
C LEU C 3 27.77 4.56 3.07
N ASP C 4 27.55 5.82 3.41
CA ASP C 4 26.67 6.11 4.55
C ASP C 4 25.24 5.67 4.25
N ARG C 5 24.61 5.04 5.23
CA ARG C 5 23.18 4.72 5.17
C ARG C 5 22.60 4.93 6.56
N ASP C 6 21.68 5.85 6.68
CA ASP C 6 21.05 5.96 7.98
C ASP C 6 19.59 5.54 7.87
N PRO C 7 18.99 5.03 8.94
CA PRO C 7 17.67 4.44 8.80
C PRO C 7 16.61 5.51 8.64
N GLU C 8 15.82 5.36 7.59
CA GLU C 8 14.63 6.18 7.44
C GLU C 8 13.71 5.96 8.62
N GLY C 9 13.00 7.01 9.01
CA GLY C 9 12.11 6.96 10.15
C GLY C 9 12.78 7.09 11.49
N LYS C 10 14.08 7.39 11.54
CA LYS C 10 14.76 7.60 12.82
C LYS C 10 15.69 8.79 12.69
N ASP C 11 15.89 9.48 13.80
CA ASP C 11 16.88 10.55 13.85
C ASP C 11 17.92 10.30 14.95
N PHE C 12 18.97 11.12 14.91
CA PHE C 12 20.05 10.97 15.87
C PHE C 12 19.71 11.61 17.21
N GLN C 13 20.14 10.97 18.29
CA GLN C 13 20.12 11.63 19.59
C GLN C 13 20.88 12.94 19.49
N GLN C 14 20.28 14.00 20.00
CA GLN C 14 20.95 15.30 20.04
C GLN C 14 20.46 16.02 21.30
N PRO C 15 21.25 16.90 21.88
CA PRO C 15 20.77 17.65 23.04
C PRO C 15 19.59 18.53 22.65
N TYR C 16 18.78 18.86 23.64
CA TYR C 16 17.61 19.71 23.42
C TYR C 16 18.08 21.14 23.10
N THR C 17 17.81 21.58 21.88
CA THR C 17 18.16 22.91 21.40
C THR C 17 16.95 23.76 21.04
N SER C 18 15.74 23.33 21.39
CA SER C 18 14.52 24.07 21.08
C SER C 18 13.39 23.60 21.99
N PHE C 19 12.46 24.52 22.28
CA PHE C 19 11.35 24.15 23.13
C PHE C 19 10.47 23.09 22.49
N VAL C 20 10.29 23.12 21.16
CA VAL C 20 9.47 22.13 20.48
C VAL C 20 10.09 20.74 20.61
N GLN C 21 11.42 20.66 20.51
CA GLN C 21 12.08 19.38 20.66
C GLN C 21 11.93 18.86 22.09
N THR C 22 11.98 19.75 23.07
CA THR C 22 11.76 19.34 24.45
C THR C 22 10.37 18.74 24.62
N LYS C 23 9.34 19.41 24.07
CA LYS C 23 7.96 18.96 24.24
C LYS C 23 7.73 17.61 23.61
N GLN C 24 8.35 17.39 22.44
CA GLN C 24 8.25 16.10 21.77
C GLN C 24 8.89 14.99 22.59
N ASN C 25 10.03 15.28 23.21
CA ASN C 25 10.64 14.24 24.04
C ASN C 25 9.82 14.00 25.30
N ARG C 26 9.20 15.06 25.83
CA ARG C 26 8.29 14.88 26.95
C ARG C 26 7.15 13.92 26.60
N ASP C 27 6.54 14.13 25.42
CA ASP C 27 5.42 13.30 24.99
C ASP C 27 5.84 11.86 24.80
N GLY C 28 6.98 11.63 24.15
CA GLY C 28 7.46 10.27 23.95
C GLY C 28 7.61 9.51 25.26
N LEU C 29 8.02 10.23 26.31
CA LEU C 29 8.07 9.66 27.65
C LEU C 29 6.69 9.28 28.13
N TYR C 30 5.70 10.17 27.96
CA TYR C 30 4.35 9.85 28.40
C TYR C 30 3.74 8.72 27.57
N ALA C 31 4.21 8.53 26.34
CA ALA C 31 3.84 7.35 25.57
C ALA C 31 4.43 6.09 26.19
N LEU C 32 5.70 6.13 26.56
CA LEU C 32 6.33 5.03 27.29
C LEU C 32 5.54 4.68 28.55
N LEU C 33 5.32 5.68 29.42
CA LEU C 33 4.53 5.48 30.64
C LEU C 33 3.22 4.75 30.35
N ARG C 34 2.61 5.02 29.22
CA ARG C 34 1.30 4.46 28.90
C ARG C 34 1.34 2.94 28.88
N ASN C 35 2.45 2.36 28.40
CA ASN C 35 2.63 0.91 28.40
C ASN C 35 3.45 0.43 29.58
N THR C 36 3.74 1.29 30.55
CA THR C 36 4.50 0.90 31.73
C THR C 36 3.58 0.83 32.94
N GLU C 37 3.20 1.98 33.52
CA GLU C 37 2.16 1.99 34.53
C GLU C 37 0.83 1.58 33.91
N ASN C 38 0.73 0.31 33.54
CA ASN C 38 -0.34 -0.25 32.73
C ASN C 38 -0.99 -1.43 33.45
N PRO C 39 -2.32 -1.54 33.40
CA PRO C 39 -2.97 -2.60 34.21
C PRO C 39 -2.52 -4.01 33.86
N ARG C 40 -2.29 -4.27 32.57
CA ARG C 40 -1.68 -5.54 32.16
C ARG C 40 -0.45 -5.87 32.98
N MET C 41 0.38 -4.88 33.25
CA MET C 41 1.64 -5.15 33.87
C MET C 41 1.50 -5.38 35.37
N HIS C 42 0.32 -5.11 35.94
CA HIS C 42 0.06 -5.35 37.35
C HIS C 42 -0.83 -6.56 37.62
N PHE C 43 -1.29 -7.27 36.57
CA PHE C 43 -2.15 -8.45 36.78
C PHE C 43 -1.37 -9.60 37.43
N TYR C 44 -0.08 -9.74 37.15
CA TYR C 44 0.70 -10.80 37.79
C TYR C 44 0.66 -10.66 39.31
N GLN C 45 0.87 -9.45 39.81
CA GLN C 45 0.90 -9.35 41.26
C GLN C 45 -0.50 -9.40 41.83
N GLU C 46 -1.51 -9.02 41.03
CA GLU C 46 -2.89 -9.20 41.46
C GLU C 46 -3.22 -10.67 41.63
N LEU C 47 -2.77 -11.50 40.69
CA LEU C 47 -3.08 -12.93 40.74
C LEU C 47 -2.28 -13.66 41.81
N GLN C 48 -1.14 -13.10 42.24
CA GLN C 48 -0.36 -13.83 43.23
C GLN C 48 -0.95 -13.73 44.62
N SER C 49 -1.97 -12.89 44.82
CA SER C 49 -2.56 -12.72 46.15
C SER C 49 -3.39 -13.94 46.59
N ASP C 50 -4.34 -13.72 47.49
CA ASP C 50 -5.15 -14.81 48.00
C ASP C 50 -6.56 -14.79 47.44
N MET C 51 -6.79 -14.10 46.33
CA MET C 51 -8.16 -13.88 45.90
C MET C 51 -8.64 -14.82 44.81
N TYR C 52 -7.74 -15.44 44.04
CA TYR C 52 -8.10 -16.18 42.84
C TYR C 52 -7.75 -17.65 42.98
N CYS C 53 -8.44 -18.47 42.20
CA CYS C 53 -8.07 -19.84 41.87
C CYS C 53 -8.06 -19.98 40.36
N THR C 54 -7.27 -20.92 39.85
CA THR C 54 -7.23 -21.09 38.41
C THR C 54 -8.35 -22.01 37.97
N THR C 55 -8.79 -21.80 36.74
CA THR C 55 -9.85 -22.59 36.15
C THR C 55 -9.26 -23.63 35.22
N ILE C 56 -10.10 -24.59 34.85
CA ILE C 56 -9.73 -25.61 33.88
C ILE C 56 -9.32 -24.99 32.55
N THR C 57 -9.56 -23.70 32.37
CA THR C 57 -9.24 -23.06 31.10
C THR C 57 -7.80 -22.58 31.04
N ASP C 58 -7.20 -22.24 32.20
CA ASP C 58 -5.86 -21.64 32.25
C ASP C 58 -4.80 -22.51 31.57
N GLY C 59 -3.99 -21.88 30.73
CA GLY C 59 -2.97 -22.60 30.02
C GLY C 59 -1.61 -22.49 30.68
N ASN C 60 -1.62 -22.57 32.02
CA ASN C 60 -0.45 -22.40 32.91
C ASN C 60 0.14 -20.97 32.82
N SER C 61 -0.63 -20.01 32.29
CA SER C 61 -0.23 -18.61 32.24
C SER C 61 -0.41 -17.93 33.59
N LEU C 62 -1.52 -18.21 34.28
CA LEU C 62 -1.83 -17.58 35.55
C LEU C 62 -1.54 -18.47 36.74
N ALA C 63 -1.53 -19.79 36.55
CA ALA C 63 -1.26 -20.72 37.64
C ALA C 63 0.03 -20.44 38.41
N PRO C 64 1.14 -20.01 37.79
CA PRO C 64 2.37 -19.79 38.59
C PRO C 64 2.21 -18.72 39.65
N PHE C 65 1.52 -17.61 39.34
CA PHE C 65 1.22 -16.60 40.35
C PHE C 65 0.09 -17.04 41.27
N VAL C 66 -0.93 -17.72 40.73
CA VAL C 66 -2.08 -18.08 41.56
C VAL C 66 -1.71 -19.20 42.54
N ASN C 67 -0.93 -20.18 42.09
CA ASN C 67 -0.58 -21.34 42.91
C ASN C 67 0.87 -21.32 43.39
N TRP C 68 1.60 -20.23 43.16
CA TRP C 68 2.95 -20.06 43.73
C TRP C 68 3.91 -21.16 43.29
N ASP C 69 4.00 -21.35 41.97
CA ASP C 69 5.01 -22.21 41.34
C ASP C 69 6.34 -21.46 41.29
N LEU C 70 7.09 -21.50 42.40
CA LEU C 70 8.36 -20.78 42.51
C LEU C 70 9.37 -21.19 41.43
N GLY C 71 9.32 -22.44 40.98
CA GLY C 71 10.19 -22.87 39.89
C GLY C 71 9.93 -22.18 38.58
N ILE C 72 8.79 -21.52 38.48
CA ILE C 72 8.43 -20.70 37.33
C ILE C 72 8.55 -19.21 37.64
N LEU C 73 8.10 -18.81 38.83
CA LEU C 73 8.17 -17.42 39.23
C LEU C 73 9.59 -16.90 39.23
N ASN C 74 10.56 -17.76 39.55
CA ASN C 74 11.95 -17.36 39.70
C ASN C 74 12.44 -16.53 38.52
N ASP C 75 12.32 -17.06 37.31
CA ASP C 75 12.78 -16.40 36.10
C ASP C 75 11.63 -16.17 35.12
N HIS C 76 10.49 -15.72 35.65
CA HIS C 76 9.27 -15.58 34.86
C HIS C 76 9.30 -14.35 33.98
N GLY C 77 8.91 -14.53 32.74
CA GLY C 77 8.63 -13.42 31.87
C GLY C 77 9.64 -13.33 30.74
N ARG C 78 9.54 -12.23 30.01
CA ARG C 78 10.34 -11.98 28.82
C ARG C 78 10.39 -10.48 28.61
N ALA C 79 11.51 -10.05 28.01
CA ALA C 79 11.62 -8.70 27.43
C ALA C 79 12.53 -8.87 26.22
N ASP C 80 11.98 -8.67 25.04
CA ASP C 80 12.73 -8.83 23.80
C ASP C 80 11.95 -8.15 22.70
N GLU C 81 12.51 -8.15 21.50
CA GLU C 81 11.86 -7.49 20.39
C GLU C 81 10.50 -8.09 20.06
N ASP C 82 10.12 -9.20 20.66
CA ASP C 82 8.87 -9.86 20.31
C ASP C 82 7.82 -9.84 21.40
N GLU C 83 8.22 -9.75 22.67
CA GLU C 83 7.23 -9.66 23.74
C GLU C 83 7.90 -9.12 24.99
N VAL C 84 7.14 -8.32 25.71
CA VAL C 84 7.57 -7.73 26.98
C VAL C 84 6.44 -8.03 27.95
N SER C 85 6.57 -9.14 28.69
CA SER C 85 5.51 -9.62 29.57
C SER C 85 6.11 -10.22 30.83
N GLY C 86 5.26 -10.36 31.85
CA GLY C 86 5.63 -11.06 33.05
C GLY C 86 6.56 -10.26 33.94
N ILE C 87 7.15 -10.96 34.93
CA ILE C 87 8.03 -10.32 35.89
C ILE C 87 9.21 -9.65 35.20
N ALA C 88 9.85 -10.36 34.25
CA ALA C 88 10.89 -9.74 33.45
C ALA C 88 10.38 -8.48 32.77
N GLY C 89 9.26 -8.60 32.06
CA GLY C 89 8.71 -7.46 31.37
C GLY C 89 8.37 -6.31 32.31
N TYR C 90 7.80 -6.62 33.48
CA TYR C 90 7.53 -5.56 34.45
C TYR C 90 8.82 -4.86 34.82
N TYR C 91 9.84 -5.66 35.11
CA TYR C 91 11.13 -5.12 35.52
C TYR C 91 11.74 -4.28 34.41
N PHE C 92 11.47 -4.64 33.16
CA PHE C 92 12.11 -3.95 32.04
C PHE C 92 11.44 -2.62 31.74
N VAL C 93 10.10 -2.58 31.71
CA VAL C 93 9.46 -1.37 31.24
C VAL C 93 9.59 -0.24 32.25
N TYR C 94 9.74 -0.56 33.53
CA TYR C 94 9.93 0.48 34.53
C TYR C 94 11.38 0.98 34.53
N ASN C 95 12.33 0.09 34.27
CA ASN C 95 13.71 0.55 34.11
C ASN C 95 13.87 1.38 32.84
N ARG C 96 13.20 0.98 31.75
CA ARG C 96 13.31 1.79 30.55
C ARG C 96 12.66 3.15 30.76
N LEU C 97 11.50 3.17 31.44
CA LEU C 97 10.93 4.44 31.83
C LEU C 97 11.96 5.28 32.58
N ASN C 98 12.70 4.64 33.50
CA ASN C 98 13.75 5.33 34.25
C ASN C 98 14.87 5.82 33.33
N GLN C 99 15.42 4.92 32.50
CA GLN C 99 16.51 5.32 31.61
C GLN C 99 16.08 6.47 30.71
N GLN C 100 14.87 6.35 30.13
CA GLN C 100 14.40 7.40 29.23
C GLN C 100 13.99 8.66 29.99
N ALA C 101 13.42 8.51 31.20
CA ALA C 101 13.17 9.70 32.01
C ALA C 101 14.48 10.38 32.40
N ASN C 102 15.47 9.60 32.83
CA ASN C 102 16.80 10.14 33.08
C ASN C 102 17.28 11.03 31.91
N ALA C 103 17.03 10.61 30.68
CA ALA C 103 17.54 11.34 29.53
C ALA C 103 16.78 12.65 29.34
N PHE C 104 15.47 12.61 29.52
CA PHE C 104 14.66 13.81 29.45
C PHE C 104 15.01 14.78 30.58
N VAL C 105 15.19 14.26 31.79
CA VAL C 105 15.49 15.12 32.94
C VAL C 105 16.83 15.81 32.75
N ASN C 106 17.85 15.05 32.37
CA ASN C 106 19.17 15.63 32.24
C ASN C 106 19.27 16.54 31.01
N ASN C 107 18.51 16.24 29.94
CA ASN C 107 18.61 17.05 28.74
C ASN C 107 17.87 18.38 28.86
N THR C 108 16.74 18.39 29.58
CA THR C 108 16.05 19.64 29.88
C THR C 108 16.90 20.49 30.83
N GLU C 109 17.57 19.84 31.78
CA GLU C 109 18.46 20.52 32.69
C GLU C 109 19.64 21.14 31.94
N ALA C 110 20.22 20.39 31.00
CA ALA C 110 21.30 20.97 30.21
C ALA C 110 20.80 22.11 29.33
N ALA C 111 19.57 21.99 28.83
CA ALA C 111 19.02 23.01 27.96
C ALA C 111 18.72 24.28 28.73
N LEU C 112 18.17 24.16 29.95
CA LEU C 112 18.02 25.35 30.81
C LEU C 112 19.38 25.95 31.14
N GLN C 113 20.38 25.11 31.43
CA GLN C 113 21.74 25.59 31.64
C GLN C 113 22.20 26.39 30.43
N ASN C 114 22.25 25.75 29.26
CA ASN C 114 22.76 26.41 28.07
C ASN C 114 21.88 27.52 27.55
N GLN C 115 20.75 27.80 28.20
CA GLN C 115 19.88 28.91 27.81
C GLN C 115 19.48 28.83 26.33
N VAL C 116 18.98 27.66 25.92
CA VAL C 116 18.59 27.48 24.52
C VAL C 116 17.15 27.86 24.26
N TYR C 117 16.40 28.22 25.29
CA TYR C 117 15.03 28.64 25.11
C TYR C 117 14.95 30.14 24.82
N LYS C 118 13.83 30.55 24.23
CA LYS C 118 13.71 31.84 23.57
C LYS C 118 13.04 32.90 24.41
N ASN C 119 12.28 32.52 25.43
CA ASN C 119 11.66 33.53 26.30
C ASN C 119 11.38 32.95 27.67
N SER C 120 10.89 33.82 28.54
CA SER C 120 10.58 33.48 29.92
C SER C 120 9.47 32.45 30.05
N THR C 121 8.64 32.28 29.02
CA THR C 121 7.54 31.32 29.12
C THR C 121 8.01 29.91 28.79
N GLU C 122 8.82 29.77 27.74
CA GLU C 122 9.40 28.48 27.46
C GLU C 122 10.20 27.97 28.65
N ILE C 123 10.97 28.87 29.27
CA ILE C 123 11.82 28.51 30.41
C ILE C 123 10.98 27.96 31.55
N ALA C 124 9.85 28.60 31.86
CA ALA C 124 9.04 28.12 32.98
C ALA C 124 8.35 26.81 32.66
N ASN C 125 7.99 26.58 31.39
CA ASN C 125 7.37 25.30 31.04
C ASN C 125 8.40 24.17 31.12
N ALA C 126 9.59 24.40 30.58
CA ALA C 126 10.65 23.41 30.71
C ALA C 126 10.93 23.10 32.16
N LYS C 127 10.87 24.10 33.04
CA LYS C 127 11.05 23.82 34.45
C LYS C 127 9.95 22.91 34.99
N SER C 128 8.75 22.99 34.39
CA SER C 128 7.65 22.12 34.79
C SER C 128 7.82 20.71 34.21
N PHE C 129 8.10 20.63 32.91
CA PHE C 129 8.46 19.36 32.30
C PHE C 129 9.56 18.67 33.10
N LEU C 130 10.51 19.44 33.63
CA LEU C 130 11.53 18.89 34.51
C LEU C 130 10.91 18.19 35.70
N ALA C 131 10.14 18.95 36.50
CA ALA C 131 9.43 18.37 37.63
C ALA C 131 8.66 17.12 37.23
N GLU C 132 7.95 17.17 36.08
CA GLU C 132 7.21 16.01 35.62
C GLU C 132 8.12 14.82 35.43
N GLY C 133 9.30 15.04 34.84
CA GLY C 133 10.24 13.94 34.65
C GLY C 133 10.62 13.31 35.98
N LYS C 134 10.82 14.14 37.00
CA LYS C 134 11.23 13.63 38.30
C LYS C 134 10.18 12.70 38.89
N VAL C 135 8.90 13.10 38.82
CA VAL C 135 7.85 12.23 39.34
C VAL C 135 7.92 10.86 38.67
N LEU C 136 8.16 10.83 37.34
CA LEU C 136 8.23 9.56 36.62
C LEU C 136 9.46 8.75 37.02
N GLN C 137 10.62 9.39 37.15
CA GLN C 137 11.76 8.72 37.78
C GLN C 137 11.33 8.07 39.11
N ALA C 138 10.66 8.86 39.95
CA ALA C 138 10.23 8.36 41.25
C ALA C 138 9.30 7.16 41.06
N LEU C 139 8.33 7.28 40.15
CA LEU C 139 7.37 6.20 39.98
C LEU C 139 8.05 4.95 39.46
N ALA C 140 8.95 5.10 38.48
CA ALA C 140 9.72 3.97 37.98
C ALA C 140 10.51 3.30 39.11
N ILE C 141 11.29 4.08 39.86
CA ILE C 141 12.17 3.45 40.85
C ILE C 141 11.35 2.87 41.98
N TRP C 142 10.18 3.42 42.26
CA TRP C 142 9.37 2.89 43.34
C TRP C 142 8.63 1.60 42.93
N ARG C 143 8.10 1.53 41.72
CA ARG C 143 7.46 0.29 41.28
C ARG C 143 8.45 -0.86 41.21
N LEU C 144 9.72 -0.56 40.97
CA LEU C 144 10.76 -1.59 41.08
C LEU C 144 10.94 -2.00 42.52
N MET C 145 11.10 -1.00 43.41
CA MET C 145 11.20 -1.26 44.84
C MET C 145 10.01 -2.05 45.36
N ASP C 146 8.83 -1.89 44.76
CA ASP C 146 7.63 -2.48 45.32
C ASP C 146 7.56 -3.97 45.05
N ARG C 147 8.22 -4.42 44.00
CA ARG C 147 8.26 -5.84 43.70
C ARG C 147 9.63 -6.46 43.91
N PHE C 148 10.69 -5.67 43.98
CA PHE C 148 12.01 -6.27 43.94
C PHE C 148 12.84 -5.96 45.18
N SER C 149 12.31 -5.25 46.16
CA SER C 149 12.98 -5.13 47.44
C SER C 149 12.07 -5.69 48.51
N PHE C 150 12.69 -6.24 49.56
CA PHE C 150 11.96 -6.91 50.63
C PHE C 150 11.36 -5.87 51.57
N HIS C 151 10.24 -6.23 52.18
CA HIS C 151 9.75 -5.41 53.28
C HIS C 151 10.34 -5.90 54.60
N GLU C 152 10.10 -5.12 55.64
CA GLU C 152 10.71 -5.35 56.94
C GLU C 152 10.29 -6.67 57.57
N SER C 153 9.15 -7.22 57.19
CA SER C 153 8.62 -8.42 57.84
C SER C 153 9.27 -9.71 57.34
N VAL C 154 10.11 -9.66 56.31
CA VAL C 154 10.58 -10.88 55.68
C VAL C 154 11.46 -11.67 56.66
N THR C 155 11.31 -12.98 56.62
CA THR C 155 12.14 -13.90 57.39
C THR C 155 13.39 -14.21 56.58
N GLU C 156 13.65 -15.48 56.28
CA GLU C 156 14.88 -15.86 55.59
C GLU C 156 14.96 -15.19 54.22
N VAL C 157 16.12 -14.60 53.91
CA VAL C 157 16.44 -14.08 52.58
C VAL C 157 17.85 -14.54 52.22
N ASN C 158 18.31 -14.17 51.02
CA ASN C 158 19.71 -14.38 50.67
C ASN C 158 20.57 -13.32 51.36
N SER C 159 21.77 -13.73 51.76
CA SER C 159 22.60 -12.96 52.70
C SER C 159 22.93 -11.56 52.17
N GLY C 160 22.37 -10.54 52.84
CA GLY C 160 22.62 -9.14 52.54
C GLY C 160 21.48 -8.41 51.85
N ALA C 161 20.54 -9.13 51.23
CA ALA C 161 19.54 -8.46 50.40
C ALA C 161 18.36 -7.95 51.20
N LYS C 162 18.37 -8.09 52.53
CA LYS C 162 17.20 -7.74 53.32
C LYS C 162 16.97 -6.25 53.35
N ASP C 163 18.03 -5.46 53.15
CA ASP C 163 17.93 -4.01 53.17
C ASP C 163 18.53 -3.41 51.91
N LEU C 164 18.58 -4.19 50.85
CA LEU C 164 18.90 -3.69 49.53
C LEU C 164 17.63 -3.22 48.81
N GLY C 165 17.77 -2.14 48.05
CA GLY C 165 16.70 -1.70 47.18
C GLY C 165 16.84 -2.21 45.77
N VAL C 166 16.91 -1.31 44.78
CA VAL C 166 17.14 -1.69 43.40
C VAL C 166 18.43 -1.04 42.89
N ILE C 167 18.88 -1.47 41.71
CA ILE C 167 19.96 -0.77 41.02
C ILE C 167 19.47 0.62 40.67
N LEU C 168 20.14 1.65 41.19
CA LEU C 168 19.62 3.01 41.14
C LEU C 168 20.48 3.80 40.17
N LEU C 169 20.11 3.78 38.89
CA LEU C 169 20.84 4.50 37.86
C LEU C 169 20.18 5.86 37.67
N LYS C 170 20.91 6.93 37.98
CA LYS C 170 20.31 8.27 38.01
C LYS C 170 20.53 9.06 36.73
N GLU C 171 21.47 8.63 35.88
CA GLU C 171 21.78 9.32 34.64
C GLU C 171 21.36 8.46 33.47
N TYR C 172 21.31 9.08 32.30
CA TYR C 172 21.11 8.30 31.10
C TYR C 172 22.45 7.64 30.75
N ASN C 173 22.52 6.33 30.97
CA ASN C 173 23.76 5.57 30.78
C ASN C 173 23.38 4.15 30.37
N PRO C 174 23.32 3.86 29.07
CA PRO C 174 22.91 2.52 28.64
C PRO C 174 23.87 1.44 29.09
N GLY C 175 25.17 1.72 29.07
CA GLY C 175 26.18 0.71 29.38
C GLY C 175 26.35 0.43 30.85
N TYR C 176 25.69 1.20 31.72
CA TYR C 176 25.85 1.01 33.16
C TYR C 176 25.43 -0.39 33.59
N ILE C 177 26.27 -1.01 34.42
CA ILE C 177 26.04 -2.29 35.08
C ILE C 177 26.59 -2.16 36.49
N GLY C 178 25.72 -1.96 37.48
CA GLY C 178 26.18 -1.67 38.83
C GLY C 178 25.38 -2.41 39.89
N PRO C 179 25.81 -2.29 41.14
CA PRO C 179 25.16 -3.04 42.22
C PRO C 179 23.84 -2.39 42.64
N ARG C 180 23.13 -3.09 43.52
CA ARG C 180 21.89 -2.57 44.07
C ARG C 180 22.22 -1.48 45.08
N ALA C 181 21.57 -0.33 44.95
CA ALA C 181 21.59 0.63 46.02
C ALA C 181 20.89 0.03 47.23
N THR C 182 21.22 0.55 48.40
CA THR C 182 20.49 0.16 49.59
C THR C 182 19.05 0.66 49.49
N LYS C 183 18.19 0.13 50.36
CA LYS C 183 16.81 0.60 50.39
C LYS C 183 16.75 2.10 50.73
N ALA C 184 17.58 2.53 51.68
CA ALA C 184 17.55 3.94 52.09
C ALA C 184 17.91 4.85 50.92
N GLN C 185 18.93 4.49 50.15
CA GLN C 185 19.30 5.29 48.98
C GLN C 185 18.14 5.36 47.98
N CYS C 186 17.47 4.24 47.78
CA CYS C 186 16.37 4.21 46.83
C CYS C 186 15.20 5.07 47.27
N TYR C 187 14.80 4.93 48.52
CA TYR C 187 13.60 5.62 48.98
C TYR C 187 13.82 7.11 49.10
N ASP C 188 15.04 7.50 49.47
CA ASP C 188 15.38 8.92 49.56
C ASP C 188 15.49 9.55 48.19
N TYR C 189 15.98 8.80 47.21
CA TYR C 189 15.96 9.29 45.85
C TYR C 189 14.52 9.48 45.38
N ILE C 190 13.68 8.44 45.55
CA ILE C 190 12.27 8.51 45.15
C ILE C 190 11.58 9.68 45.84
N LEU C 191 11.84 9.88 47.13
CA LEU C 191 11.13 10.93 47.84
C LEU C 191 11.67 12.33 47.53
N SER C 192 12.97 12.45 47.21
CA SER C 192 13.50 13.76 46.91
C SER C 192 13.16 14.18 45.48
N ARG C 193 13.11 13.24 44.54
CA ARG C 193 12.53 13.56 43.24
C ARG C 193 11.10 14.06 43.42
N LEU C 194 10.30 13.35 44.21
CA LEU C 194 8.89 13.72 44.37
C LEU C 194 8.74 15.08 45.02
N SER C 195 9.48 15.31 46.11
CA SER C 195 9.36 16.56 46.83
C SER C 195 9.85 17.77 46.00
N GLU C 196 10.86 17.58 45.15
CA GLU C 196 11.30 18.68 44.30
C GLU C 196 10.24 19.01 43.28
N ALA C 197 9.50 18.01 42.81
CA ALA C 197 8.45 18.24 41.83
C ALA C 197 7.26 18.97 42.44
N ILE C 198 7.01 18.75 43.74
CA ILE C 198 5.85 19.36 44.37
C ILE C 198 6.05 20.86 44.53
N GLU C 199 7.30 21.32 44.65
CA GLU C 199 7.56 22.75 44.80
C GLU C 199 7.36 23.49 43.48
N VAL C 200 7.56 22.83 42.34
CA VAL C 200 7.55 23.47 41.04
C VAL C 200 6.20 23.38 40.35
N LEU C 201 5.58 22.20 40.37
CA LEU C 201 4.31 21.99 39.68
C LEU C 201 3.21 22.90 40.25
N PRO C 202 2.29 23.36 39.40
CA PRO C 202 1.23 24.27 39.85
C PRO C 202 0.26 23.57 40.80
N GLU C 203 -0.58 24.38 41.46
CA GLU C 203 -1.54 23.84 42.42
C GLU C 203 -2.72 23.16 41.73
N ASN C 204 -3.19 23.71 40.62
CA ASN C 204 -4.30 23.13 39.87
C ASN C 204 -3.76 22.38 38.67
N ARG C 205 -4.32 21.18 38.43
CA ARG C 205 -3.83 20.32 37.37
C ARG C 205 -4.11 20.94 36.01
N GLU C 206 -3.10 20.94 35.14
CA GLU C 206 -3.32 21.42 33.79
C GLU C 206 -4.07 20.37 32.96
N SER C 207 -3.81 19.08 33.20
CA SER C 207 -4.32 18.05 32.31
C SER C 207 -4.32 16.69 33.00
N VAL C 208 -5.44 15.97 32.87
CA VAL C 208 -5.55 14.59 33.32
C VAL C 208 -4.55 13.68 32.60
N LEU C 209 -4.02 14.11 31.45
CA LEU C 209 -3.11 13.30 30.66
C LEU C 209 -1.63 13.50 31.00
N TYR C 210 -1.30 14.42 31.90
CA TYR C 210 0.09 14.72 32.24
C TYR C 210 0.25 14.77 33.75
N VAL C 211 1.49 14.54 34.20
CA VAL C 211 1.74 14.54 35.63
C VAL C 211 1.34 15.89 36.21
N SER C 212 0.68 15.84 37.36
CA SER C 212 0.32 17.06 38.07
C SER C 212 0.85 17.00 39.49
N ARG C 213 0.78 18.13 40.17
CA ARG C 213 1.05 18.16 41.59
C ARG C 213 0.03 17.31 42.35
N ASP C 214 -1.23 17.32 41.91
CA ASP C 214 -2.21 16.43 42.54
C ASP C 214 -1.73 14.98 42.47
N TYR C 215 -1.21 14.57 41.32
CA TYR C 215 -0.73 13.19 41.18
C TYR C 215 0.46 12.93 42.08
N ALA C 216 1.41 13.86 42.13
CA ALA C 216 2.61 13.66 42.93
C ALA C 216 2.25 13.44 44.40
N TYR C 217 1.39 14.30 44.95
CA TYR C 217 0.86 14.08 46.29
C TYR C 217 0.20 12.72 46.39
N ALA C 218 -0.63 12.38 45.39
CA ALA C 218 -1.30 11.09 45.41
C ALA C 218 -0.28 9.96 45.33
N LEU C 219 0.74 10.09 44.48
CA LEU C 219 1.74 9.04 44.39
C LEU C 219 2.58 8.97 45.65
N ARG C 220 2.79 10.09 46.32
CA ARG C 220 3.57 10.04 47.53
C ARG C 220 2.73 9.54 48.71
N ALA C 221 1.42 9.79 48.70
CA ALA C 221 0.58 9.18 49.73
C ALA C 221 0.55 7.66 49.57
N ARG C 222 0.49 7.18 48.33
CA ARG C 222 0.60 5.74 48.13
C ARG C 222 1.91 5.20 48.68
N ILE C 223 3.03 5.85 48.33
CA ILE C 223 4.33 5.32 48.74
C ILE C 223 4.48 5.37 50.26
N TYR C 224 3.99 6.43 50.89
CA TYR C 224 4.06 6.51 52.34
C TYR C 224 3.26 5.39 52.99
N LEU C 225 2.05 5.11 52.49
CA LEU C 225 1.25 4.01 53.02
C LEU C 225 2.00 2.70 52.88
N ALA C 226 2.62 2.48 51.72
CA ALA C 226 3.40 1.26 51.52
C ALA C 226 4.60 1.18 52.45
N LEU C 227 5.11 2.34 52.91
CA LEU C 227 6.23 2.36 53.85
C LEU C 227 5.77 2.35 55.30
N GLY C 228 4.47 2.39 55.55
CA GLY C 228 4.00 2.43 56.92
C GLY C 228 4.15 3.76 57.61
N GLU C 229 4.46 4.83 56.87
CA GLU C 229 4.51 6.20 57.41
C GLU C 229 3.11 6.80 57.29
N TYR C 230 2.28 6.48 58.28
CA TYR C 230 0.85 6.79 58.17
C TYR C 230 0.57 8.28 58.23
N GLY C 231 1.18 8.98 59.21
CA GLY C 231 0.88 10.40 59.36
C GLY C 231 1.29 11.21 58.14
N LYS C 232 2.38 10.81 57.48
CA LYS C 232 2.78 11.50 56.26
C LYS C 232 1.86 11.11 55.11
N ALA C 233 1.52 9.82 55.01
CA ALA C 233 0.56 9.38 54.01
C ALA C 233 -0.76 10.14 54.17
N ALA C 234 -1.25 10.25 55.40
CA ALA C 234 -2.49 10.97 55.62
C ALA C 234 -2.37 12.42 55.22
N ALA C 235 -1.20 13.02 55.48
CA ALA C 235 -1.04 14.45 55.19
C ALA C 235 -1.08 14.72 53.70
N ASP C 236 -0.43 13.87 52.90
CA ASP C 236 -0.50 14.01 51.45
C ASP C 236 -1.91 13.73 50.95
N ALA C 237 -2.58 12.74 51.54
CA ALA C 237 -3.93 12.40 51.11
C ALA C 237 -4.86 13.60 51.21
N LYS C 238 -4.76 14.35 52.31
CA LYS C 238 -5.67 15.47 52.54
C LYS C 238 -5.48 16.60 51.54
N MET C 239 -4.33 16.67 50.88
CA MET C 239 -4.16 17.69 49.85
C MET C 239 -5.01 17.41 48.64
N VAL C 240 -5.27 16.13 48.36
CA VAL C 240 -5.85 15.75 47.08
C VAL C 240 -7.22 15.08 47.21
N VAL C 241 -7.56 14.53 48.37
CA VAL C 241 -8.70 13.63 48.51
C VAL C 241 -10.02 14.34 48.22
N ASP C 242 -10.11 15.64 48.56
CA ASP C 242 -11.31 16.43 48.35
C ASP C 242 -11.36 17.07 46.96
N LYS C 243 -10.28 16.99 46.20
CA LYS C 243 -10.22 17.71 44.92
C LYS C 243 -10.94 16.97 43.80
N TYR C 244 -11.28 15.70 43.99
CA TYR C 244 -11.89 14.90 42.94
C TYR C 244 -13.14 14.24 43.51
N PRO C 245 -14.32 14.58 43.02
CA PRO C 245 -15.54 14.02 43.60
C PRO C 245 -15.69 12.55 43.23
N LEU C 246 -16.24 11.77 44.17
CA LEU C 246 -16.56 10.39 43.89
C LEU C 246 -17.72 10.30 42.91
N ILE C 247 -17.68 9.28 42.05
CA ILE C 247 -18.75 8.99 41.09
C ILE C 247 -20.11 8.94 41.79
N GLY C 248 -21.01 9.84 41.38
CA GLY C 248 -22.37 9.81 41.87
C GLY C 248 -23.26 9.02 40.94
N ALA C 249 -23.89 7.96 41.45
CA ALA C 249 -24.75 7.11 40.65
C ALA C 249 -25.87 6.56 41.51
N ALA C 250 -27.04 6.42 40.90
CA ALA C 250 -28.22 5.93 41.61
C ALA C 250 -28.37 4.41 41.52
N ASP C 251 -27.69 3.77 40.58
CA ASP C 251 -27.77 2.32 40.42
C ASP C 251 -26.50 1.85 39.71
N ALA C 252 -26.32 0.52 39.68
CA ALA C 252 -25.04 -0.05 39.26
C ALA C 252 -24.71 0.27 37.80
N SER C 253 -25.71 0.23 36.93
CA SER C 253 -25.41 0.50 35.53
C SER C 253 -25.09 1.97 35.30
N GLU C 254 -25.65 2.84 36.14
CA GLU C 254 -25.26 4.25 36.13
C GLU C 254 -23.80 4.42 36.57
N PHE C 255 -23.40 3.68 37.61
CA PHE C 255 -22.01 3.64 38.03
C PHE C 255 -21.13 3.13 36.89
N GLU C 256 -21.52 1.99 36.30
CA GLU C 256 -20.74 1.41 35.21
C GLU C 256 -20.51 2.39 34.06
N ASN C 257 -21.57 3.08 33.63
CA ASN C 257 -21.42 3.96 32.47
C ASN C 257 -20.47 5.09 32.77
N ILE C 258 -20.53 5.63 33.98
CA ILE C 258 -19.56 6.63 34.40
C ILE C 258 -18.20 6.00 34.61
N TYR C 259 -18.14 4.96 35.46
CA TYR C 259 -16.87 4.36 35.85
C TYR C 259 -16.03 3.96 34.64
N ARG C 260 -16.60 3.13 33.78
CA ARG C 260 -15.84 2.61 32.66
C ARG C 260 -15.44 3.69 31.66
N SER C 261 -15.96 4.93 31.79
CA SER C 261 -15.63 6.01 30.85
C SER C 261 -14.43 6.78 31.36
N ASP C 262 -13.28 6.62 30.70
CA ASP C 262 -12.11 7.44 31.04
C ASP C 262 -12.47 8.93 31.10
N ALA C 263 -13.21 9.42 30.09
CA ALA C 263 -13.39 10.85 29.90
C ALA C 263 -14.33 11.45 30.93
N ASN C 264 -15.34 10.70 31.39
CA ASN C 264 -16.39 11.25 32.23
C ASN C 264 -16.23 10.91 33.70
N ASN C 265 -15.40 9.91 34.02
CA ASN C 265 -15.14 9.50 35.39
C ASN C 265 -14.42 10.64 36.11
N PRO C 266 -15.09 11.33 37.03
CA PRO C 266 -14.43 12.45 37.72
C PRO C 266 -13.44 12.02 38.79
N GLU C 267 -13.31 10.71 39.04
CA GLU C 267 -12.35 10.27 40.04
C GLU C 267 -10.93 10.16 39.49
N ILE C 268 -10.74 10.29 38.19
CA ILE C 268 -9.45 9.99 37.58
C ILE C 268 -8.52 11.18 37.71
N ILE C 269 -7.41 10.99 38.42
CA ILE C 269 -6.47 12.07 38.66
C ILE C 269 -5.47 12.21 37.53
N PHE C 270 -5.17 11.13 36.82
CA PHE C 270 -4.07 11.09 35.89
C PHE C 270 -4.17 9.81 35.09
N ARG C 271 -4.53 9.92 33.82
CA ARG C 271 -4.65 8.78 32.92
C ARG C 271 -3.79 9.05 31.69
N GLY C 272 -3.62 8.00 30.89
CA GLY C 272 -2.82 8.07 29.69
C GLY C 272 -3.73 8.26 28.49
N PHE C 273 -3.24 9.02 27.50
CA PHE C 273 -4.06 9.29 26.34
C PHE C 273 -4.50 7.98 25.69
N ALA C 274 -5.80 7.86 25.47
CA ALA C 274 -6.31 6.72 24.75
C ALA C 274 -7.38 7.19 23.77
N SER C 275 -7.31 6.67 22.57
CA SER C 275 -8.40 6.72 21.62
C SER C 275 -8.53 5.34 21.02
N ALA C 276 -9.63 5.09 20.31
CA ALA C 276 -9.77 3.80 19.65
C ALA C 276 -8.52 3.45 18.85
N THR C 277 -7.83 4.45 18.32
CA THR C 277 -6.76 4.27 17.35
C THR C 277 -5.35 4.57 17.88
N LEU C 278 -5.22 5.07 19.13
CA LEU C 278 -3.92 5.20 19.78
C LEU C 278 -4.09 5.17 21.29
N GLY C 279 -3.29 4.34 21.96
CA GLY C 279 -3.24 4.37 23.42
C GLY C 279 -4.26 3.51 24.16
N SER C 280 -5.13 2.78 23.47
CA SER C 280 -6.08 1.90 24.12
C SER C 280 -5.67 0.45 23.83
N PHE C 281 -6.01 -0.44 24.76
CA PHE C 281 -5.51 -1.81 24.70
C PHE C 281 -6.55 -2.71 25.34
N THR C 282 -6.53 -3.99 24.95
CA THR C 282 -7.31 -4.98 25.68
C THR C 282 -6.54 -5.44 26.91
N ALA C 283 -7.28 -5.72 27.97
CA ALA C 283 -6.71 -6.12 29.24
C ALA C 283 -7.54 -7.26 29.81
N THR C 284 -7.59 -8.39 29.08
CA THR C 284 -8.56 -9.45 29.33
C THR C 284 -8.02 -10.60 30.18
N THR C 285 -6.83 -10.44 30.77
CA THR C 285 -6.25 -11.49 31.61
C THR C 285 -7.24 -11.97 32.67
N LEU C 286 -7.81 -11.05 33.43
CA LEU C 286 -8.67 -11.43 34.54
C LEU C 286 -9.98 -12.05 34.04
N ASN C 287 -10.69 -11.35 33.16
CA ASN C 287 -12.05 -11.77 32.78
C ASN C 287 -12.07 -12.79 31.65
N GLY C 288 -11.07 -12.81 30.79
CA GLY C 288 -11.13 -13.75 29.68
C GLY C 288 -12.29 -13.47 28.74
N ALA C 289 -12.42 -12.21 28.34
CA ALA C 289 -13.57 -11.71 27.61
C ALA C 289 -13.32 -11.71 26.11
N ALA C 290 -14.37 -11.99 25.34
CA ALA C 290 -14.19 -12.02 23.91
C ALA C 290 -15.44 -11.45 23.27
N PRO C 291 -15.31 -10.64 22.23
CA PRO C 291 -16.50 -10.20 21.51
C PRO C 291 -17.21 -11.40 20.90
N ALA C 292 -18.53 -11.27 20.71
CA ALA C 292 -19.33 -12.27 20.02
C ALA C 292 -20.47 -11.49 19.38
N GLY C 293 -20.17 -10.90 18.23
CA GLY C 293 -21.09 -9.97 17.60
C GLY C 293 -21.31 -8.74 18.44
N LYS C 294 -22.55 -8.54 18.85
CA LYS C 294 -22.95 -7.38 19.64
C LYS C 294 -22.83 -7.64 21.14
N ASP C 295 -22.39 -8.83 21.53
CA ASP C 295 -22.32 -9.27 22.91
C ASP C 295 -20.89 -9.60 23.29
N ILE C 296 -20.68 -9.74 24.61
CA ILE C 296 -19.41 -10.16 25.20
C ILE C 296 -19.61 -11.52 25.86
N LYS C 297 -18.71 -12.47 25.56
CA LYS C 297 -18.72 -13.78 26.20
C LYS C 297 -17.39 -14.01 26.90
N TYR C 298 -17.43 -14.83 27.95
CA TYR C 298 -16.33 -14.93 28.90
C TYR C 298 -15.84 -16.36 29.02
N ASN C 299 -14.53 -16.51 29.17
CA ASN C 299 -13.94 -17.80 29.55
C ASN C 299 -12.68 -17.51 30.34
N PRO C 300 -12.84 -17.19 31.60
CA PRO C 300 -11.69 -16.77 32.40
C PRO C 300 -10.80 -17.95 32.81
N SER C 301 -9.50 -17.65 32.90
CA SER C 301 -8.51 -18.58 33.42
C SER C 301 -8.35 -18.51 34.92
N ALA C 302 -8.88 -17.47 35.57
CA ALA C 302 -8.83 -17.32 37.02
C ALA C 302 -10.10 -16.60 37.47
N VAL C 303 -10.68 -17.02 38.58
CA VAL C 303 -11.87 -16.36 39.11
C VAL C 303 -11.71 -16.20 40.61
N PRO C 304 -12.32 -15.19 41.22
CA PRO C 304 -12.22 -15.03 42.67
C PRO C 304 -12.66 -16.28 43.42
N PHE C 305 -12.02 -16.50 44.58
CA PHE C 305 -12.54 -17.39 45.60
C PHE C 305 -13.91 -16.90 46.07
N GLN C 306 -14.63 -17.76 46.77
CA GLN C 306 -15.96 -17.38 47.24
C GLN C 306 -15.91 -16.22 48.23
N TRP C 307 -14.91 -16.19 49.12
CA TRP C 307 -14.86 -15.12 50.12
C TRP C 307 -14.80 -13.74 49.46
N VAL C 308 -14.11 -13.64 48.33
CA VAL C 308 -14.03 -12.37 47.61
C VAL C 308 -15.40 -11.95 47.12
N VAL C 309 -16.23 -12.92 46.73
CA VAL C 309 -17.60 -12.59 46.30
C VAL C 309 -18.42 -12.09 47.48
N ASP C 310 -18.33 -12.77 48.62
CA ASP C 310 -19.08 -12.34 49.80
C ASP C 310 -18.55 -11.06 50.42
N LEU C 311 -17.36 -10.60 50.01
CA LEU C 311 -16.91 -9.29 50.44
C LEU C 311 -17.94 -8.23 50.10
N TYR C 312 -18.55 -8.34 48.91
CA TYR C 312 -19.44 -7.33 48.37
C TYR C 312 -20.89 -7.58 48.80
N GLU C 313 -21.49 -6.60 49.44
CA GLU C 313 -22.94 -6.67 49.62
C GLU C 313 -23.60 -6.69 48.25
N ASN C 314 -24.75 -7.36 48.17
CA ASN C 314 -25.30 -7.64 46.86
C ASN C 314 -25.79 -6.37 46.15
N GLU C 315 -25.92 -5.26 46.87
CA GLU C 315 -26.30 -3.98 46.29
C GLU C 315 -25.10 -3.08 45.97
N ASP C 316 -23.88 -3.52 46.28
CA ASP C 316 -22.67 -2.77 45.94
C ASP C 316 -22.54 -2.68 44.42
N PHE C 317 -22.50 -1.45 43.89
CA PHE C 317 -22.35 -1.30 42.43
C PHE C 317 -21.14 -2.04 41.90
N ARG C 318 -20.08 -2.18 42.71
CA ARG C 318 -18.88 -2.84 42.22
C ARG C 318 -19.10 -4.33 42.03
N LYS C 319 -20.07 -4.90 42.76
CA LYS C 319 -20.49 -6.29 42.58
C LYS C 319 -20.99 -6.57 41.16
N SER C 320 -21.26 -5.53 40.37
CA SER C 320 -21.63 -5.72 38.98
C SER C 320 -20.64 -5.14 37.98
N VAL C 321 -19.75 -4.24 38.39
CA VAL C 321 -18.78 -3.67 37.49
C VAL C 321 -17.37 -4.18 37.78
N TYR C 322 -16.94 -4.13 39.05
CA TYR C 322 -15.61 -4.61 39.39
C TYR C 322 -15.53 -6.13 39.29
N ILE C 323 -16.51 -6.83 39.89
CA ILE C 323 -16.75 -8.24 39.59
C ILE C 323 -18.15 -8.35 38.98
N ALA C 324 -18.34 -9.39 38.16
CA ALA C 324 -19.57 -9.57 37.40
C ALA C 324 -19.97 -11.04 37.32
N LYS C 325 -21.25 -11.33 37.58
CA LYS C 325 -21.76 -12.70 37.55
C LYS C 325 -21.97 -13.13 36.11
N VAL C 326 -20.87 -13.43 35.43
CA VAL C 326 -20.94 -13.75 34.01
C VAL C 326 -20.08 -14.97 33.66
N VAL C 327 -19.55 -15.67 34.67
CA VAL C 327 -18.93 -16.98 34.44
C VAL C 327 -20.01 -18.02 34.18
N LYS C 328 -19.73 -18.95 33.25
CA LYS C 328 -20.73 -19.92 32.80
C LYS C 328 -22.11 -19.29 32.66
N LYS C 329 -22.23 -18.35 31.71
CA LYS C 329 -23.46 -17.60 31.47
C LYS C 329 -23.70 -16.60 32.59
N ASP C 330 -24.06 -17.11 33.78
CA ASP C 330 -24.55 -16.26 34.85
C ASP C 330 -24.45 -16.98 36.18
N LYS C 331 -23.43 -17.83 36.34
CA LYS C 331 -23.37 -18.76 37.44
C LYS C 331 -22.26 -18.47 38.45
N GLY C 332 -21.35 -17.56 38.14
CA GLY C 332 -20.28 -17.19 39.06
C GLY C 332 -19.64 -15.90 38.62
N TYR C 333 -18.73 -15.40 39.47
CA TYR C 333 -18.12 -14.08 39.30
C TYR C 333 -16.70 -14.18 38.74
N LEU C 334 -16.40 -13.30 37.81
CA LEU C 334 -15.03 -12.99 37.44
C LEU C 334 -14.76 -11.53 37.78
N VAL C 335 -13.51 -11.11 37.65
CA VAL C 335 -13.15 -9.73 37.92
C VAL C 335 -13.26 -8.94 36.62
N ASN C 336 -14.14 -7.94 36.61
CA ASN C 336 -14.51 -7.31 35.35
C ASN C 336 -14.08 -5.85 35.31
N LYS C 337 -13.20 -5.44 36.23
CA LYS C 337 -12.83 -4.03 36.35
C LYS C 337 -12.36 -3.44 35.02
N PHE C 338 -11.76 -4.27 34.17
CA PHE C 338 -11.14 -3.80 32.94
C PHE C 338 -11.88 -4.24 31.68
N LEU C 339 -13.22 -4.25 31.74
CA LEU C 339 -13.99 -4.80 30.62
C LEU C 339 -13.81 -3.98 29.37
N GLU C 340 -14.04 -2.67 29.47
CA GLU C 340 -14.06 -1.81 28.30
C GLU C 340 -14.29 -0.34 28.65
N ASP C 341 -13.66 0.55 27.90
CA ASP C 341 -14.20 1.87 27.61
C ASP C 341 -14.91 1.76 26.26
N LYS C 342 -16.23 1.95 26.26
CA LYS C 342 -16.96 1.86 24.99
C LYS C 342 -16.48 2.90 24.00
N ALA C 343 -15.93 4.02 24.46
CA ALA C 343 -15.48 5.04 23.53
C ALA C 343 -14.40 4.54 22.60
N TYR C 344 -13.70 3.46 22.97
CA TYR C 344 -12.59 2.96 22.15
C TYR C 344 -13.02 1.85 21.20
N ARG C 345 -14.31 1.58 21.08
CA ARG C 345 -14.76 0.59 20.11
C ARG C 345 -14.57 1.11 18.69
N ASP C 346 -14.33 0.20 17.76
CA ASP C 346 -14.20 0.61 16.37
C ASP C 346 -15.57 0.91 15.77
N VAL C 347 -16.51 0.03 16.00
CA VAL C 347 -17.89 0.20 15.64
C VAL C 347 -18.66 0.19 16.94
N GLN C 348 -19.65 1.09 17.06
CA GLN C 348 -20.30 1.20 18.37
C GLN C 348 -21.12 -0.04 18.67
N ASP C 349 -21.65 -0.67 17.64
CA ASP C 349 -22.37 -1.94 17.76
C ASP C 349 -21.56 -2.98 18.50
N LYS C 350 -20.24 -2.99 18.29
CA LYS C 350 -19.41 -4.18 18.42
C LYS C 350 -18.40 -4.01 19.53
N PRO C 351 -18.49 -4.78 20.62
CA PRO C 351 -17.48 -4.68 21.67
C PRO C 351 -16.10 -5.05 21.16
N ASN C 352 -15.11 -4.24 21.55
CA ASN C 352 -13.75 -4.64 21.29
C ASN C 352 -12.90 -4.65 22.54
N LEU C 353 -13.48 -4.34 23.71
CA LEU C 353 -12.85 -4.63 25.00
C LEU C 353 -11.53 -3.89 25.20
N LYS C 354 -11.48 -2.62 24.82
CA LYS C 354 -10.27 -1.82 25.02
C LYS C 354 -10.48 -0.84 26.17
N VAL C 355 -9.44 -0.70 26.99
CA VAL C 355 -9.45 0.25 28.08
C VAL C 355 -8.30 1.23 27.83
N GLY C 356 -8.11 2.16 28.76
CA GLY C 356 -6.92 3.00 28.79
C GLY C 356 -6.17 2.80 30.10
N ALA C 357 -4.95 3.34 30.15
CA ALA C 357 -4.06 3.19 31.31
C ALA C 357 -4.36 4.29 32.32
N ARG C 358 -5.05 3.93 33.41
CA ARG C 358 -5.26 4.87 34.50
C ARG C 358 -4.14 4.72 35.52
N TYR C 359 -3.75 5.85 36.10
CA TYR C 359 -2.58 5.91 36.96
C TYR C 359 -2.90 6.28 38.39
N PHE C 360 -4.05 6.89 38.66
CA PHE C 360 -4.50 7.12 40.03
C PHE C 360 -5.95 7.61 40.03
N SER C 361 -6.86 6.85 40.65
CA SER C 361 -8.21 7.33 40.89
C SER C 361 -8.34 7.75 42.34
N VAL C 362 -9.25 8.70 42.60
CA VAL C 362 -9.33 9.29 43.93
C VAL C 362 -9.85 8.32 44.98
N ALA C 363 -10.42 7.19 44.56
CA ALA C 363 -10.86 6.20 45.54
C ALA C 363 -9.68 5.67 46.34
N GLU C 364 -8.54 5.46 45.67
CA GLU C 364 -7.34 5.02 46.37
C GLU C 364 -6.91 6.04 47.41
N VAL C 365 -7.11 7.34 47.14
CA VAL C 365 -6.75 8.36 48.12
C VAL C 365 -7.70 8.31 49.31
N TYR C 366 -8.94 7.86 49.12
CA TYR C 366 -9.84 7.69 50.25
C TYR C 366 -9.33 6.58 51.17
N LEU C 367 -8.92 5.46 50.58
CA LEU C 367 -8.49 4.31 51.38
C LEU C 367 -7.15 4.56 52.06
N ILE C 368 -6.21 5.17 51.33
CA ILE C 368 -4.95 5.60 51.94
C ILE C 368 -5.24 6.44 53.18
N LEU C 369 -6.14 7.42 53.04
CA LEU C 369 -6.46 8.28 54.17
C LEU C 369 -7.16 7.54 55.29
N VAL C 370 -8.11 6.67 54.96
CA VAL C 370 -8.88 5.99 56.01
C VAL C 370 -7.96 5.08 56.81
N GLU C 371 -7.08 4.33 56.13
CA GLU C 371 -6.16 3.45 56.81
C GLU C 371 -5.19 4.23 57.70
N SER C 372 -4.54 5.24 57.14
CA SER C 372 -3.63 6.06 57.94
C SER C 372 -4.36 6.74 59.09
N ALA C 373 -5.53 7.31 58.82
CA ALA C 373 -6.29 7.99 59.88
C ALA C 373 -6.61 7.02 61.02
N LEU C 374 -6.99 5.80 60.66
CA LEU C 374 -7.18 4.76 61.67
C LEU C 374 -5.88 4.53 62.44
N GLN C 375 -4.76 4.39 61.72
CA GLN C 375 -3.49 4.05 62.36
C GLN C 375 -2.95 5.15 63.24
N THR C 376 -3.44 6.38 63.10
CA THR C 376 -2.95 7.52 63.86
C THR C 376 -3.96 8.04 64.87
N GLY C 377 -5.03 7.29 65.13
CA GLY C 377 -6.04 7.70 66.09
C GLY C 377 -7.03 8.74 65.62
N ASP C 378 -7.09 9.01 64.31
CA ASP C 378 -7.97 10.05 63.78
C ASP C 378 -9.22 9.41 63.21
N THR C 379 -10.02 8.85 64.11
CA THR C 379 -11.19 8.08 63.69
C THR C 379 -12.29 8.92 63.04
N PRO C 380 -12.45 10.22 63.34
CA PRO C 380 -13.45 10.98 62.59
C PRO C 380 -13.16 11.04 61.10
N THR C 381 -11.90 11.31 60.74
CA THR C 381 -11.52 11.34 59.33
C THR C 381 -11.62 9.96 58.69
N ALA C 382 -11.28 8.91 59.43
CA ALA C 382 -11.44 7.55 58.91
C ALA C 382 -12.92 7.21 58.78
N GLU C 383 -13.73 7.61 59.78
CA GLU C 383 -15.16 7.35 59.71
C GLU C 383 -15.78 8.07 58.51
N LYS C 384 -15.50 9.36 58.36
CA LYS C 384 -16.07 10.15 57.28
C LYS C 384 -15.79 9.53 55.92
N TYR C 385 -14.53 9.26 55.64
CA TYR C 385 -14.17 8.89 54.27
C TYR C 385 -14.48 7.44 53.94
N LEU C 386 -14.45 6.52 54.91
CA LEU C 386 -14.89 5.17 54.59
C LEU C 386 -16.40 5.11 54.42
N LYS C 387 -17.14 5.85 55.25
CA LYS C 387 -18.58 5.95 55.08
C LYS C 387 -18.93 6.72 53.82
N ALA C 388 -18.12 7.68 53.43
CA ALA C 388 -18.39 8.43 52.20
C ALA C 388 -18.15 7.56 50.96
N LEU C 389 -16.99 6.93 50.86
CA LEU C 389 -16.71 6.11 49.69
C LEU C 389 -17.67 4.93 49.61
N SER C 390 -17.80 4.18 50.70
CA SER C 390 -18.66 3.01 50.67
C SER C 390 -20.10 3.39 50.39
N LYS C 391 -20.56 4.56 50.86
CA LYS C 391 -21.92 4.97 50.54
C LYS C 391 -22.06 5.31 49.06
N ALA C 392 -21.09 6.02 48.48
CA ALA C 392 -21.19 6.41 47.08
C ALA C 392 -21.32 5.19 46.18
N ARG C 393 -20.67 4.08 46.53
CA ARG C 393 -20.67 2.85 45.74
C ARG C 393 -21.94 2.03 45.92
N GLY C 394 -22.86 2.44 46.79
CA GLY C 394 -24.13 1.77 46.93
C GLY C 394 -24.26 0.86 48.13
N ALA C 395 -23.29 0.86 49.07
CA ALA C 395 -23.29 -0.02 50.25
C ALA C 395 -22.41 0.63 51.33
N GLU C 396 -22.97 1.63 52.01
CA GLU C 396 -22.22 2.30 53.06
C GLU C 396 -21.87 1.31 54.17
N VAL C 397 -20.60 1.32 54.58
CA VAL C 397 -20.15 0.39 55.59
C VAL C 397 -20.77 0.75 56.95
N SER C 398 -21.02 -0.27 57.77
CA SER C 398 -21.66 -0.06 59.06
C SER C 398 -20.65 0.35 60.14
N VAL C 399 -19.59 -0.42 60.29
CA VAL C 399 -18.53 -0.11 61.24
C VAL C 399 -17.36 0.51 60.48
N VAL C 400 -16.60 1.36 61.15
CA VAL C 400 -15.37 1.91 60.57
C VAL C 400 -14.24 1.55 61.52
N ASN C 401 -13.42 0.57 61.15
CA ASN C 401 -12.56 -0.04 62.16
C ASN C 401 -11.49 -0.97 61.58
N MET C 402 -10.79 -0.51 60.55
CA MET C 402 -9.64 -1.26 60.03
C MET C 402 -10.08 -2.57 59.37
N GLU C 403 -10.74 -3.44 60.14
CA GLU C 403 -11.28 -4.67 59.57
C GLU C 403 -12.15 -4.36 58.36
N ALA C 404 -12.97 -3.30 58.45
CA ALA C 404 -13.76 -2.85 57.31
C ALA C 404 -12.89 -2.08 56.30
N LEU C 405 -11.92 -1.31 56.79
CA LEU C 405 -10.96 -0.69 55.88
C LEU C 405 -10.30 -1.74 54.99
N GLN C 406 -9.87 -2.86 55.59
CA GLN C 406 -9.35 -3.98 54.80
C GLN C 406 -10.40 -4.50 53.83
N ALA C 407 -11.58 -4.83 54.34
CA ALA C 407 -12.69 -5.23 53.50
C ALA C 407 -12.94 -4.23 52.38
N GLU C 408 -13.07 -2.94 52.75
CA GLU C 408 -13.48 -1.93 51.78
C GLU C 408 -12.38 -1.64 50.77
N ARG C 409 -11.13 -1.52 51.22
CA ARG C 409 -10.03 -1.33 50.28
C ARG C 409 -9.96 -2.50 49.29
N THR C 410 -10.03 -3.72 49.79
CA THR C 410 -10.03 -4.89 48.93
C THR C 410 -11.18 -4.86 47.93
N ARG C 411 -12.37 -4.50 48.40
CA ARG C 411 -13.52 -4.36 47.51
C ARG C 411 -13.26 -3.34 46.41
N GLU C 412 -12.59 -2.23 46.75
CA GLU C 412 -12.48 -1.13 45.80
C GLU C 412 -11.40 -1.35 44.76
N LEU C 413 -10.34 -2.07 45.15
CA LEU C 413 -9.10 -2.11 44.38
C LEU C 413 -8.89 -3.45 43.68
N ILE C 414 -9.90 -4.33 43.67
CA ILE C 414 -9.73 -5.60 43.01
C ILE C 414 -9.23 -5.38 41.59
N GLY C 415 -8.34 -6.26 41.14
CA GLY C 415 -7.78 -6.16 39.79
C GLY C 415 -6.66 -5.16 39.63
N GLU C 416 -6.44 -4.28 40.60
CA GLU C 416 -5.43 -3.24 40.45
C GLU C 416 -4.09 -3.61 41.08
N GLY C 417 -3.92 -4.85 41.56
CA GLY C 417 -2.61 -5.28 42.03
C GLY C 417 -2.21 -4.71 43.38
N SER C 418 -3.18 -4.47 44.26
CA SER C 418 -2.89 -4.00 45.60
C SER C 418 -2.89 -5.10 46.66
N ARG C 419 -3.74 -6.12 46.49
CA ARG C 419 -4.04 -6.99 47.62
C ARG C 419 -2.81 -7.77 48.08
N LEU C 420 -1.86 -8.06 47.18
CA LEU C 420 -0.63 -8.71 47.61
C LEU C 420 0.12 -7.86 48.62
N ARG C 421 0.38 -6.61 48.26
CA ARG C 421 0.98 -5.64 49.16
C ARG C 421 0.22 -5.55 50.48
N ASP C 422 -1.11 -5.54 50.39
CA ASP C 422 -1.90 -5.41 51.60
C ASP C 422 -1.77 -6.63 52.50
N MET C 423 -1.55 -7.81 51.91
CA MET C 423 -1.37 -9.01 52.70
C MET C 423 -0.10 -8.90 53.55
N VAL C 424 0.97 -8.38 52.96
CA VAL C 424 2.22 -8.23 53.69
C VAL C 424 2.07 -7.17 54.78
N ARG C 425 1.40 -6.07 54.47
CA ARG C 425 1.26 -4.99 55.46
C ARG C 425 0.35 -5.39 56.59
N TRP C 426 -0.69 -6.18 56.31
CA TRP C 426 -1.64 -6.63 57.32
C TRP C 426 -1.27 -7.98 57.93
N SER C 427 -0.08 -8.50 57.64
CA SER C 427 0.40 -9.77 58.17
C SER C 427 -0.61 -10.89 57.93
N ILE C 428 -0.98 -11.06 56.67
CA ILE C 428 -1.90 -12.11 56.24
C ILE C 428 -1.11 -13.15 55.47
N PRO C 429 -1.11 -14.40 55.89
CA PRO C 429 -0.54 -15.46 55.05
C PRO C 429 -1.51 -15.87 53.96
N ASN C 430 -0.99 -16.57 52.96
CA ASN C 430 -1.85 -16.97 51.84
C ASN C 430 -2.61 -18.23 52.23
N ASN C 431 -3.89 -18.09 52.58
CA ASN C 431 -4.71 -19.22 52.99
C ASN C 431 -5.50 -19.83 51.83
N HIS C 432 -4.99 -19.68 50.62
CA HIS C 432 -5.43 -20.36 49.40
C HIS C 432 -5.99 -21.77 49.62
N ASP C 433 -5.17 -22.66 50.17
CA ASP C 433 -5.56 -24.07 50.27
C ASP C 433 -6.77 -24.29 51.15
N ALA C 434 -7.20 -23.29 51.91
CA ALA C 434 -8.35 -23.47 52.78
C ALA C 434 -9.58 -22.73 52.28
N PHE C 435 -9.54 -22.19 51.07
CA PHE C 435 -10.63 -21.38 50.57
C PHE C 435 -11.58 -22.22 49.72
N GLU C 436 -12.88 -21.98 49.91
CA GLU C 436 -13.93 -22.57 49.09
C GLU C 436 -13.96 -21.89 47.72
N THR C 437 -13.85 -22.66 46.65
CA THR C 437 -14.14 -22.15 45.31
C THR C 437 -15.62 -21.91 45.13
N GLN C 438 -15.95 -20.97 44.25
CA GLN C 438 -17.34 -20.64 43.95
C GLN C 438 -18.14 -21.90 43.63
N PRO C 439 -19.29 -22.12 44.30
CA PRO C 439 -19.96 -23.42 44.16
C PRO C 439 -20.68 -23.59 42.84
N GLY C 440 -21.30 -22.53 42.33
CA GLY C 440 -21.93 -22.57 41.02
C GLY C 440 -20.98 -22.81 39.86
N LEU C 441 -19.67 -22.81 40.09
CA LEU C 441 -18.68 -22.96 39.03
C LEU C 441 -17.97 -24.30 39.07
N GLU C 442 -18.45 -25.25 39.86
CA GLU C 442 -17.72 -26.50 40.01
C GLU C 442 -17.75 -27.28 38.70
N GLY C 443 -16.69 -28.06 38.48
CA GLY C 443 -16.38 -28.58 37.17
C GLY C 443 -15.58 -27.60 36.33
N PHE C 444 -15.73 -26.30 36.60
CA PHE C 444 -15.04 -25.28 35.81
C PHE C 444 -13.95 -24.57 36.59
N ALA C 445 -14.28 -24.12 37.80
CA ALA C 445 -13.32 -23.53 38.73
C ALA C 445 -13.19 -24.48 39.91
N ASN C 446 -12.09 -25.21 39.94
CA ASN C 446 -11.92 -26.26 40.91
C ASN C 446 -10.72 -25.93 41.78
N THR C 447 -10.39 -26.84 42.68
CA THR C 447 -9.36 -26.57 43.68
C THR C 447 -7.99 -27.03 43.18
N THR C 448 -7.01 -26.14 43.29
CA THR C 448 -5.64 -26.44 42.91
C THR C 448 -4.78 -26.03 44.10
N PRO C 449 -4.04 -26.94 44.73
CA PRO C 449 -3.29 -26.55 45.92
C PRO C 449 -2.00 -25.85 45.55
N LEU C 450 -1.59 -24.92 46.42
CA LEU C 450 -0.31 -24.25 46.29
C LEU C 450 0.84 -25.25 46.11
N LYS C 451 1.70 -24.97 45.13
CA LYS C 451 2.95 -25.72 45.02
C LYS C 451 3.95 -25.30 46.08
N ALA C 452 3.72 -24.16 46.72
CA ALA C 452 4.53 -23.75 47.88
C ALA C 452 3.67 -22.83 48.75
N GLN C 453 3.74 -23.04 50.06
CA GLN C 453 2.98 -22.23 51.00
C GLN C 453 3.56 -20.83 51.08
N ALA C 454 2.72 -19.87 51.46
CA ALA C 454 3.12 -18.46 51.55
C ALA C 454 2.75 -17.89 52.91
N PRO C 455 3.41 -18.36 53.97
CA PRO C 455 3.23 -17.77 55.31
C PRO C 455 3.72 -16.33 55.41
N VAL C 456 3.34 -15.68 56.50
CA VAL C 456 3.77 -14.30 56.77
C VAL C 456 5.30 -14.24 56.82
N GLY C 457 5.87 -13.35 56.03
CA GLY C 457 7.31 -13.22 55.95
C GLY C 457 7.99 -14.07 54.89
N PHE C 458 7.24 -14.83 54.10
CA PHE C 458 7.82 -15.69 53.09
C PHE C 458 8.46 -14.85 51.99
N TYR C 459 9.70 -15.19 51.64
CA TYR C 459 10.50 -14.36 50.77
C TYR C 459 9.89 -14.17 49.37
N ALA C 460 9.08 -15.13 48.91
CA ALA C 460 8.68 -15.08 47.51
C ALA C 460 7.59 -14.04 47.25
N TYR C 461 6.98 -13.48 48.29
CA TYR C 461 6.18 -12.28 48.11
C TYR C 461 6.97 -11.19 47.38
N THR C 462 8.29 -11.22 47.47
CA THR C 462 9.14 -10.36 46.66
C THR C 462 9.71 -11.20 45.52
N TRP C 463 9.65 -10.66 44.31
CA TRP C 463 10.14 -11.38 43.14
C TRP C 463 11.67 -11.36 43.14
N GLU C 464 12.25 -12.34 42.46
CA GLU C 464 13.67 -12.37 42.21
C GLU C 464 14.00 -11.47 41.02
N PHE C 465 15.21 -10.88 41.06
CA PHE C 465 15.66 -10.10 39.93
C PHE C 465 15.75 -10.97 38.69
N PRO C 466 15.35 -10.47 37.52
CA PRO C 466 15.35 -11.30 36.31
C PRO C 466 16.70 -11.95 36.07
N GLN C 467 16.68 -13.12 35.44
CA GLN C 467 17.93 -13.82 35.14
C GLN C 467 18.86 -12.97 34.29
N ARG C 468 18.30 -12.25 33.30
CA ARG C 468 19.13 -11.41 32.44
C ARG C 468 19.99 -10.45 33.27
N ASP C 469 19.40 -9.81 34.27
CA ASP C 469 20.15 -8.93 35.14
C ASP C 469 21.12 -9.71 36.03
N ARG C 470 20.72 -10.89 36.49
CA ARG C 470 21.60 -11.70 37.33
C ARG C 470 22.82 -12.17 36.55
N GLN C 471 22.61 -12.63 35.31
CA GLN C 471 23.69 -13.23 34.50
C GLN C 471 24.66 -12.18 33.99
N THR C 472 24.21 -10.96 33.84
CA THR C 472 24.98 -9.96 33.16
C THR C 472 25.75 -9.05 34.15
N ASN C 473 25.57 -9.27 35.45
CA ASN C 473 25.98 -8.31 36.46
C ASN C 473 26.37 -9.07 37.72
N PRO C 474 27.62 -9.52 37.82
CA PRO C 474 28.06 -10.25 39.01
C PRO C 474 28.02 -9.42 40.29
N GLN C 475 27.91 -8.09 40.19
CA GLN C 475 27.70 -7.21 41.33
C GLN C 475 26.26 -7.22 41.85
N LEU C 476 25.35 -7.94 41.21
CA LEU C 476 23.94 -7.95 41.60
C LEU C 476 23.68 -9.08 42.59
N ILE C 477 23.25 -8.71 43.80
CA ILE C 477 22.99 -9.65 44.88
C ILE C 477 21.52 -10.02 44.83
N LYS C 478 21.23 -11.32 44.82
CA LYS C 478 19.89 -11.78 44.49
C LYS C 478 18.99 -11.83 45.72
N ASN C 479 17.68 -11.84 45.45
CA ASN C 479 16.71 -11.73 46.53
C ASN C 479 16.46 -13.07 47.24
N TRP C 480 16.41 -14.17 46.50
CA TRP C 480 15.93 -15.44 47.06
C TRP C 480 17.08 -16.26 47.68
N PRO C 481 16.87 -16.92 48.83
CA PRO C 481 17.92 -17.76 49.43
C PRO C 481 18.24 -19.04 48.64
N CYS D 1 -12.48 -22.52 -20.97
CA CYS D 1 -11.94 -21.22 -20.59
C CYS D 1 -13.06 -20.26 -20.23
N GLU D 2 -13.09 -19.76 -19.00
CA GLU D 2 -14.19 -18.91 -18.53
C GLU D 2 -13.83 -17.43 -18.70
N LEU D 3 -14.53 -16.73 -19.60
CA LEU D 3 -14.20 -15.34 -19.85
C LEU D 3 -14.89 -14.37 -18.90
N ASP D 4 -15.77 -14.85 -18.02
CA ASP D 4 -16.42 -13.94 -17.07
C ASP D 4 -15.38 -13.17 -16.28
N ARG D 5 -15.60 -11.87 -16.13
CA ARG D 5 -14.81 -11.03 -15.23
C ARG D 5 -15.77 -10.08 -14.56
N ASP D 6 -15.82 -10.12 -13.24
CA ASP D 6 -16.73 -9.23 -12.57
C ASP D 6 -15.96 -8.21 -11.76
N PRO D 7 -16.44 -6.98 -11.66
CA PRO D 7 -15.66 -5.96 -10.96
C PRO D 7 -15.61 -6.25 -9.47
N GLU D 8 -14.40 -6.27 -8.93
CA GLU D 8 -14.21 -6.26 -7.49
C GLU D 8 -14.69 -4.94 -6.91
N GLY D 9 -15.29 -5.02 -5.73
CA GLY D 9 -15.85 -3.83 -5.11
C GLY D 9 -17.23 -3.45 -5.61
N LYS D 10 -17.87 -4.32 -6.39
CA LYS D 10 -19.22 -4.09 -6.88
C LYS D 10 -20.06 -5.36 -6.73
N ASP D 11 -21.32 -5.17 -6.41
CA ASP D 11 -22.28 -6.26 -6.38
C ASP D 11 -23.39 -6.01 -7.39
N PHE D 12 -24.07 -7.09 -7.75
CA PHE D 12 -25.15 -6.96 -8.71
C PHE D 12 -26.40 -6.42 -8.05
N GLN D 13 -27.06 -5.49 -8.72
CA GLN D 13 -28.37 -5.07 -8.27
C GLN D 13 -29.28 -6.29 -8.13
N GLN D 14 -29.83 -6.48 -6.94
CA GLN D 14 -30.80 -7.52 -6.63
C GLN D 14 -32.01 -6.87 -5.98
N PRO D 15 -33.18 -7.51 -6.04
CA PRO D 15 -34.29 -7.07 -5.19
C PRO D 15 -34.00 -7.36 -3.72
N TYR D 16 -34.73 -6.67 -2.85
CA TYR D 16 -34.42 -6.68 -1.42
C TYR D 16 -34.97 -7.95 -0.79
N THR D 17 -34.10 -8.93 -0.51
CA THR D 17 -34.55 -10.19 0.08
C THR D 17 -34.43 -10.23 1.60
N SER D 18 -33.79 -9.24 2.23
CA SER D 18 -33.54 -9.26 3.66
C SER D 18 -33.66 -7.85 4.24
N PHE D 19 -33.88 -7.80 5.55
CA PHE D 19 -33.91 -6.52 6.22
C PHE D 19 -32.54 -5.86 6.26
N VAL D 20 -31.47 -6.68 6.26
CA VAL D 20 -30.11 -6.14 6.29
C VAL D 20 -29.82 -5.43 4.97
N GLN D 21 -30.07 -6.11 3.85
CA GLN D 21 -29.96 -5.45 2.53
C GLN D 21 -30.80 -4.18 2.48
N THR D 22 -32.04 -4.25 2.98
CA THR D 22 -32.90 -3.07 2.95
C THR D 22 -32.28 -1.90 3.72
N LYS D 23 -31.67 -2.19 4.88
CA LYS D 23 -31.08 -1.15 5.70
C LYS D 23 -29.85 -0.54 5.03
N GLN D 24 -28.98 -1.39 4.46
CA GLN D 24 -27.78 -0.89 3.80
C GLN D 24 -28.12 0.01 2.61
N ASN D 25 -29.13 -0.36 1.82
CA ASN D 25 -29.53 0.47 0.70
C ASN D 25 -30.10 1.79 1.18
N ARG D 26 -30.75 1.81 2.35
CA ARG D 26 -31.22 3.07 2.92
C ARG D 26 -30.05 3.97 3.29
N ASP D 27 -29.02 3.40 3.91
CA ASP D 27 -27.86 4.20 4.26
C ASP D 27 -27.16 4.74 3.01
N GLY D 28 -27.24 4.01 1.90
CA GLY D 28 -26.68 4.54 0.65
C GLY D 28 -27.45 5.74 0.16
N LEU D 29 -28.78 5.65 0.18
CA LEU D 29 -29.60 6.81 -0.14
C LEU D 29 -29.22 8.03 0.69
N TYR D 30 -29.03 7.82 2.00
CA TYR D 30 -28.74 8.96 2.87
C TYR D 30 -27.32 9.49 2.66
N ALA D 31 -26.36 8.59 2.41
CA ALA D 31 -25.07 9.03 1.90
C ALA D 31 -25.26 9.89 0.67
N LEU D 32 -26.07 9.42 -0.27
CA LEU D 32 -26.36 10.22 -1.46
C LEU D 32 -26.91 11.60 -1.09
N LEU D 33 -27.82 11.65 -0.09
CA LEU D 33 -28.44 12.91 0.31
C LEU D 33 -27.40 13.94 0.75
N ARG D 34 -26.39 13.50 1.49
CA ARG D 34 -25.39 14.37 2.09
C ARG D 34 -24.67 15.21 1.03
N ASN D 35 -24.39 14.62 -0.13
CA ASN D 35 -23.71 15.33 -1.22
C ASN D 35 -24.69 15.97 -2.18
N THR D 36 -25.99 15.93 -1.88
CA THR D 36 -27.04 16.49 -2.71
C THR D 36 -27.67 17.69 -1.98
N GLU D 37 -28.40 17.45 -0.89
CA GLU D 37 -28.91 18.55 -0.07
C GLU D 37 -27.73 19.12 0.72
N ASN D 38 -26.82 19.73 -0.04
CA ASN D 38 -25.53 20.16 0.44
C ASN D 38 -25.39 21.68 0.29
N PRO D 39 -24.86 22.37 1.30
CA PRO D 39 -24.76 23.84 1.21
C PRO D 39 -23.95 24.31 0.01
N ARG D 40 -22.93 23.54 -0.39
CA ARG D 40 -22.20 23.86 -1.62
C ARG D 40 -23.12 23.88 -2.82
N MET D 41 -24.18 23.09 -2.79
CA MET D 41 -25.08 23.04 -3.94
C MET D 41 -26.00 24.25 -4.00
N HIS D 42 -26.22 24.93 -2.87
CA HIS D 42 -27.08 26.12 -2.81
C HIS D 42 -26.32 27.43 -2.83
N PHE D 43 -25.00 27.41 -3.00
CA PHE D 43 -24.29 28.67 -3.07
C PHE D 43 -24.64 29.43 -4.34
N TYR D 44 -24.93 28.73 -5.44
CA TYR D 44 -25.19 29.40 -6.71
C TYR D 44 -26.43 30.28 -6.62
N GLN D 45 -27.54 29.73 -6.13
CA GLN D 45 -28.71 30.57 -5.98
C GLN D 45 -28.51 31.61 -4.88
N GLU D 46 -27.58 31.36 -3.95
CA GLU D 46 -27.26 32.36 -2.94
C GLU D 46 -26.53 33.55 -3.56
N LEU D 47 -25.56 33.27 -4.44
CA LEU D 47 -24.76 34.32 -5.05
C LEU D 47 -25.54 35.11 -6.09
N GLN D 48 -26.60 34.51 -6.64
CA GLN D 48 -27.42 35.15 -7.65
C GLN D 48 -28.38 36.18 -7.07
N SER D 49 -28.59 36.18 -5.76
CA SER D 49 -29.52 37.11 -5.13
C SER D 49 -28.97 38.55 -5.21
N ASP D 50 -29.54 39.45 -4.42
CA ASP D 50 -29.19 40.86 -4.49
C ASP D 50 -28.22 41.29 -3.38
N MET D 51 -27.40 40.37 -2.88
CA MET D 51 -26.64 40.66 -1.67
C MET D 51 -25.15 40.78 -1.88
N TYR D 52 -24.60 40.31 -2.98
CA TYR D 52 -23.16 40.17 -3.10
C TYR D 52 -22.61 41.07 -4.19
N CYS D 53 -21.32 41.43 -4.08
CA CYS D 53 -20.59 41.89 -5.24
C CYS D 53 -19.28 41.10 -5.30
N THR D 54 -18.83 40.82 -6.53
CA THR D 54 -17.60 40.06 -6.72
C THR D 54 -16.38 40.95 -6.44
N THR D 55 -15.35 40.33 -5.86
CA THR D 55 -14.13 41.02 -5.54
C THR D 55 -13.16 40.94 -6.72
N ILE D 56 -12.01 41.61 -6.57
CA ILE D 56 -10.99 41.49 -7.60
C ILE D 56 -10.41 40.09 -7.63
N THR D 57 -10.70 39.28 -6.61
CA THR D 57 -10.13 37.94 -6.52
C THR D 57 -10.90 36.93 -7.38
N ASP D 58 -12.21 37.09 -7.55
CA ASP D 58 -13.04 36.10 -8.24
C ASP D 58 -12.53 35.80 -9.65
N GLY D 59 -12.29 34.53 -9.92
CA GLY D 59 -11.83 34.10 -11.23
C GLY D 59 -12.98 33.75 -12.15
N ASN D 60 -14.08 34.49 -12.01
CA ASN D 60 -15.27 34.36 -12.85
C ASN D 60 -16.03 33.05 -12.59
N SER D 61 -16.11 32.67 -11.31
CA SER D 61 -16.83 31.49 -10.85
C SER D 61 -18.12 31.85 -10.14
N LEU D 62 -18.14 32.97 -9.44
CA LEU D 62 -19.36 33.51 -8.85
C LEU D 62 -19.93 34.64 -9.67
N ALA D 63 -19.05 35.35 -10.38
CA ALA D 63 -19.50 36.43 -11.27
C ALA D 63 -20.71 36.05 -12.11
N PRO D 64 -20.76 34.88 -12.78
CA PRO D 64 -21.94 34.60 -13.61
C PRO D 64 -23.24 34.67 -12.82
N PHE D 65 -23.21 34.35 -11.54
CA PHE D 65 -24.42 34.48 -10.75
C PHE D 65 -24.56 35.87 -10.13
N VAL D 66 -23.47 36.47 -9.62
CA VAL D 66 -23.61 37.78 -9.00
C VAL D 66 -24.06 38.81 -10.01
N ASN D 67 -23.50 38.78 -11.22
CA ASN D 67 -23.71 39.84 -12.21
C ASN D 67 -24.61 39.41 -13.35
N TRP D 68 -25.33 38.30 -13.19
CA TRP D 68 -26.37 37.86 -14.12
C TRP D 68 -25.86 37.80 -15.56
N ASP D 69 -24.80 37.02 -15.72
CA ASP D 69 -24.23 36.70 -17.03
C ASP D 69 -25.06 35.58 -17.64
N LEU D 70 -26.07 35.98 -18.42
CA LEU D 70 -27.04 35.04 -18.99
C LEU D 70 -26.37 34.01 -19.89
N GLY D 71 -25.39 34.44 -20.69
CA GLY D 71 -24.64 33.57 -21.57
C GLY D 71 -23.71 32.58 -20.89
N ILE D 72 -23.61 32.63 -19.56
CA ILE D 72 -22.97 31.56 -18.80
C ILE D 72 -23.99 30.76 -18.00
N LEU D 73 -24.99 31.44 -17.42
CA LEU D 73 -26.00 30.79 -16.61
C LEU D 73 -26.83 29.78 -17.41
N ASN D 74 -27.13 30.09 -18.68
CA ASN D 74 -27.95 29.22 -19.51
C ASN D 74 -27.39 27.79 -19.55
N ASP D 75 -26.07 27.68 -19.61
CA ASP D 75 -25.30 26.47 -19.84
C ASP D 75 -24.62 25.97 -18.60
N HIS D 76 -24.89 26.58 -17.44
CA HIS D 76 -23.88 26.56 -16.39
C HIS D 76 -23.77 25.21 -15.71
N GLY D 77 -22.54 24.83 -15.40
CA GLY D 77 -22.30 23.70 -14.53
C GLY D 77 -21.72 22.54 -15.30
N ARG D 78 -21.46 21.48 -14.54
CA ARG D 78 -20.94 20.22 -15.03
C ARG D 78 -21.53 19.09 -14.20
N ALA D 79 -21.52 17.89 -14.81
CA ALA D 79 -21.96 16.66 -14.14
C ALA D 79 -21.37 15.51 -14.95
N ASP D 80 -20.22 15.02 -14.50
CA ASP D 80 -19.53 13.92 -15.14
C ASP D 80 -18.71 13.24 -14.07
N GLU D 81 -17.86 12.28 -14.49
CA GLU D 81 -17.01 11.60 -13.52
C GLU D 81 -15.98 12.53 -12.88
N ASP D 82 -15.58 13.58 -13.56
CA ASP D 82 -14.53 14.39 -12.96
C ASP D 82 -15.07 15.45 -12.01
N GLU D 83 -16.25 16.00 -12.28
CA GLU D 83 -16.75 17.12 -11.50
C GLU D 83 -18.27 17.16 -11.62
N VAL D 84 -18.96 17.44 -10.51
CA VAL D 84 -20.39 17.68 -10.48
C VAL D 84 -20.58 19.00 -9.76
N SER D 85 -20.86 20.07 -10.52
CA SER D 85 -20.93 21.42 -9.97
C SER D 85 -21.91 22.27 -10.76
N GLY D 86 -22.33 23.34 -10.16
CA GLY D 86 -23.07 24.34 -10.89
C GLY D 86 -24.51 23.92 -11.19
N ILE D 87 -25.09 24.65 -12.14
CA ILE D 87 -26.50 24.44 -12.43
C ILE D 87 -26.71 23.00 -12.90
N ALA D 88 -25.88 22.54 -13.84
CA ALA D 88 -26.04 21.16 -14.28
C ALA D 88 -25.75 20.16 -13.16
N GLY D 89 -24.83 20.49 -12.25
CA GLY D 89 -24.60 19.62 -11.10
C GLY D 89 -25.77 19.60 -10.13
N TYR D 90 -26.27 20.79 -9.75
CA TYR D 90 -27.49 20.87 -8.93
C TYR D 90 -28.61 20.05 -9.57
N TYR D 91 -28.74 20.16 -10.89
CA TYR D 91 -29.80 19.46 -11.59
C TYR D 91 -29.58 17.96 -11.56
N PHE D 92 -28.33 17.54 -11.70
CA PHE D 92 -28.00 16.11 -11.71
C PHE D 92 -28.16 15.48 -10.33
N VAL D 93 -27.53 16.03 -9.29
CA VAL D 93 -27.56 15.34 -7.99
C VAL D 93 -28.99 15.16 -7.50
N TYR D 94 -29.87 16.13 -7.73
CA TYR D 94 -31.22 15.97 -7.20
C TYR D 94 -32.00 14.95 -8.02
N ASN D 95 -31.72 14.87 -9.31
CA ASN D 95 -32.34 13.83 -10.11
C ASN D 95 -31.83 12.44 -9.76
N ARG D 96 -30.54 12.31 -9.38
CA ARG D 96 -30.02 11.01 -8.97
C ARG D 96 -30.56 10.62 -7.61
N LEU D 97 -30.67 11.58 -6.69
CA LEU D 97 -31.37 11.32 -5.44
C LEU D 97 -32.76 10.77 -5.73
N ASN D 98 -33.46 11.34 -6.72
CA ASN D 98 -34.78 10.89 -7.11
C ASN D 98 -34.75 9.47 -7.69
N GLN D 99 -33.81 9.18 -8.60
CA GLN D 99 -33.73 7.85 -9.19
C GLN D 99 -33.45 6.79 -8.12
N GLN D 100 -32.41 7.01 -7.32
CA GLN D 100 -32.03 6.01 -6.34
C GLN D 100 -33.06 5.93 -5.23
N ALA D 101 -33.76 7.03 -4.94
CA ALA D 101 -34.91 6.92 -4.03
C ALA D 101 -36.05 6.11 -4.66
N ASN D 102 -36.27 6.23 -5.98
CA ASN D 102 -37.27 5.41 -6.62
C ASN D 102 -36.93 3.93 -6.45
N ALA D 103 -35.66 3.58 -6.55
CA ALA D 103 -35.28 2.18 -6.43
C ALA D 103 -35.47 1.70 -5.01
N PHE D 104 -35.08 2.52 -4.02
CA PHE D 104 -35.25 2.12 -2.64
C PHE D 104 -36.72 1.98 -2.26
N VAL D 105 -37.54 2.95 -2.65
CA VAL D 105 -38.96 2.95 -2.29
C VAL D 105 -39.67 1.80 -2.98
N ASN D 106 -39.43 1.63 -4.28
CA ASN D 106 -40.07 0.54 -5.02
C ASN D 106 -39.60 -0.82 -4.48
N ASN D 107 -38.28 -1.00 -4.30
CA ASN D 107 -37.77 -2.30 -3.90
C ASN D 107 -38.22 -2.68 -2.49
N THR D 108 -38.49 -1.68 -1.63
CA THR D 108 -39.02 -1.98 -0.30
C THR D 108 -40.50 -2.33 -0.35
N GLU D 109 -41.26 -1.67 -1.22
CA GLU D 109 -42.63 -2.10 -1.46
C GLU D 109 -42.68 -3.54 -1.95
N ALA D 110 -41.81 -3.89 -2.92
CA ALA D 110 -41.79 -5.26 -3.41
C ALA D 110 -41.46 -6.22 -2.29
N ALA D 111 -40.44 -5.87 -1.48
CA ALA D 111 -40.04 -6.70 -0.35
C ALA D 111 -41.21 -6.92 0.62
N LEU D 112 -41.96 -5.86 0.92
CA LEU D 112 -43.13 -6.03 1.77
C LEU D 112 -44.21 -6.86 1.10
N GLN D 113 -44.44 -6.63 -0.20
CA GLN D 113 -45.43 -7.41 -0.93
C GLN D 113 -45.01 -8.88 -1.00
N ASN D 114 -43.72 -9.12 -1.26
CA ASN D 114 -43.18 -10.46 -1.31
C ASN D 114 -42.94 -11.06 0.07
N GLN D 115 -43.31 -10.35 1.13
CA GLN D 115 -43.18 -10.84 2.50
C GLN D 115 -41.81 -11.47 2.78
N VAL D 116 -40.77 -10.67 2.56
CA VAL D 116 -39.41 -11.19 2.68
C VAL D 116 -38.88 -11.12 4.10
N TYR D 117 -39.57 -10.40 4.98
CA TYR D 117 -39.04 -10.12 6.31
C TYR D 117 -39.40 -11.25 7.27
N LYS D 118 -38.53 -11.47 8.25
CA LYS D 118 -38.71 -12.60 9.12
C LYS D 118 -39.71 -12.36 10.25
N ASN D 119 -39.95 -11.11 10.64
CA ASN D 119 -40.78 -10.87 11.81
C ASN D 119 -41.46 -9.51 11.71
N SER D 120 -42.33 -9.24 12.67
CA SER D 120 -43.16 -8.05 12.55
C SER D 120 -42.36 -6.80 12.82
N THR D 121 -41.32 -6.89 13.64
CA THR D 121 -40.50 -5.72 13.91
C THR D 121 -39.80 -5.23 12.64
N GLU D 122 -39.20 -6.15 11.87
CA GLU D 122 -38.59 -5.77 10.59
C GLU D 122 -39.60 -5.09 9.68
N ILE D 123 -40.85 -5.56 9.70
CA ILE D 123 -41.86 -5.05 8.79
C ILE D 123 -42.24 -3.62 9.16
N ALA D 124 -42.41 -3.35 10.46
CA ALA D 124 -42.70 -1.99 10.90
C ALA D 124 -41.58 -1.03 10.50
N ASN D 125 -40.33 -1.43 10.75
CA ASN D 125 -39.20 -0.58 10.39
C ASN D 125 -39.15 -0.35 8.89
N ALA D 126 -39.29 -1.42 8.11
CA ALA D 126 -39.29 -1.27 6.66
C ALA D 126 -40.43 -0.37 6.20
N LYS D 127 -41.60 -0.49 6.84
CA LYS D 127 -42.70 0.41 6.48
C LYS D 127 -42.30 1.86 6.70
N SER D 128 -41.56 2.16 7.76
CA SER D 128 -41.24 3.55 8.04
C SER D 128 -40.00 4.05 7.30
N PHE D 129 -39.01 3.16 7.08
CA PHE D 129 -38.01 3.43 6.05
C PHE D 129 -38.65 3.91 4.77
N LEU D 130 -39.75 3.27 4.37
CA LEU D 130 -40.44 3.65 3.13
C LEU D 130 -40.88 5.09 3.19
N ALA D 131 -41.54 5.48 4.30
CA ALA D 131 -41.96 6.87 4.46
C ALA D 131 -40.77 7.83 4.41
N GLU D 132 -39.61 7.41 4.95
CA GLU D 132 -38.41 8.24 4.83
C GLU D 132 -38.07 8.49 3.38
N GLY D 133 -38.23 7.46 2.54
CA GLY D 133 -37.83 7.58 1.15
C GLY D 133 -38.79 8.44 0.36
N LYS D 134 -40.06 8.45 0.75
CA LYS D 134 -41.02 9.35 0.14
C LYS D 134 -40.66 10.81 0.41
N VAL D 135 -40.31 11.12 1.67
CA VAL D 135 -39.80 12.44 2.02
C VAL D 135 -38.64 12.82 1.12
N LEU D 136 -37.71 11.89 0.94
CA LEU D 136 -36.58 12.17 0.07
C LEU D 136 -37.04 12.39 -1.37
N GLN D 137 -38.01 11.60 -1.82
CA GLN D 137 -38.56 11.82 -3.16
C GLN D 137 -39.18 13.22 -3.27
N ALA D 138 -39.96 13.64 -2.27
CA ALA D 138 -40.48 14.99 -2.21
C ALA D 138 -39.35 16.02 -2.34
N LEU D 139 -38.32 15.91 -1.50
CA LEU D 139 -37.23 16.87 -1.50
C LEU D 139 -36.64 17.05 -2.89
N ALA D 140 -36.28 15.95 -3.56
CA ALA D 140 -35.63 16.07 -4.86
C ALA D 140 -36.53 16.75 -5.87
N ILE D 141 -37.77 16.29 -5.98
CA ILE D 141 -38.68 16.89 -6.93
C ILE D 141 -38.94 18.34 -6.55
N TRP D 142 -39.03 18.62 -5.25
CA TRP D 142 -39.22 20.02 -4.84
C TRP D 142 -38.01 20.87 -5.20
N ARG D 143 -36.81 20.40 -4.87
CA ARG D 143 -35.62 21.19 -5.15
C ARG D 143 -35.41 21.41 -6.63
N LEU D 144 -35.75 20.41 -7.45
CA LEU D 144 -35.74 20.64 -8.89
C LEU D 144 -36.79 21.68 -9.29
N MET D 145 -37.99 21.61 -8.69
CA MET D 145 -39.01 22.61 -8.97
C MET D 145 -38.53 24.00 -8.54
N ASP D 146 -37.80 24.08 -7.42
CA ASP D 146 -37.44 25.38 -6.85
C ASP D 146 -36.54 26.19 -7.76
N ARG D 147 -35.86 25.55 -8.70
CA ARG D 147 -34.94 26.26 -9.56
C ARG D 147 -35.26 26.12 -11.04
N PHE D 148 -36.02 25.11 -11.45
CA PHE D 148 -36.27 24.88 -12.86
C PHE D 148 -37.73 24.97 -13.26
N SER D 149 -38.60 25.49 -12.40
CA SER D 149 -39.98 25.78 -12.77
C SER D 149 -40.31 27.21 -12.34
N PHE D 150 -41.20 27.86 -13.09
CA PHE D 150 -41.40 29.29 -13.00
C PHE D 150 -42.33 29.66 -11.86
N HIS D 151 -41.96 30.67 -11.07
CA HIS D 151 -42.92 31.29 -10.17
C HIS D 151 -44.05 31.94 -10.97
N GLU D 152 -45.22 32.05 -10.36
CA GLU D 152 -46.40 32.56 -11.05
C GLU D 152 -46.23 34.02 -11.50
N SER D 153 -45.30 34.75 -10.88
CA SER D 153 -45.12 36.16 -11.15
C SER D 153 -44.28 36.45 -12.39
N VAL D 154 -43.85 35.43 -13.13
CA VAL D 154 -42.97 35.67 -14.27
C VAL D 154 -43.72 36.35 -15.41
N THR D 155 -42.98 37.10 -16.20
CA THR D 155 -43.50 37.74 -17.43
C THR D 155 -43.13 36.85 -18.62
N GLU D 156 -42.54 37.37 -19.70
CA GLU D 156 -42.25 36.56 -20.88
C GLU D 156 -41.51 35.26 -20.53
N VAL D 157 -41.95 34.15 -21.13
CA VAL D 157 -41.28 32.84 -21.02
C VAL D 157 -41.36 32.12 -22.37
N ASN D 158 -40.72 30.96 -22.45
CA ASN D 158 -40.86 30.10 -23.62
C ASN D 158 -42.27 29.51 -23.66
N SER D 159 -42.84 29.44 -24.86
CA SER D 159 -44.26 29.12 -25.03
C SER D 159 -44.61 27.78 -24.41
N GLY D 160 -45.45 27.80 -23.36
CA GLY D 160 -45.90 26.62 -22.67
C GLY D 160 -45.22 26.35 -21.34
N ALA D 161 -44.02 26.91 -21.13
CA ALA D 161 -43.24 26.59 -19.95
C ALA D 161 -43.86 27.14 -18.67
N LYS D 162 -44.82 28.07 -18.76
CA LYS D 162 -45.24 28.79 -17.57
C LYS D 162 -45.95 27.88 -16.56
N ASP D 163 -46.65 26.84 -17.02
CA ASP D 163 -47.34 25.92 -16.13
C ASP D 163 -46.66 24.55 -16.06
N LEU D 164 -45.44 24.44 -16.58
CA LEU D 164 -44.70 23.20 -16.52
C LEU D 164 -43.87 23.11 -15.24
N GLY D 165 -43.67 21.89 -14.77
CA GLY D 165 -42.77 21.67 -13.66
C GLY D 165 -41.48 21.07 -14.15
N VAL D 166 -41.01 20.02 -13.50
CA VAL D 166 -39.85 19.27 -13.97
C VAL D 166 -40.33 17.93 -14.48
N ILE D 167 -39.41 17.20 -15.14
CA ILE D 167 -39.69 15.83 -15.52
C ILE D 167 -39.89 14.99 -14.27
N LEU D 168 -40.96 14.20 -14.23
CA LEU D 168 -41.41 13.47 -13.05
C LEU D 168 -41.31 11.98 -13.34
N LEU D 169 -40.31 11.33 -12.76
CA LEU D 169 -40.11 9.89 -12.96
C LEU D 169 -40.25 9.21 -11.61
N LYS D 170 -41.29 8.39 -11.45
CA LYS D 170 -41.58 7.78 -10.17
C LYS D 170 -41.01 6.37 -10.02
N GLU D 171 -40.41 5.83 -11.07
CA GLU D 171 -39.93 4.45 -11.11
C GLU D 171 -38.43 4.45 -11.28
N TYR D 172 -37.76 3.45 -10.71
CA TYR D 172 -36.35 3.29 -11.05
C TYR D 172 -36.30 2.81 -12.49
N ASN D 173 -35.89 3.69 -13.40
CA ASN D 173 -35.87 3.40 -14.83
C ASN D 173 -34.77 4.21 -15.45
N PRO D 174 -33.55 3.67 -15.50
CA PRO D 174 -32.40 4.45 -15.98
C PRO D 174 -32.56 5.01 -17.40
N GLY D 175 -33.33 4.32 -18.24
CA GLY D 175 -33.56 4.64 -19.63
C GLY D 175 -34.67 5.64 -19.91
N TYR D 176 -35.39 6.06 -18.87
CA TYR D 176 -36.50 7.00 -19.00
C TYR D 176 -36.06 8.33 -19.63
N ILE D 177 -36.77 8.74 -20.67
CA ILE D 177 -36.63 10.06 -21.26
C ILE D 177 -38.04 10.57 -21.51
N GLY D 178 -38.54 11.41 -20.60
CA GLY D 178 -39.91 11.83 -20.69
C GLY D 178 -40.06 13.34 -20.62
N PRO D 179 -41.25 13.82 -20.90
CA PRO D 179 -41.51 15.26 -20.90
C PRO D 179 -41.61 15.79 -19.46
N ARG D 180 -41.80 17.10 -19.36
CA ARG D 180 -42.04 17.77 -18.10
C ARG D 180 -43.49 17.56 -17.67
N ALA D 181 -43.68 17.06 -16.45
CA ALA D 181 -45.01 17.05 -15.85
C ALA D 181 -45.54 18.48 -15.71
N THR D 182 -46.83 18.59 -15.43
CA THR D 182 -47.31 19.93 -15.13
C THR D 182 -46.91 20.33 -13.72
N LYS D 183 -46.87 21.64 -13.48
CA LYS D 183 -46.65 22.16 -12.13
C LYS D 183 -47.53 21.44 -11.13
N ALA D 184 -48.84 21.36 -11.42
CA ALA D 184 -49.77 20.74 -10.50
C ALA D 184 -49.44 19.26 -10.27
N GLN D 185 -49.09 18.53 -11.34
CA GLN D 185 -48.69 17.14 -11.16
C GLN D 185 -47.49 17.04 -10.21
N CYS D 186 -46.46 17.85 -10.46
CA CYS D 186 -45.25 17.82 -9.64
C CYS D 186 -45.53 18.17 -8.20
N TYR D 187 -46.24 19.26 -7.98
CA TYR D 187 -46.50 19.68 -6.62
C TYR D 187 -47.44 18.69 -5.92
N ASP D 188 -48.32 18.03 -6.67
CA ASP D 188 -49.17 17.03 -6.05
C ASP D 188 -48.38 15.81 -5.65
N TYR D 189 -47.45 15.37 -6.49
CA TYR D 189 -46.54 14.30 -6.10
C TYR D 189 -45.79 14.65 -4.83
N ILE D 190 -45.15 15.82 -4.80
CA ILE D 190 -44.40 16.27 -3.64
C ILE D 190 -45.26 16.25 -2.40
N LEU D 191 -46.45 16.85 -2.49
CA LEU D 191 -47.31 17.02 -1.32
C LEU D 191 -47.97 15.71 -0.89
N SER D 192 -48.25 14.79 -1.82
CA SER D 192 -48.85 13.53 -1.41
C SER D 192 -47.79 12.63 -0.79
N ARG D 193 -46.57 12.64 -1.37
CA ARG D 193 -45.48 11.89 -0.76
C ARG D 193 -45.25 12.37 0.66
N LEU D 194 -45.32 13.68 0.88
CA LEU D 194 -45.06 14.18 2.23
C LEU D 194 -46.20 13.80 3.17
N SER D 195 -47.44 13.83 2.68
CA SER D 195 -48.55 13.48 3.56
C SER D 195 -48.54 12.00 3.92
N GLU D 196 -48.31 11.14 2.93
CA GLU D 196 -48.19 9.71 3.20
C GLU D 196 -47.10 9.44 4.23
N ALA D 197 -45.96 10.12 4.10
CA ALA D 197 -44.86 9.89 5.02
C ALA D 197 -45.20 10.36 6.43
N ILE D 198 -45.89 11.50 6.55
CA ILE D 198 -46.22 12.03 7.88
C ILE D 198 -47.16 11.08 8.63
N GLU D 199 -48.02 10.34 7.92
CA GLU D 199 -48.95 9.50 8.67
C GLU D 199 -48.35 8.16 9.08
N VAL D 200 -47.08 7.90 8.77
CA VAL D 200 -46.43 6.65 9.12
C VAL D 200 -45.23 6.88 10.03
N LEU D 201 -44.40 7.86 9.70
CA LEU D 201 -43.27 8.22 10.53
C LEU D 201 -43.74 8.59 11.93
N PRO D 202 -43.06 8.11 12.97
CA PRO D 202 -43.51 8.38 14.34
C PRO D 202 -43.35 9.84 14.70
N GLU D 203 -44.16 10.27 15.68
CA GLU D 203 -44.17 11.69 16.07
C GLU D 203 -42.79 12.17 16.47
N ASN D 204 -42.23 11.58 17.52
CA ASN D 204 -40.96 12.04 18.06
C ASN D 204 -39.81 11.50 17.22
N ARG D 205 -38.86 12.38 16.90
CA ARG D 205 -37.74 12.02 16.05
C ARG D 205 -36.88 10.95 16.71
N GLU D 206 -36.49 9.97 15.92
CA GLU D 206 -35.61 8.90 16.38
C GLU D 206 -34.13 9.28 16.26
N SER D 207 -33.77 10.11 15.29
CA SER D 207 -32.36 10.47 15.07
C SER D 207 -32.24 11.73 14.24
N VAL D 208 -31.42 12.68 14.70
CA VAL D 208 -31.08 13.84 13.90
C VAL D 208 -30.53 13.44 12.54
N LEU D 209 -30.10 12.18 12.37
CA LEU D 209 -29.41 11.75 11.16
C LEU D 209 -30.32 11.11 10.12
N TYR D 210 -31.62 10.97 10.39
CA TYR D 210 -32.49 10.33 9.43
C TYR D 210 -33.79 11.11 9.35
N VAL D 211 -34.54 10.89 8.27
CA VAL D 211 -35.80 11.61 8.12
C VAL D 211 -36.71 11.25 9.28
N SER D 212 -37.30 12.27 9.86
CA SER D 212 -38.22 12.18 10.98
C SER D 212 -39.54 12.81 10.57
N ARG D 213 -40.58 12.65 11.39
CA ARG D 213 -41.78 13.40 11.07
C ARG D 213 -41.56 14.90 11.27
N ASP D 214 -40.76 15.25 12.29
CA ASP D 214 -40.45 16.65 12.53
C ASP D 214 -39.87 17.31 11.27
N TYR D 215 -39.05 16.58 10.52
CA TYR D 215 -38.45 17.15 9.32
C TYR D 215 -39.43 17.16 8.15
N ALA D 216 -40.29 16.14 8.05
CA ALA D 216 -41.31 16.16 7.00
C ALA D 216 -42.25 17.33 7.18
N TYR D 217 -42.57 17.68 8.43
CA TYR D 217 -43.41 18.84 8.69
C TYR D 217 -42.70 20.13 8.28
N ALA D 218 -41.46 20.30 8.75
CA ALA D 218 -40.67 21.48 8.38
C ALA D 218 -40.54 21.60 6.86
N LEU D 219 -40.16 20.49 6.21
CA LEU D 219 -39.99 20.52 4.76
C LEU D 219 -41.30 20.88 4.05
N ARG D 220 -42.41 20.28 4.48
CA ARG D 220 -43.67 20.65 3.84
C ARG D 220 -44.00 22.11 4.09
N ALA D 221 -43.80 22.60 5.34
CA ALA D 221 -44.10 23.99 5.66
C ALA D 221 -43.23 24.96 4.86
N ARG D 222 -41.97 24.60 4.61
CA ARG D 222 -41.14 25.40 3.72
C ARG D 222 -41.73 25.42 2.31
N ILE D 223 -42.22 24.27 1.84
CA ILE D 223 -42.74 24.18 0.48
C ILE D 223 -44.05 24.95 0.34
N TYR D 224 -44.89 24.93 1.38
CA TYR D 224 -46.12 25.73 1.34
C TYR D 224 -45.79 27.21 1.27
N LEU D 225 -44.76 27.65 2.01
CA LEU D 225 -44.31 29.02 1.89
C LEU D 225 -43.96 29.35 0.45
N ALA D 226 -43.11 28.53 -0.18
CA ALA D 226 -42.70 28.77 -1.56
C ALA D 226 -43.90 29.03 -2.45
N LEU D 227 -45.00 28.32 -2.22
CA LEU D 227 -46.22 28.40 -3.01
C LEU D 227 -47.20 29.44 -2.47
N GLY D 228 -46.95 30.00 -1.30
CA GLY D 228 -47.79 31.05 -0.78
C GLY D 228 -49.01 30.60 0.00
N GLU D 229 -49.10 29.31 0.34
CA GLU D 229 -50.22 28.85 1.16
C GLU D 229 -49.82 28.99 2.62
N TYR D 230 -50.12 30.17 3.18
CA TYR D 230 -49.61 30.53 4.49
C TYR D 230 -50.36 29.84 5.62
N GLY D 231 -51.68 29.67 5.48
CA GLY D 231 -52.41 28.87 6.46
C GLY D 231 -51.82 27.49 6.60
N LYS D 232 -51.61 26.80 5.49
CA LYS D 232 -51.09 25.44 5.54
C LYS D 232 -49.69 25.43 6.13
N ALA D 233 -48.83 26.32 5.64
CA ALA D 233 -47.47 26.43 6.15
C ALA D 233 -47.47 26.74 7.65
N ALA D 234 -48.32 27.68 8.08
CA ALA D 234 -48.43 27.94 9.52
C ALA D 234 -48.80 26.67 10.29
N ALA D 235 -49.72 25.88 9.76
CA ALA D 235 -50.16 24.68 10.47
C ALA D 235 -49.01 23.69 10.59
N ASP D 236 -48.24 23.51 9.52
CA ASP D 236 -47.12 22.59 9.59
C ASP D 236 -46.00 23.17 10.45
N ALA D 237 -45.77 24.48 10.36
CA ALA D 237 -44.73 25.09 11.18
C ALA D 237 -45.05 24.98 12.66
N LYS D 238 -46.30 25.25 13.05
CA LYS D 238 -46.70 25.15 14.45
C LYS D 238 -46.54 23.74 14.99
N MET D 239 -46.44 22.75 14.10
CA MET D 239 -46.34 21.36 14.49
C MET D 239 -44.96 20.99 15.03
N VAL D 240 -43.96 21.82 14.78
CA VAL D 240 -42.57 21.44 14.99
C VAL D 240 -41.78 22.61 15.56
N VAL D 241 -42.32 23.83 15.42
CA VAL D 241 -41.59 25.04 15.79
C VAL D 241 -41.13 25.00 17.24
N ASP D 242 -41.87 24.30 18.11
CA ASP D 242 -41.61 24.33 19.54
C ASP D 242 -40.78 23.15 20.05
N LYS D 243 -40.50 22.16 19.21
CA LYS D 243 -39.79 20.96 19.65
C LYS D 243 -38.27 21.13 19.65
N TYR D 244 -37.75 22.22 19.11
CA TYR D 244 -36.30 22.43 19.01
C TYR D 244 -36.00 23.80 19.56
N PRO D 245 -35.39 23.87 20.74
CA PRO D 245 -35.17 25.18 21.37
C PRO D 245 -34.10 25.97 20.65
N LEU D 246 -34.22 27.30 20.73
CA LEU D 246 -33.21 28.16 20.14
C LEU D 246 -31.90 28.09 20.94
N ILE D 247 -30.79 28.28 20.23
CA ILE D 247 -29.48 28.41 20.89
C ILE D 247 -29.56 29.45 21.99
N GLY D 248 -29.08 29.09 23.17
CA GLY D 248 -29.04 30.02 24.29
C GLY D 248 -27.63 30.48 24.55
N ALA D 249 -27.35 31.75 24.24
CA ALA D 249 -25.99 32.29 24.32
C ALA D 249 -26.00 33.68 24.94
N ALA D 250 -24.95 33.95 25.72
CA ALA D 250 -24.78 35.23 26.41
C ALA D 250 -24.11 36.27 25.52
N ASP D 251 -23.11 35.87 24.73
CA ASP D 251 -22.38 36.76 23.84
C ASP D 251 -22.26 36.10 22.47
N ALA D 252 -21.64 36.81 21.52
CA ALA D 252 -21.45 36.25 20.20
C ALA D 252 -20.55 35.02 20.20
N SER D 253 -19.65 34.89 21.18
CA SER D 253 -18.67 33.81 21.17
C SER D 253 -19.27 32.49 21.64
N GLU D 254 -20.18 32.54 22.63
CA GLU D 254 -20.96 31.35 22.98
C GLU D 254 -21.83 30.94 21.81
N PHE D 255 -22.53 31.90 21.20
CA PHE D 255 -23.34 31.59 20.03
C PHE D 255 -22.53 30.84 18.99
N GLU D 256 -21.31 31.32 18.72
CA GLU D 256 -20.49 30.70 17.68
C GLU D 256 -20.08 29.28 18.06
N ASN D 257 -19.75 29.04 19.33
CA ASN D 257 -19.29 27.69 19.71
C ASN D 257 -20.45 26.70 19.74
N ILE D 258 -21.66 27.18 20.01
CA ILE D 258 -22.82 26.33 19.92
C ILE D 258 -23.26 26.19 18.46
N TYR D 259 -23.49 27.31 17.78
CA TYR D 259 -23.98 27.27 16.40
C TYR D 259 -23.10 26.42 15.51
N ARG D 260 -21.78 26.61 15.60
CA ARG D 260 -20.90 25.95 14.67
C ARG D 260 -20.83 24.45 14.90
N SER D 261 -21.29 23.97 16.05
CA SER D 261 -21.17 22.55 16.41
C SER D 261 -22.42 21.80 15.97
N ASP D 262 -22.23 20.81 15.09
CA ASP D 262 -23.36 19.97 14.66
C ASP D 262 -23.92 19.17 15.81
N ALA D 263 -23.03 18.55 16.60
CA ALA D 263 -23.46 17.68 17.69
C ALA D 263 -24.26 18.43 18.74
N ASN D 264 -23.88 19.67 19.06
CA ASN D 264 -24.45 20.36 20.19
C ASN D 264 -25.47 21.43 19.83
N ASN D 265 -25.68 21.70 18.55
CA ASN D 265 -26.63 22.74 18.19
C ASN D 265 -28.05 22.25 18.42
N PRO D 266 -28.78 22.79 19.39
CA PRO D 266 -30.11 22.26 19.70
C PRO D 266 -31.15 22.59 18.66
N GLU D 267 -30.78 23.27 17.58
CA GLU D 267 -31.75 23.73 16.61
C GLU D 267 -31.84 22.84 15.38
N ILE D 268 -30.95 21.87 15.25
CA ILE D 268 -30.86 21.09 14.01
C ILE D 268 -31.89 19.96 14.06
N ILE D 269 -32.79 19.96 13.08
CA ILE D 269 -33.81 18.93 13.01
C ILE D 269 -33.32 17.72 12.22
N PHE D 270 -32.44 17.93 11.26
CA PHE D 270 -32.06 16.87 10.33
C PHE D 270 -30.76 17.27 9.66
N ARG D 271 -29.77 16.37 9.67
CA ARG D 271 -28.44 16.64 9.14
C ARG D 271 -27.82 15.32 8.67
N GLY D 272 -26.85 15.45 7.77
CA GLY D 272 -26.11 14.28 7.33
C GLY D 272 -24.95 13.95 8.26
N PHE D 273 -24.73 12.65 8.48
CA PHE D 273 -23.63 12.22 9.33
C PHE D 273 -22.32 12.80 8.82
N ALA D 274 -21.48 13.23 9.75
CA ALA D 274 -20.18 13.74 9.39
C ALA D 274 -19.15 13.38 10.45
N SER D 275 -17.95 13.09 9.99
CA SER D 275 -16.79 13.04 10.85
C SER D 275 -15.65 13.68 10.08
N ALA D 276 -14.52 13.88 10.74
CA ALA D 276 -13.34 14.33 10.01
C ALA D 276 -13.03 13.42 8.82
N THR D 277 -13.38 12.14 8.90
CA THR D 277 -12.97 11.16 7.91
C THR D 277 -14.11 10.66 7.04
N LEU D 278 -15.35 11.06 7.31
CA LEU D 278 -16.49 10.67 6.46
C LEU D 278 -17.59 11.70 6.60
N GLY D 279 -18.01 12.28 5.48
CA GLY D 279 -19.18 13.14 5.44
C GLY D 279 -18.97 14.59 5.80
N SER D 280 -17.73 15.00 6.09
CA SER D 280 -17.43 16.41 6.27
C SER D 280 -16.70 16.92 5.04
N PHE D 281 -16.83 18.22 4.80
CA PHE D 281 -16.35 18.81 3.57
C PHE D 281 -16.07 20.28 3.83
N THR D 282 -15.20 20.87 3.01
CA THR D 282 -15.08 22.32 3.05
C THR D 282 -16.15 22.95 2.17
N ALA D 283 -16.58 24.14 2.56
CA ALA D 283 -17.62 24.87 1.86
C ALA D 283 -17.24 26.34 1.81
N THR D 284 -16.06 26.62 1.24
CA THR D 284 -15.38 27.92 1.33
C THR D 284 -15.75 28.92 0.25
N THR D 285 -16.70 28.60 -0.65
CA THR D 285 -17.01 29.49 -1.76
C THR D 285 -17.29 30.90 -1.28
N LEU D 286 -18.16 31.02 -0.28
CA LEU D 286 -18.60 32.34 0.16
C LEU D 286 -17.47 33.13 0.82
N ASN D 287 -16.71 32.48 1.69
CA ASN D 287 -15.83 33.21 2.60
C ASN D 287 -14.36 33.28 2.14
N GLY D 288 -13.96 32.47 1.17
CA GLY D 288 -12.59 32.53 0.68
C GLY D 288 -11.58 32.09 1.70
N ALA D 289 -11.93 31.13 2.56
CA ALA D 289 -11.12 30.83 3.73
C ALA D 289 -10.02 29.83 3.40
N ALA D 290 -8.92 29.93 4.14
CA ALA D 290 -7.80 29.02 3.97
C ALA D 290 -7.10 28.93 5.32
N PRO D 291 -6.68 27.73 5.73
CA PRO D 291 -5.87 27.62 6.94
C PRO D 291 -4.48 28.28 6.78
N ALA D 292 -3.88 28.63 7.93
CA ALA D 292 -2.51 29.18 7.94
C ALA D 292 -1.96 28.91 9.35
N GLY D 293 -1.34 27.74 9.51
CA GLY D 293 -1.04 27.23 10.83
C GLY D 293 -2.30 27.06 11.64
N LYS D 294 -2.35 27.76 12.77
CA LYS D 294 -3.48 27.77 13.67
C LYS D 294 -4.49 28.86 13.32
N ASP D 295 -4.18 29.69 12.34
CA ASP D 295 -5.02 30.81 11.94
C ASP D 295 -5.86 30.46 10.73
N ILE D 296 -6.94 31.22 10.56
CA ILE D 296 -7.71 31.25 9.33
C ILE D 296 -7.47 32.59 8.66
N LYS D 297 -7.17 32.56 7.36
CA LYS D 297 -7.02 33.73 6.52
C LYS D 297 -8.05 33.67 5.38
N TYR D 298 -8.46 34.83 4.89
CA TYR D 298 -9.63 34.94 4.03
C TYR D 298 -9.31 35.70 2.75
N ASN D 299 -9.71 35.15 1.60
CA ASN D 299 -9.69 35.86 0.32
C ASN D 299 -11.00 35.62 -0.41
N PRO D 300 -12.09 36.22 0.06
CA PRO D 300 -13.39 35.95 -0.55
C PRO D 300 -13.42 36.42 -2.00
N SER D 301 -14.15 35.68 -2.83
CA SER D 301 -14.37 36.11 -4.19
C SER D 301 -15.60 36.97 -4.33
N ALA D 302 -16.47 36.97 -3.32
CA ALA D 302 -17.67 37.79 -3.32
C ALA D 302 -17.92 38.16 -1.87
N VAL D 303 -18.36 39.39 -1.65
CA VAL D 303 -18.70 39.82 -0.30
C VAL D 303 -20.06 40.50 -0.33
N PRO D 304 -20.76 40.51 0.81
CA PRO D 304 -22.01 41.28 0.89
C PRO D 304 -21.83 42.76 0.56
N PHE D 305 -22.85 43.31 -0.09
CA PHE D 305 -23.05 44.75 -0.19
C PHE D 305 -23.21 45.38 1.19
N GLN D 306 -22.94 46.68 1.27
CA GLN D 306 -23.03 47.36 2.56
C GLN D 306 -24.42 47.25 3.18
N TRP D 307 -25.48 47.24 2.36
CA TRP D 307 -26.82 47.18 2.95
C TRP D 307 -27.07 45.87 3.70
N VAL D 308 -26.46 44.77 3.27
CA VAL D 308 -26.58 43.52 4.03
C VAL D 308 -25.85 43.63 5.36
N VAL D 309 -24.63 44.21 5.34
CA VAL D 309 -23.89 44.47 6.56
C VAL D 309 -24.76 45.25 7.54
N ASP D 310 -25.36 46.35 7.07
CA ASP D 310 -26.21 47.20 7.91
C ASP D 310 -27.50 46.52 8.35
N LEU D 311 -27.83 45.34 7.81
CA LEU D 311 -29.01 44.62 8.28
C LEU D 311 -28.86 44.28 9.75
N TYR D 312 -27.64 43.97 10.17
CA TYR D 312 -27.35 43.39 11.48
C TYR D 312 -26.98 44.50 12.46
N GLU D 313 -27.69 44.58 13.57
CA GLU D 313 -27.23 45.44 14.65
C GLU D 313 -25.91 44.92 15.20
N ASN D 314 -25.09 45.83 15.71
CA ASN D 314 -23.74 45.43 16.11
C ASN D 314 -23.77 44.39 17.22
N GLU D 315 -24.78 44.45 18.10
CA GLU D 315 -24.93 43.44 19.16
C GLU D 315 -25.37 42.08 18.65
N ASP D 316 -25.88 41.98 17.41
CA ASP D 316 -26.36 40.71 16.87
C ASP D 316 -25.22 39.69 16.79
N PHE D 317 -25.40 38.54 17.43
CA PHE D 317 -24.36 37.53 17.43
C PHE D 317 -24.02 37.08 16.02
N ARG D 318 -24.99 37.08 15.12
CA ARG D 318 -24.73 36.59 13.77
C ARG D 318 -23.77 37.47 13.01
N LYS D 319 -23.61 38.74 13.41
CA LYS D 319 -22.64 39.64 12.79
C LYS D 319 -21.19 39.26 13.07
N SER D 320 -20.95 38.22 13.86
CA SER D 320 -19.64 37.63 14.08
C SER D 320 -19.58 36.17 13.64
N VAL D 321 -20.71 35.60 13.21
CA VAL D 321 -20.81 34.18 12.90
C VAL D 321 -21.39 34.01 11.50
N TYR D 322 -22.56 34.59 11.26
CA TYR D 322 -23.12 34.47 9.93
C TYR D 322 -22.32 35.31 8.94
N ILE D 323 -22.08 36.57 9.26
CA ILE D 323 -21.03 37.37 8.63
C ILE D 323 -19.92 37.64 9.66
N ALA D 324 -18.78 38.11 9.16
CA ALA D 324 -17.59 38.29 10.01
C ALA D 324 -16.69 39.36 9.40
N LYS D 325 -16.28 40.33 10.23
CA LYS D 325 -15.47 41.47 9.78
C LYS D 325 -13.99 41.09 9.68
N VAL D 326 -13.70 40.23 8.70
CA VAL D 326 -12.38 39.63 8.56
C VAL D 326 -11.82 39.79 7.15
N VAL D 327 -12.52 40.57 6.31
CA VAL D 327 -12.00 40.90 4.98
C VAL D 327 -10.95 42.00 5.11
N LYS D 328 -9.81 41.82 4.45
CA LYS D 328 -8.64 42.68 4.66
C LYS D 328 -8.31 42.75 6.15
N LYS D 329 -8.21 41.56 6.76
CA LYS D 329 -8.00 41.33 8.18
C LYS D 329 -9.16 41.84 9.03
N ASP D 330 -9.52 43.12 8.91
CA ASP D 330 -10.56 43.62 9.80
C ASP D 330 -11.37 44.77 9.22
N LYS D 331 -11.43 44.92 7.89
CA LYS D 331 -12.00 46.12 7.32
C LYS D 331 -13.31 45.92 6.54
N GLY D 332 -13.79 44.68 6.38
CA GLY D 332 -15.05 44.41 5.74
C GLY D 332 -15.61 43.08 6.20
N TYR D 333 -16.84 42.80 5.77
CA TYR D 333 -17.57 41.59 6.15
C TYR D 333 -17.64 40.61 4.99
N LEU D 334 -17.51 39.33 5.30
CA LEU D 334 -17.86 38.26 4.37
C LEU D 334 -18.89 37.37 5.05
N VAL D 335 -19.48 36.48 4.28
CA VAL D 335 -20.42 35.53 4.85
C VAL D 335 -19.63 34.35 5.36
N ASN D 336 -19.75 34.08 6.66
CA ASN D 336 -18.90 33.09 7.32
C ASN D 336 -19.74 31.99 7.95
N LYS D 337 -20.95 31.75 7.43
CA LYS D 337 -21.83 30.77 8.05
C LYS D 337 -21.24 29.38 7.99
N PHE D 338 -20.45 29.09 6.96
CA PHE D 338 -19.89 27.76 6.75
C PHE D 338 -18.38 27.71 7.03
N LEU D 339 -17.94 28.45 8.06
CA LEU D 339 -16.52 28.52 8.36
C LEU D 339 -15.95 27.15 8.73
N GLU D 340 -16.57 26.50 9.71
CA GLU D 340 -15.97 25.30 10.30
C GLU D 340 -16.84 24.71 11.39
N ASP D 341 -16.80 23.40 11.51
CA ASP D 341 -17.11 22.69 12.74
C ASP D 341 -15.76 22.19 13.23
N LYS D 342 -15.29 22.71 14.38
CA LYS D 342 -13.96 22.33 14.86
C LYS D 342 -13.85 20.82 15.07
N ALA D 343 -14.97 20.15 15.37
CA ALA D 343 -14.95 18.72 15.59
C ALA D 343 -14.46 17.93 14.38
N TYR D 344 -14.42 18.53 13.19
CA TYR D 344 -14.01 17.77 12.01
C TYR D 344 -12.55 18.01 11.66
N ARG D 345 -11.80 18.71 12.52
CA ARG D 345 -10.40 18.94 12.24
C ARG D 345 -9.60 17.65 12.38
N ASP D 346 -8.54 17.54 11.59
CA ASP D 346 -7.60 16.45 11.78
C ASP D 346 -6.80 16.64 13.06
N VAL D 347 -6.22 17.81 13.24
CA VAL D 347 -5.51 18.15 14.45
C VAL D 347 -6.24 19.34 15.07
N GLN D 348 -6.52 19.25 16.37
CA GLN D 348 -7.34 20.26 17.03
C GLN D 348 -6.77 21.66 16.83
N ASP D 349 -5.43 21.76 16.77
CA ASP D 349 -4.74 23.02 16.53
C ASP D 349 -5.13 23.65 15.19
N LYS D 350 -5.30 22.82 14.17
CA LYS D 350 -5.20 23.27 12.80
C LYS D 350 -6.58 23.35 12.18
N PRO D 351 -7.06 24.54 11.83
CA PRO D 351 -8.28 24.61 11.03
C PRO D 351 -8.10 23.86 9.73
N ASN D 352 -9.11 23.05 9.38
CA ASN D 352 -9.25 22.55 8.03
C ASN D 352 -10.57 22.96 7.41
N LEU D 353 -11.37 23.76 8.12
CA LEU D 353 -12.59 24.37 7.57
C LEU D 353 -13.55 23.34 6.97
N LYS D 354 -13.73 22.20 7.63
CA LYS D 354 -14.72 21.22 7.22
C LYS D 354 -16.03 21.40 8.00
N VAL D 355 -17.14 21.27 7.30
CA VAL D 355 -18.47 21.25 7.93
C VAL D 355 -19.25 20.03 7.44
N GLY D 356 -20.49 19.91 7.94
CA GLY D 356 -21.38 18.86 7.55
C GLY D 356 -22.61 19.42 6.87
N ALA D 357 -23.37 18.52 6.25
CA ALA D 357 -24.60 18.88 5.54
C ALA D 357 -25.76 19.03 6.53
N ARG D 358 -26.23 20.27 6.70
CA ARG D 358 -27.42 20.54 7.50
C ARG D 358 -28.64 20.67 6.61
N TYR D 359 -29.75 20.05 7.04
CA TYR D 359 -30.96 19.97 6.22
C TYR D 359 -32.15 20.77 6.76
N PHE D 360 -32.26 20.96 8.07
CA PHE D 360 -33.30 21.85 8.56
C PHE D 360 -33.00 22.26 10.00
N SER D 361 -33.15 23.56 10.28
CA SER D 361 -32.95 24.11 11.61
C SER D 361 -34.15 24.99 11.95
N VAL D 362 -34.54 24.96 13.23
CA VAL D 362 -35.82 25.52 13.64
C VAL D 362 -35.90 27.03 13.46
N ALA D 363 -34.78 27.72 13.19
CA ALA D 363 -34.90 29.15 12.96
C ALA D 363 -35.63 29.43 11.66
N GLU D 364 -35.40 28.60 10.64
CA GLU D 364 -36.19 28.67 9.41
C GLU D 364 -37.65 28.34 9.67
N VAL D 365 -37.93 27.40 10.59
CA VAL D 365 -39.32 27.10 10.95
C VAL D 365 -39.96 28.29 11.66
N TYR D 366 -39.17 29.00 12.48
CA TYR D 366 -39.67 30.22 13.10
C TYR D 366 -40.05 31.27 12.07
N LEU D 367 -39.22 31.42 11.03
CA LEU D 367 -39.44 32.45 10.01
C LEU D 367 -40.58 32.08 9.07
N ILE D 368 -40.82 30.78 8.86
CA ILE D 368 -42.02 30.36 8.14
C ILE D 368 -43.25 30.67 8.96
N LEU D 369 -43.18 30.37 10.26
CA LEU D 369 -44.31 30.63 11.14
C LEU D 369 -44.59 32.12 11.26
N VAL D 370 -43.55 32.95 11.38
CA VAL D 370 -43.77 34.39 11.54
C VAL D 370 -44.32 34.98 10.25
N GLU D 371 -43.79 34.56 9.10
CA GLU D 371 -44.27 35.08 7.83
C GLU D 371 -45.74 34.74 7.62
N SER D 372 -46.09 33.47 7.83
CA SER D 372 -47.45 33.02 7.59
C SER D 372 -48.41 33.65 8.58
N ALA D 373 -48.00 33.76 9.84
CA ALA D 373 -48.87 34.35 10.85
C ALA D 373 -49.24 35.78 10.50
N LEU D 374 -48.32 36.49 9.85
CA LEU D 374 -48.58 37.86 9.41
C LEU D 374 -49.52 37.90 8.23
N GLN D 375 -49.33 36.98 7.28
CA GLN D 375 -50.22 36.90 6.12
C GLN D 375 -51.62 36.41 6.47
N THR D 376 -51.89 36.04 7.71
CA THR D 376 -53.20 35.51 8.06
C THR D 376 -53.84 36.21 9.25
N GLY D 377 -53.19 37.23 9.81
CA GLY D 377 -53.78 38.05 10.84
C GLY D 377 -53.32 37.75 12.24
N ASP D 378 -52.64 36.62 12.44
CA ASP D 378 -52.22 36.17 13.75
C ASP D 378 -50.96 36.89 14.18
N THR D 379 -50.99 38.22 14.14
CA THR D 379 -49.85 39.03 14.58
C THR D 379 -49.40 38.66 16.00
N PRO D 380 -50.30 38.19 16.93
CA PRO D 380 -49.82 37.57 18.17
C PRO D 380 -48.74 36.54 17.92
N THR D 381 -49.05 35.50 17.15
CA THR D 381 -48.04 34.48 16.86
C THR D 381 -46.81 35.08 16.20
N ALA D 382 -47.01 36.01 15.27
CA ALA D 382 -45.87 36.63 14.60
C ALA D 382 -45.01 37.42 15.57
N GLU D 383 -45.66 38.22 16.43
CA GLU D 383 -44.92 38.98 17.45
C GLU D 383 -44.13 38.05 18.35
N LYS D 384 -44.74 36.94 18.79
CA LYS D 384 -44.07 36.07 19.76
C LYS D 384 -42.84 35.42 19.17
N TYR D 385 -43.00 34.76 18.01
CA TYR D 385 -41.91 33.96 17.46
C TYR D 385 -40.83 34.84 16.86
N LEU D 386 -41.20 35.94 16.20
CA LEU D 386 -40.19 36.81 15.62
C LEU D 386 -39.38 37.48 16.72
N LYS D 387 -40.04 37.91 17.81
CA LYS D 387 -39.29 38.48 18.92
C LYS D 387 -38.49 37.41 19.67
N ALA D 388 -38.94 36.16 19.62
CA ALA D 388 -38.17 35.09 20.22
C ALA D 388 -36.88 34.83 19.46
N LEU D 389 -37.00 34.59 18.14
CA LEU D 389 -35.82 34.35 17.32
C LEU D 389 -34.84 35.51 17.39
N SER D 390 -35.36 36.73 17.21
CA SER D 390 -34.47 37.89 17.15
C SER D 390 -33.85 38.18 18.50
N LYS D 391 -34.56 37.87 19.59
CA LYS D 391 -33.98 38.08 20.92
C LYS D 391 -32.79 37.15 21.16
N ALA D 392 -32.95 35.86 20.87
CA ALA D 392 -31.90 34.90 21.21
C ALA D 392 -30.61 35.17 20.43
N ARG D 393 -30.73 35.76 19.24
CA ARG D 393 -29.54 36.16 18.49
C ARG D 393 -28.92 37.45 19.01
N GLY D 394 -29.58 38.12 19.95
CA GLY D 394 -29.03 39.29 20.60
C GLY D 394 -29.39 40.61 19.93
N ALA D 395 -30.59 40.70 19.36
CA ALA D 395 -31.00 41.86 18.59
C ALA D 395 -32.50 41.85 18.38
N GLU D 396 -33.26 41.79 19.47
CA GLU D 396 -34.71 41.64 19.41
C GLU D 396 -35.35 42.77 18.62
N VAL D 397 -36.25 42.42 17.69
CA VAL D 397 -36.80 43.42 16.80
C VAL D 397 -37.71 44.37 17.58
N SER D 398 -37.88 45.58 17.04
CA SER D 398 -38.61 46.66 17.67
C SER D 398 -40.10 46.62 17.37
N VAL D 399 -40.46 46.26 16.15
CA VAL D 399 -41.85 46.04 15.78
C VAL D 399 -41.90 44.83 14.87
N VAL D 400 -43.04 44.14 14.91
CA VAL D 400 -43.25 42.96 14.08
C VAL D 400 -44.19 43.35 12.95
N ASN D 401 -43.75 43.12 11.73
CA ASN D 401 -44.49 43.40 10.49
C ASN D 401 -43.69 42.80 9.34
N MET D 402 -44.24 42.88 8.14
CA MET D 402 -43.59 42.24 7.00
C MET D 402 -42.21 42.80 6.74
N GLU D 403 -42.02 44.10 6.98
CA GLU D 403 -40.70 44.71 6.81
C GLU D 403 -39.68 44.07 7.74
N ALA D 404 -40.09 43.79 8.98
CA ALA D 404 -39.21 43.11 9.92
C ALA D 404 -38.89 41.70 9.46
N LEU D 405 -39.94 40.89 9.24
CA LEU D 405 -39.77 39.50 8.83
C LEU D 405 -38.81 39.37 7.66
N GLN D 406 -38.91 40.27 6.68
CA GLN D 406 -37.99 40.23 5.55
C GLN D 406 -36.56 40.45 6.01
N ALA D 407 -36.34 41.47 6.84
CA ALA D 407 -34.99 41.78 7.30
C ALA D 407 -34.47 40.67 8.19
N GLU D 408 -35.27 40.23 9.17
CA GLU D 408 -34.84 39.19 10.08
C GLU D 408 -34.60 37.87 9.34
N ARG D 409 -35.44 37.54 8.35
CA ARG D 409 -35.25 36.30 7.61
C ARG D 409 -33.97 36.36 6.79
N THR D 410 -33.70 37.51 6.19
CA THR D 410 -32.48 37.67 5.43
C THR D 410 -31.24 37.55 6.30
N ARG D 411 -31.27 38.17 7.49
CA ARG D 411 -30.18 38.01 8.45
C ARG D 411 -30.00 36.56 8.86
N GLU D 412 -31.10 35.84 9.11
CA GLU D 412 -31.00 34.50 9.69
C GLU D 412 -30.61 33.44 8.66
N LEU D 413 -31.10 33.53 7.43
CA LEU D 413 -30.88 32.47 6.46
C LEU D 413 -29.74 32.77 5.50
N ILE D 414 -29.01 33.85 5.72
CA ILE D 414 -27.95 34.24 4.78
C ILE D 414 -26.99 33.09 4.57
N GLY D 415 -26.52 32.95 3.33
CA GLY D 415 -25.65 31.85 2.96
C GLY D 415 -26.36 30.56 2.64
N GLU D 416 -27.62 30.41 3.04
CA GLU D 416 -28.34 29.19 2.75
C GLU D 416 -29.09 29.25 1.43
N GLY D 417 -28.84 30.26 0.60
CA GLY D 417 -29.46 30.29 -0.71
C GLY D 417 -30.97 30.39 -0.67
N SER D 418 -31.51 31.36 0.07
CA SER D 418 -32.93 31.59 0.10
C SER D 418 -33.33 33.02 -0.29
N ARG D 419 -32.40 33.98 -0.29
CA ARG D 419 -32.75 35.35 -0.62
C ARG D 419 -33.39 35.44 -2.00
N LEU D 420 -32.86 34.69 -2.98
CA LEU D 420 -33.36 34.75 -4.35
C LEU D 420 -34.83 34.33 -4.42
N ARG D 421 -35.17 33.19 -3.81
CA ARG D 421 -36.57 32.81 -3.72
C ARG D 421 -37.37 33.90 -2.99
N ASP D 422 -36.82 34.44 -1.90
CA ASP D 422 -37.54 35.43 -1.11
C ASP D 422 -37.82 36.71 -1.90
N MET D 423 -36.91 37.11 -2.78
CA MET D 423 -37.18 38.35 -3.48
C MET D 423 -38.22 38.14 -4.57
N VAL D 424 -38.31 36.94 -5.12
CA VAL D 424 -39.34 36.70 -6.12
C VAL D 424 -40.71 36.70 -5.47
N ARG D 425 -40.81 36.15 -4.26
CA ARG D 425 -42.09 36.14 -3.56
C ARG D 425 -42.45 37.52 -3.05
N TRP D 426 -41.44 38.33 -2.72
CA TRP D 426 -41.67 39.67 -2.21
C TRP D 426 -41.66 40.73 -3.31
N SER D 427 -41.75 40.31 -4.58
CA SER D 427 -41.69 41.22 -5.71
C SER D 427 -40.56 42.24 -5.60
N ILE D 428 -39.37 41.79 -5.20
CA ILE D 428 -38.19 42.65 -5.08
C ILE D 428 -37.34 42.45 -6.34
N PRO D 429 -37.19 43.48 -7.20
CA PRO D 429 -36.26 43.35 -8.33
C PRO D 429 -34.82 43.35 -7.83
N ASN D 430 -33.83 43.29 -8.73
CA ASN D 430 -32.46 43.13 -8.25
C ASN D 430 -31.94 44.38 -7.53
N ASN D 431 -31.72 45.48 -8.27
CA ASN D 431 -31.18 46.75 -7.76
C ASN D 431 -29.67 46.69 -7.50
N HIS D 432 -29.00 45.68 -8.05
CA HIS D 432 -27.58 45.46 -7.80
C HIS D 432 -26.77 46.70 -8.19
N ASP D 433 -27.08 47.27 -9.35
CA ASP D 433 -26.33 48.42 -9.85
C ASP D 433 -26.46 49.67 -8.98
N ALA D 434 -27.29 49.66 -7.93
CA ALA D 434 -27.50 50.84 -7.10
C ALA D 434 -26.94 50.70 -5.69
N PHE D 435 -26.45 49.53 -5.31
CA PHE D 435 -26.04 49.31 -3.93
C PHE D 435 -24.63 49.84 -3.68
N GLU D 436 -24.47 50.52 -2.55
CA GLU D 436 -23.13 50.88 -2.10
C GLU D 436 -22.36 49.63 -1.66
N THR D 437 -21.13 49.51 -2.17
CA THR D 437 -20.23 48.49 -1.68
C THR D 437 -19.60 48.93 -0.35
N GLN D 438 -19.10 47.97 0.40
CA GLN D 438 -18.45 48.22 1.69
C GLN D 438 -17.31 49.23 1.51
N PRO D 439 -17.36 50.39 2.17
CA PRO D 439 -16.30 51.38 1.91
C PRO D 439 -14.93 50.92 2.39
N GLY D 440 -14.85 50.26 3.54
CA GLY D 440 -13.59 49.76 4.04
C GLY D 440 -12.86 48.84 3.07
N LEU D 441 -13.56 48.36 2.04
CA LEU D 441 -13.03 47.37 1.11
C LEU D 441 -12.72 47.95 -0.27
N GLU D 442 -12.77 49.28 -0.44
CA GLU D 442 -12.58 49.82 -1.77
C GLU D 442 -11.18 49.52 -2.26
N GLY D 443 -11.07 49.23 -3.55
CA GLY D 443 -9.88 48.66 -4.15
C GLY D 443 -9.94 47.16 -4.27
N PHE D 444 -10.65 46.50 -3.34
CA PHE D 444 -10.77 45.03 -3.33
C PHE D 444 -12.15 44.53 -3.74
N ALA D 445 -13.22 45.06 -3.14
CA ALA D 445 -14.60 44.76 -3.50
C ALA D 445 -15.19 46.00 -4.18
N ASN D 446 -15.20 46.00 -5.51
CA ASN D 446 -15.62 47.22 -6.18
C ASN D 446 -16.97 47.01 -6.87
N THR D 447 -17.26 47.79 -7.91
CA THR D 447 -18.58 47.80 -8.53
C THR D 447 -18.48 47.15 -9.89
N THR D 448 -19.18 46.03 -10.07
CA THR D 448 -19.31 45.41 -11.37
C THR D 448 -20.79 45.46 -11.75
N PRO D 449 -21.18 46.10 -12.84
CA PRO D 449 -22.61 46.18 -13.14
C PRO D 449 -23.16 44.86 -13.66
N LEU D 450 -24.45 44.66 -13.38
CA LEU D 450 -25.21 43.54 -13.94
C LEU D 450 -24.99 43.44 -15.45
N LYS D 451 -24.61 42.25 -15.91
CA LYS D 451 -24.51 42.07 -17.35
C LYS D 451 -25.90 41.90 -17.98
N ALA D 452 -26.92 41.61 -17.17
CA ALA D 452 -28.31 41.71 -17.60
C ALA D 452 -29.15 42.11 -16.40
N GLN D 453 -30.12 43.01 -16.63
CA GLN D 453 -31.01 43.45 -15.58
C GLN D 453 -32.00 42.34 -15.23
N ALA D 454 -32.45 42.36 -13.97
CA ALA D 454 -33.35 41.34 -13.43
C ALA D 454 -34.52 42.00 -12.72
N PRO D 455 -35.47 42.57 -13.46
CA PRO D 455 -36.66 43.15 -12.83
C PRO D 455 -37.56 42.04 -12.27
N VAL D 456 -38.61 42.48 -11.56
CA VAL D 456 -39.62 41.56 -11.11
C VAL D 456 -40.22 40.83 -12.31
N GLY D 457 -40.36 39.51 -12.17
CA GLY D 457 -40.85 38.71 -13.26
C GLY D 457 -39.84 38.32 -14.31
N PHE D 458 -38.55 38.56 -14.08
CA PHE D 458 -37.58 38.24 -15.12
C PHE D 458 -37.39 36.73 -15.23
N TYR D 459 -37.38 36.24 -16.48
CA TYR D 459 -37.43 34.82 -16.72
C TYR D 459 -36.22 34.08 -16.16
N ALA D 460 -35.10 34.77 -15.98
CA ALA D 460 -33.88 34.08 -15.57
C ALA D 460 -33.75 33.97 -14.05
N TYR D 461 -34.78 34.33 -13.30
CA TYR D 461 -34.77 33.95 -11.89
C TYR D 461 -34.94 32.46 -11.73
N THR D 462 -35.51 31.81 -12.74
CA THR D 462 -35.56 30.36 -12.88
C THR D 462 -34.49 29.92 -13.87
N TRP D 463 -33.79 28.86 -13.54
CA TRP D 463 -32.71 28.39 -14.39
C TRP D 463 -33.25 27.63 -15.58
N GLU D 464 -32.45 27.58 -16.63
CA GLU D 464 -32.78 26.77 -17.78
C GLU D 464 -32.40 25.32 -17.54
N PHE D 465 -33.09 24.42 -18.23
CA PHE D 465 -32.73 23.02 -18.16
C PHE D 465 -31.31 22.84 -18.73
N PRO D 466 -30.50 21.98 -18.12
CA PRO D 466 -29.13 21.75 -18.62
C PRO D 466 -29.13 21.29 -20.05
N GLN D 467 -28.03 21.58 -20.75
CA GLN D 467 -27.97 21.26 -22.16
C GLN D 467 -28.00 19.76 -22.40
N ARG D 468 -27.37 18.98 -21.51
CA ARG D 468 -27.38 17.54 -21.68
C ARG D 468 -28.80 17.04 -21.84
N ASP D 469 -29.70 17.48 -20.96
CA ASP D 469 -31.09 17.04 -21.03
C ASP D 469 -31.78 17.59 -22.28
N ARG D 470 -31.50 18.84 -22.65
CA ARG D 470 -32.13 19.41 -23.83
C ARG D 470 -31.73 18.68 -25.09
N GLN D 471 -30.44 18.35 -25.21
CA GLN D 471 -29.93 17.69 -26.41
C GLN D 471 -30.41 16.24 -26.51
N THR D 472 -30.41 15.56 -25.38
CA THR D 472 -30.75 14.16 -25.28
C THR D 472 -32.26 13.95 -25.32
N ASN D 473 -33.04 15.01 -25.12
CA ASN D 473 -34.50 14.92 -25.02
C ASN D 473 -35.16 16.07 -25.76
N PRO D 474 -35.36 15.95 -27.08
CA PRO D 474 -36.09 16.99 -27.83
C PRO D 474 -37.49 17.30 -27.31
N GLN D 475 -38.15 16.35 -26.62
CA GLN D 475 -39.50 16.55 -26.09
C GLN D 475 -39.52 17.34 -24.79
N LEU D 476 -38.35 17.77 -24.30
CA LEU D 476 -38.22 18.65 -23.15
C LEU D 476 -38.47 20.09 -23.57
N ILE D 477 -39.53 20.71 -23.03
CA ILE D 477 -39.90 22.07 -23.40
C ILE D 477 -39.08 23.04 -22.56
N LYS D 478 -38.28 23.89 -23.24
CA LYS D 478 -37.31 24.75 -22.57
C LYS D 478 -38.00 25.90 -21.85
N ASN D 479 -37.28 26.47 -20.88
CA ASN D 479 -37.79 27.52 -20.01
C ASN D 479 -37.61 28.92 -20.55
N TRP D 480 -36.48 29.20 -21.25
CA TRP D 480 -36.13 30.60 -21.53
C TRP D 480 -36.69 31.08 -22.88
N PRO D 481 -37.11 32.34 -23.00
CA PRO D 481 -37.81 32.79 -24.21
C PRO D 481 -36.93 33.08 -25.41
N ILE D 482 -37.52 33.56 -26.50
CA ILE D 482 -36.78 33.89 -27.71
C ILE D 482 -36.99 35.38 -28.05
N GLN E 1 -2.80 -18.77 24.51
CA GLN E 1 -1.55 -19.43 24.15
C GLN E 1 -1.00 -20.28 25.30
N THR E 2 -1.56 -21.48 25.45
CA THR E 2 -1.17 -22.35 26.55
C THR E 2 0.32 -22.65 26.48
N ALA E 3 1.12 -21.71 26.90
CA ALA E 3 2.53 -21.97 27.15
C ALA E 3 2.61 -22.06 28.66
N GLY E 4 2.74 -23.28 29.17
CA GLY E 4 3.09 -23.44 30.56
C GLY E 4 4.49 -22.94 30.79
N ALA E 5 5.31 -23.04 29.76
CA ALA E 5 6.69 -22.60 29.73
C ALA E 5 7.28 -23.16 28.44
N ASN E 6 7.54 -22.30 27.48
CA ASN E 6 8.41 -22.65 26.38
C ASN E 6 9.74 -21.92 26.55
N SER E 7 10.83 -22.69 26.65
CA SER E 7 12.16 -22.14 26.44
C SER E 7 12.16 -21.38 25.13
N GLN E 8 12.73 -20.19 25.14
CA GLN E 8 12.89 -19.54 23.86
C GLN E 8 14.15 -20.08 23.18
N ARG E 9 14.10 -20.17 21.86
CA ARG E 9 15.22 -20.59 21.04
C ARG E 9 16.48 -19.78 21.42
N GLY E 10 17.50 -20.49 21.88
CA GLY E 10 18.72 -19.89 22.34
C GLY E 10 19.64 -19.67 21.16
N SER E 11 20.37 -20.73 20.81
CA SER E 11 21.15 -20.77 19.58
C SER E 11 20.34 -21.60 18.62
N ALA E 12 19.49 -20.92 17.88
CA ALA E 12 18.66 -21.45 16.82
C ALA E 12 18.12 -20.17 16.26
N GLY E 13 18.00 -19.19 17.15
CA GLY E 13 17.74 -17.82 16.80
C GLY E 13 19.03 -17.04 16.65
N GLN F 1 -9.73 27.57 -9.04
CA GLN F 1 -9.44 27.41 -10.46
C GLN F 1 -10.03 28.51 -11.31
N THR F 2 -9.41 29.71 -11.27
CA THR F 2 -9.93 30.87 -11.99
C THR F 2 -10.09 30.59 -13.48
N ALA F 3 -11.12 29.82 -13.83
CA ALA F 3 -11.56 29.68 -15.20
C ALA F 3 -12.96 30.24 -15.27
N GLY F 4 -13.18 31.21 -16.14
CA GLY F 4 -14.53 31.70 -16.32
C GLY F 4 -15.31 30.83 -17.26
N ALA F 5 -14.62 29.98 -18.00
CA ALA F 5 -15.23 29.13 -19.00
C ALA F 5 -14.15 28.41 -19.79
N ASN F 6 -13.89 27.18 -19.40
CA ASN F 6 -13.27 26.22 -20.30
C ASN F 6 -14.36 25.33 -20.87
N SER F 7 -14.46 25.28 -22.20
CA SER F 7 -15.13 24.16 -22.83
C SER F 7 -14.38 22.89 -22.43
N GLN F 8 -15.11 21.87 -22.01
CA GLN F 8 -14.44 20.59 -21.89
C GLN F 8 -14.30 19.98 -23.29
N ARG F 9 -13.43 18.98 -23.39
CA ARG F 9 -13.11 18.41 -24.69
C ARG F 9 -14.12 17.30 -25.08
N GLY F 10 -13.91 16.77 -26.28
CA GLY F 10 -14.83 15.97 -27.04
C GLY F 10 -14.21 15.92 -28.42
N SER F 11 -13.88 14.71 -28.89
CA SER F 11 -12.96 14.45 -30.00
C SER F 11 -11.54 14.46 -29.46
N ALA F 12 -11.18 15.54 -28.78
CA ALA F 12 -9.96 15.53 -27.98
C ALA F 12 -10.08 14.48 -26.88
N GLY F 13 -11.20 14.46 -26.17
CA GLY F 13 -11.41 13.50 -25.10
C GLY F 13 -11.71 12.10 -25.56
#